data_8CZZ
#
_entry.id   8CZZ
#
_cell.length_a   1.00
_cell.length_b   1.00
_cell.length_c   1.00
_cell.angle_alpha   90.00
_cell.angle_beta   90.00
_cell.angle_gamma   90.00
#
_symmetry.space_group_name_H-M   'P 1'
#
loop_
_entity.id
_entity.type
_entity.pdbx_description
1 polymer 'CRF01_AE T/F100 HIV-1 gp120'
2 polymer 'CRF-1_AE T/F100 HIV-1 gp41'
3 polymer 'Heavy chain of 8ANC195 Fab'
4 polymer 'Light chain of 8ANC195 Fab'
5 polymer 'Heavy chain of 10-1074 Fab'
6 polymer 'Light chain of 10-1074 Fab'
7 branched alpha-D-mannopyranose-(1-2)-alpha-D-mannopyranose-(1-2)-alpha-D-mannopyranose-(1-3)-[alpha-D-mannopyranose-(1-2)-alpha-D-mannopyranose-(1-6)-alpha-D-mannopyranose-(1-6)]beta-D-mannopyranose-(1-4)-2-acetamido-2-deoxy-beta-D-glucopyranose-(1-4)-2-acetamido-2-deoxy-beta-D-glucopyranose
8 branched alpha-D-mannopyranose-(1-2)-alpha-D-mannopyranose-(1-3)-[alpha-D-mannopyranose-(1-6)]beta-D-mannopyranose-(1-4)-2-acetamido-2-deoxy-beta-D-glucopyranose-(1-4)-2-acetamido-2-deoxy-beta-D-glucopyranose
9 branched 2-acetamido-2-deoxy-beta-D-glucopyranose-(1-4)-2-acetamido-2-deoxy-beta-D-glucopyranose-(1-4)-2-acetamido-2-deoxy-beta-D-glucopyranose-(1-4)-2-acetamido-2-deoxy-beta-D-glucopyranose
10 branched 2-acetamido-2-deoxy-beta-D-glucopyranose-(1-4)-2-acetamido-2-deoxy-beta-D-glucopyranose
11 branched beta-D-mannopyranose-(1-4)-2-acetamido-2-deoxy-beta-D-glucopyranose-(1-4)-2-acetamido-2-deoxy-beta-D-glucopyranose
12 branched alpha-D-mannopyranose-(1-2)-alpha-D-mannopyranose-(1-2)-alpha-D-mannopyranose-(1-3)-[alpha-D-mannopyranose-(1-2)-alpha-D-mannopyranose-(1-6)-[alpha-D-mannopyranose-(1-3)]alpha-D-mannopyranose-(1-6)]beta-D-mannopyranose-(1-4)-2-acetamido-2-deoxy-beta-D-glucopyranose-(1-4)-2-acetamido-2-deoxy-beta-D-glucopyranose
13 branched alpha-D-mannopyranose-(1-3)-beta-D-mannopyranose-(1-4)-2-acetamido-2-deoxy-beta-D-glucopyranose-(1-4)-2-acetamido-2-deoxy-beta-D-glucopyranose
14 non-polymer 1-[4-(benzenecarbonyl)piperazin-1-yl]-2-[4-methoxy-7-(3-methyl-1H-1,2,4-triazol-1-yl)-1H-pyrrolo[2,3-c]pyridin-3-yl]ethane-1,2-dione
15 non-polymer 2-acetamido-2-deoxy-beta-D-glucopyranose
#
loop_
_entity_poly.entity_id
_entity_poly.type
_entity_poly.pdbx_seq_one_letter_code
_entity_poly.pdbx_strand_id
1 'polypeptide(L)'
;ATNNLWVTVYYGVPVWRDADTTLFCASDAKAYETEVHNVWATHACVPTDPNPQEMHLKNVTENFNMWKNNMVEQMHEDII
SLWDQSLKPCVKLTPLCVTLNCTSATVTNYTKVNDTSDIIGNITDDVRNCSFNMTTELRDKQQKVYALFYKLDIVPIDDS
SNNGSSNFSEYRLINCNTSVIKQACPKVSFDPIPIHYCTPAGYAILRCNDKKFNGTGPCKNVSSVQCTHGIKPVVSTQLL
LNGSLAEEGIIIRSENLTNNAKTIIVHFNESVKINCTRPSNNTRTGIHIGPGQVFYKTGDIIGDIRKAYCNISGAQWHKV
LGRVANKLKEHFNNKTIVFKPSSGGDPEITMHSFNCRGEFFYCNTTKLFNSTWGGNKNETRDNGTITIPCRIKQIINMWQ
GVGQAMYAPPIKGVIKCLSNITGILLTRDGGNDSTENNETFRPGGGDMRDNWRNELYKYKVVQIEPLGIAPTKCKRRVVE
RRRRRR
;
A,E,I
2 'polypeptide(L)'
;AVGLGAMIFGFLGAAGSTMGAASITLTVQARQLLSGIVQQQSNLLRAPEAQQHLLQLTVWGIKQLQARVLAVERYLQDQK
FLGLWGCSGKIICCTAVPWNSSWSNKTFEEIWNNMTWIEWEREISNYTSQIYDILTISQTQQEKNEKDLLELDAA
;
B,F,J
3 'polypeptide(L)'
;QIHLVQSGTEVKKPGSSVTVSCKAYGVNTFGLYAVNWVRQAPGQSLEYIGQIWRWKSSASHHFRGRVLISAVDLTGSSPP
ISSLEIKNLTSDDTAVYFCTTTSTYDRWSGLHHDGVMAFSSWGQGTLISVSAASTKGPSVFPLAPSSKSTSGGTAALGCL
VKDYFPEPVTVSWNSGALTSGVHTFPAVLQSSGLYSLSSVVTVPSSSLGTQTYICNVNHKPSNTKVDKRVEPKSCDKT
;
C,G,K
4 'polypeptide(L)'
;DIQMTQSPSTLSASTGDTVRISCRASQSITGNWVAWYQQRPGKAPRLLIYRGAALLGGVPSRFRGSAAGTDFTLTIGNLQ
AEDFGTFYCQQYDTYPGTFGQGTKVEVKRTVAAPSVFIFPPSDEQLKSGTASVVCLLNNFYPREAKVQWKVDNALQSGNS
QESVTEQDSKDSTYSLSSTLTLSKADYEKHKVYACEVTHQGLSSPVTKSFNRGEC
;
D,H,L
5 'polypeptide(L)'
;QVQLQESGPGLVKPSETLSVTCSVSGDSMNNYYWTWIRQSPGKGLEWIGYISDRESATYNPSLNSRVVISRDTSKNQLSL
KLNSVTPADTAVYYCATARRGQRIYGVVSFGEFFYYYSMDVWGKGTTVTVSSASTKGPSVFPLAPSSKSTSGGTAALGCL
VKDYFPEPVTVSWNSGALTSGVHTFPAVLQSSGLYSLSSVVTVPSSSLGTQTYICNVNHKPSNTKVDKRVEPKSCDKT
;
M,O,Q
6 'polypeptide(L)'
;SYVRPLSVALGETARISCGRQALGSRAVQWYQHRPGQAPILLIYNNQDRPSGIPERFSGTPDINFGTRATLTISGVEAGD
EADYYCHMWDSRSGFSWSFGGATRLTVLGQPKAAPSVTLFPPSSEELQANKATLVCLISDFYPGAVTVAWKADSSPVKAG
VETTTPSKQSNNKYAASSYLSLTPEQWKSHRSYSCQVTHEGSTVEKTVAPTECS
;
N,P,R
#
# COMPACT_ATOMS: atom_id res chain seq x y z
N ASN A 4 -38.83 -0.04 50.39
CA ASN A 4 -38.63 0.74 49.18
C ASN A 4 -37.27 0.47 48.55
N LEU A 5 -37.26 -0.17 47.38
CA LEU A 5 -36.03 -0.45 46.68
C LEU A 5 -35.52 0.81 45.98
N TRP A 6 -34.21 0.84 45.74
CA TRP A 6 -33.56 1.95 45.06
C TRP A 6 -32.62 1.41 44.00
N VAL A 7 -32.46 2.18 42.93
CA VAL A 7 -31.64 1.74 41.81
C VAL A 7 -30.19 1.59 42.24
N THR A 8 -29.55 0.45 41.96
CA THR A 8 -28.14 0.28 42.30
C THR A 8 -27.38 -0.21 41.09
N VAL A 9 -26.18 0.29 40.84
CA VAL A 9 -25.47 -0.07 39.62
C VAL A 9 -24.23 -0.93 39.83
N TYR A 10 -24.10 -2.03 39.07
CA TYR A 10 -22.97 -2.96 39.20
C TYR A 10 -22.05 -3.00 37.98
N TYR A 11 -20.73 -3.01 38.18
CA TYR A 11 -19.80 -3.15 37.08
C TYR A 11 -19.17 -4.52 37.18
N GLY A 12 -19.22 -5.31 36.12
CA GLY A 12 -18.69 -6.64 36.21
C GLY A 12 -19.64 -7.78 36.32
N VAL A 13 -20.92 -7.54 36.11
CA VAL A 13 -21.90 -8.62 36.11
C VAL A 13 -21.72 -9.63 34.95
N PRO A 14 -22.16 -10.89 35.13
CA PRO A 14 -21.95 -11.89 34.09
C PRO A 14 -22.99 -11.90 32.96
N VAL A 15 -22.89 -11.04 31.94
CA VAL A 15 -23.85 -10.97 30.82
C VAL A 15 -23.13 -10.90 29.48
N TRP A 16 -23.67 -11.51 28.43
CA TRP A 16 -23.03 -11.54 27.12
C TRP A 16 -23.99 -11.59 25.97
N ARG A 17 -23.58 -11.13 24.81
CA ARG A 17 -24.40 -11.19 23.62
C ARG A 17 -23.49 -11.61 22.49
N ASP A 18 -24.00 -12.16 21.42
CA ASP A 18 -23.16 -12.54 20.30
C ASP A 18 -22.58 -11.37 19.54
N ALA A 19 -21.46 -11.58 18.88
CA ALA A 19 -20.78 -10.48 18.21
C ALA A 19 -19.79 -10.89 17.14
N ASP A 20 -19.27 -9.93 16.41
CA ASP A 20 -18.27 -10.18 15.38
C ASP A 20 -17.12 -9.22 15.58
N THR A 21 -15.88 -9.70 15.58
CA THR A 21 -14.73 -8.85 15.86
C THR A 21 -13.53 -9.21 15.03
N THR A 22 -12.48 -8.41 15.08
CA THR A 22 -11.24 -8.76 14.41
C THR A 22 -10.43 -9.53 15.41
N LEU A 23 -10.12 -10.77 15.09
CA LEU A 23 -9.39 -11.61 15.99
C LEU A 23 -7.96 -11.71 15.42
N PHE A 24 -6.94 -11.30 16.17
CA PHE A 24 -5.55 -11.30 15.69
C PHE A 24 -4.85 -12.64 15.78
N CYS A 25 -3.67 -12.76 15.19
CA CYS A 25 -2.94 -14.02 15.24
C CYS A 25 -1.94 -14.04 16.33
N ALA A 26 -1.83 -15.15 17.06
CA ALA A 26 -0.80 -15.31 18.05
C ALA A 26 -0.17 -16.63 17.72
N SER A 27 1.14 -16.74 17.84
CA SER A 27 1.82 -17.96 17.48
C SER A 27 2.78 -18.40 18.56
N ASP A 28 3.44 -19.55 18.37
CA ASP A 28 4.31 -20.12 19.40
C ASP A 28 5.63 -19.43 19.59
N ALA A 29 6.36 -19.82 20.63
CA ALA A 29 7.59 -19.11 20.97
C ALA A 29 8.63 -19.02 19.88
N LYS A 30 8.88 -20.12 19.19
CA LYS A 30 9.85 -20.13 18.10
C LYS A 30 9.56 -19.01 17.11
N ALA A 31 10.50 -18.10 16.92
CA ALA A 31 10.31 -16.99 16.00
C ALA A 31 10.31 -17.43 14.54
N TYR A 32 9.47 -16.81 13.70
CA TYR A 32 9.38 -17.15 12.28
C TYR A 32 9.11 -18.63 12.26
N GLU A 33 9.85 -19.35 11.42
CA GLU A 33 9.77 -20.80 11.46
C GLU A 33 11.24 -21.19 11.43
N THR A 34 11.92 -21.15 12.58
CA THR A 34 13.37 -21.45 12.64
C THR A 34 14.16 -20.63 11.63
N GLU A 35 13.84 -19.35 11.52
CA GLU A 35 14.55 -18.43 10.61
C GLU A 35 14.39 -18.62 9.11
N VAL A 36 13.35 -19.33 8.69
CA VAL A 36 13.08 -19.42 7.26
C VAL A 36 11.72 -18.76 7.12
N HIS A 37 11.59 -17.81 6.21
CA HIS A 37 10.34 -17.10 6.12
C HIS A 37 9.23 -17.96 5.60
N ASN A 38 8.01 -17.71 6.04
CA ASN A 38 6.87 -18.50 5.62
C ASN A 38 5.92 -17.69 4.78
N VAL A 39 5.03 -18.34 4.07
CA VAL A 39 4.01 -17.64 3.31
C VAL A 39 3.06 -17.06 4.32
N TRP A 40 2.82 -17.79 5.40
CA TRP A 40 1.89 -17.36 6.43
C TRP A 40 2.36 -16.22 7.32
N ALA A 41 3.61 -15.79 7.24
CA ALA A 41 4.12 -14.66 8.01
C ALA A 41 3.93 -14.78 9.48
N THR A 42 4.21 -15.94 10.02
CA THR A 42 4.00 -16.19 11.42
C THR A 42 4.85 -15.31 12.29
N HIS A 43 6.00 -14.92 11.81
CA HIS A 43 6.84 -14.01 12.54
C HIS A 43 6.25 -12.63 12.76
N ALA A 44 5.54 -12.08 11.81
CA ALA A 44 4.90 -10.81 12.06
C ALA A 44 3.89 -11.00 13.16
N CYS A 45 3.12 -12.07 13.03
CA CYS A 45 2.01 -12.37 13.97
C CYS A 45 2.56 -13.12 15.17
N VAL A 46 3.34 -12.48 16.02
CA VAL A 46 3.69 -13.24 17.17
C VAL A 46 3.45 -12.50 18.43
N PRO A 47 2.24 -12.04 18.76
CA PRO A 47 2.04 -11.62 20.12
C PRO A 47 2.20 -13.04 20.69
N THR A 48 3.39 -13.41 21.19
CA THR A 48 3.66 -14.79 21.59
C THR A 48 2.68 -15.33 22.61
N ASP A 49 2.30 -16.60 22.49
CA ASP A 49 1.24 -17.12 23.37
C ASP A 49 1.58 -17.35 24.87
N PRO A 50 0.96 -16.56 25.80
CA PRO A 50 1.22 -16.82 27.22
C PRO A 50 0.36 -17.96 27.75
N ASN A 51 0.62 -18.42 28.96
CA ASN A 51 -0.13 -19.58 29.47
C ASN A 51 -1.60 -19.27 29.50
N PRO A 52 -2.42 -20.19 28.96
CA PRO A 52 -3.85 -19.94 28.86
C PRO A 52 -4.66 -20.04 30.12
N GLN A 53 -5.76 -19.30 30.20
CA GLN A 53 -6.64 -19.44 31.34
C GLN A 53 -8.01 -19.85 30.82
N GLU A 54 -8.57 -20.93 31.36
CA GLU A 54 -9.88 -21.38 30.93
C GLU A 54 -10.79 -21.45 32.14
N MET A 55 -11.99 -20.92 32.04
CA MET A 55 -12.91 -20.95 33.14
C MET A 55 -14.09 -21.77 32.73
N HIS A 56 -14.54 -22.66 33.58
CA HIS A 56 -15.60 -23.53 33.18
C HIS A 56 -16.87 -22.89 33.60
N LEU A 57 -17.69 -22.48 32.64
CA LEU A 57 -18.96 -21.89 32.95
C LEU A 57 -19.79 -23.03 33.45
N LYS A 58 -20.48 -22.84 34.58
CA LYS A 58 -21.23 -23.93 35.19
C LYS A 58 -22.70 -23.64 35.18
N ASN A 59 -23.51 -24.63 34.83
CA ASN A 59 -24.95 -24.46 34.72
C ASN A 59 -25.40 -23.50 33.63
N VAL A 60 -24.57 -23.31 32.60
CA VAL A 60 -24.94 -22.46 31.49
C VAL A 60 -24.99 -23.26 30.20
N THR A 61 -26.05 -23.08 29.41
CA THR A 61 -26.20 -23.79 28.14
C THR A 61 -26.18 -22.78 27.04
N GLU A 62 -25.57 -23.11 25.91
CA GLU A 62 -25.46 -22.17 24.81
C GLU A 62 -25.85 -22.86 23.55
N ASN A 63 -26.23 -22.09 22.55
CA ASN A 63 -26.67 -22.65 21.32
C ASN A 63 -25.62 -22.35 20.28
N PHE A 64 -25.21 -23.35 19.52
CA PHE A 64 -24.15 -23.17 18.55
C PHE A 64 -24.55 -23.61 17.18
N ASN A 65 -24.32 -22.81 16.14
CA ASN A 65 -24.55 -23.25 14.76
C ASN A 65 -23.25 -23.00 14.07
N MET A 66 -22.69 -23.97 13.38
CA MET A 66 -21.39 -23.81 12.78
C MET A 66 -21.36 -23.32 11.36
N TRP A 67 -22.51 -23.19 10.75
CA TRP A 67 -22.55 -22.78 9.38
C TRP A 67 -22.76 -21.29 9.30
N LYS A 68 -22.94 -20.64 10.45
CA LYS A 68 -23.08 -19.18 10.49
C LYS A 68 -21.92 -18.50 11.18
N ASN A 69 -20.90 -19.27 11.55
CA ASN A 69 -19.75 -18.73 12.24
C ASN A 69 -19.04 -17.75 11.36
N ASN A 70 -18.61 -16.63 11.94
CA ASN A 70 -17.83 -15.69 11.19
C ASN A 70 -16.35 -15.96 11.35
N MET A 71 -15.98 -16.81 12.28
CA MET A 71 -14.59 -17.15 12.44
C MET A 71 -14.04 -17.84 11.22
N VAL A 72 -14.79 -18.75 10.61
CA VAL A 72 -14.36 -19.39 9.36
C VAL A 72 -14.26 -18.43 8.21
N GLU A 73 -15.19 -17.50 8.09
CA GLU A 73 -15.11 -16.50 7.04
C GLU A 73 -13.93 -15.56 7.16
N GLN A 74 -13.55 -15.16 8.36
CA GLN A 74 -12.35 -14.36 8.51
C GLN A 74 -11.09 -15.14 8.07
N MET A 75 -10.98 -16.41 8.41
CA MET A 75 -9.79 -17.17 8.08
C MET A 75 -9.62 -17.31 6.60
N HIS A 76 -10.69 -17.48 5.87
CA HIS A 76 -10.58 -17.69 4.43
C HIS A 76 -9.96 -16.45 3.85
N GLU A 77 -10.42 -15.29 4.26
CA GLU A 77 -9.87 -14.05 3.73
C GLU A 77 -8.43 -13.80 4.10
N ASP A 78 -8.05 -14.09 5.34
CA ASP A 78 -6.67 -13.90 5.77
C ASP A 78 -5.70 -14.78 5.03
N ILE A 79 -6.03 -16.04 4.83
CA ILE A 79 -5.17 -16.94 4.08
C ILE A 79 -5.05 -16.56 2.60
N ILE A 80 -6.11 -16.12 1.95
CA ILE A 80 -6.03 -15.67 0.58
C ILE A 80 -5.10 -14.47 0.51
N SER A 81 -5.23 -13.54 1.44
CA SER A 81 -4.35 -12.37 1.49
C SER A 81 -2.90 -12.57 1.80
N LEU A 82 -2.58 -13.54 2.67
CA LEU A 82 -1.17 -13.85 3.04
C LEU A 82 -0.43 -14.44 1.86
N TRP A 83 -1.10 -15.21 1.02
CA TRP A 83 -0.50 -15.72 -0.18
C TRP A 83 -0.27 -14.64 -1.18
N ASP A 84 -1.20 -13.73 -1.35
CA ASP A 84 -1.02 -12.61 -2.26
C ASP A 84 0.11 -11.69 -1.87
N GLN A 85 0.24 -11.34 -0.60
CA GLN A 85 1.37 -10.51 -0.17
C GLN A 85 2.71 -11.20 -0.38
N SER A 86 2.76 -12.52 -0.24
CA SER A 86 3.97 -13.26 -0.48
C SER A 86 4.42 -13.28 -1.90
N LEU A 87 3.51 -13.34 -2.85
CA LEU A 87 3.89 -13.47 -4.24
C LEU A 87 3.92 -12.15 -4.96
N LYS A 88 3.61 -11.05 -4.32
CA LYS A 88 3.75 -9.75 -4.99
C LYS A 88 5.16 -9.32 -5.38
N PRO A 89 6.17 -9.55 -4.53
CA PRO A 89 7.54 -9.26 -4.97
C PRO A 89 8.13 -10.19 -6.03
N CYS A 90 7.60 -11.39 -6.22
CA CYS A 90 8.19 -12.39 -7.13
C CYS A 90 8.10 -12.21 -8.62
N VAL A 91 8.97 -12.89 -9.36
CA VAL A 91 9.07 -12.72 -10.80
C VAL A 91 7.85 -13.05 -11.61
N LYS A 92 7.54 -12.25 -12.63
CA LYS A 92 6.43 -12.53 -13.51
C LYS A 92 6.92 -13.42 -14.60
N LEU A 93 6.20 -14.48 -14.89
CA LEU A 93 6.64 -15.46 -15.86
C LEU A 93 5.98 -15.19 -17.19
N THR A 94 5.63 -13.95 -17.43
CA THR A 94 5.04 -13.59 -18.72
C THR A 94 5.92 -13.74 -19.96
N PRO A 95 7.25 -13.73 -19.79
CA PRO A 95 7.95 -13.97 -21.03
C PRO A 95 7.60 -15.37 -21.54
N LEU A 96 7.49 -16.39 -20.68
CA LEU A 96 7.24 -17.75 -21.15
C LEU A 96 5.80 -18.12 -21.38
N CYS A 97 5.17 -17.43 -22.30
CA CYS A 97 3.81 -17.80 -22.74
C CYS A 97 3.97 -17.78 -24.24
N VAL A 98 4.85 -18.63 -24.75
CA VAL A 98 5.22 -18.59 -26.15
C VAL A 98 4.98 -20.00 -26.64
N THR A 99 5.06 -20.22 -27.94
CA THR A 99 4.81 -21.53 -28.47
C THR A 99 5.97 -22.38 -28.04
N LEU A 100 5.71 -23.54 -27.44
CA LEU A 100 6.74 -24.42 -27.00
C LEU A 100 6.69 -25.53 -28.00
N ASN A 101 7.74 -25.73 -28.77
CA ASN A 101 7.75 -26.86 -29.68
C ASN A 101 8.33 -28.02 -28.97
N CYS A 102 7.50 -29.01 -28.66
CA CYS A 102 7.94 -30.13 -27.87
C CYS A 102 7.88 -31.38 -28.66
N THR A 103 8.84 -32.27 -28.39
CA THR A 103 8.85 -33.52 -29.10
C THR A 103 7.69 -34.33 -28.63
N SER A 104 6.90 -34.80 -29.57
CA SER A 104 5.71 -35.56 -29.23
C SER A 104 5.83 -36.93 -29.82
N ALA A 105 5.56 -37.95 -29.01
CA ALA A 105 5.71 -39.33 -29.47
C ALA A 105 7.00 -39.50 -30.26
N ILE A 123 3.92 -46.44 -17.86
CA ILE A 123 5.23 -46.60 -18.48
C ILE A 123 5.74 -45.26 -18.96
N THR A 124 4.99 -44.61 -19.84
CA THR A 124 5.44 -43.35 -20.41
C THR A 124 5.61 -42.25 -19.37
N ASP A 125 6.68 -41.48 -19.49
CA ASP A 125 6.92 -40.38 -18.59
C ASP A 125 6.01 -39.24 -18.91
N ASP A 126 5.79 -38.34 -17.96
CA ASP A 126 5.00 -37.14 -18.23
C ASP A 126 5.87 -35.95 -18.70
N VAL A 127 7.17 -36.13 -18.85
CA VAL A 127 8.07 -35.03 -19.18
C VAL A 127 8.00 -34.25 -20.49
N ARG A 128 7.77 -34.85 -21.65
CA ARG A 128 7.61 -34.03 -22.88
C ARG A 128 8.66 -32.94 -23.14
N ASN A 129 9.93 -33.26 -23.40
CA ASN A 129 10.98 -32.22 -23.54
C ASN A 129 10.66 -31.17 -24.59
N CYS A 130 10.90 -29.89 -24.29
CA CYS A 130 10.48 -28.79 -25.20
C CYS A 130 11.51 -27.75 -25.55
N SER A 131 11.30 -27.01 -26.65
CA SER A 131 12.21 -25.93 -27.02
C SER A 131 11.50 -24.63 -27.25
N PHE A 132 11.99 -23.55 -26.66
CA PHE A 132 11.38 -22.25 -26.83
C PHE A 132 12.40 -21.14 -26.90
N ASN A 133 12.03 -19.98 -27.41
CA ASN A 133 12.94 -18.85 -27.55
C ASN A 133 12.60 -17.91 -26.44
N MET A 134 13.57 -17.40 -25.73
CA MET A 134 13.28 -16.58 -24.59
C MET A 134 14.14 -15.33 -24.58
N THR A 135 13.69 -14.27 -23.89
CA THR A 135 14.43 -13.02 -23.83
C THR A 135 15.69 -13.14 -23.02
N THR A 136 16.78 -12.50 -23.46
CA THR A 136 18.00 -12.50 -22.66
C THR A 136 18.06 -11.24 -21.80
N GLU A 137 19.13 -11.08 -21.03
CA GLU A 137 19.26 -9.89 -20.21
C GLU A 137 19.30 -8.62 -21.03
N LEU A 138 20.00 -8.61 -22.16
CA LEU A 138 20.01 -7.47 -23.06
C LEU A 138 18.72 -7.54 -23.86
N ARG A 139 18.00 -6.45 -23.99
CA ARG A 139 16.70 -6.47 -24.64
C ARG A 139 16.71 -6.91 -26.09
N ASP A 140 17.71 -6.49 -26.85
CA ASP A 140 17.80 -6.85 -28.25
C ASP A 140 17.99 -8.32 -28.58
N LYS A 141 18.85 -9.02 -27.84
CA LYS A 141 19.17 -10.43 -28.15
C LYS A 141 18.17 -11.49 -27.63
N GLN A 142 18.17 -12.69 -28.23
CA GLN A 142 17.29 -13.78 -27.76
C GLN A 142 18.02 -15.11 -27.62
N GLN A 143 17.51 -16.01 -26.79
CA GLN A 143 18.18 -17.29 -26.55
C GLN A 143 17.23 -18.44 -26.79
N LYS A 144 17.72 -19.63 -27.11
CA LYS A 144 16.83 -20.79 -27.21
C LYS A 144 17.06 -21.71 -26.04
N VAL A 145 16.00 -22.03 -25.31
CA VAL A 145 16.15 -22.84 -24.10
C VAL A 145 15.35 -24.15 -24.17
N TYR A 146 15.81 -25.20 -23.50
CA TYR A 146 15.08 -26.47 -23.45
C TYR A 146 14.70 -26.79 -22.04
N ALA A 147 13.44 -27.15 -21.78
CA ALA A 147 13.06 -27.57 -20.43
C ALA A 147 12.13 -28.78 -20.39
N LEU A 148 12.14 -29.53 -19.29
CA LEU A 148 11.26 -30.69 -19.15
C LEU A 148 9.95 -30.23 -18.54
N PHE A 149 8.85 -30.38 -19.26
CA PHE A 149 7.59 -29.87 -18.78
C PHE A 149 6.60 -30.96 -18.58
N TYR A 150 6.00 -31.01 -17.41
CA TYR A 150 5.04 -32.06 -17.13
C TYR A 150 3.88 -31.98 -18.07
N LYS A 151 3.35 -33.12 -18.47
CA LYS A 151 2.28 -33.16 -19.43
C LYS A 151 1.03 -32.44 -18.95
N LEU A 152 0.81 -32.46 -17.64
CA LEU A 152 -0.35 -31.86 -16.95
C LEU A 152 -0.44 -30.34 -17.21
N ASP A 153 0.67 -29.60 -17.16
CA ASP A 153 0.75 -28.15 -17.44
C ASP A 153 0.57 -27.79 -18.89
N ILE A 154 1.13 -28.56 -19.81
CA ILE A 154 1.10 -28.21 -21.21
C ILE A 154 -0.11 -28.69 -22.01
N VAL A 155 -0.80 -27.79 -22.69
CA VAL A 155 -2.01 -28.11 -23.48
C VAL A 155 -1.83 -27.98 -24.98
N PRO A 156 -2.21 -29.01 -25.74
CA PRO A 156 -1.98 -28.99 -27.19
C PRO A 156 -2.73 -27.90 -27.91
N ILE A 157 -2.11 -27.27 -28.89
CA ILE A 157 -2.76 -26.21 -29.66
C ILE A 157 -2.84 -26.61 -31.12
N ASP A 158 -4.03 -26.53 -31.70
CA ASP A 158 -4.22 -26.91 -33.09
C ASP A 158 -4.94 -25.81 -33.86
N ASN A 167 6.57 -35.42 -36.16
CA ASN A 167 6.95 -35.18 -34.77
C ASN A 167 6.98 -33.69 -34.45
N PHE A 168 7.55 -33.33 -33.31
CA PHE A 168 7.70 -31.92 -32.99
C PHE A 168 6.44 -31.06 -33.06
N SER A 169 5.31 -31.50 -32.50
CA SER A 169 4.12 -30.65 -32.47
C SER A 169 4.14 -29.47 -31.50
N GLU A 170 3.43 -28.39 -31.81
CA GLU A 170 3.36 -27.20 -30.95
C GLU A 170 2.49 -27.35 -29.73
N TYR A 171 2.72 -26.55 -28.69
CA TYR A 171 2.00 -26.69 -27.43
C TYR A 171 2.06 -25.36 -26.77
N ARG A 172 1.39 -25.18 -25.64
CA ARG A 172 1.42 -23.93 -24.91
C ARG A 172 1.10 -24.20 -23.50
N LEU A 173 1.44 -23.31 -22.60
CA LEU A 173 1.23 -23.54 -21.17
C LEU A 173 -0.25 -23.42 -20.88
N ILE A 174 -0.74 -24.06 -19.84
CA ILE A 174 -2.19 -24.06 -19.60
C ILE A 174 -2.81 -22.70 -19.30
N ASN A 175 -2.17 -21.89 -18.49
CA ASN A 175 -2.69 -20.57 -18.20
C ASN A 175 -2.21 -19.40 -19.04
N CYS A 176 -2.43 -19.51 -20.36
CA CYS A 176 -2.02 -18.45 -21.31
C CYS A 176 -3.25 -17.67 -21.76
N ASN A 177 -4.46 -18.18 -21.51
CA ASN A 177 -5.63 -17.44 -21.95
C ASN A 177 -6.39 -16.81 -20.80
N THR A 178 -6.11 -17.28 -19.58
CA THR A 178 -6.87 -16.84 -18.39
C THR A 178 -6.00 -16.49 -17.18
N SER A 179 -4.71 -16.22 -17.34
CA SER A 179 -4.05 -15.95 -16.05
C SER A 179 -2.61 -15.51 -16.23
N VAL A 180 -2.11 -14.79 -15.25
CA VAL A 180 -0.78 -14.27 -15.28
C VAL A 180 0.00 -15.09 -14.25
N ILE A 181 1.15 -15.67 -14.62
CA ILE A 181 1.85 -16.58 -13.72
C ILE A 181 3.03 -15.95 -13.00
N LYS A 182 3.16 -16.16 -11.69
CA LYS A 182 4.24 -15.56 -10.91
C LYS A 182 5.02 -16.58 -10.17
N GLN A 183 6.31 -16.69 -10.41
CA GLN A 183 7.09 -17.75 -9.80
C GLN A 183 7.09 -17.60 -8.31
N ALA A 184 7.08 -18.71 -7.57
CA ALA A 184 7.18 -18.64 -6.14
C ALA A 184 8.56 -18.20 -5.86
N CYS A 185 8.75 -17.36 -4.87
CA CYS A 185 10.12 -17.03 -4.50
C CYS A 185 10.76 -18.27 -3.88
N PRO A 186 12.00 -18.60 -4.26
CA PRO A 186 12.58 -19.86 -3.81
C PRO A 186 12.73 -20.08 -2.31
N LYS A 187 13.08 -19.06 -1.54
CA LYS A 187 13.34 -19.24 -0.11
C LYS A 187 12.13 -19.41 0.80
N VAL A 188 11.00 -18.76 0.50
CA VAL A 188 9.80 -18.85 1.32
C VAL A 188 9.43 -20.31 1.49
N SER A 189 9.05 -20.70 2.70
CA SER A 189 8.76 -22.10 2.95
C SER A 189 7.30 -22.38 3.19
N PHE A 190 6.71 -23.26 2.38
CA PHE A 190 5.33 -23.62 2.59
C PHE A 190 5.28 -24.74 3.59
N ASP A 191 5.59 -24.47 4.86
CA ASP A 191 5.47 -25.48 5.88
C ASP A 191 4.38 -25.00 6.78
N PRO A 192 3.30 -25.75 6.85
CA PRO A 192 2.20 -25.22 7.64
C PRO A 192 2.52 -25.30 9.13
N ILE A 193 2.33 -24.22 9.85
CA ILE A 193 2.61 -24.19 11.29
C ILE A 193 1.42 -23.62 12.01
N PRO A 194 1.21 -24.01 13.27
CA PRO A 194 -0.01 -23.58 13.96
C PRO A 194 -0.25 -22.10 14.14
N ILE A 195 -1.47 -21.64 13.89
CA ILE A 195 -1.81 -20.24 14.09
C ILE A 195 -2.95 -20.20 15.09
N HIS A 196 -2.84 -19.42 16.17
CA HIS A 196 -3.87 -19.32 17.18
C HIS A 196 -4.58 -18.00 17.04
N TYR A 197 -5.91 -17.99 16.93
CA TYR A 197 -6.68 -16.77 16.77
C TYR A 197 -7.16 -16.25 18.11
N CYS A 198 -6.76 -15.04 18.48
CA CYS A 198 -7.06 -14.51 19.79
C CYS A 198 -7.99 -13.33 19.77
N THR A 199 -8.73 -13.09 20.85
CA THR A 199 -9.74 -12.02 20.89
C THR A 199 -9.44 -10.82 21.80
N PRO A 200 -9.70 -9.59 21.32
CA PRO A 200 -9.37 -8.36 22.07
C PRO A 200 -10.17 -8.25 23.33
N ALA A 201 -9.70 -7.45 24.26
CA ALA A 201 -10.37 -7.35 25.55
C ALA A 201 -11.77 -6.86 25.36
N GLY A 202 -12.70 -7.34 26.17
CA GLY A 202 -14.09 -6.96 26.03
C GLY A 202 -14.82 -7.96 25.20
N TYR A 203 -14.11 -8.97 24.70
CA TYR A 203 -14.73 -10.01 23.91
C TYR A 203 -14.16 -11.31 24.42
N ALA A 204 -14.84 -12.41 24.21
CA ALA A 204 -14.39 -13.70 24.73
C ALA A 204 -14.68 -14.74 23.74
N ILE A 205 -14.06 -15.90 23.84
CA ILE A 205 -14.38 -17.00 22.93
C ILE A 205 -14.97 -18.10 23.79
N LEU A 206 -15.97 -18.80 23.29
CA LEU A 206 -16.59 -19.85 24.04
C LEU A 206 -16.45 -21.20 23.33
N ARG A 207 -16.04 -22.25 24.02
CA ARG A 207 -15.84 -23.55 23.42
C ARG A 207 -16.80 -24.57 23.94
N CYS A 208 -17.42 -25.34 23.07
CA CYS A 208 -18.44 -26.27 23.48
C CYS A 208 -18.05 -27.40 24.39
N ASN A 209 -16.92 -28.06 24.21
CA ASN A 209 -16.44 -29.10 25.14
C ASN A 209 -17.34 -30.32 25.29
N ASP A 210 -18.14 -30.65 24.29
CA ASP A 210 -19.08 -31.74 24.41
C ASP A 210 -18.77 -32.85 23.45
N LYS A 211 -18.76 -34.08 23.92
CA LYS A 211 -18.42 -35.23 23.09
C LYS A 211 -19.44 -35.46 22.00
N LYS A 212 -18.98 -35.81 20.81
CA LYS A 212 -19.86 -36.10 19.68
C LYS A 212 -20.81 -34.99 19.24
N PHE A 213 -20.27 -33.80 19.49
CA PHE A 213 -20.92 -32.52 19.22
C PHE A 213 -21.13 -32.47 17.73
N ASN A 214 -22.39 -32.53 17.42
CA ASN A 214 -22.89 -32.59 16.06
C ASN A 214 -22.67 -31.28 15.30
N GLY A 215 -22.14 -30.28 16.00
CA GLY A 215 -21.88 -28.97 15.37
C GLY A 215 -22.96 -27.96 15.65
N THR A 216 -24.21 -28.29 15.31
CA THR A 216 -25.43 -27.48 15.40
C THR A 216 -26.37 -27.97 16.48
N GLY A 217 -26.65 -27.15 17.48
CA GLY A 217 -27.61 -27.51 18.52
C GLY A 217 -27.36 -26.89 19.86
N PRO A 218 -28.02 -27.37 20.92
CA PRO A 218 -27.77 -26.90 22.29
C PRO A 218 -26.58 -27.59 22.93
N CYS A 219 -25.68 -26.88 23.58
CA CYS A 219 -24.46 -27.49 24.12
C CYS A 219 -24.38 -27.28 25.63
N LYS A 220 -24.09 -28.32 26.42
CA LYS A 220 -24.11 -28.20 27.89
C LYS A 220 -22.83 -27.87 28.64
N ASN A 221 -21.66 -28.36 28.22
CA ASN A 221 -20.44 -27.90 28.88
C ASN A 221 -19.58 -26.82 28.31
N VAL A 222 -20.08 -25.59 28.29
CA VAL A 222 -19.35 -24.47 27.73
C VAL A 222 -18.19 -24.02 28.62
N SER A 223 -17.08 -23.59 28.05
CA SER A 223 -15.95 -23.10 28.79
C SER A 223 -15.49 -21.83 28.13
N SER A 224 -14.95 -20.87 28.87
CA SER A 224 -14.54 -19.60 28.30
C SER A 224 -13.07 -19.59 27.99
N VAL A 225 -12.70 -19.53 26.73
CA VAL A 225 -11.32 -19.66 26.35
C VAL A 225 -10.83 -18.39 25.68
N GLN A 226 -9.68 -17.90 26.09
CA GLN A 226 -9.10 -16.70 25.49
C GLN A 226 -8.64 -16.78 24.02
N CYS A 227 -8.09 -17.91 23.59
CA CYS A 227 -7.56 -18.03 22.23
C CYS A 227 -7.76 -19.45 21.68
N THR A 228 -7.97 -19.61 20.38
CA THR A 228 -8.24 -20.92 19.77
C THR A 228 -7.03 -21.83 19.84
N HIS A 229 -7.25 -23.13 19.82
CA HIS A 229 -6.15 -24.10 19.82
C HIS A 229 -5.46 -24.00 18.49
N GLY A 230 -4.21 -24.40 18.38
CA GLY A 230 -3.52 -24.20 17.13
C GLY A 230 -4.12 -24.89 15.95
N ILE A 231 -4.29 -24.17 14.86
CA ILE A 231 -4.81 -24.76 13.66
C ILE A 231 -3.75 -24.68 12.63
N LYS A 232 -3.45 -25.80 11.98
CA LYS A 232 -2.45 -25.83 10.93
C LYS A 232 -3.13 -25.38 9.64
N PRO A 233 -2.65 -24.31 9.01
CA PRO A 233 -3.33 -23.99 7.77
C PRO A 233 -2.94 -24.94 6.63
N VAL A 234 -3.55 -26.11 6.56
CA VAL A 234 -3.25 -27.08 5.49
C VAL A 234 -4.43 -27.16 4.56
N VAL A 235 -4.23 -26.96 3.26
CA VAL A 235 -5.32 -27.10 2.32
C VAL A 235 -5.14 -28.38 1.53
N SER A 236 -6.17 -29.21 1.45
CA SER A 236 -6.09 -30.49 0.80
C SER A 236 -7.38 -30.75 0.12
N THR A 237 -7.41 -31.65 -0.84
CA THR A 237 -8.63 -31.82 -1.58
C THR A 237 -9.57 -32.97 -1.23
N GLN A 238 -9.13 -34.21 -1.16
CA GLN A 238 -10.11 -35.25 -0.92
C GLN A 238 -10.03 -35.87 0.40
N LEU A 239 -8.88 -35.82 1.03
CA LEU A 239 -8.70 -36.39 2.34
C LEU A 239 -8.11 -35.33 3.24
N LEU A 240 -8.65 -35.13 4.43
CA LEU A 240 -8.18 -34.07 5.30
C LEU A 240 -6.91 -34.57 6.00
N LEU A 241 -5.79 -33.83 5.97
CA LEU A 241 -4.54 -34.37 6.60
C LEU A 241 -4.11 -33.50 7.76
N ASN A 242 -3.31 -34.08 8.66
CA ASN A 242 -2.71 -33.47 9.84
C ASN A 242 -3.72 -32.66 10.65
N GLY A 243 -4.93 -33.20 10.82
CA GLY A 243 -5.97 -32.47 11.59
C GLY A 243 -6.05 -32.98 13.02
N SER A 244 -7.12 -32.65 13.76
CA SER A 244 -7.32 -33.11 15.13
C SER A 244 -8.45 -34.10 15.14
N LEU A 245 -8.25 -35.24 15.77
CA LEU A 245 -9.25 -36.29 15.79
C LEU A 245 -10.35 -36.01 16.79
N ALA A 246 -11.55 -36.51 16.54
CA ALA A 246 -12.69 -36.30 17.44
C ALA A 246 -12.58 -37.10 18.70
N GLU A 247 -13.24 -36.65 19.75
CA GLU A 247 -13.13 -37.32 21.03
C GLU A 247 -13.71 -38.72 21.27
N GLU A 248 -14.94 -39.00 20.83
CA GLU A 248 -15.52 -40.30 21.15
C GLU A 248 -15.98 -41.19 20.00
N GLY A 249 -16.36 -40.61 18.88
CA GLY A 249 -16.82 -41.40 17.74
C GLY A 249 -16.74 -40.70 16.41
N ILE A 250 -16.91 -41.42 15.31
CA ILE A 250 -16.93 -40.77 14.02
C ILE A 250 -18.14 -39.85 13.92
N ILE A 251 -17.95 -38.63 13.43
CA ILE A 251 -19.04 -37.67 13.37
C ILE A 251 -19.26 -37.11 11.98
N ILE A 252 -20.46 -37.18 11.46
CA ILE A 252 -20.76 -36.68 10.16
C ILE A 252 -21.39 -35.33 10.33
N ARG A 253 -20.82 -34.30 9.73
CA ARG A 253 -21.36 -32.97 9.84
C ARG A 253 -21.69 -32.47 8.47
N SER A 254 -22.90 -31.97 8.22
CA SER A 254 -23.22 -31.39 6.94
C SER A 254 -24.28 -30.34 7.09
N GLU A 255 -24.32 -29.38 6.16
CA GLU A 255 -25.19 -28.16 6.23
C GLU A 255 -26.70 -28.38 6.05
N ASN A 256 -27.08 -29.40 5.31
CA ASN A 256 -28.43 -29.84 4.95
C ASN A 256 -28.29 -31.27 4.44
N LEU A 257 -28.46 -32.21 5.36
CA LEU A 257 -28.33 -33.66 5.09
C LEU A 257 -29.29 -34.05 3.97
N THR A 258 -30.32 -33.23 3.69
CA THR A 258 -31.18 -33.49 2.54
C THR A 258 -30.67 -33.08 1.13
N ASN A 259 -30.01 -31.94 0.99
CA ASN A 259 -29.56 -31.48 -0.32
C ASN A 259 -28.43 -32.33 -0.85
N ASN A 260 -28.41 -32.56 -2.16
CA ASN A 260 -27.32 -33.31 -2.79
C ASN A 260 -26.21 -32.37 -3.20
N ALA A 261 -26.40 -31.07 -3.01
CA ALA A 261 -25.41 -30.07 -3.36
C ALA A 261 -24.62 -29.57 -2.18
N LYS A 262 -24.71 -30.25 -1.05
CA LYS A 262 -23.95 -29.88 0.14
C LYS A 262 -22.98 -30.97 0.54
N THR A 263 -21.71 -30.63 0.70
CA THR A 263 -20.71 -31.62 1.09
C THR A 263 -20.79 -32.16 2.50
N ILE A 264 -20.47 -33.41 2.68
CA ILE A 264 -20.53 -34.04 3.97
C ILE A 264 -19.12 -34.17 4.47
N ILE A 265 -18.85 -33.69 5.67
CA ILE A 265 -17.52 -33.75 6.23
C ILE A 265 -17.52 -34.83 7.27
N VAL A 266 -16.60 -35.78 7.22
CA VAL A 266 -16.50 -36.84 8.22
C VAL A 266 -15.28 -36.63 9.08
N HIS A 267 -15.40 -36.81 10.39
CA HIS A 267 -14.29 -36.63 11.32
C HIS A 267 -14.01 -37.96 11.93
N PHE A 268 -12.75 -38.27 12.16
CA PHE A 268 -12.42 -39.64 12.58
C PHE A 268 -11.93 -39.65 14.02
N ASN A 269 -12.38 -40.65 14.78
CA ASN A 269 -11.81 -40.93 16.09
C ASN A 269 -10.32 -41.23 16.01
N GLU A 270 -9.89 -42.08 15.06
CA GLU A 270 -8.47 -42.51 14.96
C GLU A 270 -7.89 -42.27 13.53
N SER A 271 -6.58 -42.08 13.43
CA SER A 271 -5.91 -41.72 12.19
C SER A 271 -5.42 -42.88 11.34
N VAL A 272 -5.31 -42.69 10.02
CA VAL A 272 -4.81 -43.73 9.12
C VAL A 272 -3.58 -43.02 8.61
N LYS A 273 -2.48 -43.71 8.35
CA LYS A 273 -1.24 -43.04 7.96
C LYS A 273 -0.87 -43.20 6.50
N ILE A 274 -0.57 -42.08 5.83
CA ILE A 274 -0.22 -42.12 4.42
C ILE A 274 1.19 -41.55 4.25
N ASN A 275 2.07 -42.27 3.54
CA ASN A 275 3.43 -41.81 3.35
C ASN A 275 3.63 -41.60 1.89
N CYS A 276 4.13 -40.43 1.51
CA CYS A 276 4.25 -40.12 0.09
C CYS A 276 5.65 -39.70 -0.29
N THR A 277 6.15 -40.18 -1.43
CA THR A 277 7.50 -39.86 -1.86
C THR A 277 7.67 -39.66 -3.31
N ARG A 278 8.64 -38.88 -3.74
CA ARG A 278 8.97 -38.80 -5.16
C ARG A 278 10.33 -39.44 -5.15
N PRO A 279 10.41 -40.68 -5.65
CA PRO A 279 11.66 -41.42 -5.56
C PRO A 279 12.83 -40.91 -6.38
N SER A 280 12.62 -40.45 -7.61
CA SER A 280 13.74 -40.07 -8.50
C SER A 280 14.18 -38.62 -8.28
N ASN A 281 15.43 -38.41 -7.84
CA ASN A 281 16.00 -37.07 -7.64
C ASN A 281 16.29 -36.29 -8.91
N ASN A 282 15.99 -34.99 -8.90
CA ASN A 282 16.21 -34.23 -10.15
C ASN A 282 17.15 -33.06 -9.88
N THR A 283 17.44 -32.29 -10.92
CA THR A 283 18.29 -31.12 -10.79
C THR A 283 17.58 -29.84 -11.14
N ARG A 284 17.94 -28.74 -10.49
CA ARG A 284 17.38 -27.45 -10.85
C ARG A 284 18.46 -26.58 -11.45
N THR A 285 18.16 -25.97 -12.59
CA THR A 285 19.11 -25.05 -13.21
C THR A 285 18.39 -23.74 -13.45
N GLY A 286 19.09 -22.62 -13.36
CA GLY A 286 18.44 -21.33 -13.53
C GLY A 286 18.79 -20.56 -14.78
N ILE A 287 17.78 -20.02 -15.47
CA ILE A 287 18.02 -19.26 -16.69
C ILE A 287 17.68 -17.81 -16.44
N HIS A 288 18.46 -16.90 -17.00
CA HIS A 288 18.25 -15.47 -16.77
C HIS A 288 17.38 -14.89 -17.83
N ILE A 289 16.16 -14.51 -17.48
CA ILE A 289 15.22 -14.03 -18.48
C ILE A 289 15.07 -12.52 -18.61
N GLY A 290 15.79 -11.77 -17.81
CA GLY A 290 15.65 -10.33 -17.83
C GLY A 290 16.76 -9.75 -17.02
N PRO A 291 16.78 -8.43 -16.83
CA PRO A 291 17.81 -7.92 -15.95
C PRO A 291 17.38 -8.28 -14.55
N GLY A 292 18.15 -9.12 -13.89
CA GLY A 292 17.84 -9.51 -12.53
C GLY A 292 16.80 -10.58 -12.31
N GLN A 293 16.29 -11.22 -13.35
CA GLN A 293 15.20 -12.20 -13.18
C GLN A 293 15.59 -13.60 -13.56
N VAL A 294 15.35 -14.58 -12.70
CA VAL A 294 15.73 -15.96 -12.98
C VAL A 294 14.58 -16.98 -12.96
N PHE A 295 14.44 -17.78 -14.01
CA PHE A 295 13.40 -18.79 -14.11
C PHE A 295 14.09 -20.10 -13.92
N TYR A 296 13.65 -20.92 -12.99
CA TYR A 296 14.33 -22.15 -12.68
C TYR A 296 13.67 -23.29 -13.35
N LYS A 297 14.44 -24.05 -14.09
CA LYS A 297 13.85 -25.09 -14.85
C LYS A 297 14.28 -26.45 -14.40
N THR A 298 13.39 -27.41 -14.54
CA THR A 298 13.69 -28.78 -14.18
C THR A 298 14.79 -29.37 -15.06
N GLY A 299 15.57 -30.27 -14.52
CA GLY A 299 16.68 -30.82 -15.26
C GLY A 299 16.59 -32.32 -15.36
N ASP A 300 17.51 -32.92 -16.10
CA ASP A 300 17.48 -34.36 -16.33
C ASP A 300 17.62 -35.11 -15.02
N ILE A 301 16.90 -36.20 -14.88
CA ILE A 301 16.91 -36.94 -13.63
C ILE A 301 18.15 -37.79 -13.52
N ILE A 302 18.95 -37.57 -12.48
CA ILE A 302 20.10 -38.42 -12.25
C ILE A 302 19.55 -39.64 -11.54
N GLY A 303 20.21 -40.77 -11.62
CA GLY A 303 19.64 -41.96 -11.02
C GLY A 303 18.62 -42.60 -11.92
N ASP A 304 17.71 -43.39 -11.35
CA ASP A 304 16.72 -44.10 -12.15
C ASP A 304 15.41 -43.38 -12.20
N ILE A 305 14.83 -43.26 -13.39
CA ILE A 305 13.53 -42.64 -13.48
C ILE A 305 12.53 -43.50 -12.72
N ARG A 306 11.79 -42.90 -11.79
CA ARG A 306 10.87 -43.65 -10.95
C ARG A 306 9.59 -42.85 -10.77
N LYS A 307 8.48 -43.49 -10.43
CA LYS A 307 7.21 -42.80 -10.28
C LYS A 307 6.79 -42.61 -8.84
N ALA A 308 6.23 -41.46 -8.51
CA ALA A 308 5.74 -41.17 -7.15
C ALA A 308 4.57 -42.00 -6.75
N TYR A 309 4.45 -42.30 -5.47
CA TYR A 309 3.36 -43.10 -4.97
C TYR A 309 3.03 -42.74 -3.56
N CYS A 310 1.86 -43.14 -3.07
CA CYS A 310 1.52 -42.94 -1.66
C CYS A 310 1.02 -44.24 -1.09
N ASN A 311 1.52 -44.62 0.07
CA ASN A 311 1.28 -45.90 0.72
C ASN A 311 0.29 -45.70 1.86
N ILE A 312 -0.81 -46.44 1.83
CA ILE A 312 -1.85 -46.37 2.90
C ILE A 312 -2.04 -47.80 3.37
N SER A 313 -2.17 -48.06 4.67
CA SER A 313 -2.27 -49.48 5.02
C SER A 313 -3.63 -50.03 4.69
N GLY A 314 -3.67 -51.22 4.12
CA GLY A 314 -4.93 -51.81 3.70
C GLY A 314 -5.92 -52.13 4.78
N ALA A 315 -5.46 -52.71 5.88
CA ALA A 315 -6.33 -53.03 7.01
C ALA A 315 -6.91 -51.81 7.68
N GLN A 316 -6.09 -50.80 7.88
CA GLN A 316 -6.56 -49.59 8.53
C GLN A 316 -7.61 -48.79 7.74
N TRP A 317 -7.46 -48.66 6.44
CA TRP A 317 -8.45 -47.95 5.67
C TRP A 317 -9.74 -48.67 5.77
N HIS A 318 -9.71 -49.98 5.63
CA HIS A 318 -10.95 -50.73 5.64
C HIS A 318 -11.71 -50.69 6.97
N LYS A 319 -11.01 -50.74 8.10
CA LYS A 319 -11.70 -50.63 9.37
C LYS A 319 -12.36 -49.28 9.52
N VAL A 320 -11.63 -48.21 9.24
CA VAL A 320 -12.17 -46.85 9.36
C VAL A 320 -13.24 -46.60 8.32
N LEU A 321 -13.08 -47.09 7.11
CA LEU A 321 -14.13 -46.94 6.11
C LEU A 321 -15.37 -47.69 6.57
N GLY A 322 -15.20 -48.82 7.23
CA GLY A 322 -16.35 -49.57 7.71
C GLY A 322 -17.17 -48.83 8.71
N ARG A 323 -16.52 -48.14 9.64
CA ARG A 323 -17.24 -47.32 10.60
C ARG A 323 -17.99 -46.15 9.96
N VAL A 324 -17.40 -45.50 8.96
CA VAL A 324 -18.07 -44.41 8.26
C VAL A 324 -19.34 -44.93 7.63
N ALA A 325 -19.32 -46.15 7.11
CA ALA A 325 -20.53 -46.73 6.54
C ALA A 325 -21.67 -46.88 7.53
N ASN A 326 -21.38 -47.34 8.74
CA ASN A 326 -22.43 -47.44 9.74
C ASN A 326 -23.06 -46.12 10.10
N LYS A 327 -22.26 -45.08 10.31
CA LYS A 327 -22.79 -43.77 10.63
C LYS A 327 -23.61 -43.21 9.47
N LEU A 328 -23.18 -43.42 8.25
CA LEU A 328 -23.94 -42.98 7.11
C LEU A 328 -25.24 -43.74 7.04
N LYS A 329 -25.25 -44.99 7.50
CA LYS A 329 -26.50 -45.77 7.55
C LYS A 329 -27.56 -45.20 8.47
N GLU A 330 -27.16 -44.71 9.64
CA GLU A 330 -28.10 -44.14 10.59
C GLU A 330 -28.83 -42.89 10.11
N HIS A 331 -28.13 -41.98 9.47
CA HIS A 331 -28.76 -40.74 9.04
C HIS A 331 -29.36 -40.86 7.66
N PHE A 332 -29.18 -41.99 7.01
CA PHE A 332 -29.66 -42.17 5.63
C PHE A 332 -30.68 -43.29 5.45
N ASN A 333 -31.44 -43.63 6.49
CA ASN A 333 -32.50 -44.65 6.40
C ASN A 333 -32.13 -46.12 6.24
N ASN A 334 -30.97 -46.52 6.76
CA ASN A 334 -30.53 -47.93 6.70
C ASN A 334 -30.41 -48.58 5.33
N LYS A 335 -30.13 -47.81 4.28
CA LYS A 335 -29.91 -48.40 2.97
C LYS A 335 -28.45 -48.83 2.87
N THR A 336 -28.07 -49.60 1.85
CA THR A 336 -26.65 -49.97 1.62
C THR A 336 -25.86 -48.80 1.10
N ILE A 337 -24.60 -48.68 1.49
CA ILE A 337 -23.81 -47.51 1.10
C ILE A 337 -22.81 -47.90 0.03
N VAL A 338 -22.87 -47.28 -1.13
CA VAL A 338 -21.95 -47.57 -2.20
C VAL A 338 -21.01 -46.40 -2.37
N PHE A 339 -19.71 -46.66 -2.31
CA PHE A 339 -18.71 -45.62 -2.47
C PHE A 339 -18.15 -45.78 -3.87
N LYS A 340 -18.12 -44.71 -4.65
CA LYS A 340 -17.64 -44.81 -6.00
C LYS A 340 -16.54 -43.77 -6.30
N PRO A 341 -15.64 -44.00 -7.30
CA PRO A 341 -14.62 -42.99 -7.62
C PRO A 341 -15.16 -41.69 -8.18
N SER A 342 -14.50 -40.56 -7.93
CA SER A 342 -15.04 -39.26 -8.34
C SER A 342 -15.31 -39.10 -9.81
N SER A 343 -16.46 -38.57 -10.17
CA SER A 343 -16.85 -38.48 -11.58
C SER A 343 -16.12 -37.60 -12.58
N GLY A 344 -15.91 -36.33 -12.25
CA GLY A 344 -15.32 -35.43 -13.23
C GLY A 344 -14.88 -34.09 -12.72
N GLY A 345 -14.11 -33.36 -13.52
CA GLY A 345 -13.74 -32.01 -13.13
C GLY A 345 -12.32 -31.61 -13.40
N ASP A 346 -11.89 -30.52 -12.78
CA ASP A 346 -10.53 -30.07 -12.93
C ASP A 346 -9.68 -31.02 -12.16
N PRO A 347 -8.36 -30.99 -12.35
CA PRO A 347 -7.58 -32.01 -11.66
C PRO A 347 -7.78 -31.99 -10.15
N GLU A 348 -7.96 -30.84 -9.50
CA GLU A 348 -8.12 -30.86 -8.08
C GLU A 348 -9.34 -31.67 -7.62
N ILE A 349 -10.51 -31.50 -8.22
CA ILE A 349 -11.69 -32.20 -7.74
C ILE A 349 -11.60 -33.72 -7.89
N THR A 350 -11.10 -34.20 -9.03
CA THR A 350 -10.89 -35.65 -9.26
C THR A 350 -9.81 -36.36 -8.44
N MET A 351 -8.67 -35.71 -8.15
CA MET A 351 -7.55 -36.35 -7.46
C MET A 351 -7.13 -35.73 -6.12
N HIS A 352 -6.59 -36.52 -5.19
CA HIS A 352 -6.15 -36.01 -3.92
C HIS A 352 -5.05 -35.03 -4.16
N SER A 353 -5.12 -33.85 -3.58
CA SER A 353 -4.12 -32.85 -3.83
C SER A 353 -3.53 -32.24 -2.59
N PHE A 354 -2.21 -32.21 -2.47
CA PHE A 354 -1.54 -31.73 -1.29
C PHE A 354 -0.14 -31.26 -1.62
N ASN A 355 0.51 -30.51 -0.74
CA ASN A 355 1.87 -30.05 -0.97
C ASN A 355 2.82 -30.74 -0.04
N CYS A 356 3.60 -31.66 -0.53
CA CYS A 356 4.56 -32.38 0.30
C CYS A 356 5.76 -31.61 0.85
N ARG A 357 6.48 -30.88 0.03
CA ARG A 357 7.57 -30.04 0.50
C ARG A 357 7.83 -28.96 -0.50
N GLY A 358 6.83 -28.19 -0.89
CA GLY A 358 6.98 -27.22 -1.97
C GLY A 358 6.62 -27.83 -3.32
N GLU A 359 6.17 -29.08 -3.33
CA GLU A 359 5.81 -29.75 -4.56
C GLU A 359 4.40 -30.32 -4.54
N PHE A 360 3.46 -29.69 -5.24
CA PHE A 360 2.07 -30.10 -5.24
C PHE A 360 1.84 -31.40 -5.96
N PHE A 361 1.03 -32.29 -5.41
CA PHE A 361 0.84 -33.60 -5.99
C PHE A 361 -0.61 -33.86 -6.21
N TYR A 362 -0.96 -34.70 -7.17
CA TYR A 362 -2.34 -34.96 -7.49
C TYR A 362 -2.55 -36.45 -7.64
N CYS A 363 -2.53 -37.18 -6.54
CA CYS A 363 -2.66 -38.64 -6.57
C CYS A 363 -3.99 -39.28 -6.90
N ASN A 364 -4.03 -40.50 -7.61
CA ASN A 364 -5.23 -41.25 -7.95
C ASN A 364 -5.71 -42.03 -6.73
N THR A 365 -7.02 -41.90 -6.49
CA THR A 365 -7.62 -42.34 -5.23
C THR A 365 -8.70 -43.39 -5.46
N THR A 366 -8.72 -44.02 -6.62
CA THR A 366 -9.74 -45.05 -6.88
C THR A 366 -9.67 -46.32 -6.07
N LYS A 367 -8.49 -46.82 -5.80
CA LYS A 367 -8.34 -48.01 -5.01
C LYS A 367 -8.85 -47.79 -3.62
N LEU A 368 -8.58 -46.62 -3.05
CA LEU A 368 -9.05 -46.28 -1.71
C LEU A 368 -10.56 -46.19 -1.57
N PHE A 369 -11.22 -45.55 -2.56
CA PHE A 369 -12.67 -45.21 -2.57
C PHE A 369 -13.48 -45.93 -3.66
N ASN A 370 -13.24 -47.22 -3.86
CA ASN A 370 -13.99 -48.13 -4.71
C ASN A 370 -14.44 -49.33 -3.86
N SER A 371 -15.73 -49.42 -3.43
CA SER A 371 -16.26 -50.57 -2.59
C SER A 371 -17.78 -50.55 -2.27
N THR A 372 -18.42 -51.60 -1.68
CA THR A 372 -19.83 -51.48 -1.34
C THR A 372 -19.91 -52.01 0.06
N TRP A 373 -20.33 -51.16 1.00
CA TRP A 373 -20.43 -51.58 2.38
C TRP A 373 -21.89 -51.64 2.74
N GLY A 374 -22.31 -52.77 3.28
CA GLY A 374 -23.72 -52.93 3.59
C GLY A 374 -24.28 -54.08 2.79
N GLU A 379 -17.24 -54.33 0.63
CA GLU A 379 -16.62 -54.40 1.94
C GLU A 379 -15.31 -55.06 1.74
N THR A 380 -14.56 -54.63 0.74
CA THR A 380 -13.34 -55.37 0.45
C THR A 380 -12.45 -55.37 1.66
N ARG A 381 -11.89 -56.53 1.96
CA ARG A 381 -11.09 -56.65 3.16
C ARG A 381 -9.64 -56.89 2.82
N ASP A 382 -9.25 -56.60 1.58
CA ASP A 382 -7.88 -56.90 1.19
C ASP A 382 -6.93 -56.16 2.11
N ASN A 383 -5.94 -56.86 2.66
CA ASN A 383 -5.05 -56.23 3.63
C ASN A 383 -3.66 -55.80 3.18
N GLY A 384 -3.36 -55.92 1.88
CA GLY A 384 -2.06 -55.53 1.39
C GLY A 384 -1.94 -54.02 1.30
N THR A 385 -0.78 -53.48 1.59
CA THR A 385 -0.59 -52.05 1.52
C THR A 385 -1.05 -51.57 0.17
N ILE A 386 -1.75 -50.45 0.14
CA ILE A 386 -2.28 -49.95 -1.11
C ILE A 386 -1.37 -48.85 -1.61
N THR A 387 -0.92 -48.93 -2.85
CA THR A 387 -0.08 -47.89 -3.44
C THR A 387 -0.83 -47.15 -4.52
N ILE A 388 -0.95 -45.85 -4.38
CA ILE A 388 -1.73 -45.07 -5.32
C ILE A 388 -0.80 -44.17 -6.14
N PRO A 389 -0.94 -44.19 -7.44
CA PRO A 389 -0.09 -43.38 -8.31
C PRO A 389 -0.24 -41.87 -8.16
N CYS A 390 0.85 -41.11 -8.19
CA CYS A 390 0.78 -39.66 -8.10
C CYS A 390 1.45 -38.95 -9.25
N ARG A 391 0.80 -37.92 -9.80
CA ARG A 391 1.37 -37.13 -10.87
C ARG A 391 1.50 -35.72 -10.39
N ILE A 392 2.70 -35.15 -10.41
CA ILE A 392 2.93 -33.76 -10.01
C ILE A 392 2.64 -32.72 -11.09
N LYS A 393 2.42 -31.47 -10.73
CA LYS A 393 2.09 -30.43 -11.70
C LYS A 393 2.77 -29.19 -11.21
N GLN A 394 2.98 -28.23 -12.08
CA GLN A 394 3.68 -27.02 -11.68
C GLN A 394 2.97 -25.69 -11.79
N ILE A 395 1.95 -25.57 -12.62
CA ILE A 395 1.19 -24.33 -12.68
C ILE A 395 -0.05 -24.51 -11.83
N ILE A 396 -0.20 -23.74 -10.77
CA ILE A 396 -1.29 -23.91 -9.85
C ILE A 396 -2.22 -22.71 -9.98
N ASN A 397 -3.53 -22.91 -10.07
CA ASN A 397 -4.51 -21.83 -10.25
C ASN A 397 -5.29 -21.53 -8.99
N MET A 398 -5.68 -20.28 -8.79
CA MET A 398 -6.44 -19.87 -7.59
C MET A 398 -7.77 -20.55 -7.58
N TRP A 399 -8.19 -21.06 -6.42
CA TRP A 399 -9.42 -21.82 -6.32
C TRP A 399 -10.68 -21.00 -6.50
N GLN A 400 -10.59 -19.72 -6.22
CA GLN A 400 -11.75 -18.84 -6.33
C GLN A 400 -12.24 -18.75 -7.75
N GLY A 401 -11.36 -18.92 -8.72
CA GLY A 401 -11.74 -18.76 -10.11
C GLY A 401 -11.26 -17.44 -10.63
N VAL A 402 -10.45 -16.76 -9.83
CA VAL A 402 -9.88 -15.48 -10.25
C VAL A 402 -8.82 -15.71 -11.32
N GLY A 403 -8.48 -14.66 -12.05
CA GLY A 403 -7.52 -14.78 -13.13
C GLY A 403 -6.12 -15.22 -12.82
N GLN A 404 -5.52 -14.80 -11.72
CA GLN A 404 -4.12 -15.11 -11.42
C GLN A 404 -3.72 -16.56 -11.07
N ALA A 405 -2.42 -16.88 -11.18
CA ALA A 405 -1.91 -18.23 -10.92
C ALA A 405 -0.45 -18.21 -10.45
N MET A 406 0.09 -19.34 -10.01
CA MET A 406 1.50 -19.43 -9.60
C MET A 406 2.31 -20.57 -10.20
N TYR A 407 3.62 -20.45 -10.30
CA TYR A 407 4.48 -21.52 -10.78
C TYR A 407 5.37 -21.90 -9.65
N ALA A 408 5.49 -23.19 -9.37
CA ALA A 408 6.27 -23.66 -8.24
C ALA A 408 7.62 -24.17 -8.69
N PRO A 409 8.72 -23.61 -8.18
CA PRO A 409 10.03 -23.97 -8.69
C PRO A 409 10.45 -25.39 -8.33
N PRO A 410 11.34 -26.01 -9.12
CA PRO A 410 11.70 -27.40 -8.86
C PRO A 410 12.42 -27.66 -7.54
N ILE A 411 12.18 -28.81 -6.90
CA ILE A 411 12.87 -29.14 -5.65
C ILE A 411 13.94 -30.17 -5.92
N LYS A 412 15.20 -29.86 -5.60
CA LYS A 412 16.32 -30.76 -5.93
C LYS A 412 16.44 -32.14 -5.31
N GLY A 413 16.22 -32.26 -4.02
CA GLY A 413 16.38 -33.55 -3.37
C GLY A 413 15.19 -34.48 -3.51
N VAL A 414 15.37 -35.76 -3.23
CA VAL A 414 14.23 -36.64 -3.22
C VAL A 414 13.32 -36.19 -2.06
N ILE A 415 12.00 -36.26 -2.20
CA ILE A 415 11.10 -35.78 -1.16
C ILE A 415 10.28 -36.86 -0.49
N LYS A 416 10.27 -36.90 0.83
CA LYS A 416 9.43 -37.85 1.56
C LYS A 416 8.60 -37.13 2.60
N CYS A 417 7.29 -37.36 2.63
CA CYS A 417 6.45 -36.77 3.66
C CYS A 417 5.52 -37.77 4.32
N LEU A 418 5.37 -37.70 5.64
CA LEU A 418 4.55 -38.65 6.37
C LEU A 418 3.37 -37.94 7.01
N SER A 419 2.16 -38.42 6.81
CA SER A 419 1.01 -37.68 7.27
C SER A 419 -0.10 -38.53 7.82
N ASN A 420 -0.99 -37.91 8.58
CA ASN A 420 -2.10 -38.62 9.16
C ASN A 420 -3.39 -38.11 8.59
N ILE A 421 -4.25 -38.98 8.08
CA ILE A 421 -5.55 -38.53 7.59
C ILE A 421 -6.62 -38.62 8.66
N THR A 422 -7.19 -37.49 9.07
CA THR A 422 -8.23 -37.44 10.10
C THR A 422 -9.65 -37.17 9.61
N GLY A 423 -9.88 -37.15 8.30
CA GLY A 423 -11.20 -36.93 7.76
C GLY A 423 -11.32 -37.23 6.27
N ILE A 424 -12.52 -37.26 5.74
CA ILE A 424 -12.76 -37.49 4.33
C ILE A 424 -13.79 -36.44 4.03
N LEU A 425 -13.92 -35.97 2.81
CA LEU A 425 -15.00 -35.08 2.47
C LEU A 425 -15.70 -35.85 1.40
N LEU A 426 -17.01 -36.08 1.51
CA LEU A 426 -17.77 -36.85 0.53
C LEU A 426 -19.00 -36.10 0.11
N THR A 427 -19.44 -36.22 -1.12
CA THR A 427 -20.66 -35.57 -1.57
C THR A 427 -21.63 -36.56 -2.22
N ARG A 428 -22.89 -36.58 -1.80
CA ARG A 428 -23.89 -37.55 -2.31
C ARG A 428 -24.34 -37.42 -3.76
N ASP A 429 -24.60 -38.56 -4.41
CA ASP A 429 -25.03 -38.57 -5.81
C ASP A 429 -26.50 -38.28 -6.01
N GLY A 430 -26.88 -37.98 -7.25
CA GLY A 430 -28.26 -37.66 -7.53
C GLY A 430 -29.19 -38.81 -7.25
N GLY A 431 -30.38 -38.52 -6.74
CA GLY A 431 -31.35 -39.56 -6.47
C GLY A 431 -31.61 -40.47 -7.66
N ASN A 437 -32.13 -48.39 -3.37
CA ASN A 437 -31.74 -49.35 -2.34
C ASN A 437 -30.34 -49.04 -1.91
N ASN A 438 -29.75 -48.02 -2.51
CA ASN A 438 -28.42 -47.65 -2.14
C ASN A 438 -28.20 -46.18 -2.30
N GLU A 439 -27.22 -45.63 -1.60
CA GLU A 439 -26.89 -44.25 -1.79
C GLU A 439 -25.45 -44.25 -2.22
N THR A 440 -25.10 -43.46 -3.23
CA THR A 440 -23.74 -43.46 -3.73
C THR A 440 -23.05 -42.20 -3.31
N PHE A 441 -21.90 -42.33 -2.69
CA PHE A 441 -21.18 -41.19 -2.22
C PHE A 441 -19.88 -41.13 -2.97
N ARG A 442 -19.53 -39.97 -3.51
CA ARG A 442 -18.32 -39.82 -4.26
C ARG A 442 -17.28 -38.91 -3.53
N PRO A 443 -15.96 -39.09 -3.76
CA PRO A 443 -15.00 -38.25 -3.05
C PRO A 443 -15.18 -36.82 -3.38
N GLY A 444 -14.90 -35.94 -2.45
CA GLY A 444 -15.21 -34.55 -2.65
C GLY A 444 -14.10 -33.57 -2.86
N GLY A 445 -14.41 -32.52 -3.56
CA GLY A 445 -13.40 -31.57 -3.93
C GLY A 445 -13.07 -30.51 -2.95
N GLY A 446 -12.46 -29.43 -3.42
CA GLY A 446 -12.01 -28.44 -2.50
C GLY A 446 -12.50 -27.03 -2.53
N ASP A 447 -13.10 -26.64 -1.42
CA ASP A 447 -13.45 -25.24 -1.12
C ASP A 447 -12.52 -25.00 0.05
N MET A 448 -11.64 -24.02 -0.01
CA MET A 448 -10.67 -23.97 1.05
C MET A 448 -11.33 -24.00 2.40
N ARG A 449 -12.54 -23.45 2.55
CA ARG A 449 -13.19 -23.36 3.86
C ARG A 449 -13.45 -24.68 4.52
N ASP A 450 -13.90 -25.68 3.79
CA ASP A 450 -14.28 -26.97 4.37
C ASP A 450 -13.17 -27.65 5.07
N ASN A 451 -11.94 -27.33 4.72
CA ASN A 451 -10.81 -27.90 5.40
C ASN A 451 -10.80 -27.47 6.87
N TRP A 452 -11.10 -26.21 7.17
CA TRP A 452 -11.02 -25.71 8.55
C TRP A 452 -12.31 -25.77 9.36
N ARG A 453 -13.43 -26.10 8.75
CA ARG A 453 -14.67 -26.21 9.48
C ARG A 453 -14.61 -27.29 10.50
N ASN A 454 -13.86 -28.36 10.23
CA ASN A 454 -13.68 -29.45 11.20
C ASN A 454 -12.99 -28.89 12.41
N GLU A 455 -11.96 -28.11 12.17
CA GLU A 455 -11.22 -27.47 13.27
C GLU A 455 -11.92 -26.40 14.14
N LEU A 456 -12.72 -25.52 13.56
CA LEU A 456 -13.37 -24.42 14.28
C LEU A 456 -14.83 -24.59 14.58
N TYR A 457 -15.32 -25.82 14.58
CA TYR A 457 -16.71 -26.11 14.90
C TYR A 457 -17.16 -25.77 16.31
N LYS A 458 -16.25 -25.73 17.27
CA LYS A 458 -16.59 -25.54 18.64
C LYS A 458 -16.37 -24.18 19.23
N TYR A 459 -16.11 -23.16 18.46
CA TYR A 459 -15.81 -21.86 19.02
C TYR A 459 -16.83 -20.77 18.61
N LYS A 460 -17.16 -19.84 19.49
CA LYS A 460 -18.08 -18.75 19.20
C LYS A 460 -17.53 -17.49 19.84
N VAL A 461 -17.58 -16.34 19.18
CA VAL A 461 -17.12 -15.11 19.83
C VAL A 461 -18.32 -14.38 20.36
N VAL A 462 -18.35 -14.17 21.67
CA VAL A 462 -19.48 -13.56 22.33
C VAL A 462 -18.98 -12.32 23.06
N GLN A 463 -19.58 -11.16 22.85
CA GLN A 463 -19.17 -9.91 23.49
C GLN A 463 -19.61 -9.81 24.91
N ILE A 464 -18.83 -9.22 25.78
CA ILE A 464 -19.20 -9.19 27.18
C ILE A 464 -19.66 -7.80 27.53
N GLU A 465 -20.89 -7.68 28.00
CA GLU A 465 -21.45 -6.40 28.38
C GLU A 465 -21.43 -6.30 29.89
N PRO A 466 -20.49 -5.54 30.43
CA PRO A 466 -20.31 -5.49 31.88
C PRO A 466 -21.34 -4.83 32.80
N LEU A 467 -21.99 -3.73 32.43
CA LEU A 467 -22.89 -3.03 33.34
C LEU A 467 -24.24 -3.64 33.66
N GLY A 468 -24.72 -3.41 34.88
CA GLY A 468 -26.03 -3.88 35.26
C GLY A 468 -26.75 -3.02 36.30
N ILE A 469 -28.08 -3.05 36.32
CA ILE A 469 -28.87 -2.26 37.25
C ILE A 469 -29.80 -3.19 38.00
N ALA A 470 -29.91 -3.07 39.33
CA ALA A 470 -30.74 -3.98 40.10
C ALA A 470 -31.40 -3.24 41.22
N PRO A 471 -32.45 -3.79 41.81
CA PRO A 471 -33.02 -3.01 42.90
C PRO A 471 -32.57 -3.43 44.30
N THR A 472 -31.92 -2.56 45.06
CA THR A 472 -31.39 -2.92 46.38
C THR A 472 -31.93 -2.01 47.41
N LYS A 473 -31.54 -2.22 48.65
CA LYS A 473 -32.13 -1.42 49.70
C LYS A 473 -31.32 -0.23 50.22
N CYS A 474 -30.10 -0.04 49.74
CA CYS A 474 -29.20 0.99 50.36
C CYS A 474 -29.67 2.46 50.27
N LYS A 475 -29.69 3.11 49.12
CA LYS A 475 -30.11 4.52 49.10
C LYS A 475 -29.13 5.49 49.78
N ARG A 476 -28.11 5.90 49.04
CA ARG A 476 -27.38 7.16 49.28
C ARG A 476 -26.45 7.44 48.12
N ARG A 477 -26.74 8.43 47.29
CA ARG A 477 -25.98 8.69 46.05
C ARG A 477 -24.63 8.05 45.84
N GLY B 10 -14.92 -7.28 34.63
CA GLY B 10 -15.47 -7.98 33.48
C GLY B 10 -15.28 -9.47 33.64
N PHE B 11 -16.35 -10.20 33.95
CA PHE B 11 -16.21 -11.61 34.23
C PHE B 11 -17.16 -12.45 33.44
N LEU B 12 -16.66 -13.63 33.08
CA LEU B 12 -17.40 -14.72 32.40
C LEU B 12 -17.19 -15.90 33.33
N GLY B 13 -18.17 -16.74 33.57
CA GLY B 13 -17.91 -17.76 34.60
C GLY B 13 -18.61 -17.25 35.83
N ALA B 14 -19.41 -18.10 36.46
CA ALA B 14 -20.39 -17.66 37.46
C ALA B 14 -21.55 -16.98 36.77
N ALA B 15 -21.89 -17.43 35.57
CA ALA B 15 -23.01 -16.86 34.86
C ALA B 15 -24.24 -17.69 35.11
N GLY B 16 -24.05 -18.97 35.40
CA GLY B 16 -25.17 -19.84 35.74
C GLY B 16 -25.85 -19.55 37.04
N SER B 17 -25.10 -19.15 38.05
CA SER B 17 -25.65 -18.91 39.37
C SER B 17 -26.53 -17.69 39.50
N THR B 18 -27.46 -17.72 40.46
CA THR B 18 -28.34 -16.60 40.72
C THR B 18 -27.61 -15.42 41.31
N MET B 19 -28.29 -14.31 41.53
CA MET B 19 -27.67 -13.09 42.00
C MET B 19 -27.03 -13.27 43.37
N GLY B 20 -27.71 -13.98 44.28
CA GLY B 20 -27.19 -14.13 45.63
C GLY B 20 -25.89 -14.90 45.67
N ALA B 21 -25.73 -15.90 44.83
CA ALA B 21 -24.45 -16.59 44.76
C ALA B 21 -23.35 -15.78 44.08
N ALA B 22 -23.61 -15.26 42.88
CA ALA B 22 -22.62 -14.49 42.14
C ALA B 22 -22.15 -13.19 42.78
N SER B 23 -23.04 -12.47 43.44
CA SER B 23 -22.68 -11.19 44.07
C SER B 23 -21.61 -11.35 45.15
N ILE B 24 -21.65 -12.44 45.91
CA ILE B 24 -20.61 -12.70 46.91
C ILE B 24 -19.26 -12.84 46.22
N THR B 25 -19.24 -13.49 45.07
CA THR B 25 -18.01 -13.69 44.33
C THR B 25 -17.74 -12.53 43.39
N LEU B 26 -18.57 -11.50 43.44
CA LEU B 26 -18.34 -10.33 42.62
C LEU B 26 -17.04 -9.76 43.09
N THR B 27 -16.82 -9.84 44.40
CA THR B 27 -15.59 -9.32 44.96
C THR B 27 -14.46 -10.07 44.30
N VAL B 28 -14.59 -11.40 44.19
CA VAL B 28 -13.55 -12.24 43.60
C VAL B 28 -13.26 -11.89 42.15
N GLN B 29 -14.27 -11.45 41.39
CA GLN B 29 -14.07 -11.18 39.99
C GLN B 29 -13.01 -10.14 39.83
N ALA B 30 -13.10 -9.06 40.58
CA ALA B 30 -12.02 -8.10 40.58
C ALA B 30 -10.80 -8.64 41.28
N ARG B 31 -11.03 -9.34 42.41
CA ARG B 31 -9.98 -9.81 43.35
C ARG B 31 -8.84 -10.68 42.80
N GLN B 32 -9.13 -11.83 42.18
CA GLN B 32 -8.10 -12.81 41.87
C GLN B 32 -7.08 -12.39 40.86
N LEU B 33 -7.50 -11.70 39.82
CA LEU B 33 -6.57 -11.38 38.75
C LEU B 33 -6.37 -9.90 38.55
N LEU B 34 -5.54 -9.55 37.58
CA LEU B 34 -5.34 -8.15 37.27
C LEU B 34 -6.67 -7.58 36.78
N SER B 35 -7.58 -8.46 36.33
CA SER B 35 -8.92 -8.04 35.88
C SER B 35 -8.88 -7.11 34.68
N GLY B 36 -9.55 -5.98 34.78
CA GLY B 36 -9.53 -5.02 33.69
C GLY B 36 -10.12 -3.69 34.09
N LEU B 54 1.01 -3.15 13.16
CA LEU B 54 1.27 -2.02 14.01
C LEU B 54 2.56 -1.46 13.48
N LEU B 55 2.51 -0.28 12.87
CA LEU B 55 3.71 0.29 12.24
C LEU B 55 4.14 -0.72 11.19
N GLN B 56 3.19 -1.44 10.62
CA GLN B 56 3.47 -2.37 9.54
C GLN B 56 2.19 -2.34 8.72
N LEU B 57 2.26 -2.68 7.44
CA LEU B 57 1.06 -2.76 6.63
C LEU B 57 0.80 -4.18 6.22
N THR B 58 1.32 -5.15 6.97
CA THR B 58 1.11 -6.55 6.67
C THR B 58 -0.33 -6.93 7.05
N VAL B 59 -0.75 -8.15 6.73
CA VAL B 59 -2.08 -8.58 7.09
C VAL B 59 -2.28 -8.66 8.58
N TRP B 60 -1.34 -9.25 9.31
CA TRP B 60 -1.41 -9.35 10.76
C TRP B 60 -1.26 -8.04 11.47
N GLY B 61 -0.39 -7.19 10.97
CA GLY B 61 -0.16 -5.90 11.59
C GLY B 61 -1.33 -4.98 11.62
N ILE B 62 -2.08 -4.87 10.55
CA ILE B 62 -3.29 -4.05 10.55
C ILE B 62 -4.37 -4.57 11.50
N LYS B 63 -4.52 -5.89 11.60
CA LYS B 63 -5.49 -6.49 12.49
C LYS B 63 -5.14 -6.15 13.92
N GLN B 64 -3.86 -6.14 14.24
CA GLN B 64 -3.44 -5.76 15.58
C GLN B 64 -3.75 -4.31 15.88
N LEU B 65 -3.59 -3.42 14.92
CA LEU B 65 -3.96 -2.04 15.15
C LEU B 65 -5.43 -1.86 15.44
N GLN B 66 -6.29 -2.54 14.69
CA GLN B 66 -7.71 -2.44 14.93
C GLN B 66 -8.10 -3.00 16.27
N ALA B 67 -7.48 -4.10 16.67
CA ALA B 67 -7.77 -4.70 17.95
C ALA B 67 -7.41 -3.82 19.14
N ARG B 68 -6.29 -3.12 19.08
CA ARG B 68 -5.91 -2.21 20.14
C ARG B 68 -6.87 -1.07 20.31
N VAL B 69 -7.28 -0.47 19.21
CA VAL B 69 -8.24 0.62 19.28
C VAL B 69 -9.55 0.13 19.83
N LEU B 70 -9.98 -1.07 19.49
CA LEU B 70 -11.27 -1.54 19.94
C LEU B 70 -11.33 -1.64 21.45
N ALA B 71 -10.30 -2.16 22.08
CA ALA B 71 -10.29 -2.26 23.51
C ALA B 71 -10.28 -0.94 24.24
N VAL B 72 -9.46 0.01 23.80
CA VAL B 72 -9.35 1.28 24.48
C VAL B 72 -10.65 1.97 24.36
N GLU B 73 -11.23 1.92 23.19
CA GLU B 73 -12.46 2.61 22.97
C GLU B 73 -13.58 2.06 23.81
N ARG B 74 -13.64 0.74 23.95
CA ARG B 74 -14.67 0.12 24.76
C ARG B 74 -14.59 0.44 26.23
N TYR B 75 -13.40 0.41 26.80
CA TYR B 75 -13.23 0.73 28.21
C TYR B 75 -13.65 2.14 28.47
N LEU B 76 -13.26 3.04 27.61
CA LEU B 76 -13.54 4.43 27.82
C LEU B 76 -15.02 4.64 27.69
N GLN B 77 -15.68 4.00 26.73
CA GLN B 77 -17.13 4.18 26.72
C GLN B 77 -17.76 3.70 28.01
N ASP B 78 -17.33 2.52 28.49
CA ASP B 78 -17.90 2.01 29.73
C ASP B 78 -17.58 2.94 30.90
N GLN B 79 -16.34 3.42 30.99
CA GLN B 79 -15.99 4.31 32.10
C GLN B 79 -16.67 5.67 31.97
N LYS B 80 -16.92 6.14 30.75
CA LYS B 80 -17.65 7.39 30.56
C LYS B 80 -19.09 7.24 31.04
N PHE B 81 -19.73 6.11 30.71
CA PHE B 81 -21.08 5.87 31.21
C PHE B 81 -21.10 5.77 32.73
N LEU B 82 -20.12 5.08 33.32
CA LEU B 82 -20.09 4.97 34.77
C LEU B 82 -19.86 6.32 35.44
N GLY B 83 -19.00 7.16 34.84
CA GLY B 83 -18.60 8.39 35.49
C GLY B 83 -19.72 9.41 35.63
N LEU B 84 -20.57 9.53 34.61
CA LEU B 84 -21.61 10.55 34.62
C LEU B 84 -22.57 10.42 35.78
N TRP B 85 -22.78 9.20 36.29
CA TRP B 85 -23.61 8.97 37.46
C TRP B 85 -22.86 9.17 38.77
N GLY B 86 -21.57 9.49 38.69
CA GLY B 86 -20.79 9.79 39.87
C GLY B 86 -20.32 8.62 40.68
N CYS B 87 -20.34 7.41 40.11
CA CYS B 87 -19.80 6.25 40.82
C CYS B 87 -18.28 6.28 40.85
N SER B 88 -17.66 6.74 39.76
CA SER B 88 -16.22 7.02 39.68
C SER B 88 -15.38 5.78 40.00
N GLY B 89 -15.53 4.78 39.14
CA GLY B 89 -14.67 3.61 39.19
C GLY B 89 -14.78 2.74 40.44
N LYS B 90 -16.02 2.41 40.84
CA LYS B 90 -16.28 1.54 42.01
C LYS B 90 -17.22 0.42 41.60
N ILE B 91 -16.98 -0.80 42.05
CA ILE B 91 -17.80 -1.93 41.60
C ILE B 91 -19.30 -1.92 41.97
N ILE B 92 -19.66 -1.57 43.20
CA ILE B 92 -21.08 -1.48 43.58
C ILE B 92 -21.35 -0.03 43.86
N CYS B 93 -22.33 0.55 43.17
CA CYS B 93 -22.61 1.97 43.31
C CYS B 93 -24.01 2.13 43.75
N CYS B 94 -24.22 2.88 44.84
CA CYS B 94 -25.60 3.10 45.33
C CYS B 94 -26.08 4.42 44.75
N THR B 95 -27.26 4.45 44.13
CA THR B 95 -27.72 5.70 43.55
C THR B 95 -29.03 6.03 44.17
N ALA B 96 -29.28 7.30 44.45
CA ALA B 96 -30.50 7.64 45.15
C ALA B 96 -31.67 7.69 44.23
N VAL B 97 -31.93 6.62 43.51
CA VAL B 97 -33.01 6.72 42.54
C VAL B 97 -34.10 5.73 42.95
N PRO B 98 -35.31 6.18 43.25
CA PRO B 98 -36.37 5.26 43.67
C PRO B 98 -36.76 4.31 42.54
N TRP B 99 -37.26 3.14 42.94
CA TRP B 99 -37.65 2.11 41.98
C TRP B 99 -39.05 2.38 41.48
N ASN B 100 -39.22 2.33 40.16
CA ASN B 100 -40.51 2.53 39.52
C ASN B 100 -41.15 1.18 39.20
N SER B 101 -42.42 1.03 39.59
CA SER B 101 -43.12 -0.24 39.41
C SER B 101 -43.40 -0.55 37.94
N SER B 102 -43.29 0.44 37.05
CA SER B 102 -43.39 0.15 35.62
C SER B 102 -42.21 -0.66 35.11
N TRP B 103 -41.02 -0.42 35.63
CA TRP B 103 -39.86 -1.16 35.17
C TRP B 103 -39.94 -2.62 35.60
N SER B 104 -40.43 -2.88 36.82
CA SER B 104 -40.51 -4.25 37.30
C SER B 104 -41.53 -4.39 38.41
N ASN B 105 -41.90 -5.64 38.68
CA ASN B 105 -42.88 -5.95 39.72
C ASN B 105 -42.34 -6.82 40.84
N LYS B 106 -41.39 -7.72 40.55
CA LYS B 106 -41.04 -8.77 41.50
C LYS B 106 -40.35 -8.20 42.74
N THR B 107 -40.46 -8.91 43.85
CA THR B 107 -39.90 -8.44 45.11
C THR B 107 -38.43 -8.84 45.21
N PHE B 108 -37.77 -8.38 46.27
CA PHE B 108 -36.32 -8.56 46.38
C PHE B 108 -35.95 -10.04 46.41
N GLU B 109 -36.72 -10.85 47.14
CA GLU B 109 -36.40 -12.27 47.28
C GLU B 109 -36.50 -12.99 45.95
N GLU B 110 -37.60 -12.79 45.22
CA GLU B 110 -37.79 -13.47 43.94
C GLU B 110 -37.05 -12.79 42.79
N ILE B 111 -36.38 -11.68 43.05
CA ILE B 111 -35.45 -11.13 42.06
C ILE B 111 -34.04 -11.66 42.30
N TRP B 112 -33.63 -11.77 43.56
CA TRP B 112 -32.26 -12.11 43.91
C TRP B 112 -32.07 -13.57 44.31
N ASN B 113 -33.10 -14.40 44.18
CA ASN B 113 -32.99 -15.79 44.61
C ASN B 113 -33.15 -16.82 43.50
N ASN B 114 -33.84 -16.49 42.41
CA ASN B 114 -34.05 -17.46 41.34
C ASN B 114 -33.95 -16.89 39.93
N MET B 115 -33.36 -15.71 39.73
CA MET B 115 -33.23 -15.13 38.40
C MET B 115 -31.78 -14.76 38.14
N THR B 116 -31.23 -15.29 37.05
CA THR B 116 -29.84 -15.01 36.69
C THR B 116 -29.71 -13.60 36.13
N TRP B 117 -28.45 -13.15 36.04
CA TRP B 117 -28.17 -11.79 35.58
C TRP B 117 -28.59 -11.60 34.13
N ILE B 118 -28.31 -12.59 33.27
CA ILE B 118 -28.71 -12.51 31.87
C ILE B 118 -30.22 -12.46 31.77
N GLU B 119 -30.91 -13.29 32.54
CA GLU B 119 -32.38 -13.29 32.52
C GLU B 119 -32.93 -11.93 32.93
N TRP B 120 -32.39 -11.36 34.00
CA TRP B 120 -32.86 -10.05 34.47
C TRP B 120 -32.59 -8.96 33.45
N GLU B 121 -31.37 -8.92 32.89
CA GLU B 121 -31.04 -7.89 31.92
C GLU B 121 -31.83 -8.05 30.62
N ARG B 122 -32.29 -9.27 30.31
CA ARG B 122 -33.21 -9.44 29.19
C ARG B 122 -34.61 -8.98 29.56
N GLU B 123 -35.01 -9.18 30.82
CA GLU B 123 -36.33 -8.77 31.27
C GLU B 123 -36.49 -7.26 31.23
N ILE B 124 -35.47 -6.53 31.71
CA ILE B 124 -35.62 -5.08 31.86
C ILE B 124 -34.82 -4.35 30.79
N SER B 125 -34.84 -4.89 29.58
CA SER B 125 -34.10 -4.29 28.45
C SER B 125 -34.92 -3.20 27.79
N ASN B 126 -36.15 -2.98 28.21
CA ASN B 126 -36.92 -1.91 27.60
C ASN B 126 -36.88 -0.59 28.36
N TYR B 127 -36.30 -0.65 29.56
CA TYR B 127 -36.21 0.52 30.44
C TYR B 127 -34.77 0.77 30.88
N THR B 128 -33.78 0.59 30.01
CA THR B 128 -32.41 0.96 30.35
C THR B 128 -32.13 2.43 30.02
N SER B 129 -32.67 2.91 28.89
CA SER B 129 -32.45 4.31 28.50
C SER B 129 -33.08 5.27 29.51
N GLN B 130 -34.32 4.99 29.91
CA GLN B 130 -34.97 5.83 30.91
C GLN B 130 -34.24 5.77 32.24
N ILE B 131 -33.75 4.59 32.62
CA ILE B 131 -32.99 4.47 33.87
C ILE B 131 -31.72 5.31 33.81
N TYR B 132 -31.02 5.26 32.67
CA TYR B 132 -29.79 6.04 32.50
C TYR B 132 -30.09 7.53 32.60
N ASP B 133 -31.15 7.98 31.91
CA ASP B 133 -31.50 9.39 31.94
C ASP B 133 -31.88 9.85 33.34
N ILE B 134 -32.66 9.04 34.06
CA ILE B 134 -33.05 9.39 35.42
C ILE B 134 -31.82 9.47 36.32
N LEU B 135 -30.89 8.52 36.17
CA LEU B 135 -29.67 8.55 36.97
C LEU B 135 -28.87 9.82 36.72
N THR B 136 -28.71 10.19 35.44
CA THR B 136 -27.96 11.40 35.12
C THR B 136 -28.63 12.65 35.68
N ILE B 137 -29.95 12.75 35.53
CA ILE B 137 -30.67 13.91 36.04
C ILE B 137 -30.56 13.99 37.56
N SER B 138 -30.67 12.84 38.24
CA SER B 138 -30.54 12.82 39.69
C SER B 138 -29.15 13.25 40.14
N GLN B 139 -28.11 12.79 39.42
CA GLN B 139 -26.76 13.22 39.76
C GLN B 139 -26.59 14.72 39.58
N THR B 140 -27.12 15.27 38.49
CA THR B 140 -27.01 16.71 38.28
C THR B 140 -27.75 17.49 39.37
N GLN B 141 -28.95 17.02 39.74
CA GLN B 141 -29.70 17.70 40.79
C GLN B 141 -28.97 17.64 42.12
N GLN B 142 -28.38 16.49 42.45
CA GLN B 142 -27.60 16.38 43.68
C GLN B 142 -26.39 17.30 43.65
N GLU B 143 -25.74 17.44 42.48
CA GLU B 143 -24.63 18.37 42.36
C GLU B 143 -25.07 19.81 42.64
N LYS B 144 -26.20 20.22 42.04
CA LYS B 144 -26.71 21.56 42.28
C LYS B 144 -27.06 21.78 43.74
N ASN B 145 -27.70 20.79 44.37
CA ASN B 145 -28.07 20.92 45.78
C ASN B 145 -26.82 21.00 46.66
N GLU B 146 -25.71 20.42 46.27
CA GLU B 146 -24.51 20.58 47.09
C GLU B 146 -23.95 21.99 47.14
N LYS B 147 -23.91 22.70 46.02
CA LYS B 147 -23.35 24.06 45.97
C LYS B 147 -24.09 25.02 46.85
N ASP B 148 -25.40 24.87 46.95
CA ASP B 148 -26.19 25.73 47.80
C ASP B 148 -25.77 25.63 49.24
N LEU B 149 -25.49 24.43 49.71
CA LEU B 149 -25.07 24.24 51.09
C LEU B 149 -23.76 24.96 51.34
N LEU B 150 -22.84 24.91 50.40
CA LEU B 150 -21.55 25.59 50.53
C LEU B 150 -21.69 27.09 50.37
N GLU B 151 -22.84 27.54 49.88
CA GLU B 151 -23.13 28.98 49.71
C GLU B 151 -22.51 29.62 48.47
N GLN C 1 -37.78 -21.28 1.86
CA GLN C 1 -38.28 -20.62 3.07
C GLN C 1 -38.81 -21.64 4.06
N ILE C 2 -39.74 -21.20 4.91
CA ILE C 2 -40.36 -22.06 5.91
C ILE C 2 -41.78 -22.41 5.46
N HIS C 3 -42.12 -23.69 5.58
CA HIS C 3 -43.45 -24.16 5.19
C HIS C 3 -43.78 -25.40 6.01
N LEU C 4 -45.02 -25.46 6.51
CA LEU C 4 -45.48 -26.56 7.34
C LEU C 4 -46.61 -27.31 6.66
N VAL C 5 -46.56 -28.63 6.72
CA VAL C 5 -47.62 -29.49 6.18
C VAL C 5 -47.91 -30.59 7.19
N GLN C 6 -49.19 -30.77 7.52
CA GLN C 6 -49.63 -31.82 8.42
C GLN C 6 -50.30 -32.94 7.63
N SER C 7 -50.91 -33.89 8.35
CA SER C 7 -51.55 -35.04 7.75
C SER C 7 -52.95 -34.64 7.26
N GLY C 8 -53.78 -35.63 6.90
CA GLY C 8 -55.12 -35.36 6.45
C GLY C 8 -56.14 -35.36 7.58
N THR C 9 -57.40 -35.16 7.19
CA THR C 9 -58.50 -35.14 8.14
C THR C 9 -59.00 -36.55 8.42
N GLU C 10 -59.51 -36.75 9.64
CA GLU C 10 -60.06 -38.03 10.06
C GLU C 10 -61.39 -37.82 10.77
N VAL C 11 -62.31 -38.76 10.56
CA VAL C 11 -63.59 -38.80 11.25
C VAL C 11 -63.65 -40.12 12.02
N LYS C 12 -63.74 -40.02 13.34
CA LYS C 12 -63.68 -41.21 14.19
C LYS C 12 -64.76 -41.20 15.25
N LYS C 13 -64.67 -42.12 16.20
CA LYS C 13 -65.67 -42.32 17.23
C LYS C 13 -64.98 -42.41 18.60
N PRO C 14 -65.71 -42.15 19.68
CA PRO C 14 -65.09 -42.15 21.01
C PRO C 14 -64.53 -43.52 21.37
N GLY C 15 -63.44 -43.50 22.15
CA GLY C 15 -62.77 -44.72 22.54
C GLY C 15 -61.79 -45.20 21.49
N SER C 16 -60.99 -44.29 20.96
CA SER C 16 -60.03 -44.61 19.91
C SER C 16 -58.79 -43.73 20.11
N SER C 17 -57.89 -43.77 19.12
CA SER C 17 -56.67 -42.98 19.15
C SER C 17 -56.34 -42.52 17.73
N VAL C 18 -55.82 -41.30 17.61
CA VAL C 18 -55.49 -40.73 16.31
C VAL C 18 -54.27 -39.85 16.49
N THR C 19 -53.46 -39.78 15.43
CA THR C 19 -52.21 -39.02 15.45
C THR C 19 -52.12 -38.13 14.22
N VAL C 20 -51.59 -36.92 14.40
CA VAL C 20 -51.32 -35.99 13.33
C VAL C 20 -49.84 -35.61 13.38
N SER C 21 -49.19 -35.61 12.22
CA SER C 21 -47.76 -35.36 12.12
C SER C 21 -47.50 -34.20 11.19
N CYS C 22 -46.67 -33.25 11.63
CA CYS C 22 -46.28 -32.11 10.82
C CYS C 22 -44.87 -32.33 10.29
N LYS C 23 -44.66 -31.95 9.03
CA LYS C 23 -43.37 -32.08 8.36
C LYS C 23 -42.92 -30.69 7.93
N ALA C 24 -41.86 -30.19 8.55
CA ALA C 24 -41.40 -28.82 8.35
C ALA C 24 -40.34 -28.79 7.26
N TYR C 25 -40.57 -27.98 6.23
CA TYR C 25 -39.60 -27.75 5.17
C TYR C 25 -38.97 -26.38 5.41
N GLY C 26 -37.81 -26.38 6.06
CA GLY C 26 -37.13 -25.13 6.35
C GLY C 26 -36.46 -25.09 7.71
N VAL C 27 -36.86 -26.00 8.59
CA VAL C 27 -36.25 -26.11 9.92
C VAL C 27 -35.01 -26.99 9.79
N ASN C 28 -33.83 -26.41 10.03
CA ASN C 28 -32.59 -27.17 9.92
C ASN C 28 -32.53 -28.28 10.96
N THR C 29 -32.94 -27.99 12.20
CA THR C 29 -33.02 -29.01 13.24
C THR C 29 -33.90 -28.48 14.36
N PHE C 30 -34.43 -29.40 15.15
CA PHE C 30 -35.25 -29.05 16.30
C PHE C 30 -34.41 -28.76 17.54
N GLY C 31 -33.08 -28.93 17.46
CA GLY C 31 -32.24 -28.60 18.59
C GLY C 31 -32.26 -27.12 18.92
N LEU C 32 -32.20 -26.27 17.91
CA LEU C 32 -32.29 -24.83 18.10
C LEU C 32 -33.61 -24.25 17.63
N TYR C 33 -34.62 -25.10 17.44
CA TYR C 33 -36.00 -24.72 17.21
C TYR C 33 -36.88 -25.32 18.30
N ALA C 34 -38.18 -25.08 18.19
CA ALA C 34 -39.14 -25.63 19.13
C ALA C 34 -40.48 -25.79 18.44
N VAL C 35 -41.19 -26.87 18.76
CA VAL C 35 -42.51 -27.15 18.21
C VAL C 35 -43.53 -26.99 19.32
N ASN C 36 -44.55 -26.16 19.07
CA ASN C 36 -45.63 -25.91 20.01
C ASN C 36 -46.92 -26.43 19.42
N TRP C 37 -47.62 -27.28 20.17
CA TRP C 37 -48.90 -27.83 19.71
C TRP C 37 -50.04 -26.96 20.21
N VAL C 38 -50.83 -26.40 19.30
CA VAL C 38 -51.97 -25.54 19.66
C VAL C 38 -53.24 -26.01 18.98
N ARG C 39 -54.31 -26.21 19.74
CA ARG C 39 -55.58 -26.68 19.21
C ARG C 39 -56.62 -25.60 19.13
N GLN C 40 -57.09 -25.27 17.94
CA GLN C 40 -58.13 -24.27 17.78
C GLN C 40 -59.39 -24.92 18.21
N ALA C 41 -60.45 -24.16 18.31
CA ALA C 41 -61.70 -24.70 18.82
C ALA C 41 -62.78 -24.46 17.79
N PRO C 42 -63.92 -25.16 17.90
CA PRO C 42 -64.89 -24.96 16.82
C PRO C 42 -65.33 -23.50 16.68
N GLY C 43 -65.65 -22.82 17.79
CA GLY C 43 -65.96 -21.40 17.71
C GLY C 43 -65.13 -20.57 18.67
N GLN C 44 -64.43 -21.22 19.59
CA GLN C 44 -63.69 -20.50 20.64
C GLN C 44 -62.26 -20.12 20.32
N SER C 45 -61.57 -19.58 21.32
CA SER C 45 -60.18 -19.19 21.15
C SER C 45 -59.25 -20.37 21.11
N LEU C 46 -58.03 -20.13 20.64
CA LEU C 46 -57.06 -21.19 20.54
C LEU C 46 -56.56 -21.68 21.91
N GLU C 47 -56.14 -22.94 22.01
CA GLU C 47 -55.61 -23.45 23.26
C GLU C 47 -54.20 -24.04 23.15
N TYR C 48 -53.53 -24.29 24.27
CA TYR C 48 -52.19 -24.86 24.25
C TYR C 48 -52.20 -26.28 24.79
N ILE C 49 -51.45 -27.19 24.17
CA ILE C 49 -51.35 -28.59 24.58
C ILE C 49 -49.99 -28.86 25.21
N GLY C 50 -48.93 -28.71 24.43
CA GLY C 50 -47.60 -29.07 24.89
C GLY C 50 -46.58 -28.71 23.85
N GLN C 51 -45.34 -29.12 24.11
CA GLN C 51 -44.24 -28.74 23.24
C GLN C 51 -43.08 -29.72 23.39
N ILE C 52 -42.20 -29.71 22.40
CA ILE C 52 -40.88 -30.32 22.49
C ILE C 52 -39.86 -29.21 22.36
N TRP C 53 -38.99 -29.08 23.36
CA TRP C 53 -38.02 -27.98 23.42
C TRP C 53 -36.72 -28.56 23.95
N ARG C 54 -35.68 -28.56 23.11
CA ARG C 54 -34.42 -29.25 23.40
C ARG C 54 -34.67 -30.72 23.71
N TRP C 55 -35.57 -31.34 22.94
CA TRP C 55 -35.91 -32.76 23.08
C TRP C 55 -36.38 -33.09 24.49
N LYS C 56 -37.14 -32.17 25.09
CA LYS C 56 -37.73 -32.35 26.42
C LYS C 56 -39.24 -32.19 26.27
N SER C 57 -39.95 -33.30 26.16
CA SER C 57 -41.39 -33.27 25.96
C SER C 57 -42.12 -32.80 27.22
N SER C 58 -43.23 -32.10 27.01
CA SER C 58 -44.06 -31.62 28.09
C SER C 58 -45.46 -31.34 27.55
N ALA C 59 -46.41 -31.20 28.46
CA ALA C 59 -47.79 -30.96 28.09
C ALA C 59 -48.48 -30.12 29.15
N SER C 60 -49.59 -29.51 28.76
CA SER C 60 -50.36 -28.66 29.68
C SER C 60 -50.99 -29.50 30.77
N HIS C 61 -51.40 -28.83 31.85
CA HIS C 61 -51.96 -29.53 33.01
C HIS C 61 -53.32 -30.13 32.72
N HIS C 62 -53.99 -29.69 31.66
CA HIS C 62 -55.29 -30.25 31.31
C HIS C 62 -55.20 -31.41 30.33
N PHE C 63 -54.00 -31.69 29.79
CA PHE C 63 -53.79 -32.79 28.86
C PHE C 63 -52.76 -33.79 29.35
N ARG C 64 -52.27 -33.64 30.59
CA ARG C 64 -51.28 -34.55 31.12
C ARG C 64 -51.87 -35.95 31.31
N GLY C 65 -51.11 -36.97 30.93
CA GLY C 65 -51.53 -38.34 31.04
C GLY C 65 -52.31 -38.87 29.85
N ARG C 66 -52.66 -38.01 28.90
CA ARG C 66 -53.38 -38.42 27.70
C ARG C 66 -52.59 -38.17 26.43
N VAL C 67 -52.28 -36.91 26.15
CA VAL C 67 -51.61 -36.56 24.87
C VAL C 67 -50.13 -36.97 24.95
N LEU C 68 -49.55 -37.47 23.84
CA LEU C 68 -48.12 -37.86 23.79
C LEU C 68 -47.42 -37.11 22.65
N ILE C 69 -46.17 -36.70 22.83
CA ILE C 69 -45.53 -35.90 21.80
C ILE C 69 -44.15 -36.47 21.50
N SER C 70 -43.83 -36.61 20.22
CA SER C 70 -42.53 -37.12 19.79
C SER C 70 -42.13 -36.44 18.50
N ALA C 71 -40.82 -36.45 18.22
CA ALA C 71 -40.30 -35.77 17.04
C ALA C 71 -38.98 -36.38 16.63
N VAL C 72 -38.74 -36.41 15.32
CA VAL C 72 -37.48 -36.84 14.73
C VAL C 72 -37.04 -35.78 13.73
N ASP C 73 -35.77 -35.39 13.80
CA ASP C 73 -35.23 -34.31 12.99
C ASP C 73 -34.68 -34.87 11.67
N LEU C 74 -33.88 -34.06 10.96
CA LEU C 74 -33.40 -34.36 9.61
C LEU C 74 -32.93 -35.80 9.46
N THR C 75 -33.32 -36.41 8.34
CA THR C 75 -32.86 -37.72 7.92
C THR C 75 -32.27 -37.62 6.52
N GLY C 76 -31.94 -38.77 5.93
CA GLY C 76 -31.38 -38.78 4.60
C GLY C 76 -32.37 -38.33 3.54
N SER C 77 -33.63 -38.71 3.69
CA SER C 77 -34.66 -38.41 2.70
C SER C 77 -35.81 -37.56 3.23
N SER C 78 -36.11 -37.62 4.52
CA SER C 78 -37.27 -36.93 5.07
C SER C 78 -36.85 -35.68 5.84
N PRO C 79 -37.72 -34.67 5.91
CA PRO C 79 -37.44 -33.49 6.73
C PRO C 79 -37.77 -33.78 8.19
N PRO C 80 -37.50 -32.84 9.09
CA PRO C 80 -37.89 -33.06 10.49
C PRO C 80 -39.39 -33.27 10.64
N ILE C 81 -39.77 -34.19 11.51
CA ILE C 81 -41.15 -34.59 11.71
C ILE C 81 -41.46 -34.59 13.20
N SER C 82 -42.61 -34.03 13.57
CA SER C 82 -43.06 -34.01 14.97
C SER C 82 -44.48 -34.53 14.96
N SER C 83 -44.88 -35.25 16.00
CA SER C 83 -46.20 -35.87 15.99
C SER C 83 -46.97 -35.73 17.29
N LEU C 84 -48.30 -35.70 17.23
CA LEU C 84 -49.13 -35.61 18.43
C LEU C 84 -50.11 -36.76 18.42
N GLU C 85 -50.23 -37.46 19.54
CA GLU C 85 -51.16 -38.57 19.64
C GLU C 85 -52.22 -38.29 20.68
N ILE C 86 -53.49 -38.44 20.28
CA ILE C 86 -54.64 -38.24 21.23
C ILE C 86 -55.09 -39.62 21.71
N LYS C 87 -55.06 -39.86 23.03
CA LYS C 87 -55.45 -41.16 23.56
C LYS C 87 -56.75 -41.01 24.34
N ASN C 88 -57.63 -42.02 24.31
CA ASN C 88 -58.96 -41.94 24.97
C ASN C 88 -59.70 -40.80 24.34
N LEU C 89 -60.09 -40.95 23.07
CA LEU C 89 -60.73 -39.88 22.31
C LEU C 89 -62.15 -39.59 22.76
N THR C 90 -62.54 -38.32 22.78
CA THR C 90 -63.85 -37.92 23.28
C THR C 90 -64.49 -36.88 22.40
N SER C 91 -65.76 -36.56 22.65
CA SER C 91 -66.48 -35.56 21.85
C SER C 91 -65.86 -34.17 21.91
N ASP C 92 -65.24 -33.81 23.03
CA ASP C 92 -64.62 -32.48 23.20
C ASP C 92 -63.39 -32.27 22.31
N ASP C 93 -62.91 -33.32 21.68
CA ASP C 93 -61.72 -33.25 20.85
C ASP C 93 -62.05 -32.83 19.42
N THR C 94 -63.27 -32.40 19.18
CA THR C 94 -63.69 -32.04 17.84
C THR C 94 -63.23 -30.66 17.51
N ALA C 95 -61.99 -30.53 17.08
CA ALA C 95 -61.46 -29.23 16.69
C ALA C 95 -60.29 -29.34 15.77
N VAL C 96 -59.92 -28.26 15.12
CA VAL C 96 -58.72 -28.26 14.28
C VAL C 96 -57.46 -28.37 15.13
N TYR C 97 -56.32 -28.68 14.55
CA TYR C 97 -55.08 -28.70 15.32
C TYR C 97 -54.01 -28.00 14.53
N PHE C 98 -53.00 -27.44 15.19
CA PHE C 98 -51.88 -26.82 14.48
C PHE C 98 -50.55 -27.23 15.08
N CYS C 99 -49.47 -27.16 14.32
CA CYS C 99 -48.15 -27.49 14.81
C CYS C 99 -47.45 -26.20 14.47
N THR C 100 -46.68 -25.64 15.39
CA THR C 100 -46.10 -24.31 15.18
C THR C 100 -44.66 -24.30 15.60
N THR C 101 -43.84 -23.43 15.01
CA THR C 101 -42.45 -23.32 15.40
C THR C 101 -41.96 -21.90 15.57
N THR C 102 -41.06 -21.63 16.51
CA THR C 102 -40.46 -20.29 16.64
C THR C 102 -38.96 -20.50 16.81
N SER C 103 -38.12 -19.56 16.38
CA SER C 103 -36.68 -19.82 16.44
C SER C 103 -36.08 -19.54 17.79
N THR C 104 -35.16 -20.41 18.21
CA THR C 104 -34.53 -20.22 19.51
C THR C 104 -33.03 -19.98 19.53
N TYR C 105 -32.46 -19.65 18.39
CA TYR C 105 -31.03 -19.45 18.33
C TYR C 105 -30.54 -18.27 19.13
N ASP C 106 -31.22 -17.14 19.16
CA ASP C 106 -30.75 -16.04 20.02
C ASP C 106 -31.63 -15.75 21.23
N ARG C 107 -31.02 -15.68 22.40
CA ARG C 107 -31.75 -15.40 23.61
C ARG C 107 -32.38 -14.04 23.58
N TRP C 108 -31.70 -13.07 23.01
CA TRP C 108 -32.14 -11.68 23.04
C TRP C 108 -33.18 -11.16 22.08
N SER C 109 -33.68 -11.99 21.19
CA SER C 109 -34.70 -11.57 20.22
C SER C 109 -36.04 -11.17 20.79
N GLY C 110 -36.55 -11.90 21.77
CA GLY C 110 -37.86 -11.59 22.26
C GLY C 110 -38.96 -12.49 21.77
N LEU C 111 -38.67 -13.56 21.00
CA LEU C 111 -39.69 -14.52 20.58
C LEU C 111 -39.87 -15.67 21.56
N HIS C 112 -39.04 -15.74 22.62
CA HIS C 112 -39.16 -16.79 23.62
C HIS C 112 -38.74 -16.24 24.96
N HIS C 113 -39.24 -16.87 26.03
CA HIS C 113 -38.91 -16.44 27.39
C HIS C 113 -39.07 -17.64 28.31
N ASP C 114 -37.95 -18.26 28.67
CA ASP C 114 -37.91 -19.34 29.66
C ASP C 114 -38.83 -20.50 29.26
N GLY C 115 -38.88 -20.79 27.96
CA GLY C 115 -39.64 -21.90 27.45
C GLY C 115 -41.06 -21.58 27.03
N VAL C 116 -41.62 -20.47 27.50
CA VAL C 116 -42.93 -20.02 27.09
C VAL C 116 -42.72 -18.96 26.02
N MET C 117 -43.17 -19.25 24.79
CA MET C 117 -42.76 -18.46 23.64
C MET C 117 -43.98 -18.12 22.80
N ALA C 118 -43.74 -17.36 21.74
CA ALA C 118 -44.77 -16.99 20.77
C ALA C 118 -45.01 -18.15 19.81
N PHE C 119 -45.71 -17.86 18.72
CA PHE C 119 -45.99 -18.83 17.66
C PHE C 119 -45.77 -18.12 16.33
N SER C 120 -44.61 -18.37 15.71
CA SER C 120 -44.21 -17.59 14.54
C SER C 120 -44.84 -18.13 13.25
N SER C 121 -44.52 -19.37 12.90
CA SER C 121 -44.98 -19.96 11.65
C SER C 121 -46.04 -21.01 11.92
N TRP C 122 -47.19 -20.87 11.28
CA TRP C 122 -48.35 -21.71 11.51
C TRP C 122 -48.61 -22.61 10.31
N GLY C 123 -49.04 -23.85 10.58
CA GLY C 123 -49.42 -24.77 9.54
C GLY C 123 -50.82 -24.52 9.03
N GLN C 124 -51.21 -25.34 8.06
CA GLN C 124 -52.54 -25.19 7.46
C GLN C 124 -53.63 -25.67 8.40
N GLY C 125 -53.41 -26.78 9.09
CA GLY C 125 -54.38 -27.31 10.03
C GLY C 125 -55.14 -28.50 9.48
N THR C 126 -55.55 -29.38 10.39
CA THR C 126 -56.28 -30.60 10.04
C THR C 126 -57.54 -30.68 10.90
N LEU C 127 -58.70 -30.55 10.27
CA LEU C 127 -59.95 -30.67 11.00
C LEU C 127 -60.16 -32.12 11.42
N ILE C 128 -60.47 -32.32 12.70
CA ILE C 128 -60.75 -33.64 13.25
C ILE C 128 -62.05 -33.55 14.02
N SER C 129 -63.03 -34.36 13.63
CA SER C 129 -64.35 -34.37 14.26
C SER C 129 -64.73 -35.80 14.64
N VAL C 130 -65.41 -35.94 15.76
CA VAL C 130 -65.85 -37.25 16.24
C VAL C 130 -67.28 -37.16 16.77
N ASP D 1 -53.72 -20.22 34.84
CA ASP D 1 -52.95 -19.42 35.78
C ASP D 1 -53.29 -17.94 35.66
N ILE D 2 -53.01 -17.35 34.49
CA ILE D 2 -53.33 -15.94 34.23
C ILE D 2 -54.48 -15.93 33.23
N GLN D 3 -55.24 -14.84 33.17
CA GLN D 3 -56.36 -14.74 32.25
C GLN D 3 -56.23 -13.43 31.50
N MET D 4 -56.75 -13.39 30.28
CA MET D 4 -56.69 -12.17 29.49
C MET D 4 -58.01 -11.90 28.81
N THR D 5 -58.37 -10.64 28.64
CA THR D 5 -59.62 -10.27 27.97
C THR D 5 -59.38 -9.20 26.94
N GLN D 6 -60.04 -9.32 25.79
CA GLN D 6 -59.90 -8.27 24.80
C GLN D 6 -61.21 -7.63 24.41
N SER D 7 -61.23 -6.29 24.38
CA SER D 7 -62.42 -5.58 23.97
C SER D 7 -61.94 -4.43 23.11
N PRO D 8 -62.69 -3.89 22.12
CA PRO D 8 -64.08 -4.24 21.83
C PRO D 8 -64.15 -5.66 21.25
N SER D 9 -65.19 -6.42 21.61
CA SER D 9 -65.32 -7.81 21.17
C SER D 9 -65.68 -7.93 19.69
N THR D 10 -66.58 -7.11 19.18
CA THR D 10 -66.89 -7.13 17.76
C THR D 10 -66.88 -5.69 17.29
N LEU D 11 -66.33 -5.44 16.10
CA LEU D 11 -66.21 -4.05 15.67
C LEU D 11 -66.58 -3.85 14.21
N SER D 12 -67.03 -2.64 13.90
CA SER D 12 -67.39 -2.32 12.53
C SER D 12 -66.57 -1.12 12.12
N ALA D 13 -65.97 -1.18 10.94
CA ALA D 13 -65.19 -0.05 10.46
C ALA D 13 -65.07 0.01 8.96
N SER D 14 -64.85 1.22 8.44
CA SER D 14 -64.67 1.41 7.02
C SER D 14 -63.21 1.67 6.69
N THR D 15 -62.91 1.71 5.39
CA THR D 15 -61.55 1.96 4.94
C THR D 15 -61.13 3.39 5.28
N GLY D 16 -59.89 3.53 5.75
CA GLY D 16 -59.36 4.83 6.11
C GLY D 16 -59.63 5.28 7.51
N ASP D 17 -60.18 4.42 8.37
CA ASP D 17 -60.49 4.76 9.75
C ASP D 17 -59.55 4.03 10.69
N THR D 18 -59.05 4.73 11.69
CA THR D 18 -58.18 4.11 12.69
C THR D 18 -59.00 3.20 13.60
N VAL D 19 -58.41 2.07 13.97
CA VAL D 19 -59.06 1.05 14.79
C VAL D 19 -58.32 0.97 16.12
N ARG D 20 -59.07 0.92 17.21
CA ARG D 20 -58.51 0.84 18.56
C ARG D 20 -59.07 -0.41 19.24
N ILE D 21 -58.33 -1.52 19.14
CA ILE D 21 -58.65 -2.75 19.86
C ILE D 21 -57.68 -2.87 21.03
N SER D 22 -58.22 -3.15 22.21
CA SER D 22 -57.44 -3.14 23.44
C SER D 22 -57.38 -4.53 24.05
N CYS D 23 -56.36 -4.75 24.88
CA CYS D 23 -56.15 -6.02 25.56
C CYS D 23 -55.85 -5.75 27.02
N ARG D 24 -56.42 -6.59 27.90
CA ARG D 24 -56.25 -6.44 29.34
C ARG D 24 -55.89 -7.79 29.95
N ALA D 25 -54.97 -7.76 30.92
CA ALA D 25 -54.53 -8.95 31.61
C ALA D 25 -54.78 -8.80 33.11
N SER D 26 -55.03 -9.94 33.77
CA SER D 26 -55.29 -9.91 35.21
C SER D 26 -54.07 -9.43 35.98
N GLN D 27 -52.88 -9.89 35.60
CA GLN D 27 -51.65 -9.50 36.25
C GLN D 27 -50.98 -8.37 35.47
N SER D 28 -49.85 -7.90 35.99
CA SER D 28 -49.08 -6.83 35.37
C SER D 28 -47.94 -7.45 34.58
N ILE D 29 -48.02 -7.36 33.25
CA ILE D 29 -46.96 -7.90 32.38
C ILE D 29 -45.97 -6.76 32.18
N THR D 30 -45.05 -6.64 33.14
CA THR D 30 -44.05 -5.58 33.10
C THR D 30 -42.93 -5.87 32.12
N GLY D 31 -42.75 -7.12 31.74
CA GLY D 31 -41.75 -7.47 30.75
C GLY D 31 -42.16 -7.24 29.32
N ASN D 32 -43.38 -6.76 29.10
CA ASN D 32 -43.92 -6.49 27.76
C ASN D 32 -43.94 -7.77 26.92
N TRP D 33 -44.47 -8.84 27.51
CA TRP D 33 -44.59 -10.13 26.84
C TRP D 33 -46.03 -10.29 26.36
N VAL D 34 -46.31 -9.70 25.19
CA VAL D 34 -47.63 -9.76 24.56
C VAL D 34 -47.44 -9.87 23.06
N ALA D 35 -48.27 -10.68 22.41
CA ALA D 35 -48.22 -10.86 20.96
C ALA D 35 -49.61 -10.72 20.37
N TRP D 36 -49.65 -10.32 19.09
CA TRP D 36 -50.89 -10.06 18.38
C TRP D 36 -50.99 -10.94 17.14
N TYR D 37 -52.20 -11.37 16.82
CA TYR D 37 -52.47 -12.21 15.67
C TYR D 37 -53.58 -11.61 14.82
N GLN D 38 -53.66 -12.07 13.57
CA GLN D 38 -54.69 -11.64 12.64
C GLN D 38 -54.91 -12.75 11.62
N GLN D 39 -56.00 -13.50 11.78
CA GLN D 39 -56.32 -14.60 10.87
C GLN D 39 -57.43 -14.17 9.91
N ARG D 40 -57.26 -14.49 8.64
CA ARG D 40 -58.33 -14.34 7.67
C ARG D 40 -59.34 -15.47 7.86
N PRO D 41 -60.58 -15.28 7.43
CA PRO D 41 -61.62 -16.29 7.65
C PRO D 41 -61.19 -17.64 7.07
N GLY D 42 -61.35 -18.68 7.89
CA GLY D 42 -60.94 -20.02 7.49
C GLY D 42 -59.46 -20.16 7.24
N LYS D 43 -58.63 -19.44 8.00
CA LYS D 43 -57.19 -19.49 7.82
C LYS D 43 -56.51 -19.48 9.19
N ALA D 44 -55.28 -20.02 9.20
CA ALA D 44 -54.52 -20.07 10.44
C ALA D 44 -54.06 -18.67 10.84
N PRO D 45 -53.99 -18.36 12.14
CA PRO D 45 -53.51 -17.05 12.56
C PRO D 45 -52.05 -16.85 12.20
N ARG D 46 -51.68 -15.59 11.98
CA ARG D 46 -50.32 -15.20 11.67
C ARG D 46 -49.82 -14.20 12.69
N LEU D 47 -48.58 -14.37 13.12
CA LEU D 47 -47.97 -13.42 14.06
C LEU D 47 -47.72 -12.09 13.36
N LEU D 48 -48.10 -11.00 14.02
CA LEU D 48 -47.91 -9.66 13.49
C LEU D 48 -47.03 -8.80 14.38
N ILE D 49 -47.26 -8.83 15.69
CA ILE D 49 -46.50 -8.04 16.66
C ILE D 49 -46.07 -8.97 17.79
N TYR D 50 -44.80 -8.88 18.17
CA TYR D 50 -44.27 -9.60 19.32
C TYR D 50 -43.54 -8.62 20.23
N ARG D 51 -43.49 -8.96 21.52
CA ARG D 51 -42.86 -8.11 22.53
C ARG D 51 -43.43 -6.69 22.48
N GLY D 52 -44.75 -6.60 22.48
CA GLY D 52 -45.42 -5.32 22.56
C GLY D 52 -45.52 -4.54 21.26
N ALA D 53 -44.37 -4.14 20.68
CA ALA D 53 -44.40 -3.24 19.53
C ALA D 53 -43.34 -3.58 18.49
N ALA D 54 -42.99 -4.84 18.33
CA ALA D 54 -41.97 -5.25 17.36
C ALA D 54 -42.63 -5.87 16.13
N LEU D 55 -42.29 -5.35 14.96
CA LEU D 55 -42.86 -5.80 13.70
C LEU D 55 -42.00 -6.90 13.08
N LEU D 56 -42.67 -7.87 12.45
CA LEU D 56 -41.96 -8.90 11.72
C LEU D 56 -41.57 -8.41 10.33
N GLY D 57 -40.82 -9.25 9.62
CA GLY D 57 -40.41 -8.91 8.27
C GLY D 57 -41.51 -9.18 7.26
N GLY D 58 -41.53 -8.35 6.21
CA GLY D 58 -42.53 -8.50 5.17
C GLY D 58 -43.95 -8.26 5.63
N VAL D 59 -44.17 -7.26 6.47
CA VAL D 59 -45.50 -6.97 7.03
C VAL D 59 -45.78 -5.50 6.85
N PRO D 60 -47.02 -5.10 6.50
CA PRO D 60 -47.32 -3.68 6.34
C PRO D 60 -47.06 -2.90 7.62
N SER D 61 -46.56 -1.68 7.45
CA SER D 61 -46.17 -0.84 8.57
C SER D 61 -47.33 -0.15 9.26
N ARG D 62 -48.55 -0.22 8.70
CA ARG D 62 -49.69 0.43 9.32
C ARG D 62 -50.05 -0.19 10.66
N PHE D 63 -49.69 -1.46 10.89
CA PHE D 63 -49.93 -2.08 12.18
C PHE D 63 -48.94 -1.54 13.21
N ARG D 64 -49.45 -1.03 14.32
CA ARG D 64 -48.64 -0.47 15.39
C ARG D 64 -49.20 -0.88 16.73
N GLY D 65 -48.31 -1.12 17.68
CA GLY D 65 -48.71 -1.56 19.01
C GLY D 65 -48.16 -0.64 20.08
N SER D 66 -48.91 -0.52 21.16
CA SER D 66 -48.51 0.26 22.32
C SER D 66 -48.70 -0.59 23.57
N ALA D 67 -47.76 -0.46 24.50
CA ALA D 67 -47.73 -1.29 25.69
C ALA D 67 -47.39 -0.44 26.90
N ALA D 68 -48.26 -0.47 27.91
CA ALA D 68 -48.06 0.27 29.16
C ALA D 68 -48.79 -0.47 30.28
N GLY D 69 -48.03 -1.25 31.05
CA GLY D 69 -48.59 -1.97 32.17
C GLY D 69 -49.62 -3.00 31.81
N THR D 70 -50.89 -2.72 32.15
CA THR D 70 -51.98 -3.64 31.89
C THR D 70 -52.63 -3.42 30.54
N ASP D 71 -52.63 -2.20 30.04
CA ASP D 71 -53.33 -1.86 28.80
C ASP D 71 -52.41 -2.11 27.61
N PHE D 72 -52.76 -3.10 26.79
CA PHE D 72 -52.08 -3.37 25.53
C PHE D 72 -53.05 -3.10 24.39
N THR D 73 -52.61 -2.34 23.40
CA THR D 73 -53.48 -1.95 22.29
C THR D 73 -52.75 -2.12 20.97
N LEU D 74 -53.52 -2.31 19.91
CA LEU D 74 -53.01 -2.44 18.55
C LEU D 74 -53.79 -1.49 17.66
N THR D 75 -53.08 -0.65 16.90
CA THR D 75 -53.68 0.38 16.07
C THR D 75 -53.50 0.04 14.60
N ILE D 76 -54.59 0.01 13.86
CA ILE D 76 -54.57 -0.27 12.42
C ILE D 76 -55.08 0.98 11.72
N GLY D 77 -54.15 1.81 11.22
CA GLY D 77 -54.53 2.98 10.47
C GLY D 77 -54.61 2.71 8.99
N ASN D 78 -55.56 3.38 8.33
CA ASN D 78 -55.80 3.21 6.90
C ASN D 78 -56.07 1.74 6.55
N LEU D 79 -57.18 1.23 7.07
CA LEU D 79 -57.53 -0.18 6.90
C LEU D 79 -57.79 -0.49 5.43
N GLN D 80 -57.42 -1.70 5.01
CA GLN D 80 -57.77 -2.23 3.71
C GLN D 80 -58.67 -3.45 3.88
N ALA D 81 -59.12 -3.99 2.75
CA ALA D 81 -59.97 -5.18 2.78
C ALA D 81 -59.17 -6.42 3.16
N GLU D 82 -57.87 -6.42 2.85
CA GLU D 82 -57.02 -7.58 3.14
C GLU D 82 -56.81 -7.79 4.63
N ASP D 83 -57.04 -6.76 5.45
CA ASP D 83 -56.71 -6.84 6.87
C ASP D 83 -57.89 -7.18 7.75
N PHE D 84 -59.07 -7.46 7.19
CA PHE D 84 -60.17 -7.93 8.00
C PHE D 84 -59.95 -9.38 8.43
N GLY D 85 -60.53 -9.74 9.57
CA GLY D 85 -60.38 -11.08 10.10
C GLY D 85 -60.64 -11.08 11.59
N THR D 86 -59.99 -12.02 12.27
CA THR D 86 -60.10 -12.17 13.72
C THR D 86 -58.73 -11.92 14.34
N PHE D 87 -58.71 -11.11 15.39
CA PHE D 87 -57.47 -10.73 16.07
C PHE D 87 -57.40 -11.40 17.44
N TYR D 88 -56.18 -11.65 17.90
CA TYR D 88 -55.95 -12.37 19.14
C TYR D 88 -54.86 -11.70 19.96
N CYS D 89 -54.89 -11.94 21.26
CA CYS D 89 -53.93 -11.38 22.21
C CYS D 89 -53.48 -12.48 23.15
N GLN D 90 -52.16 -12.70 23.21
CA GLN D 90 -51.61 -13.81 23.98
C GLN D 90 -50.49 -13.39 24.91
N GLN D 91 -50.30 -14.12 26.01
CA GLN D 91 -49.25 -13.77 26.94
C GLN D 91 -48.14 -14.81 26.85
N TYR D 92 -46.92 -14.37 26.69
CA TYR D 92 -45.86 -15.33 26.78
C TYR D 92 -45.05 -15.17 28.06
N ASP D 93 -45.62 -14.55 29.07
CA ASP D 93 -44.94 -14.38 30.35
C ASP D 93 -44.89 -15.61 31.23
N THR D 94 -46.04 -16.15 31.60
CA THR D 94 -46.10 -17.30 32.50
C THR D 94 -46.67 -18.54 31.88
N TYR D 95 -46.23 -19.69 32.35
CA TYR D 95 -46.74 -20.94 31.87
C TYR D 95 -48.17 -21.09 32.38
N PRO D 96 -49.02 -21.78 31.63
CA PRO D 96 -49.10 -22.00 30.18
C PRO D 96 -49.47 -20.75 29.42
N GLY D 97 -49.13 -20.70 28.14
CA GLY D 97 -49.48 -19.54 27.32
C GLY D 97 -50.97 -19.45 27.25
N THR D 98 -51.50 -18.24 27.16
CA THR D 98 -52.95 -18.07 27.17
C THR D 98 -53.30 -17.19 26.00
N PHE D 99 -54.54 -17.27 25.54
CA PHE D 99 -54.96 -16.53 24.37
C PHE D 99 -56.14 -15.63 24.70
N GLY D 100 -56.32 -14.59 23.92
CA GLY D 100 -57.39 -13.66 24.17
C GLY D 100 -58.71 -14.26 23.82
N GLN D 101 -59.78 -13.69 24.36
CA GLN D 101 -61.12 -14.22 24.08
C GLN D 101 -61.38 -14.31 22.58
N GLY D 102 -60.91 -13.34 21.81
CA GLY D 102 -61.11 -13.37 20.37
C GLY D 102 -62.02 -12.23 19.95
N THR D 103 -61.52 -11.40 19.02
CA THR D 103 -62.26 -10.24 18.53
C THR D 103 -62.33 -10.31 17.00
N LYS D 104 -63.51 -9.99 16.43
CA LYS D 104 -63.67 -9.93 14.95
C LYS D 104 -63.98 -8.52 14.45
N VAL D 105 -63.40 -8.13 13.32
CA VAL D 105 -63.68 -6.82 12.74
C VAL D 105 -64.31 -7.03 11.38
N GLU D 106 -65.46 -6.39 11.13
CA GLU D 106 -66.19 -6.61 9.89
C GLU D 106 -66.50 -5.30 9.18
N VAL D 107 -66.72 -5.37 7.87
CA VAL D 107 -66.97 -4.17 7.07
C VAL D 107 -67.94 -3.21 7.71
N ASN E 4 -16.04 37.22 49.36
CA ASN E 4 -15.01 37.00 48.37
C ASN E 4 -15.46 36.04 47.30
N LEU E 5 -14.61 35.77 46.32
CA LEU E 5 -14.98 34.95 45.22
C LEU E 5 -13.91 33.90 45.13
N TRP E 6 -14.24 32.70 44.71
CA TRP E 6 -13.27 31.64 44.55
C TRP E 6 -13.40 30.98 43.20
N VAL E 7 -12.30 30.52 42.64
CA VAL E 7 -12.33 29.91 41.32
C VAL E 7 -13.17 28.68 41.36
N THR E 8 -13.97 28.42 40.33
CA THR E 8 -14.75 27.20 40.25
C THR E 8 -14.62 26.71 38.84
N VAL E 9 -14.57 25.40 38.61
CA VAL E 9 -14.36 24.90 37.27
C VAL E 9 -15.54 24.15 36.69
N TYR E 10 -15.95 24.51 35.47
CA TYR E 10 -17.10 23.88 34.81
C TYR E 10 -16.75 23.02 33.61
N TYR E 11 -17.37 21.84 33.46
CA TYR E 11 -17.16 21.01 32.30
C TYR E 11 -18.40 21.02 31.47
N GLY E 12 -18.32 21.34 30.20
CA GLY E 12 -19.51 21.43 29.40
C GLY E 12 -20.05 22.77 29.05
N VAL E 13 -19.31 23.83 29.31
CA VAL E 13 -19.75 25.16 28.94
C VAL E 13 -19.80 25.40 27.41
N PRO E 14 -20.66 26.33 26.93
CA PRO E 14 -20.79 26.53 25.49
C PRO E 14 -19.74 27.44 24.82
N VAL E 15 -18.53 26.95 24.51
CA VAL E 15 -17.45 27.74 23.87
C VAL E 15 -16.83 26.98 22.71
N TRP E 16 -16.51 27.65 21.61
CA TRP E 16 -15.93 27.02 20.43
C TRP E 16 -14.98 27.89 19.67
N ARG E 17 -14.04 27.29 18.97
CA ARG E 17 -13.12 28.03 18.16
C ARG E 17 -12.95 27.31 16.85
N ASP E 18 -12.70 28.02 15.76
CA ASP E 18 -12.61 27.41 14.45
C ASP E 18 -11.47 26.45 14.33
N ALA E 19 -11.68 25.37 13.60
CA ALA E 19 -10.68 24.34 13.48
C ALA E 19 -10.86 23.54 12.23
N ASP E 20 -9.93 22.63 11.93
CA ASP E 20 -9.98 21.82 10.73
C ASP E 20 -9.60 20.39 11.03
N THR E 21 -10.44 19.42 10.66
CA THR E 21 -10.20 18.03 10.98
C THR E 21 -10.59 17.07 9.90
N THR E 22 -10.27 15.79 10.08
CA THR E 22 -10.71 14.77 9.12
C THR E 22 -12.17 14.46 9.37
N LEU E 23 -12.97 14.61 8.34
CA LEU E 23 -14.36 14.36 8.47
C LEU E 23 -14.58 13.07 7.71
N PHE E 24 -15.08 12.02 8.37
CA PHE E 24 -15.23 10.71 7.73
C PHE E 24 -16.45 10.65 6.85
N CYS E 25 -16.58 9.59 6.08
CA CYS E 25 -17.76 9.47 5.28
C CYS E 25 -18.83 8.57 5.79
N ALA E 26 -20.09 8.96 5.63
CA ALA E 26 -21.23 8.14 6.05
C ALA E 26 -22.23 8.13 4.93
N SER E 27 -22.98 7.06 4.78
CA SER E 27 -23.91 6.95 3.66
C SER E 27 -25.32 6.57 4.07
N ASP E 28 -26.23 6.50 3.10
CA ASP E 28 -27.63 6.16 3.38
C ASP E 28 -27.79 4.70 3.62
N ALA E 29 -28.97 4.27 4.07
CA ALA E 29 -29.11 2.89 4.46
C ALA E 29 -29.29 1.88 3.37
N LYS E 30 -28.28 1.81 2.49
CA LYS E 30 -28.18 0.84 1.38
C LYS E 30 -26.80 0.20 1.57
N ALA E 31 -26.72 -1.10 1.89
CA ALA E 31 -25.42 -1.60 2.25
C ALA E 31 -24.44 -1.14 1.18
N TYR E 32 -24.91 -1.06 -0.06
CA TYR E 32 -24.08 -0.66 -1.19
C TYR E 32 -25.09 -0.37 -2.26
N GLU E 33 -24.67 0.23 -3.35
CA GLU E 33 -25.60 0.43 -4.43
C GLU E 33 -25.97 -0.87 -5.13
N THR E 34 -27.08 -1.51 -4.80
CA THR E 34 -27.55 -2.67 -5.57
C THR E 34 -26.49 -3.70 -5.88
N GLU E 35 -25.67 -4.09 -4.91
CA GLU E 35 -24.58 -5.01 -5.18
C GLU E 35 -23.71 -4.72 -6.42
N VAL E 36 -23.71 -3.47 -6.89
CA VAL E 36 -22.84 -3.09 -7.99
C VAL E 36 -21.86 -2.11 -7.38
N HIS E 37 -20.59 -2.28 -7.63
CA HIS E 37 -19.64 -1.43 -6.96
C HIS E 37 -19.42 -0.09 -7.60
N ASN E 38 -19.56 0.98 -6.82
CA ASN E 38 -19.34 2.32 -7.32
C ASN E 38 -17.87 2.68 -7.36
N VAL E 39 -17.51 3.70 -8.13
CA VAL E 39 -16.13 4.18 -8.14
C VAL E 39 -15.95 4.71 -6.75
N TRP E 40 -16.99 5.30 -6.19
CA TRP E 40 -16.89 5.95 -4.90
C TRP E 40 -16.98 5.11 -3.66
N ALA E 41 -16.76 3.81 -3.75
CA ALA E 41 -16.71 2.95 -2.57
C ALA E 41 -17.69 3.29 -1.49
N THR E 42 -18.96 3.42 -1.82
CA THR E 42 -19.97 3.78 -0.83
C THR E 42 -20.24 2.69 0.18
N HIS E 43 -19.87 1.46 -0.10
CA HIS E 43 -19.99 0.39 0.88
C HIS E 43 -19.07 0.62 2.04
N ALA E 44 -17.84 0.96 1.73
CA ALA E 44 -16.87 1.18 2.78
C ALA E 44 -17.22 2.42 3.60
N CYS E 45 -18.22 3.20 3.18
CA CYS E 45 -18.67 4.35 3.95
C CYS E 45 -19.59 3.67 4.87
N VAL E 46 -19.03 2.85 5.73
CA VAL E 46 -19.83 2.05 6.63
C VAL E 46 -20.66 2.80 7.63
N PRO E 47 -20.15 3.85 8.29
CA PRO E 47 -21.05 4.58 9.14
C PRO E 47 -22.31 4.62 8.27
N THR E 48 -23.46 4.26 8.84
CA THR E 48 -24.72 4.30 8.15
C THR E 48 -25.55 5.41 8.78
N ASP E 49 -26.15 6.27 7.98
CA ASP E 49 -26.84 7.44 8.52
C ASP E 49 -27.85 7.26 9.69
N PRO E 50 -27.55 7.79 10.91
CA PRO E 50 -28.56 7.68 11.96
C PRO E 50 -29.45 8.92 12.02
N ASN E 51 -30.42 8.96 12.93
CA ASN E 51 -31.34 10.10 12.98
C ASN E 51 -30.60 11.39 13.26
N PRO E 52 -30.93 12.45 12.51
CA PRO E 52 -30.28 13.74 12.70
C PRO E 52 -30.66 14.43 14.00
N GLN E 53 -29.75 15.21 14.55
CA GLN E 53 -30.05 15.98 15.74
C GLN E 53 -29.57 17.39 15.47
N GLU E 54 -30.48 18.30 15.17
CA GLU E 54 -30.10 19.66 14.87
C GLU E 54 -30.59 20.56 15.99
N MET E 55 -29.71 21.35 16.58
CA MET E 55 -30.14 22.27 17.60
C MET E 55 -29.91 23.69 17.22
N HIS E 56 -30.96 24.50 17.28
CA HIS E 56 -30.83 25.87 16.90
C HIS E 56 -30.02 26.60 17.91
N LEU E 57 -29.09 27.44 17.45
CA LEU E 57 -28.30 28.22 18.36
C LEU E 57 -29.04 29.52 18.33
N LYS E 58 -29.47 30.00 19.49
CA LYS E 58 -30.27 31.20 19.54
C LYS E 58 -29.45 32.37 19.99
N ASN E 59 -29.66 33.52 19.37
CA ASN E 59 -28.88 34.72 19.68
C ASN E 59 -27.38 34.58 19.44
N VAL E 60 -26.99 33.74 18.48
CA VAL E 60 -25.59 33.56 18.17
C VAL E 60 -25.36 33.94 16.73
N THR E 61 -24.35 34.76 16.46
CA THR E 61 -24.03 35.18 15.10
C THR E 61 -22.64 34.69 14.75
N GLU E 62 -22.47 34.16 13.55
CA GLU E 62 -21.19 33.63 13.13
C GLU E 62 -20.81 34.23 11.82
N ASN E 63 -19.53 34.20 11.50
CA ASN E 63 -19.06 34.79 10.30
C ASN E 63 -18.64 33.65 9.42
N PHE E 64 -19.01 33.69 8.15
CA PHE E 64 -18.73 32.58 7.25
C PHE E 64 -18.05 33.07 5.99
N ASN E 65 -16.98 32.43 5.53
CA ASN E 65 -16.38 32.77 4.25
C ASN E 65 -16.26 31.49 3.46
N MET E 66 -16.93 31.38 2.34
CA MET E 66 -16.92 30.15 1.54
C MET E 66 -15.63 29.84 0.84
N TRP E 67 -14.79 30.82 0.60
CA TRP E 67 -13.59 30.60 -0.17
C TRP E 67 -12.41 30.14 0.65
N LYS E 68 -12.56 30.07 1.97
CA LYS E 68 -11.50 29.56 2.85
C LYS E 68 -11.85 28.23 3.50
N ASN E 69 -12.98 27.65 3.13
CA ASN E 69 -13.43 26.41 3.72
C ASN E 69 -12.47 25.31 3.43
N ASN E 70 -12.16 24.50 4.42
CA ASN E 70 -11.31 23.35 4.19
C ASN E 70 -12.14 22.15 3.82
N MET E 71 -13.44 22.22 4.01
CA MET E 71 -14.29 21.11 3.66
C MET E 71 -14.26 20.87 2.17
N VAL E 72 -14.28 21.91 1.35
CA VAL E 72 -14.16 21.76 -0.10
C VAL E 72 -12.84 21.19 -0.54
N GLU E 73 -11.76 21.62 0.08
CA GLU E 73 -10.45 21.08 -0.24
C GLU E 73 -10.30 19.61 0.11
N GLN E 74 -10.86 19.17 1.22
CA GLN E 74 -10.82 17.74 1.52
C GLN E 74 -11.56 16.91 0.47
N MET E 75 -12.71 17.36 0.01
CA MET E 75 -13.48 16.59 -0.95
C MET E 75 -12.74 16.42 -2.23
N HIS E 76 -12.03 17.43 -2.68
CA HIS E 76 -11.35 17.36 -3.95
C HIS E 76 -10.33 16.26 -3.89
N GLU E 77 -9.58 16.18 -2.80
CA GLU E 77 -8.60 15.13 -2.66
C GLU E 77 -9.19 13.74 -2.54
N ASP E 78 -10.28 13.59 -1.80
CA ASP E 78 -10.93 12.30 -1.66
C ASP E 78 -11.49 11.77 -2.96
N ILE E 79 -12.15 12.59 -3.75
CA ILE E 79 -12.65 12.17 -5.05
C ILE E 79 -11.53 11.84 -6.04
N ILE E 80 -10.43 12.59 -6.05
CA ILE E 80 -9.28 12.27 -6.89
C ILE E 80 -8.69 10.94 -6.48
N SER E 81 -8.69 10.60 -5.21
CA SER E 81 -8.11 9.34 -4.74
C SER E 81 -8.98 8.13 -4.90
N LEU E 82 -10.30 8.26 -4.81
CA LEU E 82 -11.21 7.16 -5.06
C LEU E 82 -11.15 6.71 -6.51
N TRP E 83 -11.05 7.63 -7.44
CA TRP E 83 -10.90 7.26 -8.82
C TRP E 83 -9.61 6.56 -9.09
N ASP E 84 -8.53 7.01 -8.49
CA ASP E 84 -7.25 6.33 -8.66
C ASP E 84 -7.27 4.92 -8.11
N GLN E 85 -7.84 4.70 -6.94
CA GLN E 85 -7.93 3.37 -6.38
C GLN E 85 -8.77 2.41 -7.22
N SER E 86 -9.82 2.92 -7.86
CA SER E 86 -10.71 2.07 -8.62
C SER E 86 -10.14 1.65 -9.93
N LEU E 87 -9.15 2.38 -10.42
CA LEU E 87 -8.58 2.08 -11.72
C LEU E 87 -7.22 1.52 -11.60
N LYS E 88 -6.69 1.37 -10.40
CA LYS E 88 -5.39 0.69 -10.26
C LYS E 88 -5.35 -0.79 -10.64
N PRO E 89 -6.36 -1.57 -10.28
CA PRO E 89 -6.33 -2.97 -10.78
C PRO E 89 -7.00 -3.20 -12.12
N CYS E 90 -6.63 -2.51 -13.19
CA CYS E 90 -7.36 -2.63 -14.46
C CYS E 90 -6.47 -2.71 -15.67
N VAL E 91 -7.00 -3.10 -16.82
CA VAL E 91 -6.14 -3.35 -17.97
C VAL E 91 -5.32 -2.15 -18.38
N LYS E 92 -4.03 -2.34 -18.62
CA LYS E 92 -3.12 -1.25 -18.97
C LYS E 92 -3.27 -0.56 -20.30
N LEU E 93 -3.58 -1.23 -21.38
CA LEU E 93 -3.86 -0.57 -22.67
C LEU E 93 -2.68 0.06 -23.38
N THR E 94 -1.47 -0.24 -22.94
CA THR E 94 -0.29 0.22 -23.66
C THR E 94 -0.08 -0.38 -25.06
N PRO E 95 -0.50 -1.65 -25.29
CA PRO E 95 -0.27 -2.09 -26.67
C PRO E 95 -1.01 -1.25 -27.68
N LEU E 96 -2.03 -0.50 -27.28
CA LEU E 96 -2.86 0.28 -28.19
C LEU E 96 -2.19 1.40 -28.92
N CYS E 97 -1.23 2.07 -28.32
CA CYS E 97 -0.66 3.18 -29.06
C CYS E 97 0.23 2.59 -30.09
N VAL E 98 -0.20 2.64 -31.34
CA VAL E 98 0.53 2.00 -32.42
C VAL E 98 -0.01 2.82 -33.56
N THR E 99 0.59 2.74 -34.73
CA THR E 99 0.07 3.46 -35.86
C THR E 99 -1.25 2.83 -36.24
N LEU E 100 -2.26 3.67 -36.51
CA LEU E 100 -3.60 3.21 -36.93
C LEU E 100 -3.77 3.55 -38.41
N ASN E 101 -4.06 2.58 -39.25
CA ASN E 101 -4.29 2.70 -40.69
C ASN E 101 -5.79 2.93 -40.84
N CYS E 102 -6.30 4.27 -40.70
CA CYS E 102 -7.73 4.45 -40.64
C CYS E 102 -8.16 5.01 -41.95
N THR E 103 -9.24 4.48 -42.50
CA THR E 103 -9.71 4.94 -43.79
C THR E 103 -10.11 6.37 -43.64
N SER E 104 -9.60 7.21 -44.54
CA SER E 104 -9.85 8.63 -44.42
C SER E 104 -10.64 9.11 -45.60
N ALA E 105 -11.55 10.05 -45.36
CA ALA E 105 -12.42 10.53 -46.42
C ALA E 105 -12.99 9.32 -47.13
N THR E 106 -13.36 8.30 -46.36
CA THR E 106 -13.90 7.09 -46.95
C THR E 106 -15.12 6.65 -46.16
N ASP E 125 -18.67 13.15 -34.26
CA ASP E 125 -18.29 11.84 -33.79
C ASP E 125 -18.47 10.81 -34.87
N ASP E 126 -17.82 11.01 -36.01
CA ASP E 126 -17.89 9.99 -37.03
C ASP E 126 -16.96 8.83 -36.66
N VAL E 127 -16.90 7.79 -37.48
CA VAL E 127 -16.14 6.65 -37.06
C VAL E 127 -14.69 6.46 -37.53
N ARG E 128 -14.40 6.88 -38.75
CA ARG E 128 -13.04 6.61 -39.24
C ARG E 128 -12.72 5.17 -38.87
N ASN E 129 -13.31 4.20 -39.56
CA ASN E 129 -12.98 2.77 -39.45
C ASN E 129 -11.47 2.55 -39.60
N CYS E 130 -10.74 1.83 -38.53
CA CYS E 130 -9.28 1.70 -38.43
C CYS E 130 -8.72 0.31 -38.46
N SER E 131 -7.46 0.16 -38.87
CA SER E 131 -6.81 -1.13 -38.83
C SER E 131 -5.49 -1.07 -38.12
N PHE E 132 -5.26 -1.96 -37.17
CA PHE E 132 -4.03 -1.97 -36.43
C PHE E 132 -3.59 -3.36 -36.06
N ASN E 133 -2.32 -3.55 -35.74
CA ASN E 133 -1.81 -4.86 -35.36
C ASN E 133 -1.82 -4.98 -33.86
N MET E 134 -1.96 -6.18 -33.36
CA MET E 134 -2.13 -6.34 -31.92
C MET E 134 -1.47 -7.64 -31.49
N THR E 135 -1.15 -7.72 -30.20
CA THR E 135 -0.40 -8.83 -29.64
C THR E 135 -1.35 -9.89 -29.11
N THR E 136 -1.22 -11.11 -29.62
CA THR E 136 -1.97 -12.25 -29.12
C THR E 136 -1.42 -12.65 -27.76
N GLU E 137 -2.19 -13.48 -27.03
CA GLU E 137 -1.73 -13.96 -25.73
C GLU E 137 -0.38 -14.64 -25.82
N LEU E 138 -0.07 -15.27 -26.95
CA LEU E 138 1.28 -15.74 -27.21
C LEU E 138 2.16 -14.56 -27.59
N ARG E 139 3.34 -14.47 -26.97
CA ARG E 139 4.16 -13.28 -27.12
C ARG E 139 4.74 -13.12 -28.52
N ASP E 140 4.65 -14.15 -29.36
CA ASP E 140 5.23 -14.07 -30.70
C ASP E 140 4.17 -13.67 -31.73
N LYS E 141 3.08 -14.42 -31.80
CA LYS E 141 2.10 -14.23 -32.86
C LYS E 141 1.34 -12.92 -32.69
N GLN E 142 0.88 -12.37 -33.81
CA GLN E 142 0.15 -11.11 -33.85
C GLN E 142 -1.10 -11.25 -34.71
N GLN E 143 -2.06 -10.36 -34.46
CA GLN E 143 -3.33 -10.37 -35.16
C GLN E 143 -3.60 -8.99 -35.75
N LYS E 144 -4.66 -8.91 -36.55
CA LYS E 144 -5.15 -7.66 -37.11
C LYS E 144 -6.53 -7.37 -36.55
N VAL E 145 -6.70 -6.17 -36.01
CA VAL E 145 -7.93 -5.80 -35.30
C VAL E 145 -8.57 -4.61 -36.00
N TYR E 146 -9.86 -4.71 -36.28
CA TYR E 146 -10.65 -3.62 -36.81
C TYR E 146 -11.55 -3.08 -35.71
N ALA E 147 -11.45 -1.77 -35.46
CA ALA E 147 -12.19 -1.15 -34.38
C ALA E 147 -12.77 0.18 -34.86
N LEU E 148 -13.86 0.59 -34.21
CA LEU E 148 -14.54 1.83 -34.56
C LEU E 148 -14.18 2.91 -33.55
N PHE E 149 -13.68 4.04 -34.05
CA PHE E 149 -13.19 5.11 -33.19
C PHE E 149 -13.97 6.40 -33.45
N TYR E 150 -13.47 7.50 -32.88
CA TYR E 150 -14.11 8.80 -32.99
C TYR E 150 -13.08 9.84 -33.38
N LYS E 151 -13.52 10.88 -34.09
CA LYS E 151 -12.61 11.95 -34.48
C LYS E 151 -12.03 12.67 -33.26
N LEU E 152 -12.77 12.68 -32.14
CA LEU E 152 -12.29 13.37 -30.95
C LEU E 152 -11.12 12.67 -30.28
N ASP E 153 -10.81 11.44 -30.68
CA ASP E 153 -9.71 10.67 -30.08
C ASP E 153 -8.71 10.20 -31.12
N ILE E 154 -8.72 10.78 -32.32
CA ILE E 154 -7.83 10.38 -33.39
C ILE E 154 -7.28 11.65 -34.04
N VAL E 155 -5.96 11.73 -34.14
CA VAL E 155 -5.30 12.88 -34.75
C VAL E 155 -4.32 12.43 -35.82
N PRO E 156 -4.15 13.20 -36.90
CA PRO E 156 -3.16 12.83 -37.90
C PRO E 156 -1.75 12.93 -37.35
N ILE E 157 -0.86 12.09 -37.89
CA ILE E 157 0.56 12.13 -37.58
C ILE E 157 1.32 12.45 -38.85
N ASP E 158 2.30 13.34 -38.74
CA ASP E 158 3.04 13.80 -39.91
C ASP E 158 4.51 13.38 -39.84
N ASN E 167 -6.25 8.07 -50.07
CA ASN E 167 -6.96 7.52 -48.93
C ASN E 167 -6.01 6.77 -48.01
N PHE E 168 -6.58 6.16 -46.97
CA PHE E 168 -5.83 5.35 -46.02
C PHE E 168 -4.68 6.12 -45.39
N SER E 169 -5.01 7.16 -44.64
CA SER E 169 -4.01 7.99 -43.95
C SER E 169 -3.75 7.44 -42.57
N GLU E 170 -2.47 7.46 -42.17
CA GLU E 170 -2.07 6.97 -40.86
C GLU E 170 -2.46 7.98 -39.78
N TYR E 171 -2.66 7.47 -38.56
CA TYR E 171 -3.19 8.28 -37.46
C TYR E 171 -2.52 7.83 -36.16
N ARG E 172 -3.05 8.34 -35.04
CA ARG E 172 -2.53 8.05 -33.72
C ARG E 172 -3.56 8.47 -32.69
N LEU E 173 -3.54 7.79 -31.54
CA LEU E 173 -4.46 8.10 -30.46
C LEU E 173 -4.16 9.47 -29.85
N ILE E 174 -5.13 9.98 -29.11
CA ILE E 174 -5.03 11.36 -28.61
C ILE E 174 -3.97 11.50 -27.53
N ASN E 175 -3.90 10.55 -26.60
CA ASN E 175 -3.05 10.71 -25.41
C ASN E 175 -2.12 9.53 -25.27
N CYS E 176 -0.99 9.58 -25.98
CA CYS E 176 0.21 8.90 -25.54
C CYS E 176 1.50 9.66 -25.85
N ASN E 177 1.41 10.90 -26.36
CA ASN E 177 2.56 11.78 -26.24
C ASN E 177 2.56 12.52 -24.90
N THR E 178 1.51 12.32 -24.10
CA THR E 178 1.37 12.96 -22.80
C THR E 178 1.41 11.95 -21.65
N SER E 179 0.59 10.90 -21.72
CA SER E 179 0.51 9.92 -20.64
C SER E 179 0.00 8.60 -21.21
N VAL E 180 -0.29 7.66 -20.33
CA VAL E 180 -0.77 6.32 -20.69
C VAL E 180 -2.20 6.17 -20.22
N ILE E 181 -2.98 5.36 -20.93
CA ILE E 181 -4.40 5.19 -20.67
C ILE E 181 -4.62 3.87 -19.95
N LYS E 182 -5.75 3.73 -19.24
CA LYS E 182 -6.10 2.48 -18.55
C LYS E 182 -7.57 2.22 -18.71
N GLN E 183 -8.00 1.00 -18.99
CA GLN E 183 -9.41 0.80 -19.25
C GLN E 183 -10.20 0.88 -18.00
N ALA E 184 -11.46 1.27 -18.08
CA ALA E 184 -12.30 1.28 -16.92
C ALA E 184 -12.57 -0.15 -16.68
N CYS E 185 -12.60 -0.59 -15.44
CA CYS E 185 -12.99 -1.96 -15.19
C CYS E 185 -14.46 -2.01 -15.53
N PRO E 186 -14.91 -2.99 -16.33
CA PRO E 186 -16.30 -2.96 -16.83
C PRO E 186 -17.45 -3.00 -15.83
N LYS E 187 -17.37 -3.81 -14.80
CA LYS E 187 -18.42 -3.90 -13.80
C LYS E 187 -18.63 -2.64 -12.97
N VAL E 188 -17.55 -1.95 -12.59
CA VAL E 188 -17.65 -0.70 -11.82
C VAL E 188 -18.74 0.18 -12.38
N SER E 189 -19.57 0.70 -11.52
CA SER E 189 -20.73 1.51 -11.90
C SER E 189 -20.46 2.98 -11.65
N PHE E 190 -20.87 3.81 -12.61
CA PHE E 190 -20.66 5.27 -12.55
C PHE E 190 -21.92 6.02 -12.13
N ASP E 191 -22.71 5.45 -11.22
CA ASP E 191 -23.94 6.09 -10.77
C ASP E 191 -23.65 6.87 -9.49
N PRO E 192 -23.68 8.20 -9.51
CA PRO E 192 -23.42 8.95 -8.27
C PRO E 192 -24.60 8.87 -7.31
N ILE E 193 -24.27 8.68 -6.04
CA ILE E 193 -25.28 8.62 -4.98
C ILE E 193 -24.83 9.51 -3.84
N PRO E 194 -25.77 9.98 -3.01
CA PRO E 194 -25.41 10.96 -1.96
C PRO E 194 -24.36 10.42 -1.00
N ILE E 195 -23.45 11.30 -0.61
CA ILE E 195 -22.39 11.00 0.34
C ILE E 195 -22.42 12.07 1.43
N HIS E 196 -22.65 11.65 2.67
CA HIS E 196 -22.65 12.58 3.79
C HIS E 196 -21.25 12.69 4.38
N TYR E 197 -20.94 13.86 4.91
CA TYR E 197 -19.64 14.15 5.53
C TYR E 197 -19.87 14.44 7.01
N CYS E 198 -19.62 13.44 7.85
CA CYS E 198 -19.85 13.54 9.27
C CYS E 198 -18.55 13.85 10.01
N THR E 199 -18.69 14.32 11.24
CA THR E 199 -17.55 14.75 12.05
C THR E 199 -17.49 13.96 13.35
N PRO E 200 -16.28 13.66 13.85
CA PRO E 200 -16.17 12.85 15.07
C PRO E 200 -16.58 13.61 16.32
N ALA E 201 -16.46 12.95 17.48
CA ALA E 201 -16.81 13.56 18.74
C ALA E 201 -15.83 14.68 19.08
N GLY E 202 -16.30 15.65 19.86
CA GLY E 202 -15.52 16.82 20.18
C GLY E 202 -15.53 17.89 19.11
N TYR E 203 -16.29 17.69 18.04
CA TYR E 203 -16.38 18.67 16.96
C TYR E 203 -17.83 18.78 16.52
N ALA E 204 -18.13 19.87 15.81
CA ALA E 204 -19.48 20.10 15.33
C ALA E 204 -19.42 20.88 14.03
N ILE E 205 -20.50 20.80 13.26
CA ILE E 205 -20.62 21.49 11.98
C ILE E 205 -21.73 22.52 12.09
N LEU E 206 -21.43 23.75 11.70
CA LEU E 206 -22.39 24.85 11.77
C LEU E 206 -23.00 25.09 10.39
N ARG E 207 -24.29 25.40 10.38
CA ARG E 207 -25.03 25.63 9.14
C ARG E 207 -25.64 27.03 9.18
N CYS E 208 -25.51 27.76 8.07
CA CYS E 208 -25.95 29.15 8.06
C CYS E 208 -27.46 29.27 8.18
N ASN E 209 -28.21 28.52 7.38
CA ASN E 209 -29.67 28.56 7.39
C ASN E 209 -30.20 29.99 7.16
N ASP E 210 -29.53 30.75 6.30
CA ASP E 210 -29.91 32.13 6.01
C ASP E 210 -30.32 32.25 4.55
N LYS E 211 -31.48 32.86 4.31
CA LYS E 211 -31.97 33.05 2.96
C LYS E 211 -31.14 34.08 2.21
N LYS E 212 -30.94 33.83 0.91
CA LYS E 212 -30.23 34.75 0.02
C LYS E 212 -28.83 35.10 0.56
N PHE E 213 -28.15 34.10 1.10
CA PHE E 213 -26.81 34.27 1.64
C PHE E 213 -25.80 34.41 0.50
N ASN E 214 -24.87 35.36 0.64
CA ASN E 214 -23.78 35.51 -0.31
C ASN E 214 -22.90 34.27 -0.37
N GLY E 215 -22.83 33.51 0.71
CA GLY E 215 -21.69 32.65 0.97
C GLY E 215 -20.55 33.35 1.67
N THR E 216 -20.77 34.58 2.13
CA THR E 216 -19.74 35.37 2.81
C THR E 216 -20.43 36.42 3.67
N GLY E 217 -19.95 36.59 4.91
CA GLY E 217 -20.47 37.62 5.77
C GLY E 217 -21.06 37.06 7.06
N PRO E 218 -21.60 37.95 7.89
CA PRO E 218 -22.19 37.49 9.16
C PRO E 218 -23.51 36.77 8.93
N CYS E 219 -23.57 35.54 9.41
CA CYS E 219 -24.74 34.68 9.27
C CYS E 219 -25.62 34.84 10.48
N LYS E 220 -26.93 34.99 10.27
CA LYS E 220 -27.80 35.47 11.34
C LYS E 220 -28.15 34.37 12.33
N ASN E 221 -28.89 33.36 11.89
CA ASN E 221 -29.34 32.30 12.80
C ASN E 221 -28.75 30.96 12.35
N VAL E 222 -27.71 30.53 13.05
CA VAL E 222 -27.01 29.28 12.74
C VAL E 222 -27.62 28.16 13.55
N SER E 223 -27.47 26.93 13.04
CA SER E 223 -27.95 25.74 13.71
C SER E 223 -26.83 24.70 13.76
N SER E 224 -26.80 23.94 14.85
CA SER E 224 -25.77 22.95 15.08
C SER E 224 -26.21 21.61 14.48
N VAL E 225 -25.40 21.09 13.55
CA VAL E 225 -25.67 19.81 12.91
C VAL E 225 -24.41 18.96 12.99
N GLN E 226 -24.59 17.65 12.85
CA GLN E 226 -23.49 16.71 12.96
C GLN E 226 -23.03 16.14 11.62
N CYS E 227 -23.94 16.01 10.65
CA CYS E 227 -23.62 15.48 9.34
C CYS E 227 -24.20 16.38 8.27
N THR E 228 -23.43 16.61 7.20
CA THR E 228 -23.93 17.38 6.07
C THR E 228 -25.00 16.61 5.32
N HIS E 229 -25.93 17.35 4.73
CA HIS E 229 -26.98 16.74 3.95
C HIS E 229 -26.40 16.04 2.71
N GLY E 230 -27.17 15.09 2.18
CA GLY E 230 -26.72 14.31 1.04
C GLY E 230 -26.34 15.14 -0.16
N ILE E 231 -25.11 14.96 -0.64
CA ILE E 231 -24.60 15.70 -1.79
C ILE E 231 -24.05 14.71 -2.81
N LYS E 232 -24.40 14.92 -4.07
CA LYS E 232 -23.98 14.04 -5.15
C LYS E 232 -22.59 14.43 -5.63
N PRO E 233 -21.67 13.48 -5.77
CA PRO E 233 -20.32 13.80 -6.27
C PRO E 233 -20.26 13.79 -7.80
N VAL E 234 -21.14 14.57 -8.42
CA VAL E 234 -21.20 14.71 -9.87
C VAL E 234 -20.29 15.86 -10.29
N VAL E 235 -19.75 15.76 -11.50
CA VAL E 235 -18.89 16.79 -12.06
C VAL E 235 -19.36 17.09 -13.48
N SER E 236 -19.44 18.38 -13.81
CA SER E 236 -19.82 18.83 -15.14
C SER E 236 -19.13 20.17 -15.39
N THR E 237 -19.06 20.55 -16.66
CA THR E 237 -18.23 21.68 -17.03
C THR E 237 -19.01 22.99 -17.03
N GLN E 238 -20.06 23.09 -17.85
CA GLN E 238 -20.72 24.36 -18.07
C GLN E 238 -22.06 24.48 -17.37
N LEU E 239 -22.72 23.37 -17.06
CA LEU E 239 -23.99 23.39 -16.36
C LEU E 239 -23.93 22.42 -15.19
N LEU E 240 -24.51 22.82 -14.06
CA LEU E 240 -24.51 21.98 -12.87
C LEU E 240 -25.79 21.17 -12.82
N LEU E 241 -25.65 19.85 -12.98
CA LEU E 241 -26.84 18.99 -13.04
C LEU E 241 -27.01 18.30 -11.71
N ASN E 242 -28.25 18.09 -11.37
CA ASN E 242 -28.78 17.38 -10.20
C ASN E 242 -28.34 18.01 -8.88
N GLY E 243 -28.13 19.32 -8.84
CA GLY E 243 -27.66 19.93 -7.58
C GLY E 243 -28.82 20.33 -6.70
N SER E 244 -28.60 21.13 -5.64
CA SER E 244 -29.69 21.60 -4.81
C SER E 244 -30.07 23.03 -5.19
N LEU E 245 -31.37 23.28 -5.24
CA LEU E 245 -31.89 24.58 -5.64
C LEU E 245 -31.95 25.53 -4.45
N ALA E 246 -31.88 26.83 -4.74
CA ALA E 246 -31.86 27.84 -3.69
C ALA E 246 -33.23 27.97 -3.05
N GLU E 247 -33.27 28.72 -1.94
CA GLU E 247 -34.50 28.84 -1.17
C GLU E 247 -35.39 29.97 -1.67
N GLU E 248 -34.85 31.19 -1.76
CA GLU E 248 -35.66 32.37 -2.07
C GLU E 248 -35.42 32.94 -3.46
N GLY E 249 -34.18 32.95 -3.94
CA GLY E 249 -33.93 33.53 -5.24
C GLY E 249 -32.58 33.12 -5.80
N ILE E 250 -32.33 33.58 -7.02
CA ILE E 250 -31.07 33.32 -7.70
C ILE E 250 -29.96 34.09 -6.99
N ILE E 251 -28.88 33.40 -6.68
CA ILE E 251 -27.79 33.95 -5.87
C ILE E 251 -26.50 33.89 -6.68
N ILE E 252 -25.82 35.03 -6.79
CA ILE E 252 -24.57 35.14 -7.51
C ILE E 252 -23.43 35.06 -6.50
N ARG E 253 -22.58 34.05 -6.62
CA ARG E 253 -21.48 33.89 -5.69
C ARG E 253 -20.16 33.87 -6.41
N SER E 254 -19.29 34.84 -6.20
CA SER E 254 -17.97 34.80 -6.80
C SER E 254 -16.92 35.33 -5.88
N GLU E 255 -15.71 34.81 -5.99
CA GLU E 255 -14.61 35.15 -5.06
C GLU E 255 -14.37 36.64 -4.98
N ASN E 256 -14.02 37.22 -6.11
CA ASN E 256 -13.66 38.62 -6.30
C ASN E 256 -14.45 39.10 -7.51
N LEU E 257 -15.58 39.75 -7.26
CA LEU E 257 -16.47 40.23 -8.34
C LEU E 257 -15.74 41.18 -9.27
N THR E 258 -14.65 41.82 -8.83
CA THR E 258 -13.80 42.64 -9.70
C THR E 258 -12.87 41.93 -10.70
N ASN E 259 -12.21 40.85 -10.33
CA ASN E 259 -11.28 40.16 -11.21
C ASN E 259 -11.98 39.47 -12.35
N ASN E 260 -11.37 39.46 -13.54
CA ASN E 260 -11.94 38.75 -14.69
C ASN E 260 -11.38 37.34 -14.74
N ALA E 261 -10.43 37.03 -13.87
CA ALA E 261 -9.85 35.70 -13.81
C ALA E 261 -10.54 34.80 -12.80
N LYS E 262 -11.69 35.21 -12.27
CA LYS E 262 -12.46 34.42 -11.31
C LYS E 262 -13.81 34.06 -11.92
N THR E 263 -14.23 32.81 -11.71
CA THR E 263 -15.43 32.29 -12.36
C THR E 263 -16.65 32.59 -11.50
N ILE E 264 -17.63 33.28 -12.10
CA ILE E 264 -18.89 33.55 -11.41
C ILE E 264 -19.70 32.27 -11.31
N ILE E 265 -20.30 32.05 -10.14
CA ILE E 265 -21.14 30.88 -9.90
C ILE E 265 -22.56 31.36 -9.65
N VAL E 266 -23.49 30.89 -10.47
CA VAL E 266 -24.90 31.26 -10.38
C VAL E 266 -25.67 30.06 -9.86
N HIS E 267 -26.53 30.29 -8.87
CA HIS E 267 -27.30 29.23 -8.25
C HIS E 267 -28.79 29.51 -8.47
N PHE E 268 -29.55 28.62 -9.09
CA PHE E 268 -30.96 28.95 -9.45
C PHE E 268 -31.94 28.64 -8.33
N ASN E 269 -33.16 29.19 -8.39
CA ASN E 269 -34.21 28.85 -7.45
C ASN E 269 -35.17 27.87 -8.12
N GLU E 270 -35.23 27.96 -9.45
CA GLU E 270 -36.12 27.16 -10.35
C GLU E 270 -35.31 26.11 -11.12
N SER E 271 -35.92 24.98 -11.47
CA SER E 271 -35.22 23.89 -12.12
C SER E 271 -35.72 23.73 -13.56
N VAL E 272 -34.79 23.63 -14.49
CA VAL E 272 -35.08 23.44 -15.91
C VAL E 272 -34.73 22.01 -16.29
N LYS E 273 -35.61 21.35 -17.04
CA LYS E 273 -35.45 19.94 -17.36
C LYS E 273 -34.65 19.75 -18.64
N ILE E 274 -33.75 18.77 -18.62
CA ILE E 274 -32.95 18.42 -19.78
C ILE E 274 -32.93 16.90 -19.91
N ASN E 275 -33.10 16.42 -21.15
CA ASN E 275 -33.07 14.99 -21.44
C ASN E 275 -32.07 14.72 -22.55
N CYS E 276 -31.19 13.75 -22.31
CA CYS E 276 -30.14 13.40 -23.27
C CYS E 276 -30.19 11.90 -23.55
N THR E 277 -30.11 11.55 -24.83
CA THR E 277 -30.23 10.16 -25.26
C THR E 277 -29.27 9.88 -26.40
N ARG E 278 -28.95 8.60 -26.56
CA ARG E 278 -28.25 8.09 -27.75
C ARG E 278 -29.14 7.02 -28.36
N PRO E 279 -29.98 7.35 -29.34
CA PRO E 279 -31.02 6.41 -29.78
C PRO E 279 -30.50 5.15 -30.45
N SER E 280 -29.34 5.33 -31.08
CA SER E 280 -28.63 4.28 -31.84
C SER E 280 -28.49 3.04 -30.98
N ASN E 281 -28.55 1.91 -31.63
CA ASN E 281 -28.29 0.62 -31.00
C ASN E 281 -26.87 0.17 -31.28
N ASN E 282 -26.31 -0.27 -30.28
CA ASN E 282 -24.85 -0.40 -30.27
C ASN E 282 -24.48 -1.82 -29.90
N THR E 283 -23.32 -2.25 -30.41
CA THR E 283 -22.82 -3.60 -30.17
C THR E 283 -21.42 -3.52 -29.57
N ARG E 284 -21.15 -4.39 -28.60
CA ARG E 284 -19.85 -4.46 -27.94
C ARG E 284 -19.24 -5.83 -28.22
N THR E 285 -17.98 -5.84 -28.62
CA THR E 285 -17.22 -7.06 -28.84
C THR E 285 -15.86 -6.94 -28.17
N GLY E 286 -15.38 -8.04 -27.63
CA GLY E 286 -14.13 -8.07 -26.87
C GLY E 286 -13.06 -8.87 -27.57
N ILE E 287 -11.82 -8.41 -27.44
CA ILE E 287 -10.65 -9.10 -27.98
C ILE E 287 -9.65 -9.29 -26.84
N HIS E 288 -8.76 -10.26 -27.01
CA HIS E 288 -7.76 -10.59 -26.02
C HIS E 288 -6.42 -10.04 -26.46
N ILE E 289 -5.80 -9.22 -25.60
CA ILE E 289 -4.55 -8.55 -25.92
C ILE E 289 -3.38 -9.15 -25.15
N GLY E 290 -3.58 -10.28 -24.48
CA GLY E 290 -2.54 -10.91 -23.71
C GLY E 290 -3.09 -11.99 -22.81
N PRO E 291 -2.29 -12.42 -21.83
CA PRO E 291 -2.77 -13.44 -20.89
C PRO E 291 -3.81 -12.89 -19.93
N GLY E 292 -5.06 -13.25 -20.14
CA GLY E 292 -6.14 -12.80 -19.27
C GLY E 292 -6.35 -11.30 -19.25
N GLN E 293 -6.23 -10.65 -20.41
CA GLN E 293 -6.49 -9.22 -20.54
C GLN E 293 -7.38 -9.01 -21.75
N VAL E 294 -8.59 -8.48 -21.53
CA VAL E 294 -9.59 -8.33 -22.57
C VAL E 294 -9.74 -6.85 -22.89
N PHE E 295 -9.86 -6.56 -24.19
CA PHE E 295 -10.02 -5.20 -24.69
C PHE E 295 -11.34 -5.10 -25.44
N TYR E 296 -12.24 -4.26 -24.95
CA TYR E 296 -13.56 -4.10 -25.55
C TYR E 296 -13.53 -2.95 -26.55
N LYS E 297 -13.74 -3.26 -27.82
CA LYS E 297 -13.74 -2.26 -28.88
C LYS E 297 -15.17 -1.98 -29.33
N THR E 298 -15.34 -0.88 -30.06
CA THR E 298 -16.65 -0.49 -30.54
C THR E 298 -17.03 -1.33 -31.77
N GLY E 299 -18.22 -1.91 -31.73
CA GLY E 299 -18.72 -2.70 -32.83
C GLY E 299 -19.66 -1.91 -33.72
N ASP E 300 -19.90 -2.44 -34.91
CA ASP E 300 -20.81 -1.78 -35.85
C ASP E 300 -22.23 -1.76 -35.30
N ILE E 301 -22.95 -0.69 -35.61
CA ILE E 301 -24.31 -0.54 -35.12
C ILE E 301 -25.27 -1.32 -36.02
N ILE E 302 -26.46 -1.60 -35.47
CA ILE E 302 -27.51 -2.29 -36.20
C ILE E 302 -28.73 -1.37 -36.24
N GLY E 303 -29.34 -1.27 -37.42
CA GLY E 303 -30.46 -0.37 -37.59
C GLY E 303 -30.06 0.92 -38.30
N ASP E 304 -30.78 1.99 -37.95
CA ASP E 304 -30.54 3.29 -38.56
C ASP E 304 -29.52 4.09 -37.75
N ILE E 305 -28.62 4.76 -38.46
CA ILE E 305 -27.61 5.59 -37.81
C ILE E 305 -28.28 6.88 -37.31
N ARG E 306 -28.05 7.19 -36.04
CA ARG E 306 -28.66 8.36 -35.42
C ARG E 306 -27.62 9.12 -34.61
N LYS E 307 -27.88 10.41 -34.40
CA LYS E 307 -26.99 11.29 -33.67
C LYS E 307 -27.51 11.55 -32.27
N ALA E 308 -26.58 11.70 -31.33
CA ALA E 308 -26.95 12.04 -29.97
C ALA E 308 -27.38 13.50 -29.87
N TYR E 309 -28.20 13.79 -28.87
CA TYR E 309 -28.76 15.13 -28.71
C TYR E 309 -29.29 15.30 -27.30
N CYS E 310 -29.58 16.56 -26.96
CA CYS E 310 -30.06 16.97 -25.62
C CYS E 310 -31.16 18.02 -25.79
N ASN E 311 -32.34 17.72 -25.25
CA ASN E 311 -33.51 18.59 -25.35
C ASN E 311 -33.60 19.43 -24.08
N ILE E 312 -33.66 20.75 -24.24
CA ILE E 312 -33.79 21.65 -23.05
C ILE E 312 -35.07 22.47 -23.24
N SER E 313 -35.75 22.80 -22.15
CA SER E 313 -37.08 23.40 -22.16
C SER E 313 -37.11 24.61 -23.10
N GLY E 314 -38.29 24.90 -23.63
CA GLY E 314 -38.41 25.96 -24.62
C GLY E 314 -38.33 27.34 -24.02
N ALA E 315 -39.22 27.65 -23.06
CA ALA E 315 -39.31 28.97 -22.48
C ALA E 315 -38.78 29.07 -21.06
N GLN E 316 -38.69 27.95 -20.34
CA GLN E 316 -38.16 27.99 -18.98
C GLN E 316 -36.70 28.45 -18.97
N TRP E 317 -35.92 28.01 -19.95
CA TRP E 317 -34.53 28.44 -20.02
C TRP E 317 -34.42 29.94 -20.25
N HIS E 318 -35.25 30.49 -21.15
CA HIS E 318 -35.21 31.93 -21.39
C HIS E 318 -35.71 32.71 -20.19
N LYS E 319 -36.70 32.19 -19.49
CA LYS E 319 -37.18 32.83 -18.26
C LYS E 319 -36.08 32.91 -17.21
N VAL E 320 -35.42 31.78 -16.96
CA VAL E 320 -34.35 31.76 -15.97
C VAL E 320 -33.17 32.62 -16.42
N LEU E 321 -32.90 32.63 -17.72
CA LEU E 321 -31.83 33.48 -18.25
C LEU E 321 -32.16 34.96 -18.04
N GLY E 322 -33.43 35.33 -18.23
CA GLY E 322 -33.82 36.71 -17.95
C GLY E 322 -33.65 37.08 -16.50
N ARG E 323 -34.04 36.19 -15.59
CA ARG E 323 -33.84 36.47 -14.17
C ARG E 323 -32.36 36.59 -13.82
N VAL E 324 -31.52 35.72 -14.37
CA VAL E 324 -30.09 35.79 -14.11
C VAL E 324 -29.52 37.08 -14.69
N ALA E 325 -30.02 37.50 -15.86
CA ALA E 325 -29.58 38.77 -16.43
C ALA E 325 -29.98 39.94 -15.54
N ASN E 326 -31.17 39.88 -14.95
CA ASN E 326 -31.59 40.94 -14.02
C ASN E 326 -30.68 41.01 -12.81
N LYS E 327 -30.33 39.85 -12.25
CA LYS E 327 -29.43 39.83 -11.09
C LYS E 327 -28.04 40.33 -11.45
N LEU E 328 -27.53 39.94 -12.62
CA LEU E 328 -26.23 40.43 -13.07
C LEU E 328 -26.27 41.93 -13.32
N LYS E 329 -27.41 42.45 -13.80
CA LYS E 329 -27.57 43.88 -13.99
C LYS E 329 -27.56 44.60 -12.65
N GLU E 330 -28.18 44.00 -11.63
CA GLU E 330 -28.11 44.58 -10.29
C GLU E 330 -26.68 44.64 -9.78
N HIS E 331 -25.94 43.53 -9.90
CA HIS E 331 -24.60 43.48 -9.36
C HIS E 331 -23.53 44.13 -10.24
N PHE E 332 -23.87 44.54 -11.45
CA PHE E 332 -22.90 45.11 -12.39
C PHE E 332 -23.28 46.51 -12.84
N ASN E 333 -23.73 47.34 -11.89
CA ASN E 333 -23.90 48.78 -12.10
C ASN E 333 -24.89 49.10 -13.22
N ASN E 334 -25.91 48.26 -13.40
CA ASN E 334 -26.99 48.50 -14.35
C ASN E 334 -26.44 48.74 -15.77
N LYS E 335 -25.84 47.69 -16.31
CA LYS E 335 -25.42 47.64 -17.70
C LYS E 335 -26.21 46.58 -18.45
N THR E 336 -26.17 46.65 -19.77
CA THR E 336 -26.79 45.62 -20.59
C THR E 336 -25.91 44.38 -20.61
N ILE E 337 -26.53 43.22 -20.39
CA ILE E 337 -25.81 41.96 -20.24
C ILE E 337 -25.85 41.21 -21.57
N VAL E 338 -24.67 40.84 -22.07
CA VAL E 338 -24.54 40.17 -23.35
C VAL E 338 -23.85 38.84 -23.11
N PHE E 339 -24.47 37.75 -23.58
CA PHE E 339 -23.88 36.43 -23.54
C PHE E 339 -23.35 36.04 -24.91
N LYS E 340 -22.21 35.36 -24.93
CA LYS E 340 -21.58 34.91 -26.15
C LYS E 340 -21.03 33.50 -25.93
N PRO E 341 -20.93 32.70 -26.99
CA PRO E 341 -20.40 31.34 -26.83
C PRO E 341 -18.92 31.35 -26.45
N SER E 342 -18.44 30.19 -26.02
CA SER E 342 -17.06 30.06 -25.57
C SER E 342 -16.10 30.32 -26.73
N SER E 343 -14.91 30.84 -26.39
CA SER E 343 -13.93 31.21 -27.40
C SER E 343 -13.17 30.00 -27.91
N GLY E 344 -12.45 29.32 -27.02
CA GLY E 344 -11.67 28.17 -27.43
C GLY E 344 -11.01 27.54 -26.22
N GLY E 345 -10.36 26.41 -26.47
CA GLY E 345 -9.66 25.68 -25.43
C GLY E 345 -9.80 24.19 -25.66
N ASP E 346 -9.62 23.44 -24.57
CA ASP E 346 -9.77 22.00 -24.61
C ASP E 346 -11.24 21.65 -24.85
N PRO E 347 -11.53 20.43 -25.31
CA PRO E 347 -12.92 20.06 -25.57
C PRO E 347 -13.81 20.17 -24.34
N GLU E 348 -13.25 20.00 -23.14
CA GLU E 348 -14.04 20.17 -21.93
C GLU E 348 -14.56 21.60 -21.80
N ILE E 349 -13.69 22.59 -22.01
CA ILE E 349 -14.07 23.99 -21.77
C ILE E 349 -15.10 24.45 -22.79
N THR E 350 -14.90 24.08 -24.06
CA THR E 350 -15.73 24.64 -25.13
C THR E 350 -17.14 24.04 -25.13
N MET E 351 -17.30 22.82 -24.62
CA MET E 351 -18.55 22.09 -24.75
C MET E 351 -19.07 21.65 -23.38
N HIS E 352 -20.39 21.59 -23.26
CA HIS E 352 -21.01 21.03 -22.06
C HIS E 352 -20.73 19.52 -22.00
N SER E 353 -20.17 19.08 -20.88
CA SER E 353 -19.72 17.70 -20.74
C SER E 353 -20.23 17.10 -19.44
N PHE E 354 -20.69 15.87 -19.52
CA PHE E 354 -21.25 15.17 -18.37
C PHE E 354 -21.12 13.66 -18.61
N ASN E 355 -21.81 12.87 -17.78
CA ASN E 355 -21.75 11.42 -17.87
C ASN E 355 -23.18 10.88 -17.75
N CYS E 356 -23.73 10.40 -18.86
CA CYS E 356 -25.13 9.97 -18.89
C CYS E 356 -25.32 8.63 -18.20
N ARG E 357 -24.70 7.57 -18.72
CA ARG E 357 -24.83 6.23 -18.14
C ARG E 357 -23.53 5.46 -18.30
N GLY E 358 -22.40 6.11 -18.04
CA GLY E 358 -21.11 5.50 -18.21
C GLY E 358 -20.39 5.88 -19.49
N GLU E 359 -21.00 6.69 -20.34
CA GLU E 359 -20.38 7.17 -21.57
C GLU E 359 -20.45 8.70 -21.56
N PHE E 360 -19.31 9.34 -21.82
CA PHE E 360 -19.20 10.78 -21.65
C PHE E 360 -19.63 11.52 -22.91
N PHE E 361 -20.26 12.68 -22.72
CA PHE E 361 -20.77 13.49 -23.82
C PHE E 361 -20.09 14.85 -23.81
N TYR E 362 -20.07 15.47 -24.99
CA TYR E 362 -19.59 16.84 -25.17
C TYR E 362 -20.57 17.53 -26.11
N CYS E 363 -21.58 18.18 -25.56
CA CYS E 363 -22.69 18.74 -26.33
C CYS E 363 -22.44 20.21 -26.63
N ASN E 364 -22.62 20.58 -27.89
CA ASN E 364 -22.54 21.99 -28.30
C ASN E 364 -23.66 22.78 -27.64
N THR E 365 -23.35 24.01 -27.23
CA THR E 365 -24.29 24.79 -26.43
C THR E 365 -24.41 26.24 -26.89
N THR E 366 -24.02 26.54 -28.12
CA THR E 366 -24.16 27.91 -28.64
C THR E 366 -25.62 28.30 -28.79
N LYS E 367 -26.50 27.33 -29.07
CA LYS E 367 -27.92 27.63 -29.10
C LYS E 367 -28.48 27.94 -27.72
N LEU E 368 -27.75 27.58 -26.67
CA LEU E 368 -28.18 27.87 -25.30
C LEU E 368 -27.62 29.19 -24.80
N PHE E 369 -26.30 29.38 -24.86
CA PHE E 369 -25.66 30.56 -24.28
C PHE E 369 -25.45 31.63 -25.36
N ASN E 370 -26.57 32.20 -25.80
CA ASN E 370 -26.54 33.15 -26.91
C ASN E 370 -27.80 34.02 -26.81
N SER E 371 -27.65 35.22 -26.26
CA SER E 371 -28.73 36.19 -26.15
C SER E 371 -28.19 37.48 -25.57
N THR E 372 -28.87 38.58 -25.87
CA THR E 372 -28.57 39.89 -25.30
C THR E 372 -29.80 40.39 -24.57
N TRP E 373 -29.61 40.91 -23.36
CA TRP E 373 -30.71 41.34 -22.51
C TRP E 373 -30.48 42.79 -22.09
N GLY E 374 -31.51 43.61 -22.24
CA GLY E 374 -31.42 45.02 -21.86
C GLY E 374 -30.90 45.90 -22.98
N THR E 380 -39.88 38.28 -29.04
CA THR E 380 -38.50 38.36 -29.52
C THR E 380 -37.74 37.08 -29.21
N ARG E 381 -38.21 36.34 -28.22
CA ARG E 381 -37.60 35.07 -27.82
C ARG E 381 -38.47 33.91 -28.30
N ASP E 382 -37.83 32.93 -28.96
CA ASP E 382 -38.55 31.75 -29.39
C ASP E 382 -38.85 30.85 -28.19
N ASN E 383 -39.96 30.12 -28.29
CA ASN E 383 -40.40 29.22 -27.23
C ASN E 383 -40.40 27.76 -27.63
N GLY E 384 -39.95 27.44 -28.84
CA GLY E 384 -39.91 26.05 -29.27
C GLY E 384 -38.84 25.26 -28.53
N THR E 385 -39.08 23.96 -28.43
CA THR E 385 -38.11 23.07 -27.79
C THR E 385 -36.79 23.11 -28.54
N ILE E 386 -35.69 23.25 -27.80
CA ILE E 386 -34.36 23.40 -28.37
C ILE E 386 -33.63 22.08 -28.24
N THR E 387 -33.00 21.64 -29.33
CA THR E 387 -32.17 20.45 -29.35
C THR E 387 -30.75 20.83 -29.72
N ILE E 388 -29.78 20.18 -29.08
CA ILE E 388 -28.37 20.53 -29.28
C ILE E 388 -27.58 19.28 -29.63
N PRO E 389 -26.69 19.33 -30.61
CA PRO E 389 -25.89 18.16 -30.96
C PRO E 389 -24.89 17.81 -29.87
N CYS E 390 -24.55 16.52 -29.82
CA CYS E 390 -23.57 16.01 -28.87
C CYS E 390 -22.58 15.11 -29.60
N ARG E 391 -21.30 15.24 -29.26
CA ARG E 391 -20.23 14.43 -29.85
C ARG E 391 -19.62 13.57 -28.75
N ILE E 392 -20.00 12.29 -28.73
CA ILE E 392 -19.54 11.38 -27.68
C ILE E 392 -18.05 11.14 -27.82
N LYS E 393 -17.40 10.80 -26.71
CA LYS E 393 -15.97 10.59 -26.67
C LYS E 393 -15.66 9.39 -25.77
N GLN E 394 -14.49 8.80 -25.98
CA GLN E 394 -14.10 7.60 -25.25
C GLN E 394 -12.87 7.81 -24.38
N ILE E 395 -11.77 8.29 -24.95
CA ILE E 395 -10.53 8.46 -24.20
C ILE E 395 -10.55 9.87 -23.60
N ILE E 396 -10.56 9.95 -22.28
CA ILE E 396 -10.62 11.23 -21.56
C ILE E 396 -9.33 11.40 -20.75
N ASN E 397 -8.91 12.64 -20.61
CA ASN E 397 -7.69 12.99 -19.91
C ASN E 397 -8.00 13.48 -18.50
N MET E 398 -7.06 13.25 -17.59
CA MET E 398 -7.22 13.72 -16.21
C MET E 398 -7.20 15.23 -16.16
N TRP E 399 -8.11 15.80 -15.37
CA TRP E 399 -8.14 17.24 -15.19
C TRP E 399 -6.95 17.71 -14.35
N GLN E 400 -6.78 19.03 -14.30
CA GLN E 400 -5.73 19.73 -13.59
C GLN E 400 -4.35 19.53 -14.20
N GLY E 401 -4.25 18.91 -15.38
CA GLY E 401 -3.00 18.82 -16.10
C GLY E 401 -2.09 17.68 -15.71
N VAL E 402 -2.45 16.90 -14.68
CA VAL E 402 -1.63 15.74 -14.33
C VAL E 402 -1.66 14.75 -15.48
N GLY E 403 -0.55 14.05 -15.68
CA GLY E 403 -0.48 13.13 -16.80
C GLY E 403 -1.02 11.75 -16.49
N GLN E 404 -2.30 11.54 -16.80
CA GLN E 404 -2.98 10.27 -16.69
C GLN E 404 -4.23 10.34 -17.53
N ALA E 405 -4.76 9.17 -17.90
CA ALA E 405 -5.93 9.12 -18.76
C ALA E 405 -6.55 7.74 -18.67
N MET E 406 -7.79 7.63 -19.15
CA MET E 406 -8.55 6.40 -19.11
C MET E 406 -9.36 6.23 -20.38
N TYR E 407 -9.84 4.99 -20.58
CA TYR E 407 -10.61 4.63 -21.76
C TYR E 407 -11.91 3.96 -21.31
N ALA E 408 -13.03 4.43 -21.86
CA ALA E 408 -14.35 3.94 -21.48
C ALA E 408 -14.91 3.04 -22.58
N PRO E 409 -15.20 1.78 -22.29
CA PRO E 409 -15.72 0.89 -23.33
C PRO E 409 -17.14 1.24 -23.70
N PRO E 410 -17.61 0.82 -24.88
CA PRO E 410 -18.97 1.16 -25.29
C PRO E 410 -20.01 0.45 -24.44
N ILE E 411 -21.22 1.01 -24.44
CA ILE E 411 -22.37 0.42 -23.77
C ILE E 411 -23.33 -0.06 -24.85
N LYS E 412 -23.62 -1.37 -24.84
CA LYS E 412 -24.37 -1.97 -25.93
C LYS E 412 -25.80 -1.44 -25.99
N GLY E 413 -26.47 -1.33 -24.85
CA GLY E 413 -27.85 -0.87 -24.86
C GLY E 413 -27.96 0.61 -25.13
N VAL E 414 -29.15 1.02 -25.57
CA VAL E 414 -29.42 2.44 -25.74
C VAL E 414 -29.52 3.09 -24.36
N ILE E 415 -29.18 4.36 -24.29
CA ILE E 415 -29.07 5.08 -23.03
C ILE E 415 -30.04 6.26 -23.04
N LYS E 416 -30.52 6.62 -21.86
CA LYS E 416 -31.46 7.73 -21.71
C LYS E 416 -31.40 8.20 -20.26
N CYS E 417 -30.94 9.43 -20.06
CA CYS E 417 -30.82 10.01 -18.73
C CYS E 417 -31.56 11.34 -18.68
N LEU E 418 -32.30 11.56 -17.60
CA LEU E 418 -33.03 12.78 -17.36
C LEU E 418 -32.45 13.47 -16.14
N SER E 419 -32.28 14.79 -16.22
CA SER E 419 -31.55 15.50 -15.18
C SER E 419 -32.10 16.92 -15.02
N ASN E 420 -31.81 17.51 -13.87
CA ASN E 420 -32.07 18.91 -13.61
C ASN E 420 -30.90 19.75 -14.08
N ILE E 421 -31.10 21.06 -14.17
CA ILE E 421 -30.00 22.02 -14.19
C ILE E 421 -30.33 23.10 -13.17
N THR E 422 -29.44 23.27 -12.19
CA THR E 422 -29.67 24.20 -11.09
C THR E 422 -28.50 25.15 -10.88
N GLY E 423 -27.75 25.47 -11.94
CA GLY E 423 -26.65 26.41 -11.81
C GLY E 423 -25.91 26.57 -13.12
N ILE E 424 -25.18 27.68 -13.21
CA ILE E 424 -24.34 28.00 -14.36
C ILE E 424 -22.98 28.44 -13.84
N LEU E 425 -21.98 28.37 -14.72
CA LEU E 425 -20.63 28.86 -14.43
C LEU E 425 -20.25 29.82 -15.56
N LEU E 426 -20.30 31.11 -15.27
CA LEU E 426 -19.95 32.14 -16.24
C LEU E 426 -18.61 32.76 -15.86
N THR E 427 -17.74 32.93 -16.85
CA THR E 427 -16.47 33.61 -16.69
C THR E 427 -16.49 34.90 -17.49
N ARG E 428 -16.22 36.02 -16.81
CA ARG E 428 -16.30 37.32 -17.46
C ARG E 428 -15.22 37.46 -18.53
N ASP E 429 -15.47 38.35 -19.48
CA ASP E 429 -14.55 38.56 -20.59
C ASP E 429 -13.36 39.40 -20.11
N GLY E 430 -12.50 39.74 -21.07
CA GLY E 430 -11.32 40.53 -20.78
C GLY E 430 -11.61 42.03 -20.73
N GLY E 431 -10.54 42.80 -20.64
CA GLY E 431 -10.64 44.24 -20.58
C GLY E 431 -9.92 44.94 -21.72
N ASN E 437 -20.46 49.84 -22.73
CA ASN E 437 -21.90 49.93 -22.61
C ASN E 437 -22.52 48.56 -22.35
N ASN E 438 -21.69 47.53 -22.34
CA ASN E 438 -22.16 46.18 -22.10
C ASN E 438 -21.02 45.34 -21.56
N GLU E 439 -21.38 44.25 -20.90
CA GLU E 439 -20.41 43.30 -20.36
C GLU E 439 -20.64 41.95 -21.03
N THR E 440 -19.55 41.32 -21.47
CA THR E 440 -19.62 40.04 -22.17
C THR E 440 -19.38 38.92 -21.17
N PHE E 441 -20.39 38.07 -20.98
CA PHE E 441 -20.29 36.91 -20.11
C PHE E 441 -20.27 35.65 -20.96
N ARG E 442 -19.26 34.81 -20.75
CA ARG E 442 -19.07 33.62 -21.54
C ARG E 442 -19.14 32.39 -20.65
N PRO E 443 -19.57 31.24 -21.19
CA PRO E 443 -19.61 30.02 -20.40
C PRO E 443 -18.23 29.67 -19.87
N GLY E 444 -18.20 29.18 -18.63
CA GLY E 444 -16.95 28.87 -17.95
C GLY E 444 -16.65 27.39 -18.05
N GLY E 445 -15.36 27.07 -18.07
CA GLY E 445 -14.93 25.69 -18.11
C GLY E 445 -15.24 24.98 -16.80
N GLY E 446 -14.55 23.86 -16.60
CA GLY E 446 -14.78 23.10 -15.40
C GLY E 446 -13.57 22.94 -14.52
N ASP E 447 -13.59 23.60 -13.37
CA ASP E 447 -12.65 23.26 -12.31
C ASP E 447 -13.31 22.23 -11.39
N MET E 448 -12.53 21.24 -10.98
CA MET E 448 -13.10 20.08 -10.32
C MET E 448 -13.70 20.40 -8.95
N ARG E 449 -13.41 21.58 -8.40
CA ARG E 449 -13.94 21.94 -7.08
C ARG E 449 -15.16 22.84 -7.15
N ASP E 450 -15.29 23.65 -8.19
CA ASP E 450 -16.39 24.62 -8.26
C ASP E 450 -17.75 23.94 -8.35
N ASN E 451 -17.79 22.67 -8.73
CA ASN E 451 -19.07 21.98 -8.84
C ASN E 451 -19.72 21.79 -7.47
N TRP E 452 -18.91 21.56 -6.43
CA TRP E 452 -19.43 21.28 -5.10
C TRP E 452 -19.54 22.53 -4.24
N ARG E 453 -19.12 23.70 -4.73
CA ARG E 453 -19.20 24.90 -3.91
C ARG E 453 -20.63 25.33 -3.64
N ASN E 454 -21.55 25.06 -4.57
CA ASN E 454 -22.95 25.38 -4.32
C ASN E 454 -23.60 24.45 -3.31
N GLU E 455 -22.92 23.37 -2.91
CA GLU E 455 -23.46 22.42 -1.94
C GLU E 455 -22.82 22.52 -0.57
N LEU E 456 -21.57 22.99 -0.50
CA LEU E 456 -20.85 23.10 0.77
C LEU E 456 -20.52 24.55 1.11
N TYR E 457 -21.37 25.49 0.69
CA TYR E 457 -21.16 26.90 0.95
C TYR E 457 -21.71 27.37 2.27
N LYS E 458 -22.42 26.52 3.01
CA LYS E 458 -23.07 26.92 4.25
C LYS E 458 -22.71 25.96 5.38
N TYR E 459 -21.45 25.57 5.44
CA TYR E 459 -20.95 24.71 6.52
C TYR E 459 -19.61 25.23 6.99
N LYS E 460 -19.35 25.04 8.28
CA LYS E 460 -18.11 25.53 8.89
C LYS E 460 -17.81 24.66 10.11
N VAL E 461 -16.85 23.75 9.96
CA VAL E 461 -16.51 22.85 11.06
C VAL E 461 -15.80 23.65 12.15
N VAL E 462 -16.16 23.38 13.40
CA VAL E 462 -15.66 24.13 14.54
C VAL E 462 -15.34 23.17 15.68
N GLN E 463 -14.29 23.47 16.43
CA GLN E 463 -13.88 22.65 17.57
C GLN E 463 -14.49 23.20 18.86
N ILE E 464 -14.95 22.30 19.72
CA ILE E 464 -15.63 22.66 20.96
C ILE E 464 -14.62 22.60 22.10
N GLU E 465 -14.59 23.65 22.91
CA GLU E 465 -13.73 23.69 24.09
C GLU E 465 -14.61 23.57 25.34
N PRO E 466 -14.64 22.42 26.01
CA PRO E 466 -15.60 22.25 27.11
C PRO E 466 -15.22 23.00 28.37
N LEU E 467 -13.94 23.01 28.74
CA LEU E 467 -13.54 23.50 30.05
C LEU E 467 -13.74 25.01 30.17
N GLY E 468 -13.95 25.48 31.40
CA GLY E 468 -14.11 26.89 31.66
C GLY E 468 -13.94 27.19 33.13
N ILE E 469 -13.56 28.43 33.43
CA ILE E 469 -13.28 28.86 34.80
C ILE E 469 -14.10 30.12 35.07
N ALA E 470 -14.81 30.14 36.20
CA ALA E 470 -15.61 31.29 36.59
C ALA E 470 -15.56 31.43 38.11
N PRO E 471 -15.71 32.64 38.64
CA PRO E 471 -15.66 32.84 40.09
C PRO E 471 -17.02 32.76 40.75
N THR E 472 -17.08 32.15 41.92
CA THR E 472 -18.36 31.95 42.60
C THR E 472 -18.10 31.86 44.08
N LYS E 473 -19.08 31.47 44.86
CA LYS E 473 -18.87 31.30 46.28
C LYS E 473 -18.86 29.89 46.93
N CYS E 474 -18.86 28.81 46.16
CA CYS E 474 -18.93 27.48 46.76
C CYS E 474 -17.73 27.33 47.72
N LYS E 475 -16.52 27.68 47.30
CA LYS E 475 -15.39 27.81 48.26
C LYS E 475 -14.96 26.60 49.11
N ARG E 476 -14.82 25.38 48.57
CA ARG E 476 -14.19 24.29 49.31
C ARG E 476 -13.72 23.26 48.33
N ARG E 477 -12.82 22.36 48.72
CA ARG E 477 -12.33 21.27 47.85
C ARG E 477 -11.38 21.61 46.74
N GLY F 10 -20.34 18.91 26.09
CA GLY F 10 -20.25 20.07 25.22
C GLY F 10 -21.56 20.39 24.54
N PHE F 11 -22.36 21.23 25.17
CA PHE F 11 -23.67 21.51 24.61
C PHE F 11 -23.69 22.81 23.87
N LEU F 12 -23.58 22.77 22.55
CA LEU F 12 -23.72 23.99 21.78
C LEU F 12 -25.19 24.21 21.86
N GLY F 13 -25.66 25.42 21.66
CA GLY F 13 -27.10 25.63 21.94
C GLY F 13 -27.13 26.13 23.36
N ALA F 14 -27.74 27.29 23.59
CA ALA F 14 -27.56 28.01 24.85
C ALA F 14 -26.17 28.61 24.85
N ALA F 15 -25.70 29.04 23.69
CA ALA F 15 -24.40 29.67 23.59
C ALA F 15 -24.53 31.15 23.45
N GLY F 16 -25.75 31.64 23.31
CA GLY F 16 -25.99 33.07 23.20
C GLY F 16 -26.64 33.60 24.45
N SER F 17 -26.69 32.80 25.49
CA SER F 17 -27.30 33.22 26.73
C SER F 17 -26.25 33.64 27.74
N THR F 18 -26.64 34.44 28.73
CA THR F 18 -25.73 34.92 29.75
C THR F 18 -25.33 33.77 30.61
N MET F 19 -24.23 33.89 31.33
CA MET F 19 -23.70 32.77 32.07
C MET F 19 -24.61 32.17 33.10
N GLY F 20 -25.34 33.00 33.82
CA GLY F 20 -26.28 32.50 34.80
C GLY F 20 -27.41 31.66 34.26
N ALA F 21 -28.02 32.07 33.16
CA ALA F 21 -29.11 31.29 32.55
C ALA F 21 -28.67 29.93 32.03
N ALA F 22 -27.59 29.88 31.27
CA ALA F 22 -27.07 28.63 30.72
C ALA F 22 -26.64 27.66 31.80
N SER F 23 -26.07 28.18 32.88
CA SER F 23 -25.64 27.32 33.99
C SER F 23 -26.83 26.56 34.59
N ILE F 24 -27.98 27.21 34.72
CA ILE F 24 -29.19 26.55 35.21
C ILE F 24 -29.63 25.45 34.26
N THR F 25 -29.51 25.69 32.97
CA THR F 25 -30.02 24.72 32.00
C THR F 25 -29.03 23.61 31.66
N LEU F 26 -27.88 23.56 32.34
CA LEU F 26 -26.99 22.44 32.09
C LEU F 26 -27.48 21.27 32.93
N THR F 27 -28.71 20.83 32.68
CA THR F 27 -29.25 19.66 33.38
C THR F 27 -28.57 18.33 33.02
N VAL F 28 -28.31 18.09 31.75
CA VAL F 28 -27.70 16.83 31.33
C VAL F 28 -26.45 17.16 30.52
N GLN F 29 -25.37 16.41 30.73
CA GLN F 29 -24.19 16.66 29.93
C GLN F 29 -24.22 15.91 28.60
N ALA F 30 -24.21 14.57 28.62
CA ALA F 30 -24.13 13.84 27.36
C ALA F 30 -25.07 12.65 27.41
N ARG F 31 -25.56 12.25 26.24
CA ARG F 31 -26.45 11.11 26.09
C ARG F 31 -27.70 11.24 26.97
N LEU F 55 -8.96 -4.52 9.87
CA LEU F 55 -9.16 -3.21 9.24
C LEU F 55 -8.88 -3.29 7.74
N GLN F 56 -9.29 -2.28 6.98
CA GLN F 56 -8.98 -2.23 5.55
C GLN F 56 -8.35 -0.88 5.22
N LEU F 57 -7.50 -0.83 4.20
CA LEU F 57 -6.96 0.46 3.80
C LEU F 57 -7.61 0.89 2.50
N THR F 58 -8.35 1.98 2.51
CA THR F 58 -9.09 2.44 1.37
C THR F 58 -9.19 3.91 1.70
N VAL F 59 -9.71 4.76 0.84
CA VAL F 59 -9.73 6.15 1.20
C VAL F 59 -10.55 6.34 2.45
N TRP F 60 -11.74 5.74 2.50
CA TRP F 60 -12.63 5.84 3.67
C TRP F 60 -12.17 5.15 4.93
N GLY F 61 -11.57 3.99 4.79
CA GLY F 61 -11.14 3.23 5.94
C GLY F 61 -10.08 3.87 6.77
N ILE F 62 -9.07 4.47 6.16
CA ILE F 62 -8.05 5.21 6.92
C ILE F 62 -8.63 6.40 7.64
N LYS F 63 -9.54 7.11 7.00
CA LYS F 63 -10.15 8.28 7.60
C LYS F 63 -10.95 7.91 8.82
N GLN F 64 -11.63 6.78 8.78
CA GLN F 64 -12.36 6.31 9.94
C GLN F 64 -11.43 5.96 11.08
N LEU F 65 -10.28 5.36 10.80
CA LEU F 65 -9.32 5.06 11.83
C LEU F 65 -8.79 6.32 12.50
N GLN F 66 -8.47 7.35 11.72
CA GLN F 66 -7.99 8.62 12.28
C GLN F 66 -9.03 9.31 13.12
N ALA F 67 -10.28 9.26 12.70
CA ALA F 67 -11.36 9.86 13.46
C ALA F 67 -11.54 9.26 14.85
N ARG F 68 -11.37 7.95 14.99
CA ARG F 68 -11.47 7.31 16.29
C ARG F 68 -10.42 7.73 17.30
N VAL F 69 -9.16 7.72 16.87
CA VAL F 69 -8.08 8.12 17.75
C VAL F 69 -8.24 9.57 18.12
N LEU F 70 -8.78 10.40 17.25
CA LEU F 70 -8.88 11.80 17.58
C LEU F 70 -9.80 12.01 18.75
N ALA F 71 -10.94 11.33 18.77
CA ALA F 71 -11.86 11.45 19.88
C ALA F 71 -11.37 10.91 21.19
N VAL F 72 -10.73 9.75 21.18
CA VAL F 72 -10.26 9.14 22.40
C VAL F 72 -9.24 10.03 22.98
N GLU F 73 -8.38 10.54 22.13
CA GLU F 73 -7.32 11.38 22.61
C GLU F 73 -7.84 12.65 23.24
N ARG F 74 -8.84 13.24 22.64
CA ARG F 74 -9.40 14.47 23.19
C ARG F 74 -10.08 14.31 24.53
N TYR F 75 -10.84 13.25 24.71
CA TYR F 75 -11.53 13.03 25.96
C TYR F 75 -10.53 12.89 27.07
N LEU F 76 -9.48 12.15 26.84
CA LEU F 76 -8.52 11.90 27.87
C LEU F 76 -7.88 13.19 28.32
N GLN F 77 -7.62 14.13 27.43
CA GLN F 77 -6.93 15.35 27.84
C GLN F 77 -7.65 16.22 28.85
N ASP F 78 -8.94 16.45 28.67
CA ASP F 78 -9.73 17.21 29.64
C ASP F 78 -9.82 16.48 30.93
N GLN F 79 -9.98 15.18 30.88
CA GLN F 79 -10.01 14.37 32.08
C GLN F 79 -8.72 14.40 32.86
N LYS F 80 -7.59 14.42 32.18
CA LYS F 80 -6.34 14.48 32.88
C LYS F 80 -6.24 15.76 33.68
N PHE F 81 -6.63 16.89 33.10
CA PHE F 81 -6.60 18.15 33.84
C PHE F 81 -7.56 18.15 34.98
N LEU F 82 -8.78 17.76 34.74
CA LEU F 82 -9.79 17.84 35.77
C LEU F 82 -9.32 17.06 36.95
N GLY F 83 -8.88 15.84 36.74
CA GLY F 83 -8.48 14.96 37.84
C GLY F 83 -7.31 15.45 38.66
N LEU F 84 -6.32 16.06 38.02
CA LEU F 84 -5.18 16.61 38.73
C LEU F 84 -5.61 17.69 39.68
N TRP F 85 -6.60 18.48 39.29
CA TRP F 85 -7.12 19.52 40.16
C TRP F 85 -8.08 18.95 41.20
N GLY F 86 -8.41 17.66 41.09
CA GLY F 86 -9.31 17.02 42.03
C GLY F 86 -10.79 16.94 41.72
N CYS F 87 -11.20 17.46 40.58
CA CYS F 87 -12.60 17.44 40.20
C CYS F 87 -13.17 16.07 39.94
N SER F 88 -12.49 15.22 39.20
CA SER F 88 -12.94 13.82 39.08
C SER F 88 -14.40 13.52 38.79
N GLY F 89 -14.93 13.99 37.68
CA GLY F 89 -16.28 13.66 37.29
C GLY F 89 -17.41 14.55 37.72
N LYS F 90 -17.11 15.67 38.35
CA LYS F 90 -18.18 16.59 38.68
C LYS F 90 -18.24 17.68 37.66
N ILE F 91 -19.43 17.92 37.11
CA ILE F 91 -19.62 18.99 36.15
C ILE F 91 -19.27 20.34 36.78
N ILE F 92 -19.70 20.59 38.01
CA ILE F 92 -19.33 21.82 38.72
C ILE F 92 -18.39 21.42 39.80
N CYS F 93 -17.18 21.98 39.81
CA CYS F 93 -16.17 21.60 40.78
C CYS F 93 -15.77 22.80 41.55
N CYS F 94 -15.79 22.69 42.85
CA CYS F 94 -15.46 23.82 43.70
C CYS F 94 -14.00 23.72 44.07
N THR F 95 -13.25 24.81 43.98
CA THR F 95 -11.82 24.74 44.23
C THR F 95 -11.47 25.78 45.25
N ALA F 96 -10.39 25.59 45.99
CA ALA F 96 -10.08 26.52 47.06
C ALA F 96 -9.27 27.74 46.66
N VAL F 97 -8.87 27.79 45.41
CA VAL F 97 -8.04 28.87 44.98
C VAL F 97 -8.83 30.17 45.10
N PRO F 98 -8.23 31.23 45.65
CA PRO F 98 -8.92 32.53 45.72
C PRO F 98 -8.92 33.22 44.37
N TRP F 99 -9.74 34.24 44.15
CA TRP F 99 -9.69 34.97 42.88
C TRP F 99 -8.83 36.22 42.97
N ASN F 100 -7.79 36.35 42.14
CA ASN F 100 -7.02 37.58 42.15
C ASN F 100 -7.57 38.57 41.17
N SER F 101 -7.77 39.81 41.60
CA SER F 101 -8.35 40.83 40.75
C SER F 101 -7.50 41.23 39.57
N SER F 102 -6.27 40.77 39.49
CA SER F 102 -5.45 41.03 38.31
C SER F 102 -5.87 40.09 37.22
N TRP F 103 -6.74 39.14 37.50
CA TRP F 103 -7.25 38.32 36.38
C TRP F 103 -8.47 38.99 35.76
N SER F 104 -9.37 39.38 36.64
CA SER F 104 -10.59 40.15 36.30
C SER F 104 -10.71 41.30 37.32
N ASN F 105 -11.59 42.24 37.03
CA ASN F 105 -11.83 43.42 37.85
C ASN F 105 -13.31 43.57 38.15
N LYS F 106 -14.18 42.87 37.40
CA LYS F 106 -15.65 43.04 37.51
C LYS F 106 -16.26 42.33 38.72
N THR F 107 -17.53 42.63 39.02
CA THR F 107 -18.27 42.00 40.13
C THR F 107 -18.98 40.74 39.69
N PHE F 108 -19.50 39.99 40.63
CA PHE F 108 -20.17 38.74 40.30
C PHE F 108 -21.32 39.04 39.37
N GLU F 109 -22.11 40.06 39.67
CA GLU F 109 -23.28 40.39 38.86
C GLU F 109 -22.96 40.80 37.43
N GLU F 110 -21.93 41.59 37.22
CA GLU F 110 -21.54 41.92 35.87
C GLU F 110 -21.07 40.71 35.09
N ILE F 111 -20.27 39.86 35.71
CA ILE F 111 -19.78 38.68 35.02
C ILE F 111 -20.87 37.70 34.68
N TRP F 112 -21.79 37.43 35.60
CA TRP F 112 -22.78 36.40 35.37
C TRP F 112 -24.04 36.82 34.69
N ASN F 113 -24.56 37.97 35.07
CA ASN F 113 -25.75 38.50 34.42
C ASN F 113 -25.61 38.99 32.99
N ASN F 114 -24.54 39.67 32.64
CA ASN F 114 -24.39 40.04 31.23
C ASN F 114 -23.23 39.60 30.35
N MET F 115 -22.58 38.49 30.66
CA MET F 115 -21.53 38.01 29.80
C MET F 115 -21.76 36.58 29.40
N THR F 116 -21.70 36.31 28.11
CA THR F 116 -21.90 34.97 27.59
C THR F 116 -20.63 34.20 27.77
N TRP F 117 -20.68 32.89 27.70
CA TRP F 117 -19.48 32.12 27.96
C TRP F 117 -18.30 32.34 26.98
N ILE F 118 -18.56 32.53 25.68
CA ILE F 118 -17.50 32.75 24.69
C ILE F 118 -16.87 34.12 24.82
N GLU F 119 -17.55 35.06 25.44
CA GLU F 119 -17.00 36.37 25.72
C GLU F 119 -16.11 36.34 26.95
N TRP F 120 -16.54 35.67 28.01
CA TRP F 120 -15.73 35.60 29.23
C TRP F 120 -14.44 34.82 28.99
N GLU F 121 -14.52 33.69 28.30
CA GLU F 121 -13.33 32.88 28.07
C GLU F 121 -12.34 33.59 27.14
N ARG F 122 -12.83 34.45 26.26
CA ARG F 122 -11.92 35.31 25.48
C ARG F 122 -11.38 36.46 26.32
N GLU F 123 -12.15 36.91 27.32
CA GLU F 123 -11.74 38.05 28.13
C GLU F 123 -10.67 37.67 29.13
N ILE F 124 -10.65 36.42 29.59
CA ILE F 124 -9.62 35.97 30.52
C ILE F 124 -8.74 34.93 29.85
N SER F 125 -8.42 35.10 28.58
CA SER F 125 -7.62 34.06 27.90
C SER F 125 -6.13 34.25 28.14
N ASN F 126 -5.73 35.22 28.94
CA ASN F 126 -4.30 35.41 29.19
C ASN F 126 -3.80 34.85 30.50
N TYR F 127 -4.77 34.48 31.34
CA TYR F 127 -4.50 33.93 32.68
C TYR F 127 -5.15 32.55 32.82
N THR F 128 -5.05 31.66 31.83
CA THR F 128 -5.50 30.28 32.01
C THR F 128 -4.36 29.37 32.48
N SER F 129 -3.15 29.59 31.95
CA SER F 129 -2.02 28.76 32.36
C SER F 129 -1.70 28.95 33.83
N GLN F 130 -1.63 30.21 34.27
CA GLN F 130 -1.37 30.48 35.69
C GLN F 130 -2.48 29.92 36.57
N ILE F 131 -3.72 30.03 36.12
CA ILE F 131 -4.84 29.46 36.89
C ILE F 131 -4.68 27.95 37.00
N TYR F 132 -4.37 27.28 35.89
CA TYR F 132 -4.21 25.83 35.92
C TYR F 132 -3.10 25.44 36.89
N ASP F 133 -1.97 26.14 36.83
CA ASP F 133 -0.86 25.84 37.74
C ASP F 133 -1.26 26.08 39.20
N ILE F 134 -2.00 27.15 39.46
CA ILE F 134 -2.39 27.47 40.84
C ILE F 134 -3.32 26.38 41.39
N LEU F 135 -4.30 25.95 40.60
CA LEU F 135 -5.18 24.88 41.05
C LEU F 135 -4.42 23.56 41.25
N THR F 136 -3.47 23.25 40.36
CA THR F 136 -2.69 22.03 40.55
C THR F 136 -1.90 22.08 41.86
N ILE F 137 -1.22 23.21 42.10
CA ILE F 137 -0.44 23.38 43.33
C ILE F 137 -1.33 23.31 44.56
N SER F 138 -2.49 23.98 44.52
CA SER F 138 -3.40 23.97 45.66
C SER F 138 -3.92 22.58 45.94
N GLN F 139 -4.28 21.83 44.89
CA GLN F 139 -4.75 20.46 45.09
C GLN F 139 -3.66 19.60 45.71
N THR F 140 -2.42 19.75 45.25
CA THR F 140 -1.32 18.99 45.84
C THR F 140 -1.10 19.37 47.30
N GLN F 141 -1.21 20.67 47.62
CA GLN F 141 -1.02 21.10 48.99
C GLN F 141 -2.11 20.54 49.91
N GLN F 142 -3.36 20.55 49.45
CA GLN F 142 -4.44 19.93 50.22
C GLN F 142 -4.21 18.43 50.36
N GLU F 143 -3.72 17.79 49.30
CA GLU F 143 -3.44 16.37 49.34
C GLU F 143 -2.39 16.03 50.40
N LYS F 144 -1.33 16.84 50.45
CA LYS F 144 -0.30 16.64 51.46
C LYS F 144 -0.82 16.91 52.87
N ASN F 145 -1.66 17.92 53.08
CA ASN F 145 -2.10 18.19 54.44
C ASN F 145 -2.88 17.04 55.05
N GLU F 146 -3.67 16.34 54.26
CA GLU F 146 -4.50 15.28 54.83
C GLU F 146 -3.67 14.17 55.44
N LYS F 147 -2.56 13.81 54.81
CA LYS F 147 -1.69 12.74 55.31
C LYS F 147 -1.21 13.12 56.70
N ASP F 148 -0.93 14.40 56.92
CA ASP F 148 -0.52 14.84 58.25
C ASP F 148 -1.60 14.62 59.29
N LEU F 149 -2.85 14.89 58.95
CA LEU F 149 -3.94 14.66 59.88
C LEU F 149 -4.12 13.20 60.22
N LEU F 150 -3.95 12.32 59.25
CA LEU F 150 -4.07 10.88 59.48
C LEU F 150 -2.86 10.37 60.23
N GLU F 151 -1.81 11.18 60.33
CA GLU F 151 -0.59 10.84 61.07
C GLU F 151 0.42 10.02 60.30
N GLN G 1 -2.27 43.29 -2.07
CA GLN G 1 -2.31 43.53 -0.64
C GLN G 1 -3.43 44.52 -0.30
N ILE G 2 -3.28 45.21 0.83
CA ILE G 2 -4.28 46.15 1.31
C ILE G 2 -3.74 47.57 1.12
N HIS G 3 -4.57 48.44 0.55
CA HIS G 3 -4.20 49.84 0.32
C HIS G 3 -5.45 50.69 0.36
N LEU G 4 -5.35 51.86 0.99
CA LEU G 4 -6.45 52.79 1.12
C LEU G 4 -6.13 54.09 0.39
N VAL G 5 -7.13 54.67 -0.25
CA VAL G 5 -7.01 55.95 -0.94
C VAL G 5 -8.24 56.79 -0.66
N GLN G 6 -8.04 58.09 -0.46
CA GLN G 6 -9.15 59.00 -0.20
C GLN G 6 -9.10 60.20 -1.14
N SER G 7 -9.99 61.17 -0.93
CA SER G 7 -10.06 62.35 -1.77
C SER G 7 -8.90 63.30 -1.47
N GLY G 8 -8.84 64.39 -2.22
CA GLY G 8 -7.82 65.40 -2.04
C GLY G 8 -8.21 66.43 -0.99
N THR G 9 -7.38 67.46 -0.88
CA THR G 9 -7.63 68.52 0.09
C THR G 9 -8.75 69.44 -0.38
N GLU G 10 -9.42 70.07 0.58
CA GLU G 10 -10.46 71.04 0.30
C GLU G 10 -10.34 72.21 1.26
N VAL G 11 -10.67 73.40 0.77
CA VAL G 11 -10.67 74.62 1.55
C VAL G 11 -12.08 75.19 1.49
N LYS G 12 -12.82 75.07 2.59
CA LYS G 12 -14.22 75.47 2.66
C LYS G 12 -14.38 76.63 3.63
N LYS G 13 -15.63 76.99 3.90
CA LYS G 13 -15.98 78.12 4.75
C LYS G 13 -17.14 77.69 5.64
N PRO G 14 -17.34 78.37 6.77
CA PRO G 14 -18.40 77.95 7.70
C PRO G 14 -19.77 77.99 7.04
N GLY G 15 -20.63 77.06 7.44
CA GLY G 15 -21.94 76.90 6.86
C GLY G 15 -22.01 76.00 5.64
N SER G 16 -20.89 75.45 5.20
CA SER G 16 -20.83 74.58 4.05
C SER G 16 -20.89 73.12 4.49
N SER G 17 -20.64 72.21 3.56
CA SER G 17 -20.61 70.78 3.85
C SER G 17 -19.65 70.11 2.88
N VAL G 18 -18.87 69.16 3.39
CA VAL G 18 -17.88 68.45 2.59
C VAL G 18 -17.96 66.96 2.92
N THR G 19 -17.53 66.14 1.97
CA THR G 19 -17.58 64.69 2.11
C THR G 19 -16.23 64.09 1.73
N VAL G 20 -15.80 63.09 2.50
CA VAL G 20 -14.55 62.38 2.26
C VAL G 20 -14.88 60.90 2.12
N SER G 21 -14.45 60.29 1.02
CA SER G 21 -14.72 58.89 0.74
C SER G 21 -13.41 58.14 0.57
N CYS G 22 -13.35 56.98 1.24
CA CYS G 22 -12.16 56.13 1.18
C CYS G 22 -12.52 54.87 0.43
N LYS G 23 -11.68 54.46 -0.50
CA LYS G 23 -11.94 53.25 -1.27
C LYS G 23 -10.90 52.23 -0.90
N ALA G 24 -11.32 51.05 -0.49
CA ALA G 24 -10.37 50.08 -0.01
C ALA G 24 -10.05 49.02 -1.01
N TYR G 25 -8.77 48.79 -1.25
CA TYR G 25 -8.37 47.79 -2.20
C TYR G 25 -7.78 46.61 -1.47
N GLY G 26 -8.31 45.43 -1.70
CA GLY G 26 -7.86 44.26 -0.96
C GLY G 26 -8.79 43.84 0.13
N VAL G 27 -9.86 44.59 0.35
CA VAL G 27 -10.85 44.23 1.34
C VAL G 27 -11.94 43.53 0.57
N ASN G 28 -12.17 42.26 0.86
CA ASN G 28 -13.15 41.51 0.14
C ASN G 28 -14.57 41.96 0.34
N THR G 29 -14.94 42.24 1.57
CA THR G 29 -16.29 42.69 1.87
C THR G 29 -16.27 43.51 3.14
N PHE G 30 -17.23 44.41 3.30
CA PHE G 30 -17.29 45.19 4.50
C PHE G 30 -18.00 44.42 5.57
N GLY G 31 -18.58 43.27 5.22
CA GLY G 31 -19.18 42.45 6.25
C GLY G 31 -18.16 41.84 7.17
N LEU G 32 -17.11 41.26 6.63
CA LEU G 32 -16.04 40.75 7.45
C LEU G 32 -15.20 41.85 8.07
N TYR G 33 -14.86 42.89 7.31
CA TYR G 33 -14.06 44.02 7.78
C TYR G 33 -14.90 45.08 8.48
N ALA G 34 -14.26 46.04 9.14
CA ALA G 34 -14.98 47.11 9.82
C ALA G 34 -14.34 48.40 9.50
N VAL G 35 -15.12 49.47 9.37
CA VAL G 35 -14.56 50.76 8.98
C VAL G 35 -14.67 51.82 10.08
N ASN G 36 -13.56 52.41 10.50
CA ASN G 36 -13.58 53.37 11.61
C ASN G 36 -13.04 54.72 11.22
N TRP G 37 -13.73 55.78 11.59
CA TRP G 37 -13.31 57.12 11.19
C TRP G 37 -12.60 57.89 12.30
N VAL G 38 -11.38 58.35 12.04
CA VAL G 38 -10.58 59.06 13.03
C VAL G 38 -10.11 60.41 12.51
N ARG G 39 -10.25 61.48 13.29
CA ARG G 39 -9.74 62.80 12.89
C ARG G 39 -8.57 63.29 13.73
N GLN G 40 -7.48 63.71 13.12
CA GLN G 40 -6.38 64.24 13.91
C GLN G 40 -6.22 65.73 13.75
N ALA G 41 -6.40 66.48 14.83
CA ALA G 41 -6.19 67.92 14.79
C ALA G 41 -4.71 68.20 14.70
N PRO G 42 -4.33 69.34 14.09
CA PRO G 42 -2.88 69.52 13.97
C PRO G 42 -2.24 69.61 15.34
N GLY G 43 -1.14 68.89 15.57
CA GLY G 43 -0.51 68.88 16.89
C GLY G 43 -1.23 67.99 17.90
N GLN G 44 -2.53 68.17 18.04
CA GLN G 44 -3.31 67.43 19.03
C GLN G 44 -3.51 65.96 18.68
N SER G 45 -3.86 65.15 19.66
CA SER G 45 -4.01 63.70 19.45
C SER G 45 -5.19 63.25 18.61
N LEU G 46 -5.11 62.03 18.10
CA LEU G 46 -6.18 61.49 17.28
C LEU G 46 -7.50 61.29 18.01
N GLU G 47 -8.63 61.44 17.31
CA GLU G 47 -9.94 61.30 17.93
C GLU G 47 -10.84 60.37 17.13
N TYR G 48 -11.84 59.75 17.75
CA TYR G 48 -12.71 58.79 17.07
C TYR G 48 -14.04 59.42 16.73
N ILE G 49 -14.44 59.36 15.46
CA ILE G 49 -15.70 59.93 15.03
C ILE G 49 -16.85 58.94 14.87
N GLY G 50 -16.63 57.85 14.13
CA GLY G 50 -17.73 56.93 13.84
C GLY G 50 -17.38 55.62 13.18
N GLN G 51 -18.35 54.70 13.03
CA GLN G 51 -18.10 53.43 12.37
C GLN G 51 -19.25 52.75 11.74
N ILE G 52 -18.99 51.84 10.81
CA ILE G 52 -20.03 51.01 10.22
C ILE G 52 -19.54 49.58 10.46
N TRP G 53 -20.28 48.79 11.22
CA TRP G 53 -19.88 47.43 11.49
C TRP G 53 -21.09 46.59 11.21
N ARG G 54 -20.97 45.57 10.35
CA ARG G 54 -22.10 44.70 10.01
C ARG G 54 -23.25 45.55 9.52
N TRP G 55 -22.95 46.57 8.71
CA TRP G 55 -23.94 47.47 8.14
C TRP G 55 -24.80 48.25 9.13
N LYS G 56 -24.23 48.61 10.28
CA LYS G 56 -24.94 49.45 11.27
C LYS G 56 -24.10 50.67 11.57
N SER G 57 -24.65 51.87 11.42
CA SER G 57 -23.85 53.07 11.60
C SER G 57 -23.97 53.76 12.93
N SER G 58 -22.87 54.32 13.41
CA SER G 58 -22.88 55.03 14.68
C SER G 58 -21.79 56.07 14.75
N ALA G 59 -21.94 57.02 15.65
CA ALA G 59 -20.95 58.07 15.84
C ALA G 59 -20.77 58.39 17.31
N SER G 60 -19.67 59.05 17.68
CA SER G 60 -19.41 59.41 19.07
C SER G 60 -20.40 60.45 19.50
N HIS G 61 -20.68 60.55 20.78
CA HIS G 61 -21.71 61.48 21.25
C HIS G 61 -21.40 62.89 20.84
N HIS G 62 -20.14 63.27 20.92
CA HIS G 62 -19.75 64.60 20.54
C HIS G 62 -20.01 64.88 19.06
N PHE G 63 -19.77 63.91 18.19
CA PHE G 63 -19.95 64.11 16.76
C PHE G 63 -21.32 63.72 16.23
N ARG G 64 -22.18 63.17 17.09
CA ARG G 64 -23.49 62.72 16.62
C ARG G 64 -24.37 63.82 16.13
N GLY G 65 -25.09 63.56 15.05
CA GLY G 65 -26.00 64.54 14.48
C GLY G 65 -25.35 65.45 13.46
N ARG G 66 -24.02 65.39 13.36
CA ARG G 66 -23.31 66.19 12.37
C ARG G 66 -22.51 65.36 11.40
N VAL G 67 -22.51 64.04 11.58
CA VAL G 67 -21.70 63.20 10.75
C VAL G 67 -22.56 62.10 10.14
N LEU G 68 -22.36 61.79 8.86
CA LEU G 68 -23.11 60.69 8.22
C LEU G 68 -22.17 59.66 7.64
N ILE G 69 -22.36 58.39 8.00
CA ILE G 69 -21.50 57.33 7.50
C ILE G 69 -22.23 56.32 6.60
N SER G 70 -21.73 56.12 5.38
CA SER G 70 -22.37 55.21 4.43
C SER G 70 -21.36 54.34 3.71
N ALA G 71 -21.74 53.12 3.35
CA ALA G 71 -20.82 52.22 2.67
C ALA G 71 -21.46 51.36 1.62
N VAL G 72 -20.72 51.02 0.56
CA VAL G 72 -21.21 50.12 -0.48
C VAL G 72 -20.10 49.11 -0.75
N ASP G 73 -20.43 47.83 -0.94
CA ASP G 73 -19.42 46.80 -1.19
C ASP G 73 -19.02 46.61 -2.67
N LEU G 74 -18.34 45.50 -2.99
CA LEU G 74 -17.81 45.29 -4.35
C LEU G 74 -18.78 45.34 -5.47
N THR G 75 -18.36 46.05 -6.53
CA THR G 75 -19.12 46.23 -7.80
C THR G 75 -18.13 45.91 -8.92
N GLY G 76 -18.54 45.09 -9.91
CA GLY G 76 -17.60 44.69 -10.95
C GLY G 76 -16.60 45.79 -11.28
N SER G 77 -17.07 47.04 -11.34
CA SER G 77 -16.20 48.16 -11.78
C SER G 77 -15.51 48.87 -10.61
N SER G 78 -16.03 48.74 -9.40
CA SER G 78 -15.36 49.46 -8.28
C SER G 78 -15.01 48.70 -7.00
N PRO G 79 -14.02 49.18 -6.22
CA PRO G 79 -13.66 48.56 -4.94
C PRO G 79 -14.69 48.92 -3.88
N PRO G 80 -14.66 48.29 -2.68
CA PRO G 80 -15.63 48.71 -1.67
C PRO G 80 -15.38 50.15 -1.26
N ILE G 81 -16.42 50.96 -1.08
CA ILE G 81 -16.27 52.39 -0.77
C ILE G 81 -17.01 52.83 0.50
N SER G 82 -16.37 53.62 1.35
CA SER G 82 -17.02 54.14 2.56
C SER G 82 -16.92 55.65 2.57
N SER G 83 -17.96 56.34 3.06
CA SER G 83 -17.96 57.79 2.99
C SER G 83 -18.37 58.49 4.28
N LEU G 84 -17.79 59.64 4.57
CA LEU G 84 -18.16 60.42 5.75
C LEU G 84 -18.53 61.81 5.30
N GLU G 85 -19.67 62.32 5.77
CA GLU G 85 -20.05 63.67 5.43
C GLU G 85 -20.14 64.57 6.64
N ILE G 86 -19.35 65.63 6.70
CA ILE G 86 -19.49 66.60 7.79
C ILE G 86 -20.66 67.51 7.44
N LYS G 87 -21.44 67.92 8.43
CA LYS G 87 -22.59 68.78 8.17
C LYS G 87 -22.53 69.98 9.12
N ASN G 88 -23.09 71.13 8.73
CA ASN G 88 -23.02 72.34 9.56
C ASN G 88 -21.58 72.67 9.95
N LEU G 89 -20.69 72.82 8.96
CA LEU G 89 -19.25 73.01 9.23
C LEU G 89 -18.83 74.19 10.06
N THR G 90 -17.81 74.01 10.90
CA THR G 90 -17.33 75.07 11.79
C THR G 90 -15.81 75.14 11.76
N SER G 91 -15.25 76.16 12.38
CA SER G 91 -13.79 76.33 12.42
C SER G 91 -13.03 75.20 13.08
N ASP G 92 -13.65 74.54 14.07
CA ASP G 92 -13.01 73.44 14.80
C ASP G 92 -12.83 72.19 13.97
N ASP G 93 -13.39 72.15 12.76
CA ASP G 93 -13.34 70.97 11.92
C ASP G 93 -12.08 70.89 11.06
N THR G 94 -11.11 71.74 11.31
CA THR G 94 -9.92 71.74 10.49
C THR G 94 -8.96 70.68 10.95
N ALA G 95 -8.91 69.57 10.21
CA ALA G 95 -7.98 68.50 10.55
C ALA G 95 -7.76 67.50 9.42
N VAL G 96 -6.72 66.69 9.48
CA VAL G 96 -6.54 65.62 8.51
C VAL G 96 -7.59 64.60 8.90
N TYR G 97 -8.00 63.70 8.01
CA TYR G 97 -8.93 62.64 8.40
C TYR G 97 -8.40 61.31 7.94
N PHE G 98 -8.74 60.24 8.63
CA PHE G 98 -8.32 58.91 8.19
C PHE G 98 -9.48 57.91 8.20
N CYS G 99 -9.43 56.91 7.33
CA CYS G 99 -10.47 55.91 7.26
C CYS G 99 -9.64 54.67 7.48
N THR G 100 -10.10 53.75 8.34
CA THR G 100 -9.29 52.58 8.68
C THR G 100 -10.07 51.29 8.59
N THR G 101 -9.40 50.14 8.51
CA THR G 101 -10.05 48.85 8.38
C THR G 101 -9.33 47.82 9.24
N THR G 102 -10.11 46.98 9.91
CA THR G 102 -9.58 45.91 10.76
C THR G 102 -10.29 44.61 10.46
N SER G 103 -9.53 43.52 10.39
CA SER G 103 -10.13 42.21 10.18
C SER G 103 -10.97 41.80 11.38
N THR G 104 -12.13 41.21 11.11
CA THR G 104 -13.02 40.74 12.16
C THR G 104 -13.62 39.38 11.79
N TYR G 105 -12.83 38.56 11.09
CA TYR G 105 -13.32 37.25 10.67
C TYR G 105 -13.45 36.31 11.87
N ASP G 106 -12.44 36.27 12.72
CA ASP G 106 -12.41 35.38 13.87
C ASP G 106 -12.36 36.19 15.16
N ARG G 107 -13.07 35.70 16.19
CA ARG G 107 -13.21 36.44 17.48
C ARG G 107 -12.06 36.17 18.46
N TRP G 108 -11.12 35.29 18.12
CA TRP G 108 -10.01 35.00 19.01
C TRP G 108 -8.69 35.61 18.55
N SER G 109 -8.73 36.71 17.81
CA SER G 109 -7.50 37.34 17.34
C SER G 109 -7.06 38.50 18.22
N GLY G 110 -7.97 39.15 18.96
CA GLY G 110 -7.61 40.25 19.87
C GLY G 110 -7.65 41.64 19.30
N LEU G 111 -7.64 41.81 17.98
CA LEU G 111 -7.78 43.12 17.35
C LEU G 111 -9.11 43.82 17.60
N HIS G 112 -10.20 43.09 17.65
CA HIS G 112 -11.51 43.65 17.94
C HIS G 112 -12.11 43.06 19.16
N HIS G 113 -12.78 43.86 19.96
CA HIS G 113 -13.48 43.34 21.10
C HIS G 113 -14.80 44.06 21.14
N ASP G 114 -15.91 43.38 20.85
CA ASP G 114 -17.24 43.98 21.00
C ASP G 114 -17.49 45.29 20.27
N GLY G 115 -16.94 45.46 19.09
CA GLY G 115 -17.10 46.72 18.38
C GLY G 115 -16.12 47.84 18.70
N VAL G 116 -15.20 47.63 19.65
CA VAL G 116 -14.19 48.62 19.95
C VAL G 116 -12.91 47.98 19.44
N MET G 117 -12.13 48.66 18.60
CA MET G 117 -10.98 48.02 17.96
C MET G 117 -9.63 48.69 17.81
N ALA G 118 -8.61 47.92 17.44
CA ALA G 118 -7.29 48.46 17.18
C ALA G 118 -7.19 48.48 15.68
N PHE G 119 -7.09 49.66 15.03
CA PHE G 119 -7.15 49.78 13.59
C PHE G 119 -5.86 49.36 12.90
N SER G 120 -5.88 48.22 12.24
CA SER G 120 -4.68 47.69 11.58
C SER G 120 -4.11 48.48 10.45
N SER G 121 -4.96 48.98 9.59
CA SER G 121 -4.48 49.68 8.42
C SER G 121 -5.03 51.07 8.40
N TRP G 122 -4.17 52.04 8.18
CA TRP G 122 -4.60 53.43 8.17
C TRP G 122 -4.42 54.06 6.80
N GLY G 123 -5.44 54.75 6.30
CA GLY G 123 -5.31 55.45 5.04
C GLY G 123 -4.30 56.60 5.03
N GLN G 124 -4.08 57.24 3.89
CA GLN G 124 -3.14 58.38 3.78
C GLN G 124 -3.52 59.75 4.38
N GLY G 125 -4.76 60.18 4.22
CA GLY G 125 -5.17 61.48 4.71
C GLY G 125 -5.81 62.43 3.72
N THR G 126 -6.68 63.30 4.19
CA THR G 126 -7.38 64.25 3.34
C THR G 126 -7.50 65.53 4.15
N LEU G 127 -6.54 66.42 4.02
CA LEU G 127 -6.50 67.60 4.87
C LEU G 127 -7.63 68.53 4.48
N ILE G 128 -8.44 68.94 5.46
CA ILE G 128 -9.54 69.87 5.26
C ILE G 128 -9.37 71.03 6.23
N SER G 129 -9.32 72.25 5.69
CA SER G 129 -9.16 73.46 6.49
C SER G 129 -10.22 74.48 6.09
N VAL G 130 -10.69 75.24 7.08
CA VAL G 130 -11.71 76.24 6.85
C VAL G 130 -11.37 77.53 7.59
N ASP H 1 -15.27 58.53 28.66
CA ASP H 1 -15.51 57.59 29.74
C ASP H 1 -14.23 57.27 30.48
N ILE H 2 -13.26 56.71 29.76
CA ILE H 2 -11.95 56.35 30.31
C ILE H 2 -10.91 57.26 29.65
N GLN H 3 -10.11 57.93 30.49
CA GLN H 3 -9.04 58.80 30.03
C GLN H 3 -7.71 58.11 30.22
N MET H 4 -6.70 58.56 29.46
CA MET H 4 -5.37 58.01 29.54
C MET H 4 -4.34 59.14 29.59
N THR H 5 -3.22 58.86 30.24
CA THR H 5 -2.12 59.80 30.36
C THR H 5 -0.84 59.07 30.00
N GLN H 6 -0.01 59.70 29.16
CA GLN H 6 1.20 59.08 28.64
C GLN H 6 2.39 59.98 28.92
N SER H 7 3.41 59.42 29.55
CA SER H 7 4.62 60.14 29.94
C SER H 7 5.83 59.26 29.68
N PRO H 8 6.99 59.84 29.34
CA PRO H 8 7.27 61.28 29.15
C PRO H 8 6.68 61.84 27.85
N SER H 9 6.37 63.13 27.86
CA SER H 9 5.73 63.74 26.69
C SER H 9 6.71 63.90 25.54
N THR H 10 7.95 64.29 25.83
CA THR H 10 8.96 64.50 24.78
C THR H 10 10.32 64.24 25.40
N LEU H 11 10.95 63.15 25.00
CA LEU H 11 12.28 62.77 25.46
C LEU H 11 13.25 62.73 24.28
N SER H 12 14.49 62.36 24.59
CA SER H 12 15.54 62.26 23.58
C SER H 12 16.36 61.00 23.83
N ALA H 13 16.93 60.45 22.76
CA ALA H 13 17.73 59.24 22.87
C ALA H 13 18.69 59.17 21.69
N SER H 14 19.71 58.35 21.86
CA SER H 14 20.73 58.13 20.84
C SER H 14 20.66 56.69 20.34
N THR H 15 21.37 56.44 19.23
CA THR H 15 21.39 55.11 18.64
C THR H 15 22.06 54.12 19.59
N GLY H 16 21.41 52.97 19.78
CA GLY H 16 21.93 51.93 20.65
C GLY H 16 21.37 51.93 22.06
N ASP H 17 20.66 52.99 22.46
CA ASP H 17 20.09 53.06 23.78
C ASP H 17 18.75 52.31 23.83
N THR H 18 18.27 52.10 25.06
CA THR H 18 16.99 51.45 25.30
C THR H 18 16.06 52.46 25.97
N VAL H 19 14.88 52.66 25.38
CA VAL H 19 13.93 53.64 25.87
C VAL H 19 12.70 52.92 26.40
N ARG H 20 12.11 53.49 27.45
CA ARG H 20 10.90 52.95 28.08
C ARG H 20 9.85 54.04 28.12
N ILE H 21 8.75 53.83 27.42
CA ILE H 21 7.64 54.78 27.36
C ILE H 21 6.42 54.13 28.01
N SER H 22 5.70 54.89 28.82
CA SER H 22 4.59 54.37 29.61
C SER H 22 3.32 55.15 29.32
N CYS H 23 2.21 54.43 29.19
CA CYS H 23 0.88 55.01 29.11
C CYS H 23 0.05 54.45 30.24
N ARG H 24 -0.68 55.34 30.93
CA ARG H 24 -1.44 54.97 32.12
C ARG H 24 -2.92 55.24 31.89
N ALA H 25 -3.77 54.38 32.46
CA ALA H 25 -5.21 54.49 32.33
C ALA H 25 -5.84 54.77 33.69
N SER H 26 -6.94 55.52 33.67
CA SER H 26 -7.63 55.85 34.91
C SER H 26 -8.19 54.60 35.59
N GLN H 27 -8.76 53.69 34.81
CA GLN H 27 -9.30 52.45 35.33
C GLN H 27 -8.34 51.30 35.02
N SER H 28 -8.65 50.14 35.59
CA SER H 28 -7.81 48.96 35.42
C SER H 28 -8.26 48.19 34.19
N ILE H 29 -7.37 48.08 33.21
CA ILE H 29 -7.64 47.33 31.99
C ILE H 29 -6.99 45.97 32.16
N THR H 30 -7.76 45.03 32.70
CA THR H 30 -7.27 43.68 32.95
C THR H 30 -7.39 42.77 31.74
N GLY H 31 -8.09 43.19 30.69
CA GLY H 31 -8.18 42.43 29.48
C GLY H 31 -7.05 42.63 28.51
N ASN H 32 -6.06 43.45 28.88
CA ASN H 32 -4.91 43.75 28.02
C ASN H 32 -5.35 44.36 26.69
N TRP H 33 -6.25 45.32 26.77
CA TRP H 33 -6.77 46.02 25.59
C TRP H 33 -6.03 47.34 25.45
N VAL H 34 -4.87 47.30 24.79
CA VAL H 34 -4.07 48.48 24.49
C VAL H 34 -3.47 48.32 23.10
N ALA H 35 -2.96 49.42 22.57
CA ALA H 35 -2.33 49.42 21.25
C ALA H 35 -1.32 50.54 21.16
N TRP H 36 -0.25 50.28 20.42
CA TRP H 36 0.86 51.22 20.26
C TRP H 36 1.02 51.59 18.79
N TYR H 37 1.05 52.89 18.52
CA TYR H 37 1.23 53.41 17.17
C TYR H 37 2.53 54.20 17.06
N GLN H 38 3.12 54.17 15.87
CA GLN H 38 4.28 54.98 15.56
C GLN H 38 4.07 55.62 14.19
N GLN H 39 4.25 56.94 14.12
CA GLN H 39 4.08 57.68 12.87
C GLN H 39 5.34 58.49 12.57
N ARG H 40 5.73 58.50 11.31
CA ARG H 40 6.79 59.37 10.84
C ARG H 40 6.28 60.79 10.71
N PRO H 41 7.17 61.79 10.67
CA PRO H 41 6.72 63.18 10.49
C PRO H 41 5.83 63.36 9.27
N GLY H 42 4.61 63.82 9.50
CA GLY H 42 3.64 63.93 8.42
C GLY H 42 3.22 62.62 7.81
N LYS H 43 3.03 61.59 8.65
CA LYS H 43 2.65 60.27 8.18
C LYS H 43 1.55 59.71 9.07
N ALA H 44 0.67 58.92 8.47
CA ALA H 44 -0.40 58.28 9.23
C ALA H 44 0.20 57.26 10.20
N PRO H 45 -0.34 57.16 11.42
CA PRO H 45 0.19 56.19 12.38
C PRO H 45 0.01 54.76 11.89
N ARG H 46 0.94 53.91 12.30
CA ARG H 46 0.93 52.49 11.97
C ARG H 46 0.89 51.68 13.25
N LEU H 47 0.01 50.69 13.31
CA LEU H 47 -0.10 49.84 14.48
C LEU H 47 1.07 48.87 14.56
N LEU H 48 1.62 48.72 15.75
CA LEU H 48 2.73 47.82 15.99
C LEU H 48 2.43 46.77 17.05
N ILE H 49 1.73 47.17 18.11
CA ILE H 49 1.41 46.29 19.24
C ILE H 49 -0.10 46.27 19.42
N TYR H 50 -0.68 45.08 19.53
CA TYR H 50 -2.08 44.92 19.90
C TYR H 50 -2.17 43.88 21.00
N ARG H 51 -3.20 44.01 21.84
CA ARG H 51 -3.41 43.11 22.97
C ARG H 51 -2.16 42.99 23.84
N GLY H 52 -1.61 44.14 24.20
CA GLY H 52 -0.51 44.18 25.14
C GLY H 52 0.88 43.96 24.57
N ALA H 53 1.15 42.76 24.04
CA ALA H 53 2.51 42.45 23.62
C ALA H 53 2.56 41.60 22.34
N ALA H 54 1.62 41.80 21.43
CA ALA H 54 1.57 41.01 20.20
C ALA H 54 2.08 41.82 19.02
N LEU H 55 3.08 41.29 18.32
CA LEU H 55 3.64 41.91 17.13
C LEU H 55 2.75 41.68 15.92
N LEU H 56 2.81 42.60 14.97
CA LEU H 56 2.17 42.39 13.67
C LEU H 56 3.12 41.68 12.72
N GLY H 57 2.64 41.47 11.49
CA GLY H 57 3.48 40.88 10.46
C GLY H 57 4.38 41.92 9.82
N GLY H 58 5.59 41.50 9.49
CA GLY H 58 6.58 42.41 8.93
C GLY H 58 6.98 43.55 9.83
N VAL H 59 7.18 43.27 11.12
CA VAL H 59 7.50 44.30 12.11
C VAL H 59 8.82 43.93 12.77
N PRO H 60 9.72 44.90 12.98
CA PRO H 60 10.97 44.59 13.69
C PRO H 60 10.72 44.04 15.09
N SER H 61 11.56 43.09 15.49
CA SER H 61 11.37 42.39 16.76
C SER H 61 11.86 43.20 17.95
N ARG H 62 12.52 44.33 17.74
CA ARG H 62 13.00 45.13 18.87
C ARG H 62 11.87 45.75 19.66
N PHE H 63 10.71 45.98 19.04
CA PHE H 63 9.56 46.51 19.76
C PHE H 63 8.97 45.43 20.67
N ARG H 64 8.77 45.77 21.93
CA ARG H 64 8.21 44.84 22.91
C ARG H 64 7.31 45.60 23.86
N GLY H 65 6.33 44.90 24.43
CA GLY H 65 5.38 45.51 25.33
C GLY H 65 5.16 44.66 26.56
N SER H 66 4.75 45.34 27.63
CA SER H 66 4.43 44.68 28.89
C SER H 66 3.14 45.27 29.43
N ALA H 67 2.31 44.40 30.01
CA ALA H 67 1.01 44.80 30.54
C ALA H 67 0.89 44.33 31.97
N ALA H 68 0.61 45.27 32.88
CA ALA H 68 0.43 44.94 34.29
C ALA H 68 -0.52 45.98 34.89
N GLY H 69 -1.80 45.63 34.96
CA GLY H 69 -2.78 46.51 35.57
C GLY H 69 -2.89 47.83 34.82
N THR H 70 -2.48 48.90 35.48
CA THR H 70 -2.53 50.24 34.90
C THR H 70 -1.20 50.70 34.32
N ASP H 71 -0.18 49.84 34.31
CA ASP H 71 1.15 50.20 33.82
C ASP H 71 1.42 49.46 32.52
N PHE H 72 1.21 50.14 31.40
CA PHE H 72 1.51 49.61 30.08
C PHE H 72 2.75 50.32 29.55
N THR H 73 3.74 49.55 29.09
CA THR H 73 5.00 50.10 28.65
C THR H 73 5.42 49.49 27.31
N LEU H 74 6.19 50.28 26.55
CA LEU H 74 6.77 49.84 25.28
C LEU H 74 8.26 50.11 25.30
N THR H 75 9.06 49.09 25.04
CA THR H 75 10.50 49.19 25.11
C THR H 75 11.10 49.05 23.71
N ILE H 76 11.89 50.03 23.31
CA ILE H 76 12.57 50.04 22.02
C ILE H 76 14.07 50.08 22.27
N GLY H 77 14.79 49.09 21.74
CA GLY H 77 16.23 49.03 21.82
C GLY H 77 16.83 49.05 20.43
N ASN H 78 18.06 49.56 20.33
CA ASN H 78 18.74 49.67 19.04
C ASN H 78 17.89 50.53 18.15
N LEU H 79 17.64 51.75 18.59
CA LEU H 79 16.79 52.66 17.82
C LEU H 79 17.43 52.92 16.49
N GLN H 80 16.62 53.04 15.47
CA GLN H 80 17.14 53.31 14.14
C GLN H 80 16.43 54.55 13.67
N ALA H 81 16.98 55.23 12.67
CA ALA H 81 16.41 56.50 12.24
C ALA H 81 14.98 56.38 11.77
N GLU H 82 14.67 55.30 11.08
CA GLU H 82 13.32 55.07 10.61
C GLU H 82 12.36 54.93 11.79
N ASP H 83 12.80 54.24 12.82
CA ASP H 83 11.97 54.01 13.98
C ASP H 83 11.59 55.32 14.66
N PHE H 84 12.52 56.27 14.72
CA PHE H 84 12.26 57.52 15.41
C PHE H 84 11.04 58.20 14.83
N GLY H 85 10.20 58.74 15.70
CA GLY H 85 9.01 59.42 15.25
C GLY H 85 8.12 59.76 16.41
N THR H 86 6.81 59.70 16.20
CA THR H 86 5.86 59.98 17.27
C THR H 86 5.13 58.70 17.66
N PHE H 87 4.88 58.55 18.96
CA PHE H 87 4.33 57.32 19.51
C PHE H 87 3.00 57.60 20.21
N TYR H 88 2.13 56.59 20.24
CA TYR H 88 0.81 56.74 20.82
C TYR H 88 0.41 55.46 21.55
N CYS H 89 -0.46 55.61 22.54
CA CYS H 89 -1.05 54.49 23.28
C CYS H 89 -2.54 54.72 23.41
N GLN H 90 -3.33 53.70 23.12
CA GLN H 90 -4.78 53.79 23.24
C GLN H 90 -5.31 52.62 24.06
N GLN H 91 -6.63 52.66 24.30
CA GLN H 91 -7.35 51.55 24.92
C GLN H 91 -8.68 51.36 24.19
N TYR H 92 -9.07 50.10 23.99
CA TYR H 92 -10.35 49.77 23.38
C TYR H 92 -11.12 48.79 24.25
N ASP H 93 -11.20 49.12 25.55
CA ASP H 93 -11.97 48.31 26.49
C ASP H 93 -13.44 48.69 26.47
N THR H 94 -13.75 49.96 26.74
CA THR H 94 -15.11 50.45 26.80
C THR H 94 -15.35 51.48 25.71
N TYR H 95 -16.54 51.42 25.10
CA TYR H 95 -16.92 52.40 24.10
C TYR H 95 -17.06 53.78 24.76
N PRO H 96 -16.60 54.85 24.11
CA PRO H 96 -15.85 54.88 22.84
C PRO H 96 -14.36 54.67 23.05
N GLY H 97 -13.63 54.41 21.97
CA GLY H 97 -12.18 54.33 22.06
C GLY H 97 -11.58 55.66 22.43
N THR H 98 -10.34 55.61 22.92
CA THR H 98 -9.67 56.79 23.42
C THR H 98 -8.17 56.67 23.16
N PHE H 99 -7.57 57.76 22.69
CA PHE H 99 -6.15 57.82 22.42
C PHE H 99 -5.42 58.49 23.57
N GLY H 100 -4.12 58.19 23.67
CA GLY H 100 -3.28 58.83 24.66
C GLY H 100 -2.93 60.24 24.27
N GLN H 101 -2.24 60.94 25.18
CA GLN H 101 -1.83 62.31 24.92
C GLN H 101 -0.82 62.37 23.78
N GLY H 102 0.06 61.39 23.68
CA GLY H 102 1.02 61.34 22.60
C GLY H 102 2.41 61.78 23.00
N THR H 103 3.40 60.95 22.75
CA THR H 103 4.79 61.25 23.05
C THR H 103 5.60 61.35 21.77
N LYS H 104 6.63 62.19 21.79
CA LYS H 104 7.52 62.38 20.66
C LYS H 104 8.96 62.13 21.09
N VAL H 105 9.69 61.41 20.26
CA VAL H 105 11.09 61.07 20.53
C VAL H 105 11.96 61.76 19.49
N GLU H 106 12.91 62.56 19.96
CA GLU H 106 13.82 63.31 19.11
C GLU H 106 15.18 62.64 19.07
N VAL H 107 15.99 63.05 18.09
CA VAL H 107 17.33 62.51 17.94
C VAL H 107 18.27 63.18 18.94
N LYS H 108 19.06 62.36 19.63
CA LYS H 108 20.01 62.85 20.64
C LYS H 108 19.35 63.75 21.67
N ASN I 4 3.17 0.70 63.75
CA ASN I 4 2.80 -0.10 62.59
C ASN I 4 2.92 0.69 61.31
N LEU I 5 3.03 -0.01 60.18
CA LEU I 5 3.22 0.66 58.93
C LEU I 5 2.15 0.15 58.02
N TRP I 6 1.71 0.95 57.07
CA TRP I 6 0.66 0.55 56.16
C TRP I 6 1.04 0.87 54.73
N VAL I 7 0.66 0.04 53.78
CA VAL I 7 1.02 0.26 52.41
C VAL I 7 0.42 1.55 51.94
N THR I 8 1.19 2.37 51.22
CA THR I 8 0.67 3.62 50.67
C THR I 8 1.10 3.65 49.23
N VAL I 9 0.28 4.16 48.32
CA VAL I 9 0.61 4.12 46.91
C VAL I 9 0.92 5.46 46.32
N TYR I 10 2.05 5.58 45.63
CA TYR I 10 2.48 6.85 45.04
C TYR I 10 2.46 6.84 43.51
N TYR I 11 1.92 7.87 42.87
CA TYR I 11 1.94 7.98 41.41
C TYR I 11 2.90 9.05 41.02
N GLY I 12 3.87 8.75 40.17
CA GLY I 12 4.84 9.74 39.83
C GLY I 12 6.21 9.62 40.42
N VAL I 13 6.51 8.51 41.06
CA VAL I 13 7.83 8.30 41.60
C VAL I 13 8.92 8.21 40.50
N PRO I 14 10.18 8.57 40.82
CA PRO I 14 11.23 8.56 39.80
C PRO I 14 11.89 7.21 39.52
N VAL I 15 11.28 6.32 38.72
CA VAL I 15 11.84 4.99 38.39
C VAL I 15 11.77 4.72 36.90
N TRP I 16 12.80 4.11 36.32
CA TRP I 16 12.83 3.81 34.90
C TRP I 16 13.52 2.53 34.58
N ARG I 17 13.17 1.91 33.47
CA ARG I 17 13.80 0.70 33.03
C ARG I 17 14.10 0.86 31.57
N ASP I 18 15.15 0.25 31.08
CA ASP I 18 15.51 0.33 29.68
C ASP I 18 14.47 -0.31 28.80
N ALA I 19 14.23 0.28 27.63
CA ALA I 19 13.21 -0.22 26.72
C ALA I 19 13.43 0.17 25.27
N ASP I 20 12.52 -0.21 24.38
CA ASP I 20 12.61 0.10 22.95
C ASP I 20 11.28 0.61 22.46
N THR I 21 11.25 1.64 21.62
CA THR I 21 9.98 2.21 21.20
C THR I 21 9.99 2.62 19.77
N THR I 22 8.97 3.37 19.34
CA THR I 22 8.95 3.91 17.99
C THR I 22 9.14 5.38 18.20
N LEU I 23 10.19 5.90 17.64
CA LEU I 23 10.49 7.27 17.84
C LEU I 23 10.14 7.98 16.53
N PHE I 24 9.22 8.93 16.55
CA PHE I 24 8.79 9.64 15.33
C PHE I 24 9.69 10.78 14.99
N CYS I 25 9.38 11.53 13.93
CA CYS I 25 10.26 12.61 13.53
C CYS I 25 9.70 13.97 13.71
N ALA I 26 10.52 14.93 14.09
CA ALA I 26 10.07 16.30 14.17
C ALA I 26 11.10 17.08 13.42
N SER I 27 10.68 18.03 12.62
CA SER I 27 11.63 18.86 11.91
C SER I 27 11.50 20.30 12.33
N ASP I 28 12.22 21.19 11.66
CA ASP I 28 12.23 22.61 12.05
C ASP I 28 11.07 23.39 11.51
N ALA I 29 11.02 24.68 11.83
CA ALA I 29 9.86 25.47 11.48
C ALA I 29 9.52 25.53 10.01
N LYS I 30 10.52 25.81 9.18
CA LYS I 30 10.30 25.93 7.76
C LYS I 30 9.74 24.63 7.20
N ALA I 31 8.46 24.64 6.85
CA ALA I 31 7.85 23.46 6.28
C ALA I 31 8.40 23.29 4.88
N TYR I 32 8.68 22.05 4.47
CA TYR I 32 9.13 21.88 3.10
C TYR I 32 8.01 21.75 2.08
N GLU I 33 7.23 22.83 1.93
CA GLU I 33 6.16 22.89 0.96
C GLU I 33 6.64 24.03 0.10
N THR I 34 7.96 24.16 -0.01
CA THR I 34 8.57 25.23 -0.76
C THR I 34 8.63 24.83 -2.22
N GLU I 35 7.99 23.71 -2.58
CA GLU I 35 7.96 23.18 -3.95
C GLU I 35 9.21 22.39 -4.19
N VAL I 36 10.06 22.30 -3.18
CA VAL I 36 11.21 21.45 -3.31
C VAL I 36 10.88 20.35 -2.33
N HIS I 37 10.84 19.12 -2.79
CA HIS I 37 10.48 18.05 -1.93
C HIS I 37 11.64 17.14 -1.81
N ASN I 38 12.09 16.85 -0.59
CA ASN I 38 13.25 16.02 -0.41
C ASN I 38 12.93 14.54 -0.45
N VAL I 39 13.95 13.70 -0.60
CA VAL I 39 13.75 12.26 -0.61
C VAL I 39 13.32 11.90 0.77
N TRP I 40 13.72 12.69 1.76
CA TRP I 40 13.43 12.37 3.13
C TRP I 40 12.09 12.84 3.68
N ALA I 41 11.26 13.49 2.89
CA ALA I 41 9.92 13.88 3.32
C ALA I 41 9.83 14.67 4.59
N THR I 42 10.69 15.66 4.76
CA THR I 42 10.72 16.45 5.97
C THR I 42 9.44 17.21 6.18
N HIS I 43 8.74 17.53 5.11
CA HIS I 43 7.46 18.19 5.24
C HIS I 43 6.42 17.37 5.98
N ALA I 44 6.39 16.06 5.76
CA ALA I 44 5.46 15.20 6.48
C ALA I 44 5.84 15.06 7.95
N CYS I 45 7.06 15.43 8.33
CA CYS I 45 7.51 15.36 9.70
C CYS I 45 6.82 16.54 10.24
N VAL I 46 5.51 16.48 10.26
CA VAL I 46 4.71 17.60 10.70
C VAL I 46 4.98 18.04 12.12
N PRO I 47 5.28 17.13 13.07
CA PRO I 47 5.58 17.56 14.44
C PRO I 47 6.71 18.60 14.39
N THR I 48 6.38 19.89 14.50
CA THR I 48 7.40 20.92 14.40
C THR I 48 7.94 20.99 15.80
N ASP I 49 9.20 21.37 16.00
CA ASP I 49 9.77 21.29 17.36
C ASP I 49 9.76 22.55 18.21
N PRO I 50 8.85 22.61 19.20
CA PRO I 50 8.74 23.86 19.97
C PRO I 50 9.83 24.28 20.97
N ASN I 51 10.29 23.39 21.86
CA ASN I 51 11.27 23.76 22.90
C ASN I 51 12.07 22.59 23.49
N PRO I 52 13.28 22.86 24.00
CA PRO I 52 14.12 21.77 24.55
C PRO I 52 13.68 21.03 25.82
N GLN I 53 13.23 21.74 26.85
CA GLN I 53 12.85 21.10 28.13
C GLN I 53 13.80 20.05 28.78
N GLU I 54 15.07 20.38 28.96
CA GLU I 54 16.00 19.45 29.59
C GLU I 54 16.02 19.51 31.12
N MET I 55 16.28 18.40 31.80
CA MET I 55 16.34 18.38 33.24
C MET I 55 17.62 17.67 33.56
N HIS I 56 18.31 18.04 34.61
CA HIS I 56 19.57 17.43 34.88
C HIS I 56 19.37 16.45 35.97
N LEU I 57 19.57 15.17 35.69
CA LEU I 57 19.46 14.19 36.72
C LEU I 57 20.69 14.42 37.55
N LYS I 58 20.52 14.52 38.86
CA LYS I 58 21.66 14.82 39.72
C LYS I 58 21.94 13.64 40.60
N ASN I 59 23.20 13.28 40.76
CA ASN I 59 23.59 12.11 41.52
C ASN I 59 23.06 10.80 40.94
N VAL I 60 22.85 10.77 39.62
CA VAL I 60 22.40 9.56 38.96
C VAL I 60 23.45 9.12 37.97
N THR I 61 23.87 7.86 38.00
CA THR I 61 24.84 7.34 37.04
C THR I 61 24.15 6.33 36.17
N GLU I 62 24.51 6.28 34.90
CA GLU I 62 23.87 5.36 33.98
C GLU I 62 24.92 4.67 33.18
N ASN I 63 24.60 3.52 32.63
CA ASN I 63 25.54 2.76 31.87
C ASN I 63 25.11 2.83 30.43
N PHE I 64 26.02 3.13 29.53
CA PHE I 64 25.68 3.29 28.13
C PHE I 64 26.53 2.43 27.23
N ASN I 65 25.95 1.73 26.27
CA ASN I 65 26.72 0.95 25.29
C ASN I 65 26.24 1.27 23.90
N MET I 66 27.00 2.00 23.11
CA MET I 66 26.57 2.42 21.79
C MET I 66 26.31 1.33 20.80
N TRP I 67 27.05 0.24 20.87
CA TRP I 67 26.91 -0.84 19.92
C TRP I 67 25.62 -1.61 19.98
N LYS I 68 24.89 -1.54 21.10
CA LYS I 68 23.58 -2.19 21.23
C LYS I 68 22.36 -1.28 21.13
N ASN I 69 22.56 -0.02 20.78
CA ASN I 69 21.48 0.93 20.68
C ASN I 69 20.52 0.54 19.61
N ASN I 70 19.23 0.68 19.87
CA ASN I 70 18.23 0.41 18.86
C ASN I 70 17.92 1.65 18.06
N MET I 71 18.34 2.81 18.55
CA MET I 71 18.09 4.02 17.82
C MET I 71 18.79 4.01 16.47
N VAL I 72 20.03 3.53 16.41
CA VAL I 72 20.73 3.40 15.12
C VAL I 72 20.07 2.42 14.18
N GLU I 73 19.61 1.30 14.68
CA GLU I 73 18.92 0.33 13.85
C GLU I 73 17.62 0.85 13.27
N GLN I 74 16.84 1.60 14.02
CA GLN I 74 15.64 2.21 13.46
C GLN I 74 15.93 3.20 12.33
N MET I 75 16.96 4.03 12.46
CA MET I 75 17.28 5.00 11.44
C MET I 75 17.67 4.34 10.16
N HIS I 76 18.39 3.25 10.22
CA HIS I 76 18.86 2.61 9.01
C HIS I 76 17.65 2.19 8.22
N GLU I 77 16.67 1.59 8.88
CA GLU I 77 15.47 1.16 8.19
C GLU I 77 14.61 2.28 7.64
N ASP I 78 14.46 3.37 8.38
CA ASP I 78 13.69 4.51 7.90
C ASP I 78 14.28 5.16 6.69
N ILE I 79 15.59 5.35 6.67
CA ILE I 79 16.25 5.91 5.50
C ILE I 79 16.19 5.02 4.26
N ILE I 80 16.32 3.71 4.40
CA ILE I 80 16.16 2.80 3.27
C ILE I 80 14.76 2.91 2.74
N SER I 81 13.76 2.94 3.60
CA SER I 81 12.37 3.07 3.19
C SER I 81 11.94 4.35 2.57
N LEU I 82 12.45 5.47 3.03
CA LEU I 82 12.16 6.77 2.44
C LEU I 82 12.70 6.87 1.03
N TRP I 83 13.87 6.33 0.78
CA TRP I 83 14.42 6.32 -0.55
C TRP I 83 13.62 5.49 -1.49
N ASP I 84 13.15 4.33 -1.05
CA ASP I 84 12.30 3.47 -1.87
C ASP I 84 10.99 4.13 -2.22
N GLN I 85 10.38 4.79 -1.25
CA GLN I 85 9.11 5.47 -1.47
C GLN I 85 9.23 6.57 -2.50
N SER I 86 10.30 7.32 -2.48
CA SER I 86 10.53 8.36 -3.44
C SER I 86 10.71 7.87 -4.85
N LEU I 87 11.35 6.73 -5.04
CA LEU I 87 11.64 6.24 -6.38
C LEU I 87 10.61 5.28 -6.88
N LYS I 88 9.60 4.95 -6.11
CA LYS I 88 8.53 4.10 -6.67
C LYS I 88 7.72 4.73 -7.81
N PRO I 89 7.37 6.02 -7.75
CA PRO I 89 6.72 6.60 -8.93
C PRO I 89 7.66 7.25 -9.95
N CYS I 90 8.71 6.59 -10.43
CA CYS I 90 9.66 7.23 -11.33
C CYS I 90 9.89 6.35 -12.53
N VAL I 91 10.50 6.87 -13.59
CA VAL I 91 10.61 6.12 -14.83
C VAL I 91 11.37 4.83 -14.72
N LYS I 92 10.89 3.76 -15.32
CA LYS I 92 11.51 2.44 -15.25
C LYS I 92 12.85 2.18 -15.87
N LEU I 93 13.18 2.75 -17.01
CA LEU I 93 14.54 2.63 -17.60
C LEU I 93 14.96 1.28 -18.13
N THR I 94 14.03 0.34 -18.26
CA THR I 94 14.35 -0.94 -18.88
C THR I 94 14.67 -0.92 -20.37
N PRO I 95 14.09 0.02 -21.14
CA PRO I 95 14.48 -0.02 -22.54
C PRO I 95 15.98 0.18 -22.72
N LEU I 96 16.67 0.87 -21.81
CA LEU I 96 18.09 1.20 -21.98
C LEU I 96 19.08 0.08 -21.78
N CYS I 97 18.65 -1.10 -21.39
CA CYS I 97 19.60 -2.19 -21.30
C CYS I 97 19.74 -2.87 -22.66
N VAL I 98 20.49 -2.27 -23.57
CA VAL I 98 20.65 -2.79 -24.92
C VAL I 98 22.10 -2.64 -25.26
N THR I 99 22.53 -3.28 -26.33
CA THR I 99 23.90 -3.17 -26.73
C THR I 99 24.16 -1.74 -27.13
N LEU I 100 25.20 -1.14 -26.57
CA LEU I 100 25.60 0.24 -26.93
C LEU I 100 26.81 0.10 -27.83
N ASN I 101 26.80 0.74 -28.97
CA ASN I 101 27.88 0.80 -29.95
C ASN I 101 28.68 2.07 -29.66
N CYS I 102 29.75 1.91 -28.89
CA CYS I 102 30.51 3.11 -28.44
C CYS I 102 31.89 3.18 -29.10
N THR I 103 32.30 4.40 -29.45
CA THR I 103 33.61 4.60 -30.04
C THR I 103 34.73 4.18 -29.15
N SER I 104 35.69 3.44 -29.71
CA SER I 104 36.86 3.04 -28.93
C SER I 104 37.86 4.17 -29.01
N ALA I 105 37.59 5.16 -29.84
CA ALA I 105 38.46 6.31 -29.93
C ALA I 105 38.43 7.10 -28.62
N ASP I 125 34.29 11.17 -15.76
CA ASP I 125 35.56 10.58 -16.16
C ASP I 125 35.76 10.72 -17.64
N ASP I 126 35.49 9.65 -18.38
CA ASP I 126 35.58 9.76 -19.83
C ASP I 126 34.28 9.47 -20.58
N VAL I 127 33.96 10.25 -21.58
CA VAL I 127 32.58 10.04 -22.11
C VAL I 127 32.39 8.82 -23.02
N ARG I 128 33.36 8.46 -23.86
CA ARG I 128 33.03 7.38 -24.81
C ARG I 128 31.59 7.66 -25.19
N ASN I 129 31.24 8.50 -26.18
CA ASN I 129 29.80 8.54 -26.35
C ASN I 129 29.35 7.41 -27.28
N CYS I 130 28.17 6.85 -27.05
CA CYS I 130 27.75 5.59 -27.74
C CYS I 130 26.47 5.78 -28.58
N SER I 131 26.07 4.78 -29.40
CA SER I 131 24.87 4.74 -30.21
C SER I 131 24.01 3.57 -29.88
N PHE I 132 22.72 3.81 -29.65
CA PHE I 132 21.81 2.74 -29.34
C PHE I 132 20.45 2.96 -29.95
N ASN I 133 19.66 1.90 -30.07
CA ASN I 133 18.33 2.00 -30.65
C ASN I 133 17.38 1.94 -29.52
N MET I 134 16.40 2.78 -29.54
CA MET I 134 15.49 2.83 -28.44
C MET I 134 14.05 2.98 -28.89
N THR I 135 13.10 2.65 -28.02
CA THR I 135 11.70 2.69 -28.36
C THR I 135 11.17 4.09 -28.47
N THR I 136 10.26 4.34 -29.39
CA THR I 136 9.62 5.65 -29.49
C THR I 136 8.26 5.58 -28.85
N GLU I 137 7.52 6.68 -28.84
CA GLU I 137 6.22 6.69 -28.19
C GLU I 137 5.26 5.72 -28.84
N LEU I 138 5.26 5.62 -30.16
CA LEU I 138 4.45 4.63 -30.85
C LEU I 138 5.18 3.30 -30.70
N ARG I 139 4.51 2.26 -30.28
CA ARG I 139 5.17 0.99 -30.02
C ARG I 139 5.84 0.38 -31.22
N ASP I 140 5.23 0.49 -32.38
CA ASP I 140 5.80 -0.08 -33.59
C ASP I 140 7.15 0.47 -34.03
N LYS I 141 7.33 1.78 -33.98
CA LYS I 141 8.57 2.41 -34.46
C LYS I 141 9.78 2.42 -33.51
N GLN I 142 11.01 2.58 -34.05
CA GLN I 142 12.23 2.64 -33.23
C GLN I 142 13.04 3.88 -33.60
N GLN I 143 13.88 4.37 -32.69
CA GLN I 143 14.70 5.54 -32.97
C GLN I 143 16.14 5.25 -32.65
N LYS I 144 17.10 5.94 -33.26
CA LYS I 144 18.51 5.76 -32.87
C LYS I 144 18.98 6.97 -32.10
N VAL I 145 19.51 6.77 -30.90
CA VAL I 145 19.90 7.87 -30.05
C VAL I 145 21.39 7.86 -29.71
N TYR I 146 22.03 9.00 -29.54
CA TYR I 146 23.44 9.08 -29.14
C TYR I 146 23.54 9.74 -27.80
N ALA I 147 24.26 9.16 -26.85
CA ALA I 147 24.47 9.81 -25.55
C ALA I 147 25.90 9.70 -25.03
N LEU I 148 26.34 10.66 -24.21
CA LEU I 148 27.67 10.62 -23.63
C LEU I 148 27.61 9.83 -22.35
N PHE I 149 28.32 8.70 -22.28
CA PHE I 149 28.21 7.84 -21.13
C PHE I 149 29.51 7.72 -20.42
N TYR I 150 29.50 7.92 -19.13
CA TYR I 150 30.72 7.86 -18.36
C TYR I 150 31.33 6.48 -18.41
N LYS I 151 32.63 6.40 -18.50
CA LYS I 151 33.33 5.13 -18.59
C LYS I 151 33.13 4.26 -17.36
N LEU I 152 32.98 4.84 -16.20
CA LEU I 152 32.81 4.08 -14.98
C LEU I 152 31.55 3.19 -15.02
N ASP I 153 30.46 3.64 -15.64
CA ASP I 153 29.21 2.87 -15.75
C ASP I 153 29.04 1.91 -16.93
N ILE I 154 29.96 1.90 -17.89
CA ILE I 154 29.84 1.06 -19.04
C ILE I 154 30.86 -0.06 -19.01
N VAL I 155 30.42 -1.31 -19.07
CA VAL I 155 31.29 -2.48 -18.96
C VAL I 155 31.44 -3.24 -20.26
N PRO I 156 32.67 -3.45 -20.74
CA PRO I 156 32.88 -4.10 -22.03
C PRO I 156 32.37 -5.51 -22.12
N ILE I 157 31.72 -5.85 -23.22
CA ILE I 157 31.23 -7.21 -23.41
C ILE I 157 31.92 -7.81 -24.60
N ASP I 158 32.50 -9.00 -24.43
CA ASP I 158 33.22 -9.65 -25.52
C ASP I 158 32.80 -11.10 -25.63
N ASN I 167 37.58 -0.36 -34.70
CA ASN I 167 36.97 0.60 -33.79
C ASN I 167 35.55 0.23 -33.43
N PHE I 168 34.82 1.13 -32.78
CA PHE I 168 33.41 0.87 -32.51
C PHE I 168 33.07 -0.44 -31.80
N SER I 169 33.76 -0.80 -30.72
CA SER I 169 33.39 -2.01 -29.97
C SER I 169 32.11 -1.91 -29.13
N GLU I 170 31.42 -3.03 -28.91
CA GLU I 170 30.18 -3.07 -28.11
C GLU I 170 30.38 -2.95 -26.62
N TYR I 171 29.35 -2.54 -25.88
CA TYR I 171 29.47 -2.31 -24.45
C TYR I 171 28.10 -2.46 -23.89
N ARG I 172 27.95 -2.51 -22.58
CA ARG I 172 26.65 -2.75 -21.95
C ARG I 172 26.67 -1.93 -20.71
N LEU I 173 25.53 -1.59 -20.15
CA LEU I 173 25.49 -0.85 -18.88
C LEU I 173 25.92 -1.76 -17.75
N ILE I 174 26.41 -1.19 -16.66
CA ILE I 174 26.93 -2.01 -15.56
C ILE I 174 25.93 -2.91 -14.85
N ASN I 175 24.72 -2.44 -14.64
CA ASN I 175 23.75 -3.21 -13.88
C ASN I 175 22.69 -4.03 -14.61
N CYS I 176 22.95 -4.21 -15.89
CA CYS I 176 22.08 -4.96 -16.78
C CYS I 176 21.94 -6.37 -16.23
N ASN I 177 22.97 -6.87 -15.55
CA ASN I 177 22.80 -8.29 -15.31
C ASN I 177 22.34 -8.61 -13.89
N THR I 178 22.32 -7.60 -13.02
CA THR I 178 22.00 -7.88 -11.59
C THR I 178 20.91 -6.95 -11.05
N SER I 179 20.55 -5.89 -11.73
CA SER I 179 19.53 -5.01 -11.17
C SER I 179 18.63 -4.25 -12.11
N VAL I 180 17.52 -3.77 -11.60
CA VAL I 180 16.61 -2.98 -12.40
C VAL I 180 16.87 -1.51 -12.09
N ILE I 181 17.08 -0.66 -13.10
CA ILE I 181 17.47 0.72 -12.85
C ILE I 181 16.35 1.72 -13.00
N LYS I 182 16.09 2.57 -12.02
CA LYS I 182 14.99 3.54 -12.06
C LYS I 182 15.47 4.96 -12.01
N GLN I 183 15.05 5.81 -12.92
CA GLN I 183 15.55 7.17 -12.97
C GLN I 183 15.12 7.93 -11.75
N ALA I 184 15.94 8.85 -11.27
CA ALA I 184 15.54 9.69 -10.16
C ALA I 184 14.59 10.67 -10.72
N CYS I 185 13.54 11.01 -10.00
CA CYS I 185 12.65 12.05 -10.49
C CYS I 185 13.38 13.39 -10.40
N PRO I 186 13.31 14.22 -11.46
CA PRO I 186 14.12 15.45 -11.48
C PRO I 186 13.88 16.49 -10.40
N LYS I 187 12.63 16.77 -10.05
CA LYS I 187 12.30 17.77 -9.04
C LYS I 187 12.78 17.48 -7.62
N VAL I 188 12.77 16.23 -7.20
CA VAL I 188 13.14 15.87 -5.83
C VAL I 188 14.55 16.32 -5.50
N SER I 189 14.76 16.82 -4.29
CA SER I 189 16.06 17.35 -3.93
C SER I 189 16.82 16.47 -2.95
N PHE I 190 18.11 16.29 -3.18
CA PHE I 190 18.89 15.42 -2.33
C PHE I 190 19.55 16.21 -1.22
N ASP I 191 19.16 17.48 -1.05
CA ASP I 191 19.71 18.30 0.02
C ASP I 191 19.35 17.72 1.35
N PRO I 192 20.35 17.54 2.21
CA PRO I 192 20.04 16.87 3.47
C PRO I 192 19.71 17.89 4.56
N ILE I 193 18.57 17.72 5.21
CA ILE I 193 18.14 18.69 6.21
C ILE I 193 17.97 17.97 7.53
N PRO I 194 18.18 18.66 8.65
CA PRO I 194 18.14 17.97 9.95
C PRO I 194 16.85 17.30 10.35
N ILE I 195 16.91 16.07 10.87
CA ILE I 195 15.73 15.39 11.34
C ILE I 195 15.91 15.11 12.82
N HIS I 196 14.97 15.51 13.68
CA HIS I 196 15.05 15.28 15.11
C HIS I 196 14.14 14.13 15.45
N TYR I 197 14.62 13.11 16.14
CA TYR I 197 13.81 11.94 16.50
C TYR I 197 13.27 12.07 17.90
N CYS I 198 11.96 11.93 18.09
CA CYS I 198 11.38 12.17 19.40
C CYS I 198 10.55 11.05 20.01
N THR I 199 10.40 11.02 21.34
CA THR I 199 9.72 9.93 22.04
C THR I 199 8.31 10.15 22.58
N PRO I 200 7.43 9.14 22.42
CA PRO I 200 6.03 9.23 22.87
C PRO I 200 5.94 9.32 24.34
N ALA I 201 4.84 9.82 24.89
CA ALA I 201 4.76 10.01 26.32
C ALA I 201 4.91 8.70 27.04
N GLY I 202 5.55 8.71 28.19
CA GLY I 202 5.80 7.49 28.92
C GLY I 202 7.17 6.96 28.62
N TYR I 203 7.91 7.64 27.74
CA TYR I 203 9.26 7.24 27.43
C TYR I 203 10.07 8.51 27.43
N ALA I 204 11.37 8.41 27.63
CA ALA I 204 12.22 9.58 27.73
C ALA I 204 13.47 9.25 27.04
N ILE I 205 14.29 10.22 26.72
CA ILE I 205 15.59 9.93 26.14
C ILE I 205 16.60 10.45 27.12
N LEU I 206 17.70 9.74 27.31
CA LEU I 206 18.73 10.16 28.21
C LEU I 206 20.03 10.47 27.47
N ARG I 207 20.66 11.60 27.73
CA ARG I 207 21.87 12.00 27.04
C ARG I 207 23.02 12.05 27.98
N CYS I 208 24.16 11.49 27.63
CA CYS I 208 25.28 11.43 28.53
C CYS I 208 25.94 12.70 29.02
N ASN I 209 26.18 13.71 28.17
CA ASN I 209 26.75 14.99 28.60
C ASN I 209 28.17 14.90 29.14
N ASP I 210 28.90 13.85 28.82
CA ASP I 210 30.22 13.67 29.40
C ASP I 210 31.29 13.80 28.37
N LYS I 211 32.32 14.59 28.64
CA LYS I 211 33.40 14.82 27.69
C LYS I 211 34.25 13.61 27.49
N LYS I 212 34.78 13.44 26.27
CA LYS I 212 35.65 12.30 25.98
C LYS I 212 35.02 10.93 26.23
N PHE I 213 33.74 10.85 25.87
CA PHE I 213 32.92 9.65 26.21
C PHE I 213 32.85 8.63 25.09
N ASN I 214 33.86 7.78 25.01
CA ASN I 214 34.03 6.69 24.05
C ASN I 214 32.84 5.74 24.02
N GLY I 215 31.68 6.28 24.33
CA GLY I 215 30.40 5.55 24.26
C GLY I 215 30.49 4.13 24.75
N THR I 216 30.81 3.95 26.03
CA THR I 216 30.81 2.67 26.74
C THR I 216 31.28 2.91 28.16
N GLY I 217 30.46 2.54 29.14
CA GLY I 217 30.83 2.68 30.52
C GLY I 217 29.86 3.55 31.29
N PRO I 218 30.15 3.77 32.58
CA PRO I 218 29.29 4.65 33.39
C PRO I 218 29.34 6.09 32.91
N CYS I 219 28.22 6.78 33.06
CA CYS I 219 28.09 8.17 32.67
C CYS I 219 27.63 8.98 33.88
N LYS I 220 28.28 10.11 34.13
CA LYS I 220 28.10 10.82 35.39
C LYS I 220 26.91 11.80 35.36
N ASN I 221 26.97 12.80 34.50
CA ASN I 221 25.93 13.84 34.47
C ASN I 221 24.94 13.55 33.34
N VAL I 222 24.13 12.51 33.56
CA VAL I 222 23.07 12.18 32.63
C VAL I 222 21.95 13.21 32.77
N SER I 223 21.50 13.75 31.64
CA SER I 223 20.44 14.75 31.63
C SER I 223 19.28 14.24 30.79
N SER I 224 18.05 14.46 31.28
CA SER I 224 16.85 14.05 30.57
C SER I 224 16.51 15.09 29.50
N VAL I 225 16.63 14.69 28.24
CA VAL I 225 16.32 15.56 27.11
C VAL I 225 15.02 15.09 26.49
N GLN I 226 14.22 16.03 26.00
CA GLN I 226 12.93 15.68 25.41
C GLN I 226 13.13 14.80 24.17
N CYS I 227 14.06 15.18 23.29
CA CYS I 227 14.43 14.34 22.15
C CYS I 227 15.68 14.92 21.51
N THR I 228 16.22 14.18 20.54
CA THR I 228 17.56 14.40 20.04
C THR I 228 17.68 15.73 19.29
N HIS I 229 18.91 16.23 19.22
CA HIS I 229 19.24 17.43 18.47
C HIS I 229 19.24 17.13 16.98
N GLY I 230 19.36 18.20 16.18
CA GLY I 230 19.36 18.07 14.74
C GLY I 230 20.51 17.24 14.20
N ILE I 231 20.19 16.23 13.41
CA ILE I 231 21.17 15.35 12.79
C ILE I 231 20.89 15.28 11.30
N LYS I 232 21.95 15.36 10.50
CA LYS I 232 21.81 15.38 9.04
C LYS I 232 21.98 13.98 8.49
N PRO I 233 21.02 13.47 7.73
CA PRO I 233 21.13 12.12 7.17
C PRO I 233 22.02 12.06 5.93
N VAL I 234 23.29 12.44 6.12
CA VAL I 234 24.28 12.38 5.07
C VAL I 234 25.00 11.04 5.12
N VAL I 235 25.42 10.55 3.96
CA VAL I 235 26.13 9.29 3.87
C VAL I 235 27.38 9.49 3.00
N SER I 236 28.51 9.01 3.49
CA SER I 236 29.77 9.09 2.76
C SER I 236 30.63 7.90 3.16
N THR I 237 31.53 7.51 2.27
CA THR I 237 32.27 6.26 2.45
C THR I 237 33.48 6.44 3.37
N GLN I 238 34.45 7.28 2.96
CA GLN I 238 35.74 7.33 3.64
C GLN I 238 35.86 8.48 4.61
N LEU I 239 35.18 9.60 4.38
CA LEU I 239 35.27 10.76 5.26
C LEU I 239 33.86 11.24 5.58
N LEU I 240 33.66 11.64 6.84
CA LEU I 240 32.35 12.07 7.31
C LEU I 240 32.22 13.58 7.17
N LEU I 241 31.22 14.00 6.41
CA LEU I 241 31.13 15.44 6.12
C LEU I 241 29.92 16.01 6.83
N ASN I 242 30.06 17.24 7.25
CA ASN I 242 29.02 18.04 7.91
C ASN I 242 28.54 17.40 9.22
N GLY I 243 29.42 16.83 10.06
CA GLY I 243 28.94 16.16 11.30
C GLY I 243 29.10 16.98 12.59
N SER I 244 28.96 16.40 13.80
CA SER I 244 29.15 17.19 15.00
C SER I 244 30.58 17.03 15.51
N LEU I 245 31.04 18.03 16.25
CA LEU I 245 32.43 18.10 16.68
C LEU I 245 32.52 17.78 18.17
N ALA I 246 33.56 17.05 18.55
CA ALA I 246 33.76 16.69 19.95
C ALA I 246 34.16 17.92 20.76
N GLU I 247 34.25 17.73 22.07
CA GLU I 247 34.51 18.83 23.00
C GLU I 247 35.96 18.91 23.44
N GLU I 248 36.50 17.83 24.02
CA GLU I 248 37.83 17.89 24.62
C GLU I 248 38.94 17.56 23.64
N GLY I 249 38.82 16.45 22.92
CA GLY I 249 39.88 16.07 22.01
C GLY I 249 39.45 14.97 21.08
N ILE I 250 40.39 14.53 20.24
CA ILE I 250 40.12 13.45 19.30
C ILE I 250 40.02 12.14 20.06
N ILE I 251 38.92 11.43 19.85
CA ILE I 251 38.62 10.21 20.60
C ILE I 251 38.22 9.10 19.63
N ILE I 252 38.73 7.90 19.88
CA ILE I 252 38.57 6.75 18.98
C ILE I 252 37.40 5.91 19.48
N ARG I 253 36.53 5.45 18.59
CA ARG I 253 35.45 4.56 19.03
C ARG I 253 35.33 3.32 18.17
N SER I 254 35.55 2.12 18.70
CA SER I 254 35.36 0.91 17.94
C SER I 254 34.84 -0.20 18.80
N GLU I 255 34.10 -1.10 18.16
CA GLU I 255 33.36 -2.23 18.78
C GLU I 255 34.26 -3.17 19.57
N ASN I 256 35.36 -3.56 18.97
CA ASN I 256 36.35 -4.49 19.50
C ASN I 256 37.71 -4.00 19.00
N LEU I 257 38.57 -3.49 19.87
CA LEU I 257 39.88 -2.91 19.47
C LEU I 257 41.01 -3.96 19.37
N THR I 258 40.66 -5.22 19.12
CA THR I 258 41.47 -6.42 18.91
C THR I 258 41.20 -7.09 17.57
N ASN I 259 39.95 -7.13 17.12
CA ASN I 259 39.60 -7.75 15.86
C ASN I 259 39.93 -6.82 14.69
N ASN I 260 40.50 -7.40 13.63
CA ASN I 260 40.80 -6.65 12.42
C ASN I 260 39.62 -6.59 11.47
N ALA I 261 38.50 -7.22 11.80
CA ALA I 261 37.30 -7.18 10.97
C ALA I 261 36.29 -6.14 11.44
N LYS I 262 36.67 -5.28 12.37
CA LYS I 262 35.80 -4.24 12.89
C LYS I 262 36.39 -2.88 12.56
N THR I 263 35.56 -1.93 12.13
CA THR I 263 36.01 -0.60 11.77
C THR I 263 36.17 0.42 12.87
N ILE I 264 37.17 1.29 12.76
CA ILE I 264 37.44 2.27 13.78
C ILE I 264 36.91 3.60 13.33
N ILE I 265 36.15 4.28 14.18
CA ILE I 265 35.57 5.55 13.83
C ILE I 265 36.32 6.62 14.59
N VAL I 266 36.80 7.68 13.96
CA VAL I 266 37.45 8.77 14.65
C VAL I 266 36.60 10.02 14.64
N HIS I 267 36.54 10.76 15.73
CA HIS I 267 35.72 11.97 15.83
C HIS I 267 36.63 13.11 16.13
N PHE I 268 36.59 14.15 15.32
CA PHE I 268 37.58 15.22 15.44
C PHE I 268 37.03 16.28 16.37
N ASN I 269 37.91 17.06 16.97
CA ASN I 269 37.48 18.19 17.77
C ASN I 269 37.67 19.52 17.05
N GLU I 270 38.11 19.48 15.77
CA GLU I 270 38.22 20.69 14.87
C GLU I 270 38.05 20.28 13.38
N SER I 271 37.37 21.08 12.53
CA SER I 271 37.06 20.66 11.17
C SER I 271 37.96 21.10 10.04
N VAL I 272 38.45 20.16 9.23
CA VAL I 272 39.23 20.50 8.04
C VAL I 272 38.19 20.83 6.99
N LYS I 273 38.48 21.68 6.02
CA LYS I 273 37.49 22.10 5.02
C LYS I 273 37.81 21.60 3.63
N ILE I 274 36.84 20.97 2.99
CA ILE I 274 37.04 20.42 1.64
C ILE I 274 36.06 21.12 0.71
N ASN I 275 36.54 21.64 -0.42
CA ASN I 275 35.68 22.34 -1.36
C ASN I 275 35.73 21.58 -2.64
N CYS I 276 34.59 21.20 -3.19
CA CYS I 276 34.59 20.36 -4.39
C CYS I 276 33.76 20.96 -5.50
N THR I 277 34.26 20.91 -6.74
CA THR I 277 33.53 21.47 -7.87
C THR I 277 33.67 20.70 -9.14
N ARG I 278 32.62 20.65 -9.97
CA ARG I 278 32.73 20.07 -11.33
C ARG I 278 32.66 21.31 -12.20
N PRO I 279 33.76 21.83 -12.78
CA PRO I 279 33.69 23.16 -13.37
C PRO I 279 33.11 23.35 -14.79
N SER I 280 33.09 22.27 -15.56
CA SER I 280 32.52 22.36 -16.92
C SER I 280 31.06 22.77 -16.77
N ASN I 281 30.54 23.35 -17.83
CA ASN I 281 29.18 23.81 -18.06
C ASN I 281 28.49 22.81 -18.99
N ASN I 282 27.66 21.89 -18.47
CA ASN I 282 27.07 20.83 -19.34
C ASN I 282 25.59 21.08 -19.66
N THR I 283 24.94 20.18 -20.42
CA THR I 283 23.53 20.38 -20.76
C THR I 283 22.69 19.13 -20.60
N ARG I 284 21.40 19.29 -20.39
CA ARG I 284 20.52 18.17 -20.25
C ARG I 284 19.59 18.18 -21.44
N THR I 285 19.48 17.07 -22.15
CA THR I 285 18.55 16.96 -23.26
C THR I 285 17.65 15.78 -22.97
N GLY I 286 16.35 15.90 -23.20
CA GLY I 286 15.44 14.81 -22.88
C GLY I 286 14.87 14.03 -24.06
N ILE I 287 14.88 12.70 -23.98
CA ILE I 287 14.36 11.87 -25.06
C ILE I 287 13.11 11.16 -24.59
N HIS I 288 12.20 10.83 -25.49
CA HIS I 288 10.95 10.21 -25.11
C HIS I 288 11.02 8.73 -25.36
N ILE I 289 10.98 7.93 -24.32
CA ILE I 289 11.16 6.50 -24.50
C ILE I 289 9.89 5.69 -24.45
N GLY I 290 8.75 6.34 -24.31
CA GLY I 290 7.51 5.62 -24.18
C GLY I 290 6.39 6.62 -24.14
N PRO I 291 5.17 6.16 -23.85
CA PRO I 291 4.14 7.18 -23.71
C PRO I 291 4.32 7.88 -22.38
N GLY I 292 4.64 9.16 -22.43
CA GLY I 292 4.83 9.93 -21.22
C GLY I 292 6.11 9.77 -20.45
N GLN I 293 7.14 9.13 -21.01
CA GLN I 293 8.37 8.85 -20.26
C GLN I 293 9.61 9.50 -20.84
N VAL I 294 10.39 10.23 -20.05
CA VAL I 294 11.58 10.89 -20.54
C VAL I 294 12.90 10.47 -19.91
N PHE I 295 13.89 10.11 -20.72
CA PHE I 295 15.20 9.74 -20.22
C PHE I 295 16.06 10.90 -20.56
N TYR I 296 16.71 11.52 -19.59
CA TYR I 296 17.49 12.71 -19.82
C TYR I 296 18.91 12.34 -19.99
N LYS I 297 19.47 12.65 -21.13
CA LYS I 297 20.80 12.23 -21.39
C LYS I 297 21.85 13.30 -21.21
N THR I 298 23.08 12.95 -20.95
CA THR I 298 24.12 13.98 -20.87
C THR I 298 24.34 14.70 -22.20
N GLY I 299 24.93 15.88 -22.17
CA GLY I 299 25.09 16.67 -23.38
C GLY I 299 26.49 17.22 -23.58
N ASP I 300 26.78 17.75 -24.76
CA ASP I 300 28.11 18.27 -25.04
C ASP I 300 28.50 19.44 -24.16
N ILE I 301 29.73 19.44 -23.67
CA ILE I 301 30.21 20.49 -22.77
C ILE I 301 30.67 21.75 -23.47
N ILE I 302 30.49 22.92 -22.85
CA ILE I 302 31.06 24.16 -23.43
C ILE I 302 32.24 24.63 -22.56
N GLY I 303 33.46 24.70 -23.08
CA GLY I 303 34.61 25.05 -22.24
C GLY I 303 35.59 23.92 -21.88
N ASP I 304 35.10 22.69 -21.74
CA ASP I 304 35.97 21.53 -21.49
C ASP I 304 36.96 21.68 -20.38
N ILE I 305 36.47 22.00 -19.19
CA ILE I 305 37.34 22.12 -18.05
C ILE I 305 37.80 20.76 -17.63
N ARG I 306 38.81 20.74 -16.79
CA ARG I 306 39.39 19.52 -16.34
C ARG I 306 38.49 18.78 -15.40
N LYS I 307 38.92 17.61 -14.99
CA LYS I 307 38.10 16.82 -14.13
C LYS I 307 37.86 17.54 -12.83
N ALA I 308 36.77 17.19 -12.17
CA ALA I 308 36.44 17.79 -10.92
C ALA I 308 37.52 17.49 -9.92
N TYR I 309 37.75 18.39 -9.00
CA TYR I 309 38.75 18.02 -7.98
C TYR I 309 38.15 18.41 -6.64
N CYS I 310 38.96 18.24 -5.61
CA CYS I 310 38.58 18.70 -4.29
C CYS I 310 39.80 19.26 -3.60
N ASN I 311 39.69 20.30 -2.91
CA ASN I 311 40.81 20.99 -2.28
C ASN I 311 40.72 20.80 -0.77
N ILE I 312 41.83 20.42 -0.12
CA ILE I 312 41.89 20.18 1.36
C ILE I 312 43.18 20.76 1.96
N SER I 313 43.08 21.79 2.79
CA SER I 313 44.23 22.50 3.35
C SER I 313 45.25 21.51 3.90
N GLY I 314 46.48 21.57 3.38
CA GLY I 314 47.48 20.60 3.75
C GLY I 314 47.90 20.68 5.21
N ALA I 315 48.14 21.90 5.71
CA ALA I 315 48.66 22.06 7.06
C ALA I 315 47.67 21.58 8.10
N GLN I 316 46.41 21.99 8.00
CA GLN I 316 45.40 21.58 8.97
C GLN I 316 45.16 20.07 8.91
N TRP I 317 45.12 19.51 7.71
CA TRP I 317 44.95 18.07 7.57
C TRP I 317 46.10 17.31 8.18
N HIS I 318 47.34 17.76 7.96
CA HIS I 318 48.48 17.08 8.56
C HIS I 318 48.50 17.23 10.07
N LYS I 319 48.05 18.38 10.59
CA LYS I 319 47.96 18.57 12.03
C LYS I 319 46.97 17.59 12.66
N VAL I 320 45.76 17.52 12.10
CA VAL I 320 44.77 16.60 12.65
C VAL I 320 45.19 15.16 12.45
N LEU I 321 45.91 14.86 11.36
CA LEU I 321 46.43 13.52 11.16
C LEU I 321 47.47 13.17 12.21
N GLY I 322 48.33 14.11 12.58
CA GLY I 322 49.28 13.87 13.64
C GLY I 322 48.61 13.64 14.99
N ARG I 323 47.57 14.43 15.28
CA ARG I 323 46.83 14.22 16.52
C ARG I 323 46.16 12.84 16.53
N VAL I 324 45.58 12.44 15.40
CA VAL I 324 44.95 11.12 15.31
C VAL I 324 46.00 10.02 15.46
N ALA I 325 47.18 10.23 14.89
CA ALA I 325 48.26 9.25 15.03
C ALA I 325 48.69 9.09 16.48
N ASN I 326 48.80 10.21 17.20
CA ASN I 326 49.13 10.12 18.62
C ASN I 326 48.05 9.39 19.41
N LYS I 327 46.79 9.69 19.10
CA LYS I 327 45.69 9.02 19.79
C LYS I 327 45.68 7.52 19.51
N LEU I 328 46.00 7.14 18.27
CA LEU I 328 46.11 5.71 17.94
C LEU I 328 47.29 5.07 18.65
N LYS I 329 48.41 5.80 18.76
CA LYS I 329 49.57 5.29 19.49
C LYS I 329 49.22 5.04 20.94
N GLU I 330 48.34 5.86 21.52
CA GLU I 330 47.93 5.67 22.90
C GLU I 330 47.30 4.29 23.10
N HIS I 331 46.31 3.89 22.30
CA HIS I 331 45.59 2.60 22.53
C HIS I 331 46.14 1.37 21.83
N PHE I 332 47.26 1.49 21.15
CA PHE I 332 47.80 0.37 20.36
C PHE I 332 49.23 -0.02 20.69
N ASN I 333 49.64 0.09 21.96
CA ASN I 333 50.99 -0.33 22.40
C ASN I 333 52.17 0.56 22.04
N ASN I 334 51.94 1.82 21.75
CA ASN I 334 53.02 2.76 21.44
C ASN I 334 53.90 2.34 20.27
N LYS I 335 53.32 1.76 19.22
CA LYS I 335 54.07 1.41 18.02
C LYS I 335 54.09 2.58 17.04
N THR I 336 54.61 2.39 15.83
CA THR I 336 54.60 3.44 14.79
C THR I 336 53.41 3.24 13.87
N ILE I 337 52.64 4.28 13.61
CA ILE I 337 51.41 4.13 12.83
C ILE I 337 51.56 4.49 11.36
N VAL I 338 51.38 3.52 10.46
CA VAL I 338 51.47 3.80 9.04
C VAL I 338 50.10 3.82 8.40
N PHE I 339 49.80 4.86 7.62
CA PHE I 339 48.53 4.96 6.94
C PHE I 339 48.85 4.58 5.52
N LYS I 340 48.06 3.71 4.93
CA LYS I 340 48.39 3.23 3.61
C LYS I 340 47.13 3.46 2.76
N PRO I 341 47.24 3.43 1.41
CA PRO I 341 45.97 3.61 0.68
C PRO I 341 45.14 2.33 0.61
N SER I 342 43.87 2.51 0.28
CA SER I 342 42.93 1.39 0.26
C SER I 342 43.37 0.35 -0.76
N SER I 343 43.13 -0.92 -0.42
CA SER I 343 43.62 -2.02 -1.26
C SER I 343 42.78 -2.18 -2.51
N GLY I 344 41.50 -2.49 -2.35
CA GLY I 344 40.65 -2.70 -3.51
C GLY I 344 39.24 -3.05 -3.06
N GLY I 345 38.39 -3.24 -4.05
CA GLY I 345 36.99 -3.58 -3.84
C GLY I 345 36.12 -2.83 -4.83
N ASP I 346 34.86 -2.63 -4.44
CA ASP I 346 33.94 -1.86 -5.25
C ASP I 346 34.40 -0.40 -5.32
N PRO I 347 33.99 0.33 -6.35
CA PRO I 347 34.42 1.74 -6.47
C PRO I 347 34.03 2.59 -5.28
N GLU I 348 32.95 2.25 -4.59
CA GLU I 348 32.57 2.99 -3.39
C GLU I 348 33.63 2.86 -2.31
N ILE I 349 34.15 1.64 -2.08
CA ILE I 349 35.05 1.40 -0.97
C ILE I 349 36.39 2.10 -1.18
N THR I 350 36.89 2.08 -2.41
CA THR I 350 38.23 2.57 -2.69
C THR I 350 38.32 4.08 -2.88
N MET I 351 37.19 4.78 -2.96
CA MET I 351 37.19 6.22 -3.22
C MET I 351 36.25 6.93 -2.26
N HIS I 352 36.55 8.20 -1.99
CA HIS I 352 35.65 9.04 -1.21
C HIS I 352 34.40 9.34 -2.03
N SER I 353 33.23 9.13 -1.43
CA SER I 353 31.96 9.19 -2.15
C SER I 353 30.99 10.12 -1.47
N PHE I 354 30.30 10.93 -2.26
CA PHE I 354 29.30 11.88 -1.76
C PHE I 354 28.61 12.49 -2.98
N ASN I 355 27.62 13.34 -2.72
CA ASN I 355 26.91 14.06 -3.77
C ASN I 355 26.96 15.55 -3.50
N CYS I 356 27.33 16.32 -4.52
CA CYS I 356 27.46 17.77 -4.36
C CYS I 356 26.10 18.46 -4.44
N ARG I 357 25.42 18.34 -5.57
CA ARG I 357 24.11 18.96 -5.77
C ARG I 357 23.18 18.00 -6.51
N GLY I 358 23.29 16.72 -6.21
CA GLY I 358 22.48 15.70 -6.86
C GLY I 358 23.23 14.79 -7.79
N GLU I 359 24.54 14.98 -7.96
CA GLU I 359 25.37 14.10 -8.79
C GLU I 359 26.47 13.52 -7.91
N PHE I 360 26.52 12.19 -7.83
CA PHE I 360 27.51 11.50 -7.02
C PHE I 360 28.80 11.36 -7.82
N PHE I 361 29.91 11.81 -7.26
CA PHE I 361 31.21 11.62 -7.87
C PHE I 361 32.22 11.13 -6.83
N TYR I 362 33.11 10.23 -7.21
CA TYR I 362 34.00 9.56 -6.29
C TYR I 362 35.45 9.95 -6.33
N CYS I 363 35.88 10.86 -5.48
CA CYS I 363 37.25 11.34 -5.49
C CYS I 363 38.33 10.41 -5.01
N ASN I 364 39.55 10.47 -5.62
CA ASN I 364 40.72 9.64 -5.38
C ASN I 364 41.52 10.21 -4.23
N THR I 365 41.52 9.50 -3.10
CA THR I 365 42.13 10.02 -1.84
C THR I 365 43.41 9.29 -1.42
N THR I 366 44.38 9.15 -2.32
CA THR I 366 45.72 8.63 -2.02
C THR I 366 46.64 9.66 -1.39
N LYS I 367 46.61 10.88 -1.88
CA LYS I 367 47.47 11.91 -1.34
C LYS I 367 47.12 12.23 0.09
N LEU I 368 45.84 12.21 0.43
CA LEU I 368 45.38 12.50 1.78
C LEU I 368 45.86 11.50 2.84
N PHE I 369 46.04 10.23 2.48
CA PHE I 369 46.50 9.15 3.40
C PHE I 369 47.65 8.33 2.78
N ASN I 370 48.91 8.70 3.06
CA ASN I 370 50.17 8.05 2.71
C ASN I 370 51.32 8.38 3.64
N SER I 371 51.11 9.30 4.57
CA SER I 371 52.21 9.66 5.50
C SER I 371 52.27 8.73 6.71
N THR I 372 53.44 8.12 6.97
CA THR I 372 53.65 7.29 8.13
C THR I 372 53.87 8.31 9.22
N TRP I 373 52.88 8.50 10.08
CA TRP I 373 52.98 9.52 11.09
C TRP I 373 53.41 8.87 12.37
N GLY I 374 54.61 9.18 12.83
CA GLY I 374 55.13 8.52 14.01
C GLY I 374 55.03 7.03 13.86
N THR I 380 58.61 14.77 5.53
CA THR I 380 58.18 16.14 5.77
C THR I 380 56.70 16.30 5.52
N ARG I 381 56.14 17.37 6.04
CA ARG I 381 54.72 17.62 5.86
C ARG I 381 54.61 18.76 4.88
N ASP I 382 53.84 18.56 3.83
CA ASP I 382 53.76 19.58 2.80
C ASP I 382 52.57 20.50 3.02
N ASN I 383 52.81 21.80 3.03
CA ASN I 383 51.75 22.76 3.31
C ASN I 383 50.89 23.20 2.12
N GLY I 384 51.24 22.78 0.91
CA GLY I 384 50.50 23.18 -0.27
C GLY I 384 49.09 22.61 -0.37
N THR I 385 48.14 23.41 -0.85
CA THR I 385 46.79 22.92 -1.02
C THR I 385 46.80 21.63 -1.78
N ILE I 386 46.11 20.63 -1.28
CA ILE I 386 46.11 19.33 -1.92
C ILE I 386 44.91 19.25 -2.83
N THR I 387 45.12 18.93 -4.10
CA THR I 387 43.99 18.74 -5.03
C THR I 387 43.85 17.29 -5.40
N ILE I 388 42.69 16.72 -5.15
CA ILE I 388 42.49 15.29 -5.40
C ILE I 388 41.53 15.09 -6.57
N PRO I 389 41.89 14.25 -7.53
CA PRO I 389 41.04 14.01 -8.68
C PRO I 389 39.72 13.32 -8.40
N CYS I 390 38.62 13.70 -9.04
CA CYS I 390 37.32 13.08 -8.86
C CYS I 390 36.72 12.61 -10.15
N ARG I 391 36.17 11.40 -10.17
CA ARG I 391 35.52 10.87 -11.33
C ARG I 391 34.08 10.71 -10.98
N ILE I 392 33.19 11.37 -11.71
CA ILE I 392 31.76 11.28 -11.47
C ILE I 392 31.16 10.01 -12.04
N LYS I 393 30.05 9.57 -11.50
CA LYS I 393 29.41 8.37 -11.99
C LYS I 393 27.98 8.75 -12.12
N GLN I 394 27.17 7.85 -12.59
CA GLN I 394 25.76 8.11 -12.84
C GLN I 394 24.85 7.01 -12.31
N ILE I 395 25.16 5.75 -12.59
CA ILE I 395 24.33 4.63 -12.17
C ILE I 395 24.79 4.19 -10.79
N ILE I 396 23.98 4.48 -9.77
CA ILE I 396 24.28 4.12 -8.39
C ILE I 396 23.64 2.78 -8.09
N ASN I 397 24.29 1.99 -7.24
CA ASN I 397 23.81 0.67 -6.86
C ASN I 397 23.54 0.64 -5.36
N MET I 398 22.54 -0.14 -4.97
CA MET I 398 22.15 -0.21 -3.57
C MET I 398 23.27 -0.81 -2.72
N TRP I 399 23.44 -0.28 -1.52
CA TRP I 399 24.50 -0.72 -0.62
C TRP I 399 24.06 -1.99 0.10
N GLN I 400 24.82 -3.07 -0.07
CA GLN I 400 24.56 -4.36 0.58
C GLN I 400 23.15 -4.84 0.27
N GLY I 401 22.91 -5.11 -1.01
CA GLY I 401 21.60 -5.58 -1.44
C GLY I 401 21.67 -6.16 -2.83
N VAL I 402 20.52 -6.64 -3.29
CA VAL I 402 20.40 -7.29 -4.60
C VAL I 402 19.40 -6.50 -5.42
N GLY I 403 19.79 -6.14 -6.65
CA GLY I 403 18.91 -5.41 -7.52
C GLY I 403 18.70 -3.98 -7.07
N GLN I 404 17.67 -3.35 -7.65
CA GLN I 404 17.20 -2.04 -7.24
C GLN I 404 18.31 -0.97 -7.37
N ALA I 405 18.71 -0.71 -8.62
CA ALA I 405 19.67 0.35 -8.90
C ALA I 405 18.94 1.66 -9.20
N MET I 406 19.72 2.74 -9.28
CA MET I 406 19.18 4.07 -9.53
C MET I 406 20.04 4.78 -10.58
N TYR I 407 19.39 5.66 -11.34
CA TYR I 407 20.05 6.48 -12.34
C TYR I 407 19.85 7.95 -11.99
N ALA I 408 20.95 8.71 -12.00
CA ALA I 408 20.93 10.12 -11.62
C ALA I 408 21.10 11.00 -12.86
N PRO I 409 20.14 11.83 -13.20
CA PRO I 409 20.26 12.66 -14.41
C PRO I 409 21.23 13.79 -14.19
N PRO I 410 21.70 14.45 -15.27
CA PRO I 410 22.63 15.57 -15.11
C PRO I 410 22.02 16.77 -14.41
N ILE I 411 22.80 17.83 -14.24
CA ILE I 411 22.36 19.01 -13.49
C ILE I 411 22.22 20.24 -14.37
N LYS I 412 22.78 20.24 -15.58
CA LYS I 412 22.69 21.31 -16.57
C LYS I 412 23.48 22.55 -16.18
N GLY I 413 24.10 22.58 -15.01
CA GLY I 413 24.88 23.73 -14.60
C GLY I 413 26.14 23.31 -13.86
N VAL I 414 26.97 24.30 -13.56
CA VAL I 414 28.17 24.07 -12.76
C VAL I 414 27.77 23.97 -11.29
N ILE I 415 28.53 23.18 -10.54
CA ILE I 415 28.21 22.88 -9.15
C ILE I 415 29.38 23.25 -8.25
N LYS I 416 29.06 23.60 -7.01
CA LYS I 416 30.08 24.01 -6.05
C LYS I 416 29.51 23.84 -4.64
N CYS I 417 30.06 22.91 -3.88
CA CYS I 417 29.63 22.65 -2.51
C CYS I 417 30.82 22.71 -1.57
N LEU I 418 30.61 23.35 -0.42
CA LEU I 418 31.63 23.48 0.61
C LEU I 418 31.19 22.73 1.86
N SER I 419 32.14 22.04 2.50
CA SER I 419 31.80 21.16 3.60
C SER I 419 32.95 21.07 4.58
N ASN I 420 32.63 20.66 5.80
CA ASN I 420 33.65 20.27 6.77
C ASN I 420 33.92 18.77 6.67
N ILE I 421 35.00 18.33 7.29
CA ILE I 421 35.23 16.92 7.55
C ILE I 421 35.54 16.76 9.04
N THR I 422 34.72 15.99 9.74
CA THR I 422 34.85 15.86 11.19
C THR I 422 35.01 14.41 11.63
N GLY I 423 35.41 13.52 10.74
CA GLY I 423 35.61 12.14 11.11
C GLY I 423 36.20 11.33 9.97
N ILE I 424 36.91 10.27 10.27
CA ILE I 424 37.49 9.42 9.27
C ILE I 424 37.02 8.07 9.68
N LEU I 425 36.99 7.10 8.81
CA LEU I 425 36.68 5.75 9.26
C LEU I 425 37.87 5.00 8.75
N LEU I 426 38.55 4.24 9.62
CA LEU I 426 39.76 3.48 9.24
C LEU I 426 39.58 2.06 9.67
N THR I 427 40.14 1.11 8.95
CA THR I 427 40.08 -0.27 9.37
C THR I 427 41.47 -0.90 9.40
N ARG I 428 41.88 -1.48 10.52
CA ARG I 428 43.24 -2.03 10.67
C ARG I 428 43.59 -3.28 9.88
N ASP I 429 44.83 -3.35 9.38
CA ASP I 429 45.30 -4.54 8.70
C ASP I 429 46.51 -5.00 9.47
N GLY I 430 46.52 -6.26 9.89
CA GLY I 430 47.62 -6.76 10.67
C GLY I 430 47.92 -8.19 10.33
N GLY I 431 49.16 -8.61 10.54
CA GLY I 431 49.55 -9.98 10.25
C GLY I 431 50.84 -10.36 10.96
N ASN I 437 57.71 -2.03 15.89
CA ASN I 437 57.01 -2.50 14.71
C ASN I 437 56.19 -1.38 14.07
N ASN I 438 55.16 -1.77 13.33
CA ASN I 438 54.28 -0.82 12.68
C ASN I 438 52.90 -1.44 12.47
N GLU I 439 51.91 -0.59 12.23
CA GLU I 439 50.55 -1.02 11.97
C GLU I 439 50.04 -0.41 10.67
N THR I 440 49.24 -1.18 9.93
CA THR I 440 48.68 -0.74 8.66
C THR I 440 47.21 -0.40 8.87
N PHE I 441 46.83 0.83 8.53
CA PHE I 441 45.47 1.32 8.71
C PHE I 441 44.91 1.71 7.34
N ARG I 442 44.22 0.78 6.70
CA ARG I 442 43.57 1.06 5.42
C ARG I 442 42.31 1.88 5.64
N PRO I 443 42.12 2.97 4.91
CA PRO I 443 40.84 3.68 4.96
C PRO I 443 39.71 2.76 4.53
N GLY I 444 38.54 2.94 5.15
CA GLY I 444 37.42 2.04 4.93
C GLY I 444 36.13 2.81 4.76
N GLY I 445 35.05 2.06 4.66
CA GLY I 445 33.74 2.62 4.45
C GLY I 445 32.86 1.66 3.67
N GLY I 446 31.58 2.00 3.62
CA GLY I 446 30.61 1.18 2.91
C GLY I 446 29.39 0.86 3.75
N ASP I 447 29.59 0.65 5.05
CA ASP I 447 28.47 0.44 5.96
C ASP I 447 27.74 1.76 6.16
N MET I 448 26.44 1.77 5.89
CA MET I 448 25.68 3.01 5.96
C MET I 448 25.22 3.32 7.39
N ARG I 449 25.31 2.34 8.30
CA ARG I 449 24.98 2.62 9.69
C ARG I 449 26.04 3.47 10.37
N ASP I 450 27.31 3.22 10.07
CA ASP I 450 28.41 3.85 10.78
C ASP I 450 28.50 5.35 10.58
N ASN I 451 27.80 5.90 9.59
CA ASN I 451 27.87 7.34 9.36
C ASN I 451 27.17 8.12 10.46
N TRP I 452 26.19 7.52 11.13
CA TRP I 452 25.40 8.19 12.14
C TRP I 452 25.79 7.81 13.57
N ARG I 453 26.74 6.90 13.74
CA ARG I 453 27.12 6.48 15.08
C ARG I 453 27.83 7.58 15.84
N ASN I 454 28.49 8.51 15.15
CA ASN I 454 29.08 9.66 15.82
C ASN I 454 28.05 10.68 16.27
N GLU I 455 26.79 10.53 15.84
CA GLU I 455 25.73 11.45 16.22
C GLU I 455 24.70 10.86 17.17
N LEU I 456 24.61 9.53 17.25
CA LEU I 456 23.63 8.86 18.11
C LEU I 456 24.32 7.97 19.14
N TYR I 457 25.54 8.31 19.53
CA TYR I 457 26.28 7.56 20.53
C TYR I 457 25.91 7.94 21.95
N LYS I 458 25.20 9.04 22.15
CA LYS I 458 24.95 9.61 23.46
C LYS I 458 23.46 9.67 23.76
N TYR I 459 22.70 8.66 23.35
CA TYR I 459 21.27 8.62 23.58
C TYR I 459 20.86 7.22 23.99
N LYS I 460 19.82 7.13 24.81
CA LYS I 460 19.33 5.84 25.31
C LYS I 460 17.91 6.03 25.79
N VAL I 461 16.98 5.26 25.24
CA VAL I 461 15.56 5.38 25.56
C VAL I 461 15.23 4.50 26.74
N VAL I 462 14.54 5.06 27.74
CA VAL I 462 14.17 4.34 28.95
C VAL I 462 12.68 4.51 29.19
N GLN I 463 11.98 3.38 29.38
CA GLN I 463 10.59 3.41 29.79
C GLN I 463 10.48 3.93 31.23
N ILE I 464 9.40 4.67 31.50
CA ILE I 464 9.18 5.25 32.82
C ILE I 464 8.09 4.47 33.54
N GLU I 465 8.38 4.05 34.77
CA GLU I 465 7.41 3.35 35.62
C GLU I 465 7.01 4.26 36.77
N PRO I 466 5.83 4.87 36.74
CA PRO I 466 5.50 5.88 37.74
C PRO I 466 4.97 5.31 39.05
N LEU I 467 4.35 4.13 39.01
CA LEU I 467 3.74 3.58 40.21
C LEU I 467 4.80 3.12 41.20
N GLY I 468 4.42 3.11 42.48
CA GLY I 468 5.33 2.69 43.53
C GLY I 468 4.57 2.46 44.82
N ILE I 469 5.15 1.59 45.66
CA ILE I 469 4.57 1.21 46.94
C ILE I 469 5.61 1.43 48.02
N ALA I 470 5.21 2.11 49.09
CA ALA I 470 6.10 2.38 50.21
C ALA I 470 5.29 2.38 51.49
N PRO I 471 5.89 2.04 52.62
CA PRO I 471 5.15 2.01 53.88
C PRO I 471 5.22 3.33 54.65
N THR I 472 4.10 3.67 55.27
CA THR I 472 4.01 4.85 56.14
C THR I 472 2.83 4.62 57.09
N LYS I 473 2.51 5.65 57.87
CA LYS I 473 1.47 5.44 58.92
C LYS I 473 0.22 6.27 58.66
N CYS I 474 -0.53 6.00 57.59
CA CYS I 474 -1.79 6.78 57.46
C CYS I 474 -3.05 5.92 57.73
N LYS I 475 -3.08 4.69 57.21
CA LYS I 475 -4.13 3.67 57.50
C LYS I 475 -5.60 4.10 57.37
N ARG I 476 -6.02 4.67 56.23
CA ARG I 476 -7.44 4.88 55.96
C ARG I 476 -7.70 4.77 54.49
N ARG I 477 -8.84 4.24 54.08
CA ARG I 477 -9.25 4.12 52.67
C ARG I 477 -8.18 3.46 51.80
N PHE J 11 6.92 12.49 35.13
CA PHE J 11 8.16 12.53 34.36
C PHE J 11 9.36 12.41 35.29
N LEU J 12 10.44 11.82 34.80
CA LEU J 12 11.60 11.54 35.63
C LEU J 12 12.45 12.79 35.80
N GLY J 13 13.05 12.93 36.98
CA GLY J 13 13.88 14.08 37.29
C GLY J 13 14.22 14.15 38.76
N ALA J 14 15.46 14.53 39.07
CA ALA J 14 15.96 14.56 40.45
C ALA J 14 15.78 13.18 41.11
N ALA J 15 16.21 12.14 40.39
CA ALA J 15 16.04 10.77 40.86
C ALA J 15 17.14 10.32 41.79
N GLY J 16 18.21 11.10 41.97
CA GLY J 16 19.28 10.70 42.86
C GLY J 16 19.00 10.96 44.32
N SER J 17 18.03 11.83 44.63
CA SER J 17 17.70 12.12 46.02
C SER J 17 17.01 10.94 46.68
N THR J 18 17.13 10.87 48.00
CA THR J 18 16.50 9.80 48.75
C THR J 18 14.98 9.95 48.71
N MET J 19 14.29 8.92 49.22
CA MET J 19 12.84 8.92 49.18
C MET J 19 12.25 10.07 49.98
N GLY J 20 12.83 10.37 51.15
CA GLY J 20 12.33 11.48 51.95
C GLY J 20 12.58 12.83 51.30
N ALA J 21 13.75 13.01 50.70
CA ALA J 21 14.06 14.29 50.07
C ALA J 21 13.18 14.55 48.85
N ALA J 22 12.93 13.51 48.04
CA ALA J 22 12.14 13.68 46.83
C ALA J 22 10.64 13.62 47.07
N SER J 23 10.20 13.27 48.28
CA SER J 23 8.77 13.18 48.54
C SER J 23 8.16 14.57 48.69
N ILE J 24 8.90 15.51 49.28
CA ILE J 24 8.40 16.88 49.43
C ILE J 24 8.51 17.67 48.14
N THR J 25 9.27 17.18 47.16
CA THR J 25 9.35 17.81 45.85
C THR J 25 8.40 17.17 44.84
N LEU J 26 7.57 16.24 45.28
CA LEU J 26 6.55 15.67 44.40
C LEU J 26 5.51 16.71 43.99
N THR J 27 5.38 17.79 44.76
CA THR J 27 4.48 18.87 44.36
C THR J 27 4.97 19.56 43.10
N VAL J 28 6.28 19.69 42.94
CA VAL J 28 6.83 20.26 41.71
C VAL J 28 6.64 19.32 40.54
N GLN J 29 6.82 18.02 40.78
CA GLN J 29 6.64 17.03 39.70
C GLN J 29 5.20 17.02 39.21
N ALA J 30 4.23 17.09 40.12
CA ALA J 30 2.82 17.12 39.73
C ALA J 30 2.48 18.45 39.07
N ARG J 31 2.95 19.56 39.63
CA ARG J 31 2.67 20.87 39.06
C ARG J 31 3.40 21.05 37.74
N GLN J 32 2.98 22.09 37.00
CA GLN J 32 3.54 22.41 35.68
C GLN J 32 3.32 21.28 34.68
N LEU J 33 2.04 20.89 34.52
CA LEU J 33 1.61 19.97 33.47
C LEU J 33 2.31 18.62 33.56
N LEU J 34 2.01 17.92 34.65
CA LEU J 34 2.46 16.55 34.82
C LEU J 34 2.02 15.68 33.65
N PRO J 48 0.86 18.68 23.53
CA PRO J 48 2.19 18.11 23.31
C PRO J 48 2.47 17.82 21.84
N GLU J 49 3.48 17.00 21.58
CA GLU J 49 3.76 16.56 20.22
C GLU J 49 2.82 15.42 19.84
N ALA J 50 2.84 15.07 18.55
CA ALA J 50 2.07 13.99 17.95
C ALA J 50 0.56 14.23 17.99
N GLN J 51 0.11 15.41 18.41
CA GLN J 51 -1.31 15.73 18.40
C GLN J 51 -1.79 16.26 17.06
N GLN J 52 -0.89 16.52 16.12
CA GLN J 52 -1.28 17.08 14.83
C GLN J 52 -1.79 15.97 13.92
N HIS J 53 -3.03 16.11 13.47
CA HIS J 53 -3.65 15.13 12.59
C HIS J 53 -2.97 15.13 11.23
N LEU J 54 -2.68 13.94 10.71
CA LEU J 54 -2.01 13.77 9.44
C LEU J 54 -2.87 13.06 8.40
N LEU J 55 -3.39 11.88 8.73
CA LEU J 55 -4.20 11.06 7.83
C LEU J 55 -3.43 10.75 6.55
N GLN J 56 -2.33 10.02 6.74
CA GLN J 56 -1.49 9.60 5.64
C GLN J 56 -0.90 8.23 5.95
N LEU J 57 -0.26 7.63 4.95
CA LEU J 57 0.35 6.31 5.07
C LEU J 57 1.76 6.31 4.49
N THR J 58 2.51 7.39 4.75
CA THR J 58 3.90 7.46 4.34
C THR J 58 4.76 6.81 5.43
N VAL J 59 6.08 6.96 5.33
CA VAL J 59 6.97 6.38 6.34
C VAL J 59 6.78 7.07 7.67
N TRP J 60 6.75 8.40 7.69
CA TRP J 60 6.53 9.14 8.92
C TRP J 60 5.08 9.14 9.36
N GLY J 61 4.14 8.83 8.47
CA GLY J 61 2.74 8.92 8.82
C GLY J 61 2.27 7.79 9.72
N ILE J 62 2.98 6.66 9.71
CA ILE J 62 2.54 5.51 10.49
C ILE J 62 3.17 5.51 11.88
N LYS J 63 4.40 6.02 12.00
CA LYS J 63 5.07 6.03 13.30
C LYS J 63 4.34 6.91 14.30
N GLN J 64 3.85 8.07 13.84
CA GLN J 64 3.03 8.91 14.71
C GLN J 64 1.74 8.21 15.10
N LEU J 65 1.12 7.51 14.14
CA LEU J 65 -0.12 6.79 14.42
C LEU J 65 0.09 5.72 15.49
N GLN J 66 1.25 5.06 15.47
CA GLN J 66 1.53 4.06 16.49
C GLN J 66 1.91 4.71 17.83
N ALA J 67 2.64 5.83 17.78
CA ALA J 67 3.03 6.51 19.02
C ALA J 67 1.81 6.99 19.79
N ARG J 68 0.81 7.51 19.08
CA ARG J 68 -0.44 7.92 19.72
C ARG J 68 -1.04 6.77 20.52
N VAL J 69 -1.14 5.60 19.89
CA VAL J 69 -1.75 4.45 20.53
C VAL J 69 -0.90 3.99 21.71
N LEU J 70 0.43 4.00 21.56
CA LEU J 70 1.30 3.62 22.68
C LEU J 70 1.04 4.50 23.89
N ALA J 71 1.02 5.81 23.70
CA ALA J 71 0.79 6.72 24.82
C ALA J 71 -0.58 6.48 25.44
N VAL J 72 -1.60 6.32 24.59
CA VAL J 72 -2.96 6.14 25.09
C VAL J 72 -3.07 4.87 25.94
N GLU J 73 -2.52 3.76 25.43
CA GLU J 73 -2.58 2.51 26.17
C GLU J 73 -1.82 2.60 27.48
N ARG J 74 -0.64 3.23 27.47
CA ARG J 74 0.14 3.33 28.71
C ARG J 74 -0.62 4.10 29.78
N TYR J 75 -1.15 5.28 29.41
CA TYR J 75 -1.87 6.08 30.38
C TYR J 75 -3.12 5.35 30.87
N LEU J 76 -3.86 4.72 29.95
CA LEU J 76 -5.08 4.03 30.33
C LEU J 76 -4.79 2.85 31.26
N GLN J 77 -3.72 2.11 30.99
CA GLN J 77 -3.35 1.00 31.87
C GLN J 77 -3.00 1.50 33.27
N ASP J 78 -2.21 2.59 33.34
CA ASP J 78 -1.82 3.11 34.65
C ASP J 78 -3.04 3.57 35.43
N GLN J 79 -3.95 4.31 34.77
CA GLN J 79 -5.14 4.78 35.48
C GLN J 79 -6.11 3.65 35.79
N LYS J 80 -6.09 2.58 34.99
CA LYS J 80 -6.88 1.40 35.31
C LYS J 80 -6.39 0.73 36.57
N PHE J 81 -5.07 0.57 36.71
CA PHE J 81 -4.52 0.00 37.93
C PHE J 81 -4.79 0.90 39.13
N LEU J 82 -4.67 2.22 38.96
CA LEU J 82 -4.87 3.13 40.08
C LEU J 82 -6.30 3.08 40.61
N GLY J 83 -7.28 2.99 39.71
CA GLY J 83 -8.67 3.13 40.12
C GLY J 83 -9.15 1.98 41.00
N LEU J 84 -8.68 0.76 40.73
CA LEU J 84 -9.22 -0.41 41.40
C LEU J 84 -8.95 -0.42 42.91
N TRP J 85 -8.01 0.37 43.39
CA TRP J 85 -7.65 0.39 44.80
C TRP J 85 -8.30 1.55 45.56
N GLY J 86 -9.15 2.34 44.91
CA GLY J 86 -9.80 3.45 45.57
C GLY J 86 -9.00 4.72 45.64
N CYS J 87 -7.99 4.88 44.78
CA CYS J 87 -7.19 6.10 44.74
C CYS J 87 -7.89 7.17 43.89
N SER J 88 -8.19 6.83 42.64
CA SER J 88 -8.98 7.68 41.73
C SER J 88 -8.33 9.04 41.55
N GLY J 89 -7.10 9.03 41.02
CA GLY J 89 -6.46 10.25 40.58
C GLY J 89 -5.77 11.08 41.62
N LYS J 90 -5.46 10.51 42.79
CA LYS J 90 -4.75 11.23 43.84
C LYS J 90 -3.31 10.74 43.93
N ILE J 91 -2.38 11.68 44.12
CA ILE J 91 -0.97 11.33 44.10
C ILE J 91 -0.61 10.48 45.32
N ILE J 92 -1.04 10.90 46.51
CA ILE J 92 -0.75 10.20 47.75
C ILE J 92 -1.99 9.39 48.10
N CYS J 93 -1.92 8.08 47.82
CA CYS J 93 -3.04 7.18 48.04
C CYS J 93 -2.80 6.38 49.31
N CYS J 94 -3.63 6.62 50.32
CA CYS J 94 -3.51 5.90 51.62
C CYS J 94 -4.42 4.67 51.58
N THR J 95 -3.93 3.54 52.08
CA THR J 95 -4.68 2.29 52.10
C THR J 95 -4.54 1.64 53.47
N ALA J 96 -5.60 0.96 53.90
CA ALA J 96 -5.61 0.27 55.20
C ALA J 96 -5.17 -1.18 55.05
N VAL J 97 -3.99 -1.39 54.46
CA VAL J 97 -3.42 -2.70 54.26
C VAL J 97 -2.19 -2.82 55.17
N PRO J 98 -2.18 -3.73 56.14
CA PRO J 98 -1.02 -3.84 57.03
C PRO J 98 0.22 -4.29 56.27
N TRP J 99 1.38 -3.91 56.80
CA TRP J 99 2.68 -4.24 56.20
C TRP J 99 3.16 -5.58 56.75
N ASN J 100 3.30 -6.56 55.87
CA ASN J 100 3.85 -7.86 56.26
C ASN J 100 5.36 -7.83 56.14
N SER J 101 6.04 -8.35 57.17
CA SER J 101 7.50 -8.29 57.23
C SER J 101 8.17 -9.15 56.17
N SER J 102 7.45 -10.10 55.56
CA SER J 102 8.04 -10.91 54.51
C SER J 102 8.39 -10.06 53.28
N TRP J 103 7.58 -9.04 52.99
CA TRP J 103 7.92 -8.14 51.89
C TRP J 103 9.16 -7.32 52.21
N SER J 104 9.32 -6.90 53.46
CA SER J 104 10.48 -6.10 53.85
C SER J 104 10.71 -6.07 55.35
N ASN J 105 11.97 -6.00 55.77
CA ASN J 105 12.33 -5.89 57.18
C ASN J 105 12.58 -4.46 57.63
N LYS J 106 13.16 -3.61 56.77
CA LYS J 106 13.78 -2.38 57.22
C LYS J 106 12.74 -1.39 57.75
N THR J 107 13.18 -0.56 58.70
CA THR J 107 12.28 0.36 59.40
C THR J 107 12.08 1.63 58.58
N PHE J 108 11.26 2.54 59.12
CA PHE J 108 10.90 3.74 58.38
C PHE J 108 12.12 4.59 58.07
N GLU J 109 13.04 4.72 59.03
CA GLU J 109 14.24 5.52 58.80
C GLU J 109 15.13 4.90 57.75
N GLU J 110 15.41 3.59 57.87
CA GLU J 110 16.26 2.93 56.89
C GLU J 110 15.62 2.89 55.51
N ILE J 111 14.29 3.07 55.44
CA ILE J 111 13.63 3.06 54.14
C ILE J 111 13.61 4.45 53.52
N TRP J 112 13.32 5.48 54.31
CA TRP J 112 13.07 6.82 53.80
C TRP J 112 14.26 7.77 53.97
N ASN J 113 15.40 7.30 54.45
CA ASN J 113 16.52 8.20 54.70
C ASN J 113 17.73 7.92 53.84
N ASN J 114 18.03 6.64 53.57
CA ASN J 114 19.21 6.25 52.81
C ASN J 114 18.90 5.22 51.74
N MET J 115 17.84 5.43 50.96
CA MET J 115 17.49 4.54 49.86
C MET J 115 16.69 5.31 48.82
N THR J 116 17.07 5.15 47.56
CA THR J 116 16.37 5.82 46.47
C THR J 116 15.18 4.97 45.99
N TRP J 117 14.35 5.59 45.16
CA TRP J 117 13.14 4.92 44.70
C TRP J 117 13.46 3.73 43.81
N ILE J 118 14.48 3.86 42.96
CA ILE J 118 14.90 2.74 42.13
C ILE J 118 15.40 1.60 42.99
N GLU J 119 16.22 1.93 44.01
CA GLU J 119 16.71 0.90 44.92
C GLU J 119 15.56 0.18 45.61
N TRP J 120 14.57 0.92 46.11
CA TRP J 120 13.45 0.30 46.81
C TRP J 120 12.63 -0.58 45.87
N GLU J 121 12.29 -0.06 44.69
CA GLU J 121 11.48 -0.82 43.75
C GLU J 121 12.22 -2.03 43.19
N ARG J 122 13.55 -2.02 43.21
CA ARG J 122 14.30 -3.22 42.85
C ARG J 122 14.36 -4.19 44.03
N GLU J 123 14.38 -3.67 45.26
CA GLU J 123 14.39 -4.53 46.43
C GLU J 123 13.09 -5.31 46.57
N ILE J 124 11.95 -4.65 46.34
CA ILE J 124 10.67 -5.29 46.59
C ILE J 124 9.97 -5.66 45.29
N SER J 125 10.76 -6.09 44.31
CA SER J 125 10.19 -6.44 42.99
C SER J 125 9.65 -7.87 43.01
N ASN J 126 9.85 -8.62 44.08
CA ASN J 126 9.28 -9.96 44.07
C ASN J 126 7.90 -10.04 44.71
N TYR J 127 7.48 -8.94 45.32
CA TYR J 127 6.19 -8.88 46.03
C TYR J 127 5.36 -7.71 45.54
N THR J 128 5.31 -7.45 44.23
CA THR J 128 4.39 -6.44 43.69
C THR J 128 3.04 -7.06 43.32
N SER J 129 3.05 -8.26 42.76
CA SER J 129 1.80 -8.92 42.40
C SER J 129 0.95 -9.20 43.62
N GLN J 130 1.57 -9.74 44.68
CA GLN J 130 0.84 -10.01 45.91
C GLN J 130 0.31 -8.71 46.53
N ILE J 131 1.11 -7.64 46.49
CA ILE J 131 0.66 -6.36 47.03
C ILE J 131 -0.56 -5.86 46.24
N TYR J 132 -0.51 -5.94 44.92
CA TYR J 132 -1.63 -5.50 44.09
C TYR J 132 -2.88 -6.32 44.42
N ASP J 133 -2.73 -7.64 44.52
CA ASP J 133 -3.87 -8.49 44.82
C ASP J 133 -4.46 -8.15 46.19
N ILE J 134 -3.61 -7.96 47.20
CA ILE J 134 -4.09 -7.65 48.54
C ILE J 134 -4.80 -6.31 48.55
N LEU J 135 -4.28 -5.33 47.82
CA LEU J 135 -4.97 -4.04 47.73
C LEU J 135 -6.35 -4.20 47.10
N THR J 136 -6.46 -5.03 46.07
CA THR J 136 -7.77 -5.26 45.47
C THR J 136 -8.74 -5.93 46.46
N ILE J 137 -8.25 -6.94 47.20
CA ILE J 137 -9.09 -7.59 48.21
C ILE J 137 -9.57 -6.57 49.22
N SER J 138 -8.66 -5.74 49.73
CA SER J 138 -9.02 -4.76 50.75
C SER J 138 -10.04 -3.76 50.22
N GLN J 139 -9.84 -3.27 49.00
CA GLN J 139 -10.77 -2.30 48.44
C GLN J 139 -12.16 -2.89 48.28
N THR J 140 -12.25 -4.11 47.73
CA THR J 140 -13.58 -4.67 47.51
C THR J 140 -14.26 -5.04 48.82
N GLN J 141 -13.49 -5.51 49.81
CA GLN J 141 -14.08 -5.81 51.11
C GLN J 141 -14.57 -4.55 51.81
N GLN J 142 -13.80 -3.47 51.73
CA GLN J 142 -14.25 -2.20 52.29
C GLN J 142 -15.48 -1.69 51.56
N GLU J 143 -15.55 -1.92 50.25
CA GLU J 143 -16.71 -1.50 49.48
C GLU J 143 -17.97 -2.26 49.92
N LYS J 144 -17.84 -3.57 50.12
CA LYS J 144 -18.95 -4.36 50.63
C LYS J 144 -19.36 -3.92 52.03
N ASN J 145 -18.42 -3.61 52.92
CA ASN J 145 -18.84 -3.24 54.26
C ASN J 145 -19.76 -2.05 54.25
N GLU J 146 -19.50 -1.07 53.40
CA GLU J 146 -20.30 0.14 53.41
C GLU J 146 -21.76 -0.09 53.04
N LYS J 147 -22.03 -0.96 52.09
CA LYS J 147 -23.40 -1.21 51.64
C LYS J 147 -24.20 -1.72 52.81
N ASP J 148 -23.59 -2.56 53.64
CA ASP J 148 -24.26 -3.05 54.83
C ASP J 148 -24.63 -1.93 55.79
N LEU J 149 -23.72 -0.99 56.02
CA LEU J 149 -23.99 0.13 56.92
C LEU J 149 -25.13 0.97 56.39
N LEU J 150 -25.17 1.22 55.10
CA LEU J 150 -26.21 2.05 54.49
C LEU J 150 -27.58 1.46 54.66
N GLU J 151 -27.71 0.15 54.57
CA GLU J 151 -29.00 -0.49 54.79
C GLU J 151 -29.36 -0.54 56.27
N GLN K 1 32.74 -16.65 23.03
CA GLN K 1 32.04 -16.63 24.30
C GLN K 1 32.90 -15.94 25.37
N ILE K 2 32.79 -16.43 26.61
CA ILE K 2 33.53 -15.89 27.74
C ILE K 2 34.45 -16.99 28.27
N HIS K 3 35.73 -16.63 28.47
CA HIS K 3 36.71 -17.58 28.98
C HIS K 3 37.75 -16.82 29.77
N LEU K 4 38.20 -17.42 30.88
CA LEU K 4 39.17 -16.82 31.78
C LEU K 4 40.41 -17.69 31.87
N VAL K 5 41.57 -17.04 32.01
CA VAL K 5 42.84 -17.71 32.12
C VAL K 5 43.69 -17.00 33.17
N GLN K 6 44.43 -17.78 33.96
CA GLN K 6 45.35 -17.25 34.96
C GLN K 6 46.73 -17.88 34.74
N SER K 7 47.67 -17.52 35.61
CA SER K 7 49.03 -18.05 35.51
C SER K 7 49.09 -19.48 36.04
N GLY K 8 50.30 -20.04 36.07
CA GLY K 8 50.50 -21.40 36.53
C GLY K 8 50.80 -21.47 38.01
N THR K 9 50.92 -22.71 38.50
CA THR K 9 51.21 -22.92 39.91
C THR K 9 52.62 -22.44 40.25
N GLU K 10 52.74 -21.77 41.39
CA GLU K 10 54.00 -21.23 41.86
C GLU K 10 54.20 -21.57 43.32
N VAL K 11 55.43 -21.93 43.69
CA VAL K 11 55.79 -22.28 45.05
C VAL K 11 56.74 -21.21 45.57
N LYS K 12 56.34 -20.55 46.66
CA LYS K 12 57.10 -19.45 47.25
C LYS K 12 57.47 -19.80 48.69
N LYS K 13 58.06 -18.84 49.37
CA LYS K 13 58.55 -18.99 50.73
C LYS K 13 58.13 -17.76 51.53
N PRO K 14 58.10 -17.86 52.86
CA PRO K 14 57.66 -16.71 53.67
C PRO K 14 58.53 -15.49 53.47
N GLY K 15 57.91 -14.31 53.52
CA GLY K 15 58.59 -13.06 53.32
C GLY K 15 58.73 -12.63 51.88
N SER K 16 58.25 -13.43 50.92
CA SER K 16 58.35 -13.13 49.51
C SER K 16 57.06 -12.48 49.01
N SER K 17 56.93 -12.34 47.70
CA SER K 17 55.72 -11.83 47.07
C SER K 17 55.43 -12.65 45.82
N VAL K 18 54.15 -12.73 45.47
CA VAL K 18 53.70 -13.53 44.33
C VAL K 18 52.75 -12.68 43.50
N THR K 19 52.59 -13.06 42.24
CA THR K 19 51.74 -12.34 41.31
C THR K 19 50.76 -13.30 40.63
N VAL K 20 49.55 -12.81 40.36
CA VAL K 20 48.53 -13.56 39.66
C VAL K 20 47.82 -12.59 38.71
N SER K 21 47.85 -12.90 37.42
CA SER K 21 47.25 -12.04 36.39
C SER K 21 46.05 -12.75 35.77
N CYS K 22 44.99 -11.99 35.55
CA CYS K 22 43.75 -12.50 34.98
C CYS K 22 43.52 -11.86 33.62
N LYS K 23 43.24 -12.68 32.60
CA LYS K 23 43.02 -12.20 31.25
C LYS K 23 41.71 -12.76 30.73
N ALA K 24 40.76 -11.88 30.44
CA ALA K 24 39.42 -12.28 30.03
C ALA K 24 39.26 -12.15 28.53
N TYR K 25 38.80 -13.23 27.89
CA TYR K 25 38.48 -13.24 26.47
C TYR K 25 36.96 -13.27 26.34
N GLY K 26 36.37 -12.09 26.12
CA GLY K 26 34.93 -11.98 26.00
C GLY K 26 34.37 -10.76 26.71
N VAL K 27 35.13 -10.22 27.66
CA VAL K 27 34.74 -9.01 28.37
C VAL K 27 35.11 -7.82 27.49
N ASN K 28 34.10 -7.10 26.99
CA ASN K 28 34.36 -5.96 26.12
C ASN K 28 35.12 -4.86 26.86
N THR K 29 34.73 -4.57 28.09
CA THR K 29 35.46 -3.61 28.91
C THR K 29 35.09 -3.85 30.37
N PHE K 30 35.94 -3.35 31.26
CA PHE K 30 35.68 -3.41 32.69
C PHE K 30 34.87 -2.24 33.20
N GLY K 31 34.52 -1.29 32.32
CA GLY K 31 33.67 -0.19 32.74
C GLY K 31 32.27 -0.64 33.12
N LEU K 32 31.68 -1.52 32.32
CA LEU K 32 30.37 -2.09 32.62
C LEU K 32 30.48 -3.56 33.04
N TYR K 33 31.65 -3.97 33.51
CA TYR K 33 31.88 -5.28 34.09
C TYR K 33 32.55 -5.10 35.44
N ALA K 34 32.57 -6.19 36.22
CA ALA K 34 33.25 -6.21 37.50
C ALA K 34 33.95 -7.54 37.68
N VAL K 35 35.11 -7.52 38.34
CA VAL K 35 35.89 -8.70 38.63
C VAL K 35 36.05 -8.82 40.13
N ASN K 36 35.74 -10.00 40.66
CA ASN K 36 35.82 -10.26 42.09
C ASN K 36 36.87 -11.32 42.36
N TRP K 37 37.64 -11.11 43.42
CA TRP K 37 38.72 -12.02 43.77
C TRP K 37 38.28 -12.89 44.94
N VAL K 38 38.49 -14.20 44.81
CA VAL K 38 38.01 -15.18 45.78
C VAL K 38 39.09 -16.22 46.00
N ARG K 39 39.28 -16.63 47.25
CA ARG K 39 40.31 -17.60 47.62
C ARG K 39 39.65 -18.81 48.27
N GLN K 40 40.10 -20.00 47.86
CA GLN K 40 39.61 -21.26 48.42
C GLN K 40 40.76 -21.99 49.08
N ALA K 41 40.74 -22.06 50.41
CA ALA K 41 41.71 -22.87 51.12
C ALA K 41 41.40 -24.35 50.92
N PRO K 42 42.41 -25.23 51.04
CA PRO K 42 42.16 -26.67 50.86
C PRO K 42 41.16 -27.21 51.86
N GLY K 43 39.98 -27.62 51.37
CA GLY K 43 38.91 -28.12 52.19
C GLY K 43 38.06 -27.05 52.84
N GLN K 44 38.65 -25.89 53.16
CA GLN K 44 37.93 -24.82 53.82
C GLN K 44 37.00 -24.11 52.82
N SER K 45 36.07 -23.32 53.38
CA SER K 45 35.08 -22.64 52.57
C SER K 45 35.71 -21.52 51.75
N LEU K 46 35.04 -21.17 50.66
CA LEU K 46 35.49 -20.07 49.81
C LEU K 46 35.47 -18.76 50.57
N GLU K 47 36.43 -17.90 50.27
CA GLU K 47 36.60 -16.64 50.99
C GLU K 47 36.73 -15.48 50.01
N TYR K 48 36.11 -14.36 50.35
CA TYR K 48 36.14 -13.17 49.50
C TYR K 48 37.36 -12.32 49.84
N ILE K 49 37.96 -11.72 48.81
CA ILE K 49 39.19 -10.94 48.94
C ILE K 49 38.96 -9.46 48.64
N GLY K 50 38.56 -9.13 47.42
CA GLY K 50 38.41 -7.75 47.03
C GLY K 50 37.91 -7.66 45.61
N GLN K 51 37.80 -6.43 45.12
CA GLN K 51 37.27 -6.20 43.79
C GLN K 51 37.78 -4.86 43.26
N ILE K 52 37.64 -4.69 41.94
CA ILE K 52 37.70 -3.39 41.30
C ILE K 52 36.40 -3.23 40.52
N TRP K 53 35.74 -2.09 40.71
CA TRP K 53 34.41 -1.87 40.16
C TRP K 53 34.28 -0.41 39.76
N ARG K 54 33.96 -0.17 38.49
CA ARG K 54 33.99 1.18 37.91
C ARG K 54 35.34 1.83 38.16
N TRP K 55 36.40 1.04 38.00
CA TRP K 55 37.79 1.47 38.22
C TRP K 55 38.00 2.00 39.64
N LYS K 56 37.24 1.48 40.60
CA LYS K 56 37.43 1.75 42.02
C LYS K 56 37.77 0.44 42.71
N SER K 57 38.88 0.40 43.43
CA SER K 57 39.39 -0.82 44.04
C SER K 57 39.21 -0.78 45.55
N SER K 58 38.92 -1.94 46.13
CA SER K 58 38.72 -2.07 47.57
C SER K 58 38.86 -3.53 47.94
N ALA K 59 38.92 -3.78 49.25
CA ALA K 59 39.07 -5.14 49.76
C ALA K 59 38.52 -5.20 51.18
N SER K 60 38.27 -6.43 51.63
CA SER K 60 37.73 -6.66 52.96
C SER K 60 38.78 -6.35 54.03
N HIS K 61 38.32 -6.30 55.28
CA HIS K 61 39.20 -5.92 56.39
C HIS K 61 40.34 -6.91 56.57
N HIS K 62 40.07 -8.20 56.36
CA HIS K 62 41.08 -9.22 56.61
C HIS K 62 42.26 -9.10 55.64
N PHE K 63 42.06 -8.42 54.51
CA PHE K 63 43.12 -8.26 53.51
C PHE K 63 43.48 -6.81 53.24
N ARG K 64 42.86 -5.85 53.92
CA ARG K 64 43.22 -4.46 53.73
C ARG K 64 44.66 -4.21 54.18
N GLY K 65 45.42 -3.50 53.36
CA GLY K 65 46.83 -3.27 53.62
C GLY K 65 47.73 -4.42 53.28
N ARG K 66 47.22 -5.49 52.68
CA ARG K 66 48.03 -6.65 52.32
C ARG K 66 47.74 -7.17 50.93
N VAL K 67 46.80 -6.58 50.19
CA VAL K 67 46.46 -7.03 48.86
C VAL K 67 46.47 -5.82 47.93
N LEU K 68 46.70 -6.07 46.65
CA LEU K 68 46.82 -5.01 45.65
C LEU K 68 45.96 -5.36 44.44
N ILE K 69 45.22 -4.37 43.94
CA ILE K 69 44.28 -4.57 42.85
C ILE K 69 44.60 -3.58 41.73
N SER K 70 44.69 -4.08 40.50
CA SER K 70 44.89 -3.24 39.33
C SER K 70 44.26 -3.93 38.13
N ALA K 71 43.92 -3.12 37.12
CA ALA K 71 43.26 -3.64 35.93
C ALA K 71 43.47 -2.71 34.75
N VAL K 72 43.66 -3.30 33.57
CA VAL K 72 43.78 -2.57 32.31
C VAL K 72 42.85 -3.23 31.30
N ASP K 73 42.04 -2.42 30.61
CA ASP K 73 41.02 -2.92 29.71
C ASP K 73 41.60 -3.07 28.30
N LEU K 74 40.71 -3.21 27.30
CA LEU K 74 41.08 -3.57 25.93
C LEU K 74 42.30 -2.83 25.42
N THR K 75 43.14 -3.56 24.69
CA THR K 75 44.36 -3.04 24.10
C THR K 75 44.42 -3.57 22.67
N GLY K 76 45.18 -2.87 21.82
CA GLY K 76 45.24 -3.24 20.41
C GLY K 76 45.74 -4.65 20.17
N SER K 77 46.44 -5.23 21.14
CA SER K 77 46.94 -6.60 21.02
C SER K 77 46.48 -7.51 22.14
N SER K 78 46.29 -6.98 23.35
CA SER K 78 45.97 -7.79 24.52
C SER K 78 44.53 -7.60 24.95
N PRO K 79 43.93 -8.60 25.57
CA PRO K 79 42.57 -8.44 26.12
C PRO K 79 42.61 -7.73 27.45
N PRO K 80 41.45 -7.41 28.05
CA PRO K 80 41.48 -6.79 29.37
C PRO K 80 42.16 -7.68 30.40
N ILE K 81 42.95 -7.05 31.27
CA ILE K 81 43.80 -7.77 32.21
C ILE K 81 43.58 -7.20 33.61
N SER K 82 43.45 -8.08 34.59
CA SER K 82 43.35 -7.72 36.00
C SER K 82 44.40 -8.49 36.78
N SER K 83 44.99 -7.85 37.79
CA SER K 83 46.11 -8.42 38.51
C SER K 83 45.89 -8.36 40.01
N LEU K 84 46.27 -9.44 40.71
CA LEU K 84 46.31 -9.48 42.16
C LEU K 84 47.69 -9.97 42.60
N GLU K 85 48.29 -9.26 43.56
CA GLU K 85 49.58 -9.62 44.11
C GLU K 85 49.57 -9.45 45.61
N ILE K 86 50.10 -10.45 46.32
CA ILE K 86 50.18 -10.43 47.77
C ILE K 86 51.45 -9.69 48.20
N LYS K 87 51.35 -8.92 49.27
CA LYS K 87 52.47 -8.19 49.83
C LYS K 87 52.81 -8.73 51.21
N ASN K 88 54.11 -8.90 51.46
CA ASN K 88 54.61 -9.48 52.71
C ASN K 88 53.91 -10.81 53.02
N LEU K 89 54.14 -11.77 52.14
CA LEU K 89 53.45 -13.05 52.20
C LEU K 89 53.78 -13.80 53.49
N THR K 90 52.79 -14.49 54.02
CA THR K 90 52.92 -15.32 55.21
C THR K 90 52.54 -16.75 54.88
N SER K 91 52.79 -17.66 55.82
CA SER K 91 52.60 -19.08 55.59
C SER K 91 51.13 -19.47 55.46
N ASP K 92 50.19 -18.57 55.74
CA ASP K 92 48.78 -18.89 55.71
C ASP K 92 48.12 -18.57 54.37
N ASP K 93 48.88 -18.11 53.38
CA ASP K 93 48.33 -17.78 52.07
C ASP K 93 48.36 -18.95 51.09
N THR K 94 48.56 -20.17 51.59
CA THR K 94 48.62 -21.36 50.74
C THR K 94 47.21 -21.77 50.37
N ALA K 95 46.74 -21.31 49.21
CA ALA K 95 45.39 -21.64 48.76
C ALA K 95 45.26 -21.33 47.28
N VAL K 96 44.27 -21.97 46.65
CA VAL K 96 43.96 -21.69 45.25
C VAL K 96 43.35 -20.29 45.14
N TYR K 97 43.54 -19.66 43.99
CA TYR K 97 42.95 -18.35 43.72
C TYR K 97 42.12 -18.43 42.44
N PHE K 98 41.07 -17.63 42.39
CA PHE K 98 40.13 -17.66 41.27
C PHE K 98 39.79 -16.24 40.84
N CYS K 99 39.56 -16.07 39.55
CA CYS K 99 39.17 -14.79 38.95
C CYS K 99 37.75 -14.91 38.42
N THR K 100 36.88 -14.00 38.85
CA THR K 100 35.46 -14.05 38.53
C THR K 100 35.03 -12.79 37.79
N THR K 101 33.84 -12.84 37.21
CA THR K 101 33.27 -11.72 36.47
C THR K 101 31.78 -11.64 36.79
N THR K 102 31.04 -10.74 36.13
CA THR K 102 29.58 -10.61 36.32
C THR K 102 29.21 -9.56 35.30
N SER K 103 27.93 -9.31 35.02
CA SER K 103 27.63 -8.24 34.10
C SER K 103 26.86 -7.15 34.77
N THR K 104 27.30 -5.91 34.60
CA THR K 104 26.64 -4.81 35.26
C THR K 104 25.85 -3.86 34.38
N TYR K 105 25.60 -4.23 33.13
CA TYR K 105 24.90 -3.35 32.24
C TYR K 105 23.47 -3.08 32.66
N ASP K 106 22.73 -4.06 33.14
CA ASP K 106 21.36 -3.75 33.62
C ASP K 106 21.14 -3.84 35.12
N ARG K 107 20.59 -2.79 35.71
CA ARG K 107 20.30 -2.76 37.12
C ARG K 107 19.29 -3.77 37.53
N TRP K 108 18.31 -4.03 36.69
CA TRP K 108 17.20 -4.88 37.05
C TRP K 108 17.32 -6.36 36.83
N SER K 109 18.51 -6.85 36.58
CA SER K 109 18.73 -8.26 36.33
C SER K 109 18.76 -9.11 37.55
N GLY K 110 19.41 -8.65 38.63
CA GLY K 110 19.54 -9.43 39.82
C GLY K 110 20.86 -10.12 40.07
N LEU K 111 21.92 -9.88 39.25
CA LEU K 111 23.23 -10.44 39.50
C LEU K 111 24.12 -9.52 40.33
N HIS K 112 23.66 -8.31 40.65
CA HIS K 112 24.44 -7.39 41.46
C HIS K 112 23.48 -6.57 42.32
N HIS K 113 24.00 -6.06 43.44
CA HIS K 113 23.20 -5.26 44.36
C HIS K 113 24.14 -4.35 45.14
N ASP K 114 24.19 -3.07 44.73
CA ASP K 114 24.94 -2.04 45.44
C ASP K 114 26.41 -2.42 45.61
N GLY K 115 26.97 -3.06 44.58
CA GLY K 115 28.35 -3.46 44.59
C GLY K 115 28.62 -4.86 45.11
N VAL K 116 27.69 -5.43 45.88
CA VAL K 116 27.80 -6.79 46.37
C VAL K 116 27.00 -7.69 45.42
N MET K 117 27.63 -8.75 44.94
CA MET K 117 27.14 -9.43 43.74
C MET K 117 27.55 -10.89 43.74
N ALA K 118 26.87 -11.66 42.89
CA ALA K 118 27.23 -13.04 42.63
C ALA K 118 28.38 -13.07 41.62
N PHE K 119 28.70 -14.26 41.11
CA PHE K 119 29.84 -14.44 40.21
C PHE K 119 29.40 -15.31 39.05
N SER K 120 29.21 -14.70 37.87
CA SER K 120 28.67 -15.43 36.73
C SER K 120 29.69 -16.43 36.17
N SER K 121 30.93 -16.01 35.98
CA SER K 121 31.95 -16.82 35.35
C SER K 121 33.14 -16.99 36.28
N TRP K 122 33.78 -18.15 36.22
CA TRP K 122 34.90 -18.49 37.08
C TRP K 122 36.10 -18.93 36.25
N GLY K 123 37.28 -18.48 36.65
CA GLY K 123 38.49 -18.92 35.99
C GLY K 123 38.86 -20.35 36.36
N GLN K 124 39.85 -20.88 35.62
CA GLN K 124 40.30 -22.25 35.89
C GLN K 124 40.94 -22.35 37.27
N GLY K 125 41.69 -21.33 37.68
CA GLY K 125 42.27 -21.31 39.00
C GLY K 125 43.76 -21.63 38.98
N THR K 126 44.51 -20.92 39.80
CA THR K 126 45.93 -21.15 39.97
C THR K 126 46.22 -21.49 41.43
N LEU K 127 47.20 -22.35 41.64
CA LEU K 127 47.54 -22.86 42.97
C LEU K 127 48.83 -22.21 43.44
N ILE K 128 48.80 -21.67 44.65
CA ILE K 128 49.98 -21.07 45.28
C ILE K 128 50.14 -21.69 46.65
N SER K 129 51.30 -22.29 46.91
CA SER K 129 51.57 -22.96 48.17
C SER K 129 52.93 -22.54 48.70
N VAL K 130 53.07 -22.60 50.03
CA VAL K 130 54.32 -22.22 50.69
C VAL K 130 54.68 -23.25 51.75
N ASP L 1 30.41 -10.10 58.43
CA ASP L 1 29.57 -9.68 59.55
C ASP L 1 28.23 -10.44 59.57
N ILE L 2 27.93 -11.12 58.47
CA ILE L 2 26.75 -11.98 58.37
C ILE L 2 27.23 -13.38 58.03
N GLN L 3 26.82 -14.36 58.83
CA GLN L 3 27.25 -15.74 58.68
C GLN L 3 26.08 -16.62 58.28
N MET L 4 26.40 -17.73 57.62
CA MET L 4 25.40 -18.72 57.24
C MET L 4 25.91 -20.13 57.51
N THR L 5 24.98 -21.04 57.74
CA THR L 5 25.28 -22.46 57.89
C THR L 5 24.27 -23.27 57.07
N GLN L 6 24.71 -24.42 56.59
CA GLN L 6 23.86 -25.30 55.80
C GLN L 6 24.07 -26.75 56.21
N SER L 7 22.99 -27.51 56.19
CA SER L 7 22.97 -28.91 56.58
C SER L 7 22.08 -29.68 55.61
N PRO L 8 22.40 -30.96 55.34
CA PRO L 8 23.53 -31.75 55.84
C PRO L 8 24.85 -31.41 55.18
N SER L 9 25.95 -31.54 55.92
CA SER L 9 27.27 -31.29 55.36
C SER L 9 27.63 -32.34 54.31
N THR L 10 27.45 -33.61 54.64
CA THR L 10 27.69 -34.71 53.72
C THR L 10 26.51 -35.66 53.75
N LEU L 11 25.94 -35.93 52.58
CA LEU L 11 24.74 -36.75 52.48
C LEU L 11 24.89 -37.72 51.31
N SER L 12 24.45 -38.96 51.53
CA SER L 12 24.44 -39.95 50.47
C SER L 12 23.23 -39.75 49.56
N ALA L 13 23.37 -40.18 48.31
CA ALA L 13 22.29 -40.04 47.34
C ALA L 13 22.40 -41.14 46.31
N SER L 14 21.28 -41.41 45.64
CA SER L 14 21.21 -42.45 44.62
C SER L 14 20.52 -41.90 43.38
N THR L 15 20.85 -42.48 42.23
CA THR L 15 20.26 -42.05 40.97
C THR L 15 18.75 -42.25 40.98
N GLY L 16 18.02 -41.23 40.53
CA GLY L 16 16.58 -41.27 40.49
C GLY L 16 15.88 -40.74 41.72
N ASP L 17 16.61 -40.32 42.74
CA ASP L 17 16.04 -39.80 43.96
C ASP L 17 16.08 -38.27 43.94
N THR L 18 15.22 -37.66 44.75
CA THR L 18 15.16 -36.21 44.88
C THR L 18 15.79 -35.80 46.21
N VAL L 19 16.73 -34.87 46.14
CA VAL L 19 17.48 -34.41 47.30
C VAL L 19 17.14 -32.95 47.57
N ARG L 20 16.97 -32.61 48.85
CA ARG L 20 16.68 -31.25 49.27
C ARG L 20 17.78 -30.78 50.20
N ILE L 21 18.46 -29.70 49.84
CA ILE L 21 19.55 -29.12 50.62
C ILE L 21 19.12 -27.72 51.05
N SER L 22 19.39 -27.39 52.31
CA SER L 22 18.95 -26.13 52.88
C SER L 22 20.13 -25.38 53.49
N CYS L 23 20.17 -24.07 53.25
CA CYS L 23 21.14 -23.18 53.86
C CYS L 23 20.40 -22.12 54.65
N ARG L 24 20.84 -21.88 55.88
CA ARG L 24 20.17 -20.97 56.80
C ARG L 24 21.06 -19.75 57.05
N ALA L 25 20.46 -18.57 57.04
CA ALA L 25 21.18 -17.33 57.26
C ALA L 25 20.96 -16.81 58.67
N SER L 26 21.93 -16.05 59.16
CA SER L 26 21.80 -15.45 60.50
C SER L 26 20.67 -14.45 60.54
N GLN L 27 20.52 -13.65 59.49
CA GLN L 27 19.55 -12.57 59.45
C GLN L 27 18.47 -12.89 58.41
N SER L 28 17.55 -11.95 58.22
CA SER L 28 16.42 -12.13 57.31
C SER L 28 16.78 -11.52 55.96
N ILE L 29 17.04 -12.38 54.97
CA ILE L 29 17.34 -11.93 53.61
C ILE L 29 16.00 -11.86 52.89
N THR L 30 15.32 -10.72 53.06
CA THR L 30 14.01 -10.52 52.44
C THR L 30 14.11 -10.12 50.98
N GLY L 31 15.28 -9.73 50.49
CA GLY L 31 15.47 -9.38 49.11
C GLY L 31 15.75 -10.54 48.18
N ASN L 32 15.74 -11.77 48.70
CA ASN L 32 16.04 -12.97 47.92
C ASN L 32 17.42 -12.89 47.28
N TRP L 33 18.40 -12.43 48.07
CA TRP L 33 19.78 -12.32 47.61
C TRP L 33 20.55 -13.55 48.06
N VAL L 34 20.30 -14.67 47.37
CA VAL L 34 20.95 -15.95 47.67
C VAL L 34 21.29 -16.63 46.35
N ALA L 35 22.50 -17.20 46.28
CA ALA L 35 22.98 -17.87 45.08
C ALA L 35 23.53 -19.24 45.42
N TRP L 36 23.47 -20.15 44.44
CA TRP L 36 23.88 -21.53 44.60
C TRP L 36 24.96 -21.88 43.58
N TYR L 37 25.97 -22.62 44.03
CA TYR L 37 27.03 -23.12 43.17
C TYR L 37 27.14 -24.64 43.28
N GLN L 38 27.63 -25.25 42.22
CA GLN L 38 27.99 -26.66 42.21
C GLN L 38 29.35 -26.81 41.54
N GLN L 39 30.27 -27.49 42.21
CA GLN L 39 31.60 -27.73 41.66
C GLN L 39 31.87 -29.24 41.60
N ARG L 40 32.46 -29.66 40.49
CA ARG L 40 32.93 -31.03 40.34
C ARG L 40 34.29 -31.18 41.01
N PRO L 41 34.68 -32.41 41.36
CA PRO L 41 35.99 -32.62 42.03
C PRO L 41 37.15 -31.97 41.29
N GLY L 42 37.85 -31.08 41.99
CA GLY L 42 38.94 -30.34 41.37
C GLY L 42 38.51 -29.41 40.26
N LYS L 43 37.39 -28.72 40.44
CA LYS L 43 36.87 -27.81 39.43
C LYS L 43 36.32 -26.57 40.12
N ALA L 44 36.43 -25.44 39.43
CA ALA L 44 35.92 -24.18 39.95
C ALA L 44 34.40 -24.23 40.04
N PRO L 45 33.80 -23.64 41.08
CA PRO L 45 32.34 -23.65 41.19
C PRO L 45 31.69 -22.87 40.05
N ARG L 46 30.48 -23.30 39.70
CA ARG L 46 29.69 -22.68 38.65
C ARG L 46 28.36 -22.21 39.21
N LEU L 47 27.96 -21.00 38.84
CA LEU L 47 26.69 -20.47 39.29
C LEU L 47 25.53 -21.21 38.63
N LEU L 48 24.54 -21.58 39.44
CA LEU L 48 23.37 -22.28 38.95
C LEU L 48 22.09 -21.49 39.22
N ILE L 49 21.93 -20.96 40.44
CA ILE L 49 20.74 -20.22 40.83
C ILE L 49 21.18 -18.85 41.33
N TYR L 50 20.52 -17.79 40.85
CA TYR L 50 20.71 -16.45 41.37
C TYR L 50 19.35 -15.85 41.71
N ARG L 51 19.34 -14.93 42.66
CA ARG L 51 18.10 -14.31 43.15
C ARG L 51 17.10 -15.37 43.60
N GLY L 52 17.60 -16.36 44.34
CA GLY L 52 16.73 -17.37 44.91
C GLY L 52 16.24 -18.50 44.03
N ALA L 53 15.66 -18.19 42.86
CA ALA L 53 15.05 -19.22 42.04
C ALA L 53 15.27 -19.05 40.53
N ALA L 54 16.24 -18.26 40.09
CA ALA L 54 16.41 -17.97 38.68
C ALA L 54 17.50 -18.87 38.08
N LEU L 55 17.14 -19.60 37.03
CA LEU L 55 18.07 -20.43 36.29
C LEU L 55 18.97 -19.58 35.40
N LEU L 56 20.18 -20.09 35.15
CA LEU L 56 21.07 -19.48 34.18
C LEU L 56 20.79 -20.03 32.78
N GLY L 57 21.63 -19.62 31.82
CA GLY L 57 21.52 -20.13 30.47
C GLY L 57 22.31 -21.42 30.31
N GLY L 58 21.76 -22.34 29.52
CA GLY L 58 22.38 -23.63 29.33
C GLY L 58 22.46 -24.48 30.58
N VAL L 59 21.40 -24.49 31.40
CA VAL L 59 21.40 -25.21 32.66
C VAL L 59 20.26 -26.22 32.65
N PRO L 60 20.47 -27.44 33.15
CA PRO L 60 19.37 -28.39 33.25
C PRO L 60 18.25 -27.85 34.12
N SER L 61 17.01 -28.14 33.72
CA SER L 61 15.84 -27.60 34.39
C SER L 61 15.50 -28.33 35.69
N ARG L 62 16.15 -29.45 35.99
CA ARG L 62 15.83 -30.18 37.21
C ARG L 62 16.26 -29.42 38.46
N PHE L 63 17.22 -28.50 38.34
CA PHE L 63 17.60 -27.68 39.49
C PHE L 63 16.51 -26.65 39.76
N ARG L 64 16.06 -26.59 41.01
CA ARG L 64 15.02 -25.66 41.42
C ARG L 64 15.33 -25.15 42.82
N GLY L 65 14.90 -23.92 43.09
CA GLY L 65 15.15 -23.30 44.37
C GLY L 65 13.93 -22.56 44.87
N SER L 66 13.80 -22.51 46.20
CA SER L 66 12.71 -21.80 46.85
C SER L 66 13.28 -20.92 47.96
N ALA L 67 12.76 -19.70 48.06
CA ALA L 67 13.23 -18.73 49.04
C ALA L 67 12.04 -18.26 49.88
N ALA L 68 12.22 -18.30 51.20
CA ALA L 68 11.16 -17.86 52.11
C ALA L 68 11.82 -17.44 53.42
N GLY L 69 12.00 -16.14 53.60
CA GLY L 69 12.56 -15.62 54.84
C GLY L 69 13.98 -16.10 55.05
N THR L 70 14.15 -16.99 56.04
CA THR L 70 15.46 -17.49 56.42
C THR L 70 15.78 -18.83 55.79
N ASP L 71 14.77 -19.58 55.33
CA ASP L 71 14.96 -20.93 54.80
C ASP L 71 15.09 -20.86 53.29
N PHE L 72 16.31 -21.01 52.80
CA PHE L 72 16.60 -21.14 51.37
C PHE L 72 16.96 -22.59 51.08
N THR L 73 16.33 -23.17 50.05
CA THR L 73 16.53 -24.57 49.73
C THR L 73 16.75 -24.74 48.23
N LEU L 74 17.47 -25.80 47.88
CA LEU L 74 17.74 -26.17 46.50
C LEU L 74 17.31 -27.62 46.31
N THR L 75 16.40 -27.85 45.36
CA THR L 75 15.84 -29.17 45.12
C THR L 75 16.38 -29.72 43.81
N ILE L 76 17.02 -30.88 43.87
CA ILE L 76 17.55 -31.56 42.69
C ILE L 76 16.80 -32.88 42.56
N GLY L 77 16.07 -33.02 41.46
CA GLY L 77 15.37 -34.26 41.16
C GLY L 77 16.00 -34.96 39.97
N ASN L 78 15.98 -36.29 40.00
CA ASN L 78 16.56 -37.13 38.95
C ASN L 78 18.05 -36.82 38.79
N LEU L 79 18.80 -37.17 39.84
CA LEU L 79 20.23 -36.91 39.89
C LEU L 79 20.97 -37.72 38.82
N GLN L 80 22.10 -37.19 38.35
CA GLN L 80 22.98 -37.91 37.45
C GLN L 80 24.44 -37.67 37.83
N ALA L 81 25.32 -38.44 37.18
CA ALA L 81 26.76 -38.32 37.42
C ALA L 81 27.28 -36.94 37.06
N GLU L 82 26.66 -36.30 36.07
CA GLU L 82 26.98 -34.91 35.77
C GLU L 82 26.50 -33.98 36.88
N ASP L 83 25.70 -34.47 37.81
CA ASP L 83 25.13 -33.64 38.86
C ASP L 83 25.70 -33.91 40.25
N PHE L 84 26.32 -35.07 40.48
CA PHE L 84 27.08 -35.21 41.73
C PHE L 84 28.24 -34.23 41.77
N GLY L 85 28.54 -33.76 42.97
CA GLY L 85 29.61 -32.79 43.17
C GLY L 85 29.51 -32.18 44.56
N THR L 86 29.99 -30.95 44.66
CA THR L 86 29.97 -30.18 45.90
C THR L 86 29.18 -28.91 45.68
N PHE L 87 28.28 -28.59 46.62
CA PHE L 87 27.35 -27.48 46.49
C PHE L 87 27.64 -26.41 47.53
N TYR L 88 27.28 -25.17 47.19
CA TYR L 88 27.53 -24.02 48.05
C TYR L 88 26.30 -23.11 48.07
N CYS L 89 26.11 -22.43 49.19
CA CYS L 89 25.09 -21.39 49.32
C CYS L 89 25.77 -20.07 49.67
N GLN L 90 25.40 -19.01 48.96
CA GLN L 90 25.99 -17.69 49.18
C GLN L 90 24.88 -16.66 49.36
N GLN L 91 25.13 -15.67 50.22
CA GLN L 91 24.29 -14.49 50.32
C GLN L 91 25.09 -13.28 49.89
N TYR L 92 24.44 -12.38 49.14
CA TYR L 92 25.03 -11.08 48.79
C TYR L 92 23.99 -10.00 49.11
N ASP L 93 23.94 -9.61 50.38
CA ASP L 93 23.04 -8.56 50.85
C ASP L 93 23.79 -7.41 51.51
N THR L 94 24.72 -7.71 52.41
CA THR L 94 25.52 -6.68 53.09
C THR L 94 27.00 -6.95 52.84
N TYR L 95 27.76 -5.89 52.60
CA TYR L 95 29.18 -6.02 52.38
C TYR L 95 29.85 -6.54 53.65
N PRO L 96 30.76 -7.53 53.54
CA PRO L 96 31.10 -8.27 52.32
C PRO L 96 30.15 -9.44 52.07
N GLY L 97 30.04 -9.86 50.81
CA GLY L 97 29.24 -11.02 50.47
C GLY L 97 29.99 -12.31 50.73
N THR L 98 29.62 -13.03 51.79
CA THR L 98 30.35 -14.21 52.23
C THR L 98 29.78 -15.46 51.57
N PHE L 99 30.23 -16.62 52.04
CA PHE L 99 29.82 -17.91 51.49
C PHE L 99 29.27 -18.79 52.60
N GLY L 100 28.70 -19.93 52.20
CA GLY L 100 28.24 -20.91 53.15
C GLY L 100 29.38 -21.78 53.66
N GLN L 101 29.01 -22.74 54.50
CA GLN L 101 30.01 -23.63 55.08
C GLN L 101 30.53 -24.64 54.05
N GLY L 102 29.65 -25.13 53.18
CA GLY L 102 30.04 -26.09 52.17
C GLY L 102 29.47 -27.47 52.41
N THR L 103 28.65 -27.95 51.47
CA THR L 103 28.04 -29.26 51.55
C THR L 103 28.49 -30.12 50.39
N LYS L 104 28.64 -31.42 50.64
CA LYS L 104 29.11 -32.38 49.66
C LYS L 104 28.14 -33.54 49.56
N VAL L 105 27.96 -34.06 48.35
CA VAL L 105 27.06 -35.16 48.07
C VAL L 105 27.86 -36.33 47.50
N GLU L 106 27.73 -37.50 48.13
CA GLU L 106 28.41 -38.71 47.69
C GLU L 106 27.39 -39.71 47.16
N VAL L 107 27.83 -40.52 46.20
CA VAL L 107 26.94 -41.52 45.60
C VAL L 107 26.71 -42.66 46.57
N LYS L 108 25.45 -43.07 46.70
CA LYS L 108 25.05 -44.19 47.55
C LYS L 108 25.63 -44.11 48.96
N GLN M 1 23.46 -82.59 -18.98
CA GLN M 1 24.26 -81.46 -19.43
C GLN M 1 23.86 -81.03 -20.84
N VAL M 2 24.22 -79.81 -21.21
CA VAL M 2 23.88 -79.26 -22.52
C VAL M 2 25.03 -79.51 -23.47
N GLN M 3 24.74 -80.16 -24.59
CA GLN M 3 25.73 -80.45 -25.63
C GLN M 3 25.28 -79.78 -26.93
N LEU M 4 26.24 -79.29 -27.70
CA LEU M 4 25.97 -78.55 -28.93
C LEU M 4 26.63 -79.23 -30.12
N GLN M 5 25.87 -79.32 -31.22
CA GLN M 5 26.40 -79.84 -32.48
C GLN M 5 25.57 -79.22 -33.61
N GLU M 6 26.12 -78.20 -34.26
CA GLU M 6 25.38 -77.49 -35.29
C GLU M 6 25.28 -78.33 -36.56
N SER M 7 24.14 -78.22 -37.23
CA SER M 7 23.90 -78.87 -38.52
C SER M 7 23.53 -77.79 -39.53
N GLY M 8 24.50 -77.43 -40.39
CA GLY M 8 24.28 -76.40 -41.37
C GLY M 8 24.79 -76.80 -42.74
N PRO M 9 24.08 -76.38 -43.79
CA PRO M 9 24.50 -76.73 -45.16
C PRO M 9 25.88 -76.19 -45.52
N GLY M 10 26.25 -75.01 -45.03
CA GLY M 10 27.53 -74.43 -45.35
C GLY M 10 27.50 -73.58 -46.61
N LEU M 11 27.44 -74.23 -47.76
CA LEU M 11 27.38 -73.53 -49.04
C LEU M 11 25.91 -73.38 -49.43
N VAL M 12 25.45 -72.13 -49.54
CA VAL M 12 24.05 -71.83 -49.78
C VAL M 12 23.95 -70.91 -51.00
N LYS M 13 22.97 -71.20 -51.86
CA LYS M 13 22.78 -70.39 -53.05
C LYS M 13 22.20 -69.02 -52.70
N PRO M 14 22.58 -67.98 -53.43
CA PRO M 14 22.05 -66.64 -53.14
C PRO M 14 20.56 -66.56 -53.39
N SER M 15 19.90 -65.70 -52.62
CA SER M 15 18.45 -65.46 -52.73
C SER M 15 17.66 -66.75 -52.61
N GLU M 16 18.06 -67.59 -51.65
CA GLU M 16 17.39 -68.87 -51.40
C GLU M 16 17.16 -69.04 -49.91
N THR M 17 16.16 -69.84 -49.57
CA THR M 17 15.83 -70.09 -48.18
C THR M 17 16.88 -70.97 -47.52
N LEU M 18 17.30 -70.58 -46.32
CA LEU M 18 18.30 -71.30 -45.55
C LEU M 18 17.66 -72.00 -44.36
N SER M 19 18.44 -72.88 -43.71
CA SER M 19 17.98 -73.57 -42.51
C SER M 19 19.22 -73.90 -41.68
N VAL M 20 19.40 -73.17 -40.58
CA VAL M 20 20.51 -73.38 -39.66
C VAL M 20 19.94 -73.83 -38.32
N THR M 21 20.41 -74.98 -37.85
CA THR M 21 19.88 -75.59 -36.63
C THR M 21 21.02 -75.95 -35.69
N CYS M 22 20.68 -76.07 -34.40
CA CYS M 22 21.61 -76.47 -33.37
C CYS M 22 20.97 -77.59 -32.55
N SER M 23 21.78 -78.58 -32.20
CA SER M 23 21.32 -79.75 -31.46
C SER M 23 21.68 -79.62 -29.98
N VAL M 24 20.70 -79.86 -29.12
CA VAL M 24 20.88 -79.80 -27.67
C VAL M 24 20.32 -81.07 -27.06
N SER M 25 21.07 -81.67 -26.13
CA SER M 25 20.70 -82.94 -25.53
C SER M 25 20.37 -82.76 -24.06
N GLY M 26 19.30 -83.44 -23.62
CA GLY M 26 18.95 -83.48 -22.21
C GLY M 26 18.56 -82.15 -21.60
N ASP M 27 17.78 -81.35 -22.33
CA ASP M 27 17.33 -80.05 -21.84
C ASP M 27 15.84 -79.89 -22.13
N SER M 28 15.15 -79.22 -21.21
CA SER M 28 13.75 -78.89 -21.43
C SER M 28 13.61 -77.82 -22.51
N MET M 29 12.52 -77.89 -23.26
CA MET M 29 12.34 -77.00 -24.40
C MET M 29 11.95 -75.59 -23.98
N ASN M 30 11.43 -75.41 -22.77
CA ASN M 30 10.96 -74.11 -22.32
C ASN M 30 11.73 -73.55 -21.13
N ASN M 31 12.56 -74.35 -20.47
CA ASN M 31 13.31 -73.84 -19.31
C ASN M 31 14.33 -72.79 -19.73
N TYR M 32 15.00 -73.00 -20.85
CA TYR M 32 16.05 -72.12 -21.34
C TYR M 32 15.57 -71.45 -22.61
N TYR M 33 15.57 -70.11 -22.62
CA TYR M 33 15.27 -69.39 -23.84
C TYR M 33 16.38 -69.59 -24.86
N TRP M 34 16.05 -69.44 -26.13
CA TRP M 34 16.94 -69.80 -27.22
C TRP M 34 17.44 -68.52 -27.90
N THR M 35 18.67 -68.13 -27.59
CA THR M 35 19.30 -66.98 -28.23
C THR M 35 20.39 -67.46 -29.17
N TRP M 36 20.60 -66.69 -30.24
CA TRP M 36 21.64 -66.99 -31.22
C TRP M 36 22.65 -65.84 -31.20
N ILE M 37 23.91 -66.16 -30.89
CA ILE M 37 24.98 -65.20 -30.91
C ILE M 37 25.85 -65.52 -32.12
N ARG M 38 25.74 -64.71 -33.17
CA ARG M 38 26.46 -64.95 -34.42
C ARG M 38 27.70 -64.06 -34.46
N GLN M 39 28.84 -64.64 -34.09
CA GLN M 39 30.11 -63.94 -34.15
C GLN M 39 30.66 -64.07 -35.57
N SER M 40 30.54 -63.02 -36.35
CA SER M 40 31.08 -63.03 -37.70
C SER M 40 32.60 -63.16 -37.64
N PRO M 41 33.20 -64.02 -38.45
CA PRO M 41 34.66 -64.18 -38.43
C PRO M 41 35.36 -62.86 -38.74
N GLY M 42 36.30 -62.51 -37.87
CA GLY M 42 36.95 -61.21 -37.97
C GLY M 42 36.13 -60.06 -37.45
N LYS M 43 34.98 -60.32 -36.83
CA LYS M 43 34.08 -59.28 -36.34
C LYS M 43 33.58 -59.68 -34.96
N GLY M 44 33.13 -58.68 -34.21
CA GLY M 44 32.64 -58.93 -32.87
C GLY M 44 31.37 -59.75 -32.85
N LEU M 45 31.14 -60.41 -31.72
CA LEU M 45 29.95 -61.22 -31.54
C LEU M 45 28.69 -60.36 -31.68
N GLU M 46 27.84 -60.73 -32.63
CA GLU M 46 26.66 -59.94 -32.97
C GLU M 46 25.41 -60.61 -32.43
N TRP M 47 24.64 -59.86 -31.63
CA TRP M 47 23.30 -60.29 -31.25
C TRP M 47 22.40 -60.25 -32.48
N ILE M 48 21.75 -61.38 -32.78
CA ILE M 48 20.95 -61.52 -33.97
C ILE M 48 19.56 -62.01 -33.58
N GLY M 49 18.74 -62.26 -34.60
CA GLY M 49 17.40 -62.78 -34.34
C GLY M 49 17.45 -64.15 -33.69
N TYR M 50 16.50 -64.39 -32.79
CA TYR M 50 16.42 -65.65 -32.07
C TYR M 50 14.95 -65.95 -31.79
N ILE M 51 14.70 -67.03 -31.05
CA ILE M 51 13.36 -67.54 -30.83
C ILE M 51 13.11 -67.70 -29.34
N SER M 52 11.90 -67.37 -28.92
CA SER M 52 11.48 -67.64 -27.55
C SER M 52 11.04 -69.10 -27.42
N ASP M 53 10.90 -69.55 -26.17
CA ASP M 53 10.44 -70.91 -25.93
C ASP M 53 9.04 -71.16 -26.47
N ARG M 54 8.24 -70.10 -26.63
CA ARG M 54 6.91 -70.22 -27.22
C ARG M 54 6.92 -70.02 -28.73
N GLU M 55 8.07 -70.26 -29.38
CA GLU M 55 8.22 -70.11 -30.83
C GLU M 55 7.87 -68.71 -31.28
N SER M 56 8.28 -67.71 -30.51
CA SER M 56 8.09 -66.32 -30.87
C SER M 56 9.21 -65.84 -31.79
N ALA M 57 9.03 -64.65 -32.37
CA ALA M 57 9.99 -64.07 -33.29
C ALA M 57 10.53 -62.78 -32.71
N THR M 58 11.86 -62.71 -32.55
CA THR M 58 12.55 -61.51 -32.09
C THR M 58 13.83 -61.37 -32.88
N TYR M 59 13.93 -60.34 -33.71
CA TYR M 59 15.01 -60.20 -34.66
C TYR M 59 15.74 -58.88 -34.49
N ASN M 60 17.04 -58.92 -34.72
CA ASN M 60 17.90 -57.74 -34.55
C ASN M 60 17.75 -56.81 -35.75
N PRO M 61 17.35 -55.55 -35.56
CA PRO M 61 17.37 -54.60 -36.68
C PRO M 61 18.77 -54.24 -37.14
N SER M 62 19.80 -54.48 -36.32
CA SER M 62 21.17 -54.20 -36.75
C SER M 62 21.59 -55.15 -37.87
N LEU M 63 21.17 -56.41 -37.79
CA LEU M 63 21.40 -57.37 -38.87
C LEU M 63 20.43 -57.16 -40.03
N ASN M 64 19.41 -56.32 -39.86
CA ASN M 64 18.37 -56.05 -40.87
C ASN M 64 17.47 -57.25 -41.10
N SER M 65 17.26 -58.07 -40.06
CA SER M 65 16.29 -59.17 -40.08
C SER M 65 16.55 -60.13 -41.23
N ARG M 66 17.80 -60.60 -41.35
CA ARG M 66 18.12 -61.59 -42.35
C ARG M 66 17.70 -63.00 -41.94
N VAL M 67 17.25 -63.19 -40.71
CA VAL M 67 16.92 -64.51 -40.18
C VAL M 67 15.46 -64.53 -39.77
N VAL M 68 14.75 -65.59 -40.14
CA VAL M 68 13.43 -65.91 -39.62
C VAL M 68 13.52 -67.29 -38.97
N ILE M 69 13.09 -67.38 -37.72
CA ILE M 69 13.43 -68.52 -36.87
C ILE M 69 12.19 -69.34 -36.57
N SER M 70 12.35 -70.66 -36.61
CA SER M 70 11.34 -71.62 -36.20
C SER M 70 12.03 -72.74 -35.44
N ARG M 71 11.25 -73.52 -34.70
CA ARG M 71 11.82 -74.55 -33.84
C ARG M 71 11.10 -75.87 -34.03
N ASP M 72 11.88 -76.96 -33.90
CA ASP M 72 11.36 -78.32 -33.88
C ASP M 72 11.56 -78.86 -32.46
N THR M 73 10.44 -79.08 -31.76
CA THR M 73 10.51 -79.43 -30.34
C THR M 73 11.18 -80.78 -30.13
N SER M 74 10.79 -81.79 -30.91
CA SER M 74 11.31 -83.13 -30.69
C SER M 74 12.80 -83.23 -31.04
N LYS M 75 13.18 -82.71 -32.20
CA LYS M 75 14.55 -82.83 -32.68
C LYS M 75 15.53 -81.94 -31.93
N ASN M 76 15.02 -80.97 -31.15
CA ASN M 76 15.85 -79.99 -30.44
C ASN M 76 16.61 -79.10 -31.41
N GLN M 77 16.36 -79.25 -32.70
CA GLN M 77 17.00 -78.46 -33.74
C GLN M 77 16.06 -77.35 -34.17
N LEU M 78 16.49 -76.10 -34.00
CA LEU M 78 15.66 -74.94 -34.23
C LEU M 78 15.99 -74.36 -35.60
N SER M 79 14.99 -74.28 -36.47
CA SER M 79 15.20 -73.85 -37.85
C SER M 79 15.53 -72.36 -37.90
N LEU M 80 16.15 -71.95 -39.02
CA LEU M 80 16.48 -70.56 -39.28
C LEU M 80 16.22 -70.29 -40.76
N LYS M 81 15.03 -69.75 -41.06
CA LYS M 81 14.62 -69.51 -42.44
C LYS M 81 15.19 -68.17 -42.89
N LEU M 82 16.32 -68.22 -43.59
CA LEU M 82 16.94 -67.03 -44.16
C LEU M 82 16.55 -66.94 -45.63
N ASN M 83 15.58 -66.09 -45.92
CA ASN M 83 15.08 -65.89 -47.28
C ASN M 83 15.73 -64.67 -47.91
N SER M 84 15.98 -64.75 -49.22
CA SER M 84 16.62 -63.68 -49.98
C SER M 84 17.94 -63.27 -49.33
N VAL M 85 18.87 -64.22 -49.31
CA VAL M 85 20.15 -63.99 -48.65
C VAL M 85 21.09 -63.22 -49.56
N THR M 86 22.09 -62.59 -48.94
CA THR M 86 23.10 -61.80 -49.62
C THR M 86 24.42 -62.01 -48.89
N PRO M 87 25.56 -61.82 -49.56
CA PRO M 87 26.85 -62.01 -48.90
C PRO M 87 27.08 -61.14 -47.66
N ALA M 88 26.16 -60.22 -47.34
CA ALA M 88 26.36 -59.36 -46.18
C ALA M 88 26.12 -60.10 -44.87
N ASP M 89 25.23 -61.09 -44.86
CA ASP M 89 24.86 -61.78 -43.62
C ASP M 89 25.58 -63.11 -43.45
N THR M 90 26.67 -63.34 -44.17
CA THR M 90 27.41 -64.59 -44.04
C THR M 90 28.23 -64.58 -42.75
N ALA M 91 27.98 -65.57 -41.89
CA ALA M 91 28.69 -65.67 -40.62
C ALA M 91 28.54 -67.10 -40.10
N VAL M 92 29.38 -67.42 -39.12
CA VAL M 92 29.33 -68.71 -38.42
C VAL M 92 28.32 -68.62 -37.28
N TYR M 93 27.46 -69.62 -37.18
CA TYR M 93 26.32 -69.60 -36.27
C TYR M 93 26.66 -70.31 -34.96
N TYR M 94 26.42 -69.65 -33.84
CA TYR M 94 26.58 -70.24 -32.51
C TYR M 94 25.21 -70.32 -31.84
N CYS M 95 24.91 -71.46 -31.23
CA CYS M 95 23.66 -71.67 -30.51
C CYS M 95 23.93 -71.50 -29.01
N ALA M 96 23.23 -70.56 -28.39
CA ALA M 96 23.47 -70.22 -26.99
C ALA M 96 22.17 -70.35 -26.20
N THR M 97 22.25 -70.95 -25.02
CA THR M 97 21.13 -71.01 -24.11
C THR M 97 20.95 -69.67 -23.41
N ALA M 98 19.71 -69.18 -23.39
CA ALA M 98 19.41 -67.87 -22.80
C ALA M 98 18.57 -68.07 -21.55
N ARG M 99 18.93 -67.35 -20.48
CA ARG M 99 18.16 -67.31 -19.25
C ARG M 99 17.96 -65.87 -18.84
N ARG M 100 16.88 -65.62 -18.11
CA ARG M 100 16.50 -64.27 -17.72
C ARG M 100 16.67 -64.08 -16.22
N GLY M 101 17.31 -62.98 -15.82
CA GLY M 101 17.42 -62.66 -14.40
C GLY M 101 16.87 -61.26 -14.26
N GLN M 102 16.44 -60.86 -13.06
CA GLN M 102 15.86 -59.53 -12.87
C GLN M 102 16.44 -58.70 -11.73
N ARG M 103 16.68 -57.41 -11.98
CA ARG M 103 17.14 -56.52 -10.91
C ARG M 103 15.99 -55.63 -10.53
N ILE M 104 15.57 -55.64 -9.27
CA ILE M 104 14.40 -54.88 -8.88
C ILE M 104 14.75 -53.68 -8.02
N TYR M 105 14.41 -52.49 -8.48
CA TYR M 105 14.76 -51.29 -7.75
C TYR M 105 13.58 -50.44 -7.33
N GLY M 106 12.36 -50.83 -7.64
CA GLY M 106 11.21 -50.00 -7.36
C GLY M 106 9.96 -50.83 -7.26
N VAL M 107 8.80 -50.19 -7.06
CA VAL M 107 7.55 -50.91 -7.01
C VAL M 107 7.28 -51.74 -8.27
N VAL M 108 7.17 -53.08 -8.13
CA VAL M 108 6.91 -53.99 -9.25
C VAL M 108 5.62 -53.72 -9.99
N SER M 109 4.56 -53.35 -9.28
CA SER M 109 3.27 -53.06 -9.89
C SER M 109 3.40 -51.91 -10.87
N PHE M 110 4.18 -50.91 -10.52
CA PHE M 110 4.43 -49.79 -11.42
C PHE M 110 5.16 -50.28 -12.65
N GLY M 111 6.05 -51.24 -12.48
CA GLY M 111 6.82 -51.78 -13.59
C GLY M 111 8.21 -51.21 -13.74
N GLU M 112 9.14 -51.72 -12.94
CA GLU M 112 10.50 -51.26 -13.00
C GLU M 112 11.56 -52.33 -13.33
N PHE M 113 11.22 -53.60 -13.17
CA PHE M 113 12.20 -54.67 -13.36
C PHE M 113 12.53 -54.95 -14.81
N PHE M 114 13.81 -55.23 -15.10
CA PHE M 114 14.25 -55.52 -16.47
C PHE M 114 14.85 -56.92 -16.50
N TYR M 115 14.41 -57.72 -17.47
CA TYR M 115 14.85 -59.11 -17.60
C TYR M 115 16.10 -59.15 -18.46
N TYR M 116 17.25 -58.95 -17.81
CA TYR M 116 18.52 -59.05 -18.50
C TYR M 116 18.83 -60.51 -18.83
N TYR M 117 19.53 -60.71 -19.95
CA TYR M 117 19.87 -62.05 -20.41
C TYR M 117 21.23 -62.46 -19.89
N SER M 118 21.38 -63.75 -19.63
CA SER M 118 22.64 -64.35 -19.20
C SER M 118 22.90 -65.59 -20.05
N MET M 119 24.11 -65.66 -20.63
CA MET M 119 24.50 -66.78 -21.48
C MET M 119 25.60 -67.56 -20.80
N ASP M 120 25.35 -68.85 -20.55
CA ASP M 120 26.34 -69.71 -19.90
C ASP M 120 26.80 -70.86 -20.78
N VAL M 121 26.03 -71.22 -21.81
CA VAL M 121 26.39 -72.29 -22.74
C VAL M 121 26.42 -71.71 -24.14
N TRP M 122 27.51 -71.98 -24.86
CA TRP M 122 27.73 -71.43 -26.19
C TRP M 122 27.91 -72.56 -27.20
N GLY M 123 27.53 -72.28 -28.45
CA GLY M 123 27.62 -73.28 -29.50
C GLY M 123 29.02 -73.46 -30.06
N LYS M 124 29.16 -74.48 -30.89
CA LYS M 124 30.44 -74.77 -31.53
C LYS M 124 30.64 -73.89 -32.76
N GLY M 125 29.76 -74.04 -33.75
CA GLY M 125 29.82 -73.20 -34.93
C GLY M 125 30.44 -73.85 -36.15
N THR M 126 29.81 -73.66 -37.31
CA THR M 126 30.36 -74.13 -38.59
C THR M 126 30.27 -73.01 -39.61
N THR M 127 31.20 -73.03 -40.57
CA THR M 127 31.31 -71.96 -41.55
C THR M 127 30.23 -72.14 -42.61
N VAL M 128 29.26 -71.22 -42.64
CA VAL M 128 28.20 -71.20 -43.64
C VAL M 128 28.45 -69.99 -44.53
N THR M 129 28.91 -70.24 -45.75
CA THR M 129 29.30 -69.16 -46.66
C THR M 129 28.51 -69.25 -47.96
N VAL M 130 28.22 -68.09 -48.54
CA VAL M 130 27.49 -67.98 -49.80
C VAL M 130 28.46 -68.07 -50.96
N SER M 131 27.93 -68.30 -52.16
CA SER M 131 28.73 -68.34 -53.38
C SER M 131 28.15 -67.30 -54.34
N VAL N 3 38.24 -51.28 -33.05
CA VAL N 3 38.55 -51.99 -31.82
C VAL N 3 39.80 -51.39 -31.18
N ARG N 4 39.69 -51.04 -29.90
CA ARG N 4 40.81 -50.46 -29.15
C ARG N 4 41.21 -51.42 -28.04
N PRO N 5 42.27 -52.21 -28.23
CA PRO N 5 42.71 -53.14 -27.19
C PRO N 5 43.53 -52.42 -26.12
N LEU N 6 42.95 -52.29 -24.94
CA LEU N 6 43.65 -51.71 -23.79
C LEU N 6 44.37 -52.82 -23.06
N SER N 7 45.64 -52.59 -22.72
CA SER N 7 46.48 -53.65 -22.19
C SER N 7 47.48 -53.07 -21.20
N VAL N 8 48.27 -53.96 -20.59
CA VAL N 8 49.34 -53.61 -19.67
C VAL N 8 50.40 -54.71 -19.76
N ALA N 9 51.55 -54.46 -19.15
CA ALA N 9 52.67 -55.38 -19.27
C ALA N 9 52.45 -56.64 -18.46
N LEU N 10 53.25 -57.66 -18.75
CA LEU N 10 53.17 -58.93 -18.03
C LEU N 10 53.72 -58.79 -16.62
N GLY N 11 53.13 -59.54 -15.70
CA GLY N 11 53.50 -59.47 -14.30
C GLY N 11 52.87 -58.33 -13.54
N GLU N 12 52.08 -57.49 -14.20
CA GLU N 12 51.37 -56.39 -13.57
C GLU N 12 49.98 -56.30 -14.15
N THR N 13 49.04 -55.83 -13.34
CA THR N 13 47.65 -55.69 -13.76
C THR N 13 47.14 -54.30 -13.39
N ALA N 14 46.23 -53.80 -14.23
CA ALA N 14 45.57 -52.52 -14.00
C ALA N 14 44.07 -52.77 -13.88
N ARG N 15 43.44 -52.14 -12.90
CA ARG N 15 42.01 -52.33 -12.68
C ARG N 15 41.22 -51.77 -13.84
N ILE N 16 40.68 -52.66 -14.68
CA ILE N 16 39.95 -52.26 -15.88
C ILE N 16 38.48 -52.10 -15.56
N SER N 17 37.89 -51.00 -16.03
CA SER N 17 36.48 -50.71 -15.83
C SER N 17 35.80 -50.57 -17.19
N CYS N 18 34.49 -50.80 -17.19
CA CYS N 18 33.72 -50.67 -18.42
C CYS N 18 33.80 -49.25 -18.95
N GLY N 19 34.05 -49.12 -20.26
CA GLY N 19 34.14 -47.80 -20.86
C GLY N 19 32.84 -47.01 -20.73
N ARG N 20 31.71 -47.69 -20.87
CA ARG N 20 30.42 -47.03 -20.70
C ARG N 20 30.21 -46.64 -19.24
N GLN N 21 29.59 -45.48 -19.04
CA GLN N 21 29.23 -45.06 -17.70
C GLN N 21 27.92 -45.73 -17.27
N ALA N 22 27.63 -45.64 -15.97
CA ALA N 22 26.45 -46.28 -15.40
C ALA N 22 25.30 -45.29 -15.34
N LEU N 23 24.19 -45.64 -15.98
CA LEU N 23 22.97 -44.82 -15.97
C LEU N 23 21.86 -45.66 -15.35
N GLY N 24 21.48 -45.34 -14.12
CA GLY N 24 20.51 -46.14 -13.40
C GLY N 24 21.13 -47.36 -12.75
N SER N 25 20.27 -48.29 -12.36
CA SER N 25 20.72 -49.53 -11.76
C SER N 25 21.58 -50.31 -12.76
N ARG N 26 22.68 -50.90 -12.26
CA ARG N 26 23.64 -51.56 -13.11
C ARG N 26 23.82 -53.01 -12.68
N ALA N 27 23.86 -53.91 -13.66
CA ALA N 27 24.16 -55.32 -13.44
C ALA N 27 24.87 -55.82 -14.69
N VAL N 28 26.19 -56.02 -14.59
CA VAL N 28 27.04 -56.28 -15.76
C VAL N 28 27.26 -57.78 -15.89
N GLN N 29 27.37 -58.23 -17.14
CA GLN N 29 27.67 -59.62 -17.46
C GLN N 29 29.04 -59.66 -18.14
N TRP N 30 29.84 -60.68 -17.79
CA TRP N 30 31.21 -60.78 -18.27
C TRP N 30 31.41 -62.11 -19.00
N TYR N 31 32.32 -62.09 -19.98
CA TYR N 31 32.59 -63.27 -20.78
C TYR N 31 34.07 -63.30 -21.13
N GLN N 32 34.53 -64.47 -21.56
CA GLN N 32 35.92 -64.69 -21.98
C GLN N 32 35.91 -65.02 -23.46
N HIS N 33 36.50 -64.14 -24.28
CA HIS N 33 36.47 -64.31 -25.72
C HIS N 33 37.24 -65.56 -26.14
N ARG N 34 36.73 -66.24 -27.18
CA ARG N 34 37.41 -67.38 -27.78
C ARG N 34 37.35 -67.25 -29.29
N PRO N 35 38.49 -67.29 -29.98
CA PRO N 35 38.48 -67.11 -31.44
C PRO N 35 37.91 -68.31 -32.16
N GLY N 36 36.68 -68.17 -32.66
CA GLY N 36 36.04 -69.24 -33.40
C GLY N 36 35.45 -70.35 -32.55
N GLN N 37 35.51 -70.23 -31.23
CA GLN N 37 35.05 -71.27 -30.33
C GLN N 37 34.09 -70.68 -29.29
N ALA N 38 33.66 -71.53 -28.36
CA ALA N 38 32.64 -71.15 -27.39
C ALA N 38 33.26 -70.31 -26.27
N PRO N 39 32.72 -69.11 -26.00
CA PRO N 39 33.19 -68.34 -24.84
C PRO N 39 32.69 -68.92 -23.52
N ILE N 40 33.07 -68.28 -22.40
CA ILE N 40 32.64 -68.71 -21.08
C ILE N 40 32.36 -67.48 -20.22
N LEU N 41 31.28 -67.54 -19.45
CA LEU N 41 30.92 -66.42 -18.58
C LEU N 41 31.88 -66.34 -17.40
N LEU N 42 32.24 -65.12 -17.02
CA LEU N 42 33.12 -64.88 -15.88
C LEU N 42 32.34 -64.57 -14.60
N ILE N 43 31.60 -63.46 -14.59
CA ILE N 43 30.94 -62.96 -13.39
C ILE N 43 29.71 -62.16 -13.82
N TYR N 44 28.60 -62.36 -13.13
CA TYR N 44 27.40 -61.57 -13.36
C TYR N 44 26.81 -61.14 -12.03
N ASN N 45 26.08 -60.01 -12.06
CA ASN N 45 25.47 -59.41 -10.88
C ASN N 45 26.48 -58.97 -9.83
N ASN N 46 27.76 -58.90 -10.21
CA ASN N 46 28.84 -58.36 -9.40
C ASN N 46 29.16 -59.23 -8.18
N GLN N 47 28.37 -60.27 -7.94
CA GLN N 47 28.63 -61.19 -6.85
C GLN N 47 28.47 -62.66 -7.20
N ASP N 48 27.71 -63.00 -8.25
CA ASP N 48 27.39 -64.39 -8.53
C ASP N 48 28.55 -65.07 -9.23
N ARG N 49 28.96 -66.23 -8.71
CA ARG N 49 30.06 -67.00 -9.26
C ARG N 49 29.52 -68.25 -9.94
N PRO N 50 29.58 -68.36 -11.27
CA PRO N 50 29.02 -69.53 -11.95
C PRO N 50 29.77 -70.82 -11.63
N SER N 51 29.27 -71.93 -12.16
CA SER N 51 29.87 -73.22 -11.88
C SER N 51 31.22 -73.35 -12.57
N GLY N 52 32.24 -73.76 -11.80
CA GLY N 52 33.57 -73.95 -12.34
C GLY N 52 34.21 -72.69 -12.87
N ILE N 53 34.08 -71.59 -12.12
CA ILE N 53 34.65 -70.32 -12.53
C ILE N 53 35.50 -69.76 -11.40
N PRO N 54 36.73 -69.31 -11.68
CA PRO N 54 37.57 -68.76 -10.62
C PRO N 54 37.08 -67.41 -10.13
N GLU N 55 37.61 -67.00 -8.99
CA GLU N 55 37.28 -65.73 -8.36
C GLU N 55 38.12 -64.56 -8.89
N ARG N 56 38.68 -64.71 -10.10
CA ARG N 56 39.58 -63.68 -10.62
C ARG N 56 38.86 -62.35 -10.79
N PHE N 57 37.61 -62.37 -11.24
CA PHE N 57 36.87 -61.16 -11.55
C PHE N 57 35.95 -60.80 -10.38
N SER N 58 36.05 -59.56 -9.91
CA SER N 58 35.23 -59.08 -8.81
C SER N 58 35.02 -57.58 -8.96
N GLY N 59 34.01 -57.07 -8.26
CA GLY N 59 33.70 -55.65 -8.31
C GLY N 59 33.00 -55.19 -7.05
N THR N 60 32.93 -53.88 -6.90
CA THR N 60 32.29 -53.29 -5.74
C THR N 60 30.77 -53.52 -5.78
N PRO N 61 30.14 -53.69 -4.63
CA PRO N 61 28.68 -53.88 -4.60
C PRO N 61 27.95 -52.63 -5.07
N ASP N 62 26.77 -52.86 -5.66
CA ASP N 62 25.99 -51.80 -6.29
C ASP N 62 25.10 -51.11 -5.25
N ILE N 63 25.71 -50.22 -4.47
CA ILE N 63 25.01 -49.37 -3.53
C ILE N 63 25.52 -47.95 -3.72
N ASN N 64 24.65 -46.97 -3.48
CA ASN N 64 24.98 -45.55 -3.61
C ASN N 64 25.41 -45.22 -5.04
N PHE N 65 24.44 -45.32 -5.94
CA PHE N 65 24.63 -45.05 -7.37
C PHE N 65 25.46 -43.79 -7.58
N GLY N 66 26.37 -43.86 -8.56
CA GLY N 66 27.32 -42.81 -8.85
C GLY N 66 28.76 -43.25 -8.80
N THR N 67 29.07 -44.29 -8.02
CA THR N 67 30.43 -44.81 -7.97
C THR N 67 30.79 -45.53 -9.27
N ARG N 68 32.08 -45.52 -9.59
CA ARG N 68 32.54 -46.15 -10.81
C ARG N 68 32.54 -47.66 -10.66
N ALA N 69 32.08 -48.37 -11.70
CA ALA N 69 32.01 -49.83 -11.70
C ALA N 69 33.28 -50.36 -12.35
N THR N 70 34.22 -50.81 -11.52
CA THR N 70 35.48 -51.38 -11.98
C THR N 70 35.53 -52.85 -11.63
N LEU N 71 36.11 -53.64 -12.53
CA LEU N 71 36.25 -55.08 -12.35
C LEU N 71 37.72 -55.44 -12.22
N THR N 72 38.07 -56.12 -11.14
CA THR N 72 39.44 -56.54 -10.92
C THR N 72 39.77 -57.77 -11.77
N ILE N 73 41.02 -57.85 -12.20
CA ILE N 73 41.52 -58.99 -12.98
C ILE N 73 42.68 -59.61 -12.22
N SER N 74 42.66 -60.93 -12.10
CA SER N 74 43.68 -61.66 -11.36
C SER N 74 44.07 -62.91 -12.14
N GLY N 75 45.29 -63.40 -11.88
CA GLY N 75 45.76 -64.61 -12.50
C GLY N 75 45.86 -64.54 -14.01
N VAL N 76 46.48 -63.47 -14.52
CA VAL N 76 46.63 -63.31 -15.96
C VAL N 76 47.40 -64.49 -16.55
N GLU N 77 46.95 -64.94 -17.71
CA GLU N 77 47.52 -66.11 -18.36
C GLU N 77 47.32 -65.98 -19.87
N ALA N 78 47.54 -67.09 -20.58
CA ALA N 78 47.39 -67.08 -22.04
C ALA N 78 45.95 -66.76 -22.44
N GLY N 79 44.97 -67.33 -21.74
CA GLY N 79 43.58 -67.09 -22.08
C GLY N 79 43.08 -65.71 -21.71
N ASP N 80 43.83 -64.98 -20.89
CA ASP N 80 43.41 -63.65 -20.45
C ASP N 80 43.70 -62.56 -21.48
N GLU N 81 44.40 -62.88 -22.57
CA GLU N 81 44.63 -61.88 -23.61
C GLU N 81 43.36 -61.58 -24.40
N ALA N 82 42.30 -62.36 -24.23
CA ALA N 82 41.07 -62.19 -24.99
C ALA N 82 40.23 -61.08 -24.36
N ASP N 83 38.98 -60.96 -24.82
CA ASP N 83 38.11 -59.89 -24.36
C ASP N 83 37.40 -60.25 -23.06
N TYR N 84 37.07 -59.23 -22.30
CA TYR N 84 36.15 -59.32 -21.17
C TYR N 84 34.92 -58.49 -21.56
N TYR N 85 33.97 -59.12 -22.25
CA TYR N 85 32.84 -58.40 -22.82
C TYR N 85 31.95 -57.88 -21.70
N CYS N 86 31.99 -56.56 -21.49
CA CYS N 86 31.18 -55.90 -20.45
C CYS N 86 29.74 -55.81 -20.97
N HIS N 87 29.02 -56.92 -20.85
CA HIS N 87 27.62 -56.99 -21.26
C HIS N 87 26.79 -56.28 -20.21
N MET N 88 26.88 -54.95 -20.21
CA MET N 88 26.26 -54.12 -19.19
C MET N 88 24.76 -54.04 -19.40
N TRP N 89 24.01 -54.07 -18.30
CA TRP N 89 22.56 -53.88 -18.32
C TRP N 89 22.20 -52.75 -17.38
N ASP N 90 21.43 -51.79 -17.88
CA ASP N 90 21.02 -50.65 -17.09
C ASP N 90 19.61 -50.23 -17.49
N SER N 91 18.92 -49.59 -16.55
CA SER N 91 17.52 -49.24 -16.76
C SER N 91 17.36 -48.13 -17.79
N ARG N 92 18.17 -47.07 -17.67
CA ARG N 92 17.99 -45.91 -18.54
C ARG N 92 18.30 -46.26 -20.00
N SER N 93 19.46 -46.87 -20.24
CA SER N 93 19.81 -47.26 -21.61
C SER N 93 18.97 -48.42 -22.10
N GLY N 94 18.46 -49.25 -21.17
CA GLY N 94 17.64 -50.37 -21.56
C GLY N 94 18.46 -51.54 -22.07
N PHE N 95 17.96 -52.19 -23.12
CA PHE N 95 18.67 -53.32 -23.71
C PHE N 95 20.00 -52.86 -24.30
N SER N 96 21.05 -53.63 -24.03
CA SER N 96 22.36 -53.43 -24.62
C SER N 96 22.59 -54.58 -25.59
N TRP N 97 22.21 -54.35 -26.85
CA TRP N 97 22.21 -55.43 -27.83
C TRP N 97 23.60 -56.00 -28.03
N SER N 98 24.61 -55.14 -28.16
CA SER N 98 25.98 -55.59 -28.29
C SER N 98 26.57 -55.92 -26.92
N PHE N 99 27.75 -56.54 -26.94
CA PHE N 99 28.46 -56.89 -25.72
C PHE N 99 29.30 -55.73 -25.18
N GLY N 100 29.03 -54.51 -25.61
CA GLY N 100 29.73 -53.36 -25.09
C GLY N 100 31.18 -53.30 -25.54
N GLY N 101 31.95 -52.47 -24.84
CA GLY N 101 33.36 -52.34 -25.12
C GLY N 101 34.13 -53.61 -24.88
N ALA N 102 34.86 -54.07 -25.88
CA ALA N 102 35.67 -55.28 -25.79
C ALA N 102 37.09 -54.90 -25.39
N THR N 103 37.53 -55.39 -24.23
CA THR N 103 38.86 -55.09 -23.71
C THR N 103 39.79 -56.24 -24.07
N ARG N 104 40.57 -56.05 -25.12
CA ARG N 104 41.53 -57.07 -25.59
C ARG N 104 42.90 -56.78 -24.98
N LEU N 105 43.49 -57.80 -24.39
CA LEU N 105 44.76 -57.68 -23.69
C LEU N 105 45.89 -58.14 -24.60
N THR N 106 46.90 -57.29 -24.78
CA THR N 106 48.08 -57.63 -25.55
C THR N 106 49.28 -57.70 -24.60
N VAL N 107 50.00 -58.82 -24.65
CA VAL N 107 51.07 -59.10 -23.71
C VAL N 107 52.30 -59.58 -24.47
N LEU N 108 53.47 -59.14 -24.03
CA LEU N 108 54.74 -59.58 -24.61
C LEU N 108 55.83 -59.43 -23.56
N GLY N 109 56.66 -60.46 -23.42
CA GLY N 109 57.74 -60.46 -22.45
C GLY N 109 57.94 -61.79 -21.77
N GLN O 1 -56.12 13.39 -66.48
CA GLN O 1 -55.34 12.16 -66.38
C GLN O 1 -54.05 12.28 -67.18
N VAL O 2 -53.12 11.36 -66.95
CA VAL O 2 -51.81 11.36 -67.60
C VAL O 2 -51.86 10.41 -68.78
N GLN O 3 -51.58 10.94 -69.97
CA GLN O 3 -51.55 10.16 -71.20
C GLN O 3 -50.14 10.21 -71.77
N LEU O 4 -49.69 9.08 -72.34
CA LEU O 4 -48.32 8.93 -72.79
C LEU O 4 -48.29 8.61 -74.29
N GLN O 5 -47.36 9.24 -75.00
CA GLN O 5 -47.12 8.97 -76.40
C GLN O 5 -45.76 9.53 -76.79
N GLU O 6 -44.91 8.69 -77.36
CA GLU O 6 -43.54 9.07 -77.71
C GLU O 6 -43.47 9.54 -79.16
N SER O 7 -42.36 10.22 -79.47
CA SER O 7 -42.10 10.68 -80.83
C SER O 7 -40.63 10.49 -81.20
N GLY O 8 -39.99 9.45 -80.66
CA GLY O 8 -38.60 9.19 -80.92
C GLY O 8 -38.34 8.86 -82.37
N PRO O 9 -37.15 9.20 -82.87
CA PRO O 9 -36.83 8.93 -84.29
C PRO O 9 -36.88 7.45 -84.65
N GLY O 10 -36.47 6.58 -83.73
CA GLY O 10 -36.44 5.15 -83.98
C GLY O 10 -35.13 4.64 -84.55
N LEU O 11 -34.28 5.53 -85.09
CA LEU O 11 -32.98 5.15 -85.62
C LEU O 11 -31.98 6.24 -85.28
N VAL O 12 -30.79 5.83 -84.85
CA VAL O 12 -29.73 6.76 -84.46
C VAL O 12 -28.42 6.32 -85.08
N LYS O 13 -27.67 7.26 -85.63
CA LYS O 13 -26.33 6.97 -86.10
C LYS O 13 -25.37 6.90 -84.91
N PRO O 14 -24.31 6.09 -85.02
CA PRO O 14 -23.38 5.95 -83.88
C PRO O 14 -22.72 7.27 -83.52
N SER O 15 -22.55 7.48 -82.21
CA SER O 15 -21.90 8.67 -81.66
C SER O 15 -22.54 9.96 -82.19
N GLU O 16 -23.87 10.03 -82.05
CA GLU O 16 -24.61 11.20 -82.49
C GLU O 16 -25.67 11.54 -81.45
N THR O 17 -26.11 12.80 -81.47
CA THR O 17 -27.06 13.30 -80.49
C THR O 17 -28.47 12.80 -80.79
N LEU O 18 -29.20 12.45 -79.72
CA LEU O 18 -30.59 12.03 -79.81
C LEU O 18 -31.49 13.03 -79.12
N SER O 19 -32.79 12.91 -79.38
CA SER O 19 -33.81 13.71 -78.71
C SER O 19 -35.10 12.90 -78.69
N VAL O 20 -35.35 12.24 -77.57
CA VAL O 20 -36.52 11.38 -77.40
C VAL O 20 -37.53 12.13 -76.54
N THR O 21 -38.66 12.51 -77.14
CA THR O 21 -39.68 13.30 -76.46
C THR O 21 -40.88 12.44 -76.10
N CYS O 22 -41.61 12.86 -75.08
CA CYS O 22 -42.82 12.18 -74.63
C CYS O 22 -43.92 13.21 -74.44
N SER O 23 -45.12 12.89 -74.94
CA SER O 23 -46.26 13.80 -74.83
C SER O 23 -47.08 13.44 -73.60
N VAL O 24 -47.32 14.44 -72.75
CA VAL O 24 -48.07 14.26 -71.50
C VAL O 24 -49.14 15.34 -71.44
N SER O 25 -50.31 14.99 -70.92
CA SER O 25 -51.45 15.90 -70.85
C SER O 25 -51.98 15.96 -69.42
N GLY O 26 -52.56 17.11 -69.07
CA GLY O 26 -53.26 17.29 -67.82
C GLY O 26 -52.43 17.76 -66.65
N ASP O 27 -51.12 17.94 -66.82
CA ASP O 27 -50.26 18.34 -65.72
C ASP O 27 -49.12 19.19 -66.26
N SER O 28 -48.41 19.83 -65.33
CA SER O 28 -47.36 20.79 -65.65
C SER O 28 -46.05 20.41 -64.94
N MET O 29 -45.08 21.32 -65.00
CA MET O 29 -43.73 21.03 -64.54
C MET O 29 -43.68 20.70 -63.05
N ASN O 30 -44.38 21.48 -62.21
CA ASN O 30 -44.11 21.44 -60.78
C ASN O 30 -44.71 20.19 -60.12
N ASN O 31 -45.90 19.76 -60.55
CA ASN O 31 -46.61 18.72 -59.81
C ASN O 31 -45.87 17.38 -59.88
N TYR O 32 -45.35 17.01 -61.05
CA TYR O 32 -44.72 15.71 -61.24
C TYR O 32 -43.25 15.88 -61.58
N TYR O 33 -42.38 15.24 -60.81
CA TYR O 33 -41.01 15.03 -61.27
C TYR O 33 -41.02 14.01 -62.41
N TRP O 34 -40.01 14.09 -63.27
CA TRP O 34 -40.01 13.32 -64.51
C TRP O 34 -38.76 12.45 -64.59
N THR O 35 -38.93 11.18 -64.25
CA THR O 35 -37.89 10.18 -64.42
C THR O 35 -38.18 9.35 -65.67
N TRP O 36 -37.20 8.53 -66.06
CA TRP O 36 -37.31 7.73 -67.27
C TRP O 36 -36.85 6.30 -67.00
N ILE O 37 -37.57 5.34 -67.55
CA ILE O 37 -37.29 3.93 -67.35
C ILE O 37 -36.46 3.39 -68.51
N ARG O 38 -35.39 2.68 -68.20
CA ARG O 38 -34.59 1.97 -69.19
C ARG O 38 -35.09 0.52 -69.28
N GLN O 39 -35.38 0.08 -70.49
CA GLN O 39 -35.86 -1.29 -70.70
C GLN O 39 -35.65 -1.66 -72.16
N SER O 40 -35.65 -2.96 -72.41
CA SER O 40 -35.51 -3.50 -73.76
C SER O 40 -36.04 -4.92 -73.76
N PRO O 41 -36.42 -5.45 -74.93
CA PRO O 41 -36.85 -6.86 -75.00
C PRO O 41 -35.80 -7.81 -74.44
N GLY O 42 -36.12 -8.48 -73.35
CA GLY O 42 -35.17 -9.37 -72.71
C GLY O 42 -33.96 -8.68 -72.13
N LYS O 43 -34.16 -7.55 -71.46
CA LYS O 43 -33.08 -6.79 -70.84
C LYS O 43 -33.50 -6.34 -69.45
N GLY O 44 -32.57 -5.71 -68.75
CA GLY O 44 -32.79 -5.30 -67.38
C GLY O 44 -33.56 -3.99 -67.27
N LEU O 45 -33.68 -3.53 -66.03
CA LEU O 45 -34.40 -2.31 -65.69
C LEU O 45 -33.44 -1.36 -64.98
N GLU O 46 -33.40 -0.11 -65.43
CA GLU O 46 -32.37 0.82 -64.95
C GLU O 46 -32.87 2.25 -65.13
N TRP O 47 -32.19 3.18 -64.47
CA TRP O 47 -32.27 4.60 -64.78
C TRP O 47 -30.91 5.05 -65.31
N ILE O 48 -30.83 5.28 -66.62
CA ILE O 48 -29.62 5.87 -67.17
C ILE O 48 -29.49 7.33 -66.75
N GLY O 49 -30.59 8.06 -66.75
CA GLY O 49 -30.58 9.45 -66.36
C GLY O 49 -31.96 10.05 -66.53
N TYR O 50 -32.22 11.10 -65.76
CA TYR O 50 -33.53 11.74 -65.80
C TYR O 50 -33.40 13.19 -65.35
N ILE O 51 -34.42 13.97 -65.66
CA ILE O 51 -34.43 15.41 -65.44
C ILE O 51 -35.31 15.72 -64.24
N SER O 52 -35.00 16.81 -63.54
CA SER O 52 -35.86 17.32 -62.50
C SER O 52 -36.83 18.35 -63.07
N ASP O 53 -37.84 18.71 -62.27
CA ASP O 53 -38.78 19.74 -62.70
C ASP O 53 -38.07 21.06 -62.96
N ARG O 54 -37.05 21.39 -62.17
CA ARG O 54 -36.28 22.60 -62.35
C ARG O 54 -35.19 22.44 -63.40
N GLU O 55 -35.34 21.48 -64.31
CA GLU O 55 -34.39 21.20 -65.40
C GLU O 55 -33.06 20.69 -64.87
N SER O 56 -32.99 20.30 -63.60
CA SER O 56 -31.80 19.67 -63.06
C SER O 56 -31.70 18.24 -63.57
N ALA O 57 -30.49 17.84 -63.95
CA ALA O 57 -30.25 16.55 -64.57
C ALA O 57 -29.59 15.60 -63.57
N THR O 58 -30.23 14.46 -63.33
CA THR O 58 -29.71 13.42 -62.45
C THR O 58 -29.52 12.15 -63.25
N TYR O 59 -28.38 11.49 -63.07
CA TYR O 59 -27.99 10.36 -63.91
C TYR O 59 -27.59 9.16 -63.06
N ASN O 60 -27.44 8.04 -63.73
CA ASN O 60 -26.81 6.87 -63.13
C ASN O 60 -25.39 7.26 -62.68
N PRO O 61 -25.04 7.03 -61.41
CA PRO O 61 -23.68 7.40 -60.96
C PRO O 61 -22.58 6.72 -61.75
N SER O 62 -22.79 5.49 -62.21
CA SER O 62 -21.81 4.87 -63.10
C SER O 62 -21.81 5.52 -64.48
N LEU O 63 -22.92 6.13 -64.87
CA LEU O 63 -23.00 6.78 -66.18
C LEU O 63 -22.22 8.09 -66.17
N ASN O 64 -22.29 8.85 -65.07
CA ASN O 64 -21.50 10.06 -64.88
C ASN O 64 -21.72 11.08 -66.00
N SER O 65 -23.00 11.31 -66.33
CA SER O 65 -23.41 12.32 -67.30
C SER O 65 -22.82 12.04 -68.69
N ARG O 66 -22.91 10.78 -69.13
CA ARG O 66 -22.57 10.45 -70.51
C ARG O 66 -23.50 11.15 -71.49
N VAL O 67 -24.78 11.28 -71.13
CA VAL O 67 -25.76 11.97 -71.94
C VAL O 67 -26.16 13.26 -71.24
N VAL O 68 -26.73 14.18 -72.01
CA VAL O 68 -27.17 15.49 -71.51
C VAL O 68 -28.67 15.60 -71.77
N ILE O 69 -29.42 15.96 -70.73
CA ILE O 69 -30.88 15.98 -70.78
C ILE O 69 -31.36 17.42 -70.84
N SER O 70 -32.15 17.73 -71.87
CA SER O 70 -32.88 18.98 -71.97
C SER O 70 -34.29 18.67 -72.45
N ARG O 71 -35.20 19.57 -72.08
CA ARG O 71 -36.56 19.36 -72.50
C ARG O 71 -37.36 20.61 -72.69
N ASP O 72 -38.58 20.40 -73.16
CA ASP O 72 -39.49 21.49 -73.42
C ASP O 72 -40.80 21.25 -72.69
N THR O 73 -41.28 22.27 -71.98
CA THR O 73 -42.47 22.15 -71.16
C THR O 73 -43.72 22.72 -71.82
N SER O 74 -43.58 23.74 -72.67
CA SER O 74 -44.74 24.31 -73.34
C SER O 74 -45.39 23.29 -74.27
N LYS O 75 -44.58 22.59 -75.06
CA LYS O 75 -45.11 21.53 -75.92
C LYS O 75 -45.48 20.28 -75.14
N ASN O 76 -45.10 20.22 -73.87
CA ASN O 76 -45.23 19.04 -73.01
C ASN O 76 -44.42 17.85 -73.53
N GLN O 77 -43.59 18.06 -74.55
CA GLN O 77 -42.74 17.01 -75.11
C GLN O 77 -41.42 16.96 -74.33
N LEU O 78 -41.53 16.54 -73.08
CA LEU O 78 -40.36 16.40 -72.23
C LEU O 78 -39.40 15.38 -72.85
N SER O 79 -38.13 15.74 -72.92
CA SER O 79 -37.17 15.05 -73.77
C SER O 79 -36.02 14.48 -72.94
N LEU O 80 -35.70 13.22 -73.20
CA LEU O 80 -34.45 12.61 -72.76
C LEU O 80 -33.53 12.55 -73.98
N LYS O 81 -32.42 13.27 -73.92
CA LYS O 81 -31.50 13.40 -75.04
C LYS O 81 -30.20 12.65 -74.75
N LEU O 82 -29.74 11.88 -75.73
CA LEU O 82 -28.55 11.05 -75.60
C LEU O 82 -27.45 11.57 -76.51
N ASN O 83 -26.26 11.75 -75.95
CA ASN O 83 -25.08 12.15 -76.70
C ASN O 83 -24.07 11.01 -76.67
N SER O 84 -23.46 10.76 -77.83
CA SER O 84 -22.49 9.67 -78.00
C SER O 84 -23.13 8.32 -77.63
N VAL O 85 -24.14 7.95 -78.41
CA VAL O 85 -24.89 6.73 -78.12
C VAL O 85 -24.04 5.51 -78.42
N THR O 86 -24.48 4.37 -77.89
CA THR O 86 -23.83 3.09 -78.09
C THR O 86 -24.87 2.00 -77.95
N PRO O 87 -24.64 0.82 -78.53
CA PRO O 87 -25.56 -0.31 -78.30
C PRO O 87 -25.66 -0.72 -76.84
N ALA O 88 -24.70 -0.34 -76.00
CA ALA O 88 -24.77 -0.69 -74.59
C ALA O 88 -25.96 -0.02 -73.91
N ASP O 89 -26.23 1.25 -74.22
CA ASP O 89 -27.32 1.99 -73.60
C ASP O 89 -28.56 2.08 -74.48
N THR O 90 -28.75 1.12 -75.40
CA THR O 90 -29.96 1.08 -76.20
C THR O 90 -31.10 0.57 -75.34
N ALA O 91 -32.11 1.41 -75.12
CA ALA O 91 -33.24 1.03 -74.28
C ALA O 91 -34.47 1.81 -74.73
N VAL O 92 -35.63 1.24 -74.44
CA VAL O 92 -36.90 1.90 -74.70
C VAL O 92 -37.08 3.01 -73.66
N TYR O 93 -37.49 4.20 -74.12
CA TYR O 93 -37.47 5.39 -73.28
C TYR O 93 -38.88 5.66 -72.77
N TYR O 94 -39.24 4.96 -71.68
CA TYR O 94 -40.49 5.24 -71.00
C TYR O 94 -40.46 6.64 -70.38
N CYS O 95 -41.55 7.38 -70.56
CA CYS O 95 -41.71 8.69 -69.95
C CYS O 95 -42.49 8.49 -68.66
N ALA O 96 -41.79 8.60 -67.53
CA ALA O 96 -42.32 8.17 -66.24
C ALA O 96 -42.53 9.37 -65.32
N THR O 97 -43.76 9.49 -64.81
CA THR O 97 -44.02 10.46 -63.75
C THR O 97 -43.36 10.00 -62.46
N ALA O 98 -42.78 10.95 -61.74
CA ALA O 98 -42.08 10.65 -60.49
C ALA O 98 -42.65 11.51 -59.38
N ARG O 99 -42.98 10.88 -58.25
CA ARG O 99 -43.47 11.56 -57.07
C ARG O 99 -42.64 11.13 -55.87
N ARG O 100 -42.55 11.99 -54.86
CA ARG O 100 -41.73 11.69 -53.70
C ARG O 100 -42.52 11.78 -52.40
N GLY O 101 -42.26 10.86 -51.47
CA GLY O 101 -42.92 10.91 -50.17
C GLY O 101 -41.81 10.63 -49.19
N GLN O 102 -41.90 11.10 -47.94
CA GLN O 102 -40.78 10.93 -47.01
C GLN O 102 -41.06 10.15 -45.71
N ARG O 103 -40.15 9.26 -45.36
CA ARG O 103 -40.27 8.50 -44.09
C ARG O 103 -39.34 9.12 -43.06
N ILE O 104 -39.87 9.60 -41.94
CA ILE O 104 -39.04 10.28 -40.96
C ILE O 104 -38.81 9.42 -39.74
N TYR O 105 -37.55 9.11 -39.46
CA TYR O 105 -37.24 8.23 -38.34
C TYR O 105 -36.50 8.92 -37.24
N GLY O 106 -36.11 10.17 -37.43
CA GLY O 106 -35.29 10.85 -36.45
C GLY O 106 -35.47 12.34 -36.57
N VAL O 107 -34.73 13.12 -35.80
CA VAL O 107 -34.92 14.56 -35.81
C VAL O 107 -34.68 15.14 -37.19
N VAL O 108 -35.63 15.95 -37.67
CA VAL O 108 -35.53 16.55 -38.98
C VAL O 108 -34.41 17.54 -39.17
N SER O 109 -34.13 18.35 -38.14
CA SER O 109 -33.06 19.33 -38.20
C SER O 109 -31.71 18.65 -38.39
N PHE O 110 -31.54 17.51 -37.74
CA PHE O 110 -30.31 16.76 -37.87
C PHE O 110 -30.14 16.20 -39.28
N GLY O 111 -31.23 16.02 -40.01
CA GLY O 111 -31.16 15.42 -41.33
C GLY O 111 -31.52 13.95 -41.43
N GLU O 112 -32.09 13.40 -40.37
CA GLU O 112 -32.42 11.99 -40.36
C GLU O 112 -33.77 11.64 -40.97
N PHE O 113 -33.86 11.69 -42.29
CA PHE O 113 -35.09 11.30 -42.99
C PHE O 113 -34.71 10.92 -44.41
N PHE O 114 -35.57 10.18 -45.09
CA PHE O 114 -35.32 9.82 -46.49
C PHE O 114 -36.63 9.73 -47.22
N TYR O 115 -36.60 9.88 -48.56
CA TYR O 115 -37.80 9.79 -49.38
C TYR O 115 -38.02 8.34 -49.80
N TYR O 116 -39.24 7.85 -49.60
CA TYR O 116 -39.67 6.60 -50.21
C TYR O 116 -40.27 6.93 -51.57
N TYR O 117 -39.65 6.41 -52.63
CA TYR O 117 -39.92 6.87 -53.99
C TYR O 117 -41.03 6.03 -54.59
N SER O 118 -42.10 6.70 -55.04
CA SER O 118 -43.27 6.03 -55.58
C SER O 118 -43.22 6.04 -57.10
N MET O 119 -43.63 4.92 -57.70
CA MET O 119 -43.62 4.72 -59.15
C MET O 119 -45.04 4.40 -59.59
N ASP O 120 -45.74 5.39 -60.14
CA ASP O 120 -47.17 5.27 -60.43
C ASP O 120 -47.46 4.99 -61.91
N VAL O 121 -46.95 5.81 -62.82
CA VAL O 121 -47.29 5.73 -64.23
C VAL O 121 -46.02 5.48 -65.04
N TRP O 122 -46.09 4.53 -65.97
CA TRP O 122 -44.97 4.18 -66.84
C TRP O 122 -45.28 4.62 -68.26
N GLY O 123 -44.27 5.13 -68.95
CA GLY O 123 -44.44 5.56 -70.32
C GLY O 123 -44.53 4.41 -71.29
N LYS O 124 -45.00 4.73 -72.50
CA LYS O 124 -45.06 3.71 -73.55
C LYS O 124 -43.68 3.43 -74.14
N GLY O 125 -42.85 4.45 -74.27
CA GLY O 125 -41.50 4.28 -74.76
C GLY O 125 -41.44 4.15 -76.27
N THR O 126 -40.23 4.34 -76.80
CA THR O 126 -39.94 4.17 -78.22
C THR O 126 -38.67 3.35 -78.38
N THR O 127 -38.58 2.61 -79.48
CA THR O 127 -37.46 1.71 -79.74
C THR O 127 -36.52 2.35 -80.76
N VAL O 128 -35.26 2.49 -80.38
CA VAL O 128 -34.22 3.01 -81.27
C VAL O 128 -33.11 1.96 -81.36
N THR O 129 -32.67 1.69 -82.58
CA THR O 129 -31.60 0.73 -82.83
C THR O 129 -30.44 1.43 -83.51
N VAL O 130 -29.23 1.20 -83.00
CA VAL O 130 -28.03 1.83 -83.53
C VAL O 130 -27.60 1.11 -84.81
N SER O 131 -27.29 1.89 -85.85
CA SER O 131 -26.81 1.34 -87.11
C SER O 131 -25.32 1.04 -87.05
N VAL P 3 -31.86 -14.34 -63.89
CA VAL P 3 -32.99 -14.14 -63.00
C VAL P 3 -33.42 -15.47 -62.40
N ARG P 4 -33.58 -15.51 -61.08
CA ARG P 4 -33.86 -16.75 -60.36
C ARG P 4 -35.36 -16.94 -60.21
N PRO P 5 -35.92 -18.03 -60.71
CA PRO P 5 -37.35 -18.30 -60.48
C PRO P 5 -37.61 -18.76 -59.06
N LEU P 6 -38.82 -18.49 -58.59
CA LEU P 6 -39.29 -19.04 -57.31
C LEU P 6 -40.81 -18.95 -57.30
N SER P 7 -41.46 -20.11 -57.18
CA SER P 7 -42.93 -20.16 -57.21
C SER P 7 -43.38 -21.47 -56.59
N VAL P 8 -44.67 -21.75 -56.68
CA VAL P 8 -45.26 -22.97 -56.14
C VAL P 8 -46.55 -23.22 -56.89
N ALA P 9 -47.04 -24.46 -56.85
CA ALA P 9 -48.25 -24.83 -57.57
C ALA P 9 -49.45 -24.06 -57.03
N LEU P 10 -50.56 -24.16 -57.77
CA LEU P 10 -51.77 -23.44 -57.40
C LEU P 10 -52.36 -23.96 -56.10
N GLY P 11 -53.09 -23.09 -55.41
CA GLY P 11 -53.66 -23.42 -54.12
C GLY P 11 -52.73 -23.19 -52.94
N GLU P 12 -51.50 -22.75 -53.18
CA GLU P 12 -50.54 -22.44 -52.13
C GLU P 12 -49.89 -21.10 -52.42
N THR P 13 -49.65 -20.33 -51.37
CA THR P 13 -49.09 -18.99 -51.51
C THR P 13 -47.58 -19.06 -51.67
N ALA P 14 -47.06 -18.43 -52.73
CA ALA P 14 -45.63 -18.37 -52.97
C ALA P 14 -45.07 -17.16 -52.23
N ARG P 15 -44.73 -17.38 -50.96
CA ARG P 15 -44.23 -16.31 -50.09
C ARG P 15 -42.79 -15.98 -50.48
N ILE P 16 -42.65 -15.25 -51.58
CA ILE P 16 -41.34 -14.78 -52.00
C ILE P 16 -40.91 -13.61 -51.12
N SER P 17 -39.74 -13.73 -50.53
CA SER P 17 -39.16 -12.68 -49.69
C SER P 17 -38.06 -11.99 -50.48
N CYS P 18 -37.97 -10.67 -50.32
CA CYS P 18 -36.97 -9.89 -51.03
C CYS P 18 -35.57 -10.37 -50.66
N GLY P 19 -34.73 -10.59 -51.68
CA GLY P 19 -33.37 -11.01 -51.43
C GLY P 19 -32.57 -10.02 -50.61
N ARG P 20 -32.84 -8.73 -50.80
CA ARG P 20 -32.19 -7.69 -50.01
C ARG P 20 -32.59 -7.80 -48.54
N GLN P 21 -31.66 -7.41 -47.67
CA GLN P 21 -31.89 -7.42 -46.23
C GLN P 21 -32.13 -5.99 -45.75
N ALA P 22 -33.15 -5.80 -44.92
CA ALA P 22 -33.55 -4.48 -44.47
C ALA P 22 -32.56 -3.98 -43.43
N LEU P 23 -31.83 -2.92 -43.76
CA LEU P 23 -30.90 -2.27 -42.84
C LEU P 23 -31.41 -0.88 -42.55
N GLY P 24 -31.80 -0.64 -41.30
CA GLY P 24 -32.40 0.63 -40.93
C GLY P 24 -33.88 0.66 -41.25
N SER P 25 -34.42 1.89 -41.30
CA SER P 25 -35.82 2.08 -41.65
C SER P 25 -36.08 1.58 -43.07
N ARG P 26 -37.26 0.99 -43.27
CA ARG P 26 -37.59 0.33 -44.53
C ARG P 26 -38.92 0.84 -45.07
N ALA P 27 -39.02 0.85 -46.39
CA ALA P 27 -40.25 1.21 -47.10
C ALA P 27 -40.17 0.60 -48.49
N VAL P 28 -41.04 -0.36 -48.78
CA VAL P 28 -40.95 -1.16 -49.99
C VAL P 28 -42.10 -0.80 -50.93
N GLN P 29 -41.87 -1.05 -52.22
CA GLN P 29 -42.85 -0.81 -53.27
C GLN P 29 -43.05 -2.08 -54.08
N TRP P 30 -44.29 -2.36 -54.45
CA TRP P 30 -44.69 -3.65 -55.01
C TRP P 30 -45.47 -3.40 -56.30
N TYR P 31 -45.13 -4.14 -57.35
CA TYR P 31 -45.66 -3.84 -58.68
C TYR P 31 -46.13 -5.11 -59.38
N GLN P 32 -47.18 -4.97 -60.18
CA GLN P 32 -47.65 -6.02 -61.08
C GLN P 32 -47.15 -5.66 -62.48
N HIS P 33 -46.11 -6.38 -62.92
CA HIS P 33 -45.40 -6.01 -64.15
C HIS P 33 -46.06 -6.62 -65.38
N ARG P 34 -45.65 -6.11 -66.54
CA ARG P 34 -46.09 -6.57 -67.85
C ARG P 34 -44.91 -6.39 -68.81
N PRO P 35 -44.55 -7.42 -69.57
CA PRO P 35 -43.37 -7.32 -70.45
C PRO P 35 -43.59 -6.40 -71.64
N GLY P 36 -42.80 -5.33 -71.72
CA GLY P 36 -42.85 -4.41 -72.84
C GLY P 36 -43.97 -3.40 -72.81
N GLN P 37 -44.77 -3.36 -71.75
CA GLN P 37 -45.90 -2.44 -71.63
C GLN P 37 -45.85 -1.75 -70.27
N ALA P 38 -46.86 -0.93 -70.01
CA ALA P 38 -46.89 -0.14 -68.79
C ALA P 38 -47.43 -0.96 -67.63
N PRO P 39 -46.65 -1.17 -66.56
CA PRO P 39 -47.18 -1.87 -65.38
C PRO P 39 -47.75 -0.91 -64.35
N ILE P 40 -48.34 -1.47 -63.29
CA ILE P 40 -48.95 -0.70 -62.20
C ILE P 40 -48.31 -1.14 -60.88
N LEU P 41 -48.76 -0.52 -59.79
CA LEU P 41 -48.28 -0.83 -58.45
C LEU P 41 -49.43 -1.42 -57.63
N LEU P 42 -49.10 -2.40 -56.80
CA LEU P 42 -50.08 -3.04 -55.92
C LEU P 42 -50.04 -2.44 -54.51
N ILE P 43 -48.90 -2.54 -53.82
CA ILE P 43 -48.77 -2.12 -52.43
C ILE P 43 -47.43 -1.41 -52.29
N TYR P 44 -47.46 -0.09 -52.17
CA TYR P 44 -46.24 0.71 -52.16
C TYR P 44 -45.82 1.16 -50.77
N ASN P 45 -46.37 0.55 -49.72
CA ASN P 45 -45.93 0.82 -48.35
C ASN P 45 -46.25 -0.38 -47.48
N ASN P 46 -45.70 -0.37 -46.26
CA ASN P 46 -45.94 -1.48 -45.35
C ASN P 46 -47.40 -1.57 -44.92
N GLN P 47 -48.15 -0.47 -45.03
CA GLN P 47 -49.54 -0.44 -44.61
C GLN P 47 -50.50 0.11 -45.66
N ASP P 48 -50.00 0.69 -46.75
CA ASP P 48 -50.88 1.27 -47.75
C ASP P 48 -51.60 0.17 -48.52
N ARG P 49 -52.93 0.30 -48.62
CA ARG P 49 -53.77 -0.64 -49.37
C ARG P 49 -54.65 0.18 -50.31
N PRO P 50 -54.11 0.58 -51.46
CA PRO P 50 -54.85 1.47 -52.36
C PRO P 50 -56.13 0.83 -52.88
N SER P 51 -56.99 1.67 -53.44
CA SER P 51 -58.28 1.20 -53.94
C SER P 51 -58.10 0.17 -55.04
N GLY P 52 -58.95 -0.86 -55.01
CA GLY P 52 -58.87 -1.95 -55.96
C GLY P 52 -57.99 -3.10 -55.53
N ILE P 53 -57.33 -3.00 -54.38
CA ILE P 53 -56.45 -4.05 -53.88
C ILE P 53 -57.21 -4.84 -52.83
N PRO P 54 -57.48 -6.13 -53.04
CA PRO P 54 -58.20 -6.92 -52.04
C PRO P 54 -57.37 -7.20 -50.79
N GLU P 55 -57.93 -7.97 -49.87
CA GLU P 55 -57.28 -8.28 -48.60
C GLU P 55 -56.36 -9.50 -48.69
N ARG P 56 -56.12 -10.02 -49.89
CA ARG P 56 -55.29 -11.23 -50.04
C ARG P 56 -53.86 -10.99 -49.59
N PHE P 57 -53.38 -9.75 -49.64
CA PHE P 57 -52.00 -9.45 -49.28
C PHE P 57 -51.84 -9.36 -47.77
N SER P 58 -50.78 -9.96 -47.25
CA SER P 58 -50.44 -9.83 -45.84
C SER P 58 -49.78 -8.47 -45.59
N GLY P 59 -50.12 -7.86 -44.46
CA GLY P 59 -49.58 -6.56 -44.11
C GLY P 59 -48.80 -6.58 -42.82
N THR P 60 -47.49 -6.35 -42.90
CA THR P 60 -46.63 -6.33 -41.73
C THR P 60 -46.22 -4.90 -41.41
N PRO P 61 -46.69 -4.32 -40.30
CA PRO P 61 -46.28 -2.96 -39.94
C PRO P 61 -44.79 -2.89 -39.64
N ASP P 62 -44.20 -1.73 -39.96
CA ASP P 62 -42.75 -1.53 -39.83
C ASP P 62 -42.43 -0.96 -38.44
N ILE P 63 -42.62 -1.80 -37.44
CA ILE P 63 -42.27 -1.49 -36.06
C ILE P 63 -41.44 -2.65 -35.53
N ASN P 64 -40.59 -2.37 -34.53
CA ASN P 64 -39.69 -3.36 -33.95
C ASN P 64 -38.73 -3.91 -35.01
N PHE P 65 -37.85 -3.02 -35.46
CA PHE P 65 -36.85 -3.32 -36.50
C PHE P 65 -36.22 -4.69 -36.28
N GLY P 66 -36.09 -5.43 -37.38
CA GLY P 66 -35.59 -6.79 -37.33
C GLY P 66 -36.46 -7.73 -38.15
N THR P 67 -37.63 -7.24 -38.55
CA THR P 67 -38.58 -8.01 -39.32
C THR P 67 -38.15 -8.07 -40.80
N ARG P 68 -38.79 -8.97 -41.54
CA ARG P 68 -38.49 -9.20 -42.94
C ARG P 68 -39.67 -8.84 -43.81
N ALA P 69 -39.39 -8.37 -45.02
CA ALA P 69 -40.42 -8.04 -46.00
C ALA P 69 -40.68 -9.26 -46.87
N THR P 70 -41.88 -9.83 -46.77
CA THR P 70 -42.25 -11.01 -47.53
C THR P 70 -43.47 -10.71 -48.39
N LEU P 71 -43.45 -11.20 -49.62
CA LEU P 71 -44.52 -10.99 -50.58
C LEU P 71 -45.29 -12.27 -50.77
N THR P 72 -46.59 -12.22 -50.49
CA THR P 72 -47.50 -13.34 -50.69
C THR P 72 -48.70 -12.87 -51.50
N ILE P 73 -49.19 -13.72 -52.40
CA ILE P 73 -50.28 -13.36 -53.29
C ILE P 73 -51.26 -14.52 -53.36
N SER P 74 -52.51 -14.19 -53.72
CA SER P 74 -53.55 -15.18 -53.96
C SER P 74 -54.34 -14.74 -55.18
N GLY P 75 -55.37 -15.51 -55.53
CA GLY P 75 -56.16 -15.21 -56.71
C GLY P 75 -55.31 -15.17 -57.96
N VAL P 76 -54.45 -16.17 -58.13
CA VAL P 76 -53.46 -16.15 -59.19
C VAL P 76 -54.14 -16.09 -60.56
N GLU P 77 -53.45 -15.47 -61.51
CA GLU P 77 -53.99 -15.25 -62.85
C GLU P 77 -52.81 -15.28 -63.83
N ALA P 78 -53.04 -14.77 -65.04
CA ALA P 78 -51.97 -14.68 -66.03
C ALA P 78 -51.01 -13.54 -65.73
N GLY P 79 -51.50 -12.45 -65.11
CA GLY P 79 -50.68 -11.27 -64.94
C GLY P 79 -49.51 -11.46 -63.99
N ASP P 80 -49.72 -12.20 -62.91
CA ASP P 80 -48.74 -12.25 -61.83
C ASP P 80 -47.48 -13.04 -62.19
N GLU P 81 -47.47 -13.76 -63.32
CA GLU P 81 -46.29 -14.52 -63.70
C GLU P 81 -45.15 -13.63 -64.18
N ALA P 82 -45.40 -12.36 -64.43
CA ALA P 82 -44.37 -11.46 -64.91
C ALA P 82 -43.32 -11.21 -63.82
N ASP P 83 -42.19 -10.64 -64.25
CA ASP P 83 -41.05 -10.42 -63.37
C ASP P 83 -41.41 -9.39 -62.31
N TYR P 84 -41.61 -9.83 -61.08
CA TYR P 84 -41.78 -8.91 -59.96
C TYR P 84 -40.47 -8.18 -59.68
N TYR P 85 -40.60 -6.99 -59.09
CA TYR P 85 -39.44 -6.19 -58.71
C TYR P 85 -39.69 -5.63 -57.32
N CYS P 86 -38.91 -6.10 -56.34
CA CYS P 86 -39.05 -5.66 -54.96
C CYS P 86 -38.35 -4.31 -54.83
N HIS P 87 -39.11 -3.23 -55.03
CA HIS P 87 -38.59 -1.88 -55.00
C HIS P 87 -38.50 -1.42 -53.54
N MET P 88 -37.31 -1.54 -52.96
CA MET P 88 -37.08 -1.28 -51.55
C MET P 88 -36.24 -0.03 -51.36
N TRP P 89 -36.51 0.71 -50.28
CA TRP P 89 -35.68 1.82 -49.85
C TRP P 89 -35.35 1.64 -48.37
N ASP P 90 -34.07 1.80 -48.04
CA ASP P 90 -33.61 1.71 -46.66
C ASP P 90 -32.65 2.85 -46.37
N SER P 91 -32.57 3.22 -45.09
CA SER P 91 -31.87 4.43 -44.70
C SER P 91 -30.38 4.36 -45.01
N ARG P 92 -29.70 3.30 -44.57
CA ARG P 92 -28.24 3.28 -44.66
C ARG P 92 -27.77 3.07 -46.10
N SER P 93 -28.41 2.15 -46.83
CA SER P 93 -27.98 1.88 -48.19
C SER P 93 -28.26 3.03 -49.15
N GLY P 94 -29.10 3.98 -48.76
CA GLY P 94 -29.36 5.12 -49.61
C GLY P 94 -30.17 4.76 -50.85
N PHE P 95 -29.84 5.43 -51.95
CA PHE P 95 -30.58 5.23 -53.19
C PHE P 95 -30.38 3.80 -53.71
N SER P 96 -31.46 3.22 -54.22
CA SER P 96 -31.44 1.90 -54.85
C SER P 96 -31.64 2.12 -56.34
N TRP P 97 -30.52 2.31 -57.06
CA TRP P 97 -30.60 2.53 -58.50
C TRP P 97 -31.14 1.29 -59.22
N SER P 98 -30.78 0.10 -58.74
CA SER P 98 -31.44 -1.11 -59.21
C SER P 98 -32.88 -1.15 -58.72
N PHE P 99 -33.71 -1.90 -59.44
CA PHE P 99 -35.12 -2.04 -59.09
C PHE P 99 -35.37 -3.20 -58.13
N GLY P 100 -34.38 -3.58 -57.33
CA GLY P 100 -34.53 -4.67 -56.39
C GLY P 100 -34.35 -6.02 -57.05
N GLY P 101 -34.58 -7.06 -56.24
CA GLY P 101 -34.45 -8.43 -56.72
C GLY P 101 -35.57 -8.77 -57.68
N ALA P 102 -35.23 -8.97 -58.96
CA ALA P 102 -36.22 -9.31 -59.97
C ALA P 102 -36.60 -10.78 -59.81
N THR P 103 -37.83 -11.02 -59.36
CA THR P 103 -38.34 -12.37 -59.16
C THR P 103 -39.51 -12.64 -60.11
N ARG P 104 -39.60 -13.87 -60.59
CA ARG P 104 -40.66 -14.27 -61.50
C ARG P 104 -41.42 -15.47 -60.94
N LEU P 105 -42.71 -15.52 -61.26
CA LEU P 105 -43.59 -16.59 -60.82
C LEU P 105 -43.84 -17.55 -61.99
N THR P 106 -43.59 -18.83 -61.75
CA THR P 106 -43.80 -19.88 -62.75
C THR P 106 -44.99 -20.72 -62.34
N VAL P 107 -45.99 -20.80 -63.22
CA VAL P 107 -47.22 -21.54 -62.96
C VAL P 107 -47.42 -22.56 -64.06
N LEU P 108 -47.59 -23.83 -63.66
CA LEU P 108 -47.83 -24.91 -64.60
C LEU P 108 -48.77 -25.92 -63.97
N GLY P 109 -49.47 -26.67 -64.82
CA GLY P 109 -50.40 -27.68 -64.36
C GLY P 109 -51.04 -28.47 -65.49
N GLN Q 1 69.95 41.43 -33.11
CA GLN Q 1 68.74 41.26 -33.92
C GLN Q 1 68.83 39.99 -34.75
N VAL Q 2 67.71 39.57 -35.32
CA VAL Q 2 67.63 38.36 -36.13
C VAL Q 2 67.53 38.77 -37.59
N GLN Q 3 68.45 38.26 -38.41
CA GLN Q 3 68.49 38.54 -39.83
C GLN Q 3 68.42 37.23 -40.60
N LEU Q 4 67.74 37.25 -41.74
CA LEU Q 4 67.54 36.05 -42.55
C LEU Q 4 68.07 36.26 -43.96
N GLN Q 5 68.59 35.18 -44.55
CA GLN Q 5 69.07 35.20 -45.92
C GLN Q 5 69.05 33.77 -46.43
N GLU Q 6 68.18 33.50 -47.41
CA GLU Q 6 68.02 32.15 -47.92
C GLU Q 6 69.27 31.68 -48.65
N SER Q 7 69.61 30.40 -48.46
CA SER Q 7 70.74 29.76 -49.14
C SER Q 7 70.31 28.35 -49.51
N GLY Q 8 69.82 28.18 -50.74
CA GLY Q 8 69.34 26.91 -51.20
C GLY Q 8 69.79 26.59 -52.62
N PRO Q 9 69.65 25.32 -53.01
CA PRO Q 9 70.08 24.92 -54.36
C PRO Q 9 69.34 25.65 -55.47
N GLY Q 10 68.07 25.99 -55.26
CA GLY Q 10 67.28 26.64 -56.30
C GLY Q 10 66.56 25.64 -57.19
N LEU Q 11 67.32 24.82 -57.91
CA LEU Q 11 66.78 23.78 -58.76
C LEU Q 11 67.08 22.42 -58.13
N VAL Q 12 66.04 21.60 -57.97
CA VAL Q 12 66.15 20.33 -57.26
C VAL Q 12 65.92 19.19 -58.25
N LYS Q 13 66.87 18.25 -58.28
CA LYS Q 13 66.70 17.06 -59.11
C LYS Q 13 65.59 16.18 -58.54
N PRO Q 14 64.78 15.56 -59.40
CA PRO Q 14 63.70 14.71 -58.90
C PRO Q 14 64.23 13.52 -58.13
N SER Q 15 63.48 13.12 -57.10
CA SER Q 15 63.80 11.96 -56.27
C SER Q 15 65.21 12.06 -55.69
N GLU Q 16 65.54 13.25 -55.18
CA GLU Q 16 66.85 13.51 -54.60
C GLU Q 16 66.69 14.24 -53.28
N THR Q 17 67.71 14.10 -52.44
CA THR Q 17 67.70 14.75 -51.13
C THR Q 17 67.87 16.26 -51.28
N LEU Q 18 67.06 17.01 -50.54
CA LEU Q 18 67.09 18.46 -50.57
C LEU Q 18 67.88 19.00 -49.39
N SER Q 19 68.55 20.13 -49.61
CA SER Q 19 69.27 20.84 -48.54
C SER Q 19 69.05 22.33 -48.76
N VAL Q 20 67.98 22.85 -48.15
CA VAL Q 20 67.62 24.26 -48.23
C VAL Q 20 67.91 24.88 -46.87
N THR Q 21 68.74 25.93 -46.85
CA THR Q 21 69.23 26.53 -45.63
C THR Q 21 68.86 28.00 -45.55
N CYS Q 22 68.84 28.52 -44.32
CA CYS Q 22 68.66 29.94 -44.05
C CYS Q 22 69.78 30.39 -43.13
N SER Q 23 70.43 31.49 -43.48
CA SER Q 23 71.53 32.02 -42.69
C SER Q 23 71.04 33.08 -41.72
N VAL Q 24 71.47 32.97 -40.47
CA VAL Q 24 71.06 33.88 -39.40
C VAL Q 24 72.30 34.65 -38.94
N SER Q 25 72.18 35.97 -38.89
CA SER Q 25 73.29 36.83 -38.50
C SER Q 25 72.82 37.78 -37.39
N GLY Q 26 73.76 38.19 -36.55
CA GLY Q 26 73.49 39.11 -35.46
C GLY Q 26 73.29 38.46 -34.11
N ASP Q 27 72.98 37.16 -34.08
CA ASP Q 27 72.76 36.47 -32.82
C ASP Q 27 73.05 34.99 -33.02
N SER Q 28 73.21 34.28 -31.90
CA SER Q 28 73.50 32.85 -31.92
C SER Q 28 72.22 32.06 -32.09
N MET Q 29 72.31 30.74 -31.94
CA MET Q 29 71.17 29.85 -32.12
C MET Q 29 70.13 30.01 -31.02
N ASN Q 30 70.56 30.33 -29.80
CA ASN Q 30 69.72 30.50 -28.60
C ASN Q 30 68.73 29.32 -28.53
N ASN Q 31 67.47 29.53 -28.16
CA ASN Q 31 66.53 28.44 -27.92
C ASN Q 31 65.21 28.62 -28.68
N TYR Q 32 65.20 29.39 -29.76
CA TYR Q 32 63.98 29.54 -30.55
C TYR Q 32 63.62 28.22 -31.22
N TYR Q 33 62.32 27.92 -31.25
CA TYR Q 33 61.82 26.70 -31.90
C TYR Q 33 61.54 27.02 -33.38
N TRP Q 34 62.64 27.20 -34.11
CA TRP Q 34 62.61 27.68 -35.49
C TRP Q 34 61.63 26.91 -36.36
N THR Q 35 60.70 27.64 -36.96
CA THR Q 35 59.68 27.05 -37.83
C THR Q 35 59.89 27.52 -39.27
N TRP Q 36 59.75 26.58 -40.20
CA TRP Q 36 59.96 26.89 -41.61
C TRP Q 36 58.63 27.21 -42.28
N ILE Q 37 58.55 28.40 -42.86
CA ILE Q 37 57.36 28.86 -43.57
C ILE Q 37 57.49 28.45 -45.02
N ARG Q 38 56.85 27.34 -45.39
CA ARG Q 38 56.84 26.87 -46.77
C ARG Q 38 55.55 27.36 -47.42
N GLN Q 39 55.49 28.68 -47.63
CA GLN Q 39 54.32 29.35 -48.18
C GLN Q 39 54.38 29.27 -49.69
N SER Q 40 53.50 28.46 -50.28
CA SER Q 40 53.48 28.33 -51.73
C SER Q 40 53.05 29.64 -52.37
N PRO Q 41 53.59 29.97 -53.56
CA PRO Q 41 53.16 31.20 -54.24
C PRO Q 41 51.67 31.18 -54.52
N GLY Q 42 50.95 32.09 -53.87
CA GLY Q 42 49.50 32.15 -53.99
C GLY Q 42 48.75 31.20 -53.08
N LYS Q 43 49.43 30.49 -52.19
CA LYS Q 43 48.80 29.53 -51.29
C LYS Q 43 49.36 29.74 -49.90
N GLY Q 44 48.56 29.36 -48.89
CA GLY Q 44 48.95 29.58 -47.52
C GLY Q 44 50.20 28.81 -47.13
N LEU Q 45 50.79 29.22 -46.00
CA LEU Q 45 52.02 28.60 -45.55
C LEU Q 45 51.77 27.16 -45.10
N GLU Q 46 52.72 26.29 -45.43
CA GLU Q 46 52.64 24.87 -45.11
C GLU Q 46 53.77 24.52 -44.16
N TRP Q 47 53.43 23.93 -43.01
CA TRP Q 47 54.42 23.56 -42.00
C TRP Q 47 54.83 22.10 -42.17
N ILE Q 48 55.45 21.79 -43.32
CA ILE Q 48 55.84 20.42 -43.60
C ILE Q 48 56.85 19.91 -42.57
N GLY Q 49 57.65 20.81 -42.01
CA GLY Q 49 58.60 20.43 -40.99
C GLY Q 49 59.24 21.62 -40.31
N TYR Q 50 59.20 21.64 -38.98
CA TYR Q 50 59.83 22.69 -38.19
C TYR Q 50 60.63 22.07 -37.07
N ILE Q 51 61.80 22.64 -36.81
CA ILE Q 51 62.78 22.05 -35.91
C ILE Q 51 62.67 22.69 -34.53
N SER Q 52 62.92 21.90 -33.50
CA SER Q 52 62.97 22.41 -32.14
C SER Q 52 64.41 22.80 -31.78
N ASP Q 53 64.55 23.53 -30.67
CA ASP Q 53 65.87 23.88 -30.18
C ASP Q 53 66.69 22.65 -29.81
N ARG Q 54 66.03 21.54 -29.46
CA ARG Q 54 66.68 20.28 -29.19
C ARG Q 54 66.82 19.42 -30.45
N GLU Q 55 66.73 20.03 -31.63
CA GLU Q 55 66.83 19.34 -32.92
C GLU Q 55 65.73 18.29 -33.08
N SER Q 56 64.55 18.55 -32.54
CA SER Q 56 63.39 17.70 -32.75
C SER Q 56 62.58 18.23 -33.92
N ALA Q 57 62.06 17.30 -34.73
CA ALA Q 57 61.36 17.63 -35.96
C ALA Q 57 59.89 17.25 -35.85
N THR Q 58 59.01 18.18 -36.23
CA THR Q 58 57.57 17.94 -36.27
C THR Q 58 57.05 18.26 -37.66
N TYR Q 59 56.13 17.42 -38.14
CA TYR Q 59 55.63 17.48 -39.52
C TYR Q 59 54.12 17.54 -39.53
N ASN Q 60 53.56 17.90 -40.67
CA ASN Q 60 52.11 17.88 -40.82
C ASN Q 60 51.59 16.45 -40.74
N PRO Q 61 50.46 16.21 -40.07
CA PRO Q 61 49.84 14.88 -40.14
C PRO Q 61 49.42 14.50 -41.55
N SER Q 62 49.00 15.47 -42.36
CA SER Q 62 48.61 15.18 -43.73
C SER Q 62 49.81 14.74 -44.57
N LEU Q 63 50.95 15.39 -44.40
CA LEU Q 63 52.14 15.04 -45.15
C LEU Q 63 52.73 13.69 -44.75
N ASN Q 64 52.29 13.12 -43.62
CA ASN Q 64 52.65 11.76 -43.21
C ASN Q 64 54.15 11.58 -42.99
N SER Q 65 54.84 12.66 -42.63
CA SER Q 65 56.23 12.60 -42.19
C SER Q 65 57.15 11.96 -43.23
N ARG Q 66 56.99 12.36 -44.50
CA ARG Q 66 57.84 11.83 -45.56
C ARG Q 66 59.25 12.42 -45.56
N VAL Q 67 59.48 13.50 -44.81
CA VAL Q 67 60.77 14.18 -44.82
C VAL Q 67 61.43 14.01 -43.45
N VAL Q 68 62.74 14.26 -43.44
CA VAL Q 68 63.55 14.20 -42.23
C VAL Q 68 64.35 15.49 -42.12
N ILE Q 69 64.56 15.96 -40.90
CA ILE Q 69 65.21 17.25 -40.66
C ILE Q 69 66.49 17.01 -39.88
N SER Q 70 67.61 17.52 -40.41
CA SER Q 70 68.89 17.53 -39.73
C SER Q 70 69.54 18.89 -39.97
N ARG Q 71 70.10 19.47 -38.92
CA ARG Q 71 70.57 20.85 -38.98
C ARG Q 71 71.99 20.94 -38.43
N ASP Q 72 72.59 22.11 -38.62
CA ASP Q 72 73.91 22.43 -38.08
C ASP Q 72 73.75 23.62 -37.15
N THR Q 73 74.05 23.42 -35.86
CA THR Q 73 73.78 24.43 -34.86
C THR Q 73 74.75 25.60 -34.98
N SER Q 74 76.05 25.32 -35.12
CA SER Q 74 77.05 26.39 -35.14
C SER Q 74 76.92 27.25 -36.39
N LYS Q 75 76.68 26.63 -37.55
CA LYS Q 75 76.64 27.38 -38.80
C LYS Q 75 75.38 28.22 -38.94
N ASN Q 76 74.38 28.00 -38.08
CA ASN Q 76 73.06 28.65 -38.15
C ASN Q 76 72.33 28.34 -39.45
N GLN Q 77 72.81 27.36 -40.22
CA GLN Q 77 72.21 26.99 -41.50
C GLN Q 77 71.27 25.81 -41.27
N LEU Q 78 69.97 26.09 -41.28
CA LEU Q 78 68.96 25.05 -41.07
C LEU Q 78 68.76 24.28 -42.36
N SER Q 79 69.43 23.14 -42.47
CA SER Q 79 69.31 22.29 -43.66
C SER Q 79 67.97 21.56 -43.56
N LEU Q 80 66.91 22.23 -44.03
CA LEU Q 80 65.56 21.66 -44.02
C LEU Q 80 65.48 20.59 -45.10
N LYS Q 81 65.96 19.40 -44.75
CA LYS Q 81 66.07 18.32 -45.72
C LYS Q 81 64.70 17.77 -46.08
N LEU Q 82 64.54 17.39 -47.34
CA LEU Q 82 63.32 16.76 -47.84
C LEU Q 82 63.69 15.52 -48.63
N ASN Q 83 62.97 14.43 -48.39
CA ASN Q 83 63.19 13.16 -49.08
C ASN Q 83 61.87 12.68 -49.66
N SER Q 84 61.89 12.27 -50.93
CA SER Q 84 60.71 11.80 -51.64
C SER Q 84 59.61 12.86 -51.64
N VAL Q 85 59.91 13.98 -52.29
CA VAL Q 85 59.02 15.13 -52.27
C VAL Q 85 57.79 14.87 -53.12
N THR Q 86 56.62 15.23 -52.59
CA THR Q 86 55.40 15.23 -53.38
C THR Q 86 55.36 16.47 -54.28
N PRO Q 87 54.62 16.41 -55.38
CA PRO Q 87 54.52 17.60 -56.24
C PRO Q 87 53.94 18.82 -55.52
N ALA Q 88 53.15 18.62 -54.47
CA ALA Q 88 52.47 19.74 -53.83
C ALA Q 88 53.33 20.48 -52.81
N ASP Q 89 54.52 20.00 -52.50
CA ASP Q 89 55.30 20.65 -51.45
C ASP Q 89 56.26 21.70 -51.99
N THR Q 90 56.76 21.52 -53.22
CA THR Q 90 57.75 22.45 -53.76
C THR Q 90 57.18 23.86 -53.83
N ALA Q 91 57.95 24.83 -53.32
CA ALA Q 91 57.47 26.20 -53.18
C ALA Q 91 58.63 27.10 -52.79
N VAL Q 92 58.37 28.40 -52.79
CA VAL Q 92 59.34 29.38 -52.30
C VAL Q 92 59.55 29.18 -50.80
N TYR Q 93 60.80 29.32 -50.37
CA TYR Q 93 61.20 29.01 -49.01
C TYR Q 93 61.28 30.27 -48.16
N TYR Q 94 60.68 30.22 -46.97
CA TYR Q 94 60.81 31.26 -45.96
C TYR Q 94 61.28 30.62 -44.66
N CYS Q 95 62.36 31.16 -44.09
CA CYS Q 95 62.87 30.72 -42.81
C CYS Q 95 62.42 31.68 -41.71
N ALA Q 96 62.10 31.14 -40.54
CA ALA Q 96 61.50 31.95 -39.49
C ALA Q 96 61.80 31.35 -38.13
N THR Q 97 61.95 32.23 -37.13
CA THR Q 97 62.02 31.81 -35.75
C THR Q 97 60.61 31.65 -35.19
N ALA Q 98 60.52 31.01 -34.02
CA ALA Q 98 59.24 30.83 -33.36
C ALA Q 98 59.44 30.76 -31.85
N ARG Q 99 58.41 31.18 -31.12
CA ARG Q 99 58.39 31.16 -29.66
C ARG Q 99 57.05 30.65 -29.20
N ARG Q 100 56.99 30.16 -27.97
CA ARG Q 100 55.73 29.66 -27.42
C ARG Q 100 55.21 30.52 -26.30
N GLY Q 101 53.91 30.43 -26.02
CA GLY Q 101 53.31 31.18 -24.92
C GLY Q 101 52.17 30.33 -24.42
N GLN Q 102 51.76 30.50 -23.16
CA GLN Q 102 50.71 29.63 -22.61
C GLN Q 102 49.50 30.33 -22.02
N ARG Q 103 48.31 29.83 -22.37
CA ARG Q 103 47.03 30.36 -21.83
C ARG Q 103 46.56 29.35 -20.76
N ILE Q 104 46.54 29.76 -19.49
CA ILE Q 104 46.18 28.79 -18.45
C ILE Q 104 44.77 29.04 -17.99
N TYR Q 105 43.90 28.06 -18.20
CA TYR Q 105 42.51 28.26 -17.85
C TYR Q 105 42.07 27.52 -16.62
N GLY Q 106 42.77 26.45 -16.27
CA GLY Q 106 42.36 25.65 -15.12
C GLY Q 106 43.46 25.28 -14.17
N VAL Q 107 43.68 23.99 -13.97
CA VAL Q 107 44.69 23.55 -13.03
C VAL Q 107 45.92 23.03 -13.77
N VAL Q 108 47.07 23.64 -13.52
CA VAL Q 108 48.30 23.25 -14.18
C VAL Q 108 48.82 21.86 -13.86
N SER Q 109 48.64 21.40 -12.62
CA SER Q 109 49.16 20.11 -12.18
C SER Q 109 48.59 18.94 -12.96
N PHE Q 110 47.35 19.07 -13.39
CA PHE Q 110 46.72 18.01 -14.15
C PHE Q 110 46.59 18.34 -15.61
N GLY Q 111 47.49 19.18 -16.11
CA GLY Q 111 47.50 19.50 -17.53
C GLY Q 111 46.47 20.19 -18.40
N GLU Q 112 46.08 21.41 -18.07
CA GLU Q 112 45.20 22.12 -18.99
C GLU Q 112 45.68 23.52 -19.39
N PHE Q 113 46.70 23.56 -20.25
CA PHE Q 113 47.21 24.84 -20.77
C PHE Q 113 47.67 24.52 -22.19
N PHE Q 114 47.66 25.49 -23.09
CA PHE Q 114 48.17 25.24 -24.43
C PHE Q 114 49.32 26.16 -24.83
N TYR Q 115 50.36 25.57 -25.42
CA TYR Q 115 51.50 26.36 -25.85
C TYR Q 115 51.33 26.88 -27.27
N TYR Q 116 50.61 28.00 -27.44
CA TYR Q 116 50.37 28.64 -28.72
C TYR Q 116 51.61 29.37 -29.18
N TYR Q 117 51.92 29.25 -30.48
CA TYR Q 117 53.12 29.85 -31.03
C TYR Q 117 52.89 31.31 -31.40
N SER Q 118 53.90 32.13 -31.17
CA SER Q 118 53.90 33.54 -31.56
C SER Q 118 54.93 33.74 -32.66
N MET Q 119 54.49 34.25 -33.80
CA MET Q 119 55.33 34.41 -34.98
C MET Q 119 55.66 35.88 -35.17
N ASP Q 120 56.92 36.25 -34.91
CA ASP Q 120 57.33 37.64 -34.99
C ASP Q 120 58.45 37.91 -36.00
N VAL Q 121 59.18 36.90 -36.43
CA VAL Q 121 60.26 37.06 -37.41
C VAL Q 121 60.01 36.08 -38.55
N TRP Q 122 60.07 36.59 -39.77
CA TRP Q 122 59.84 35.79 -40.97
C TRP Q 122 61.08 35.84 -41.86
N GLY Q 123 60.96 35.29 -43.07
CA GLY Q 123 62.04 35.26 -44.03
C GLY Q 123 61.72 36.11 -45.26
N LYS Q 124 62.78 36.39 -46.03
CA LYS Q 124 62.62 37.21 -47.22
C LYS Q 124 61.99 36.42 -48.37
N GLY Q 125 62.31 35.14 -48.50
CA GLY Q 125 61.73 34.32 -49.54
C GLY Q 125 62.51 34.30 -50.83
N THR Q 126 62.85 33.11 -51.32
CA THR Q 126 63.52 32.94 -52.61
C THR Q 126 62.98 31.68 -53.26
N THR Q 127 62.60 31.79 -54.53
CA THR Q 127 61.89 30.70 -55.19
C THR Q 127 62.84 29.54 -55.48
N VAL Q 128 62.57 28.40 -54.84
CA VAL Q 128 63.28 27.15 -55.10
C VAL Q 128 62.28 26.16 -55.68
N THR Q 129 62.54 25.69 -56.90
CA THR Q 129 61.60 24.86 -57.62
C THR Q 129 62.30 23.60 -58.12
N VAL Q 130 61.51 22.56 -58.36
CA VAL Q 130 62.02 21.30 -58.89
C VAL Q 130 61.98 21.34 -60.41
N SER Q 131 62.87 20.57 -61.02
CA SER Q 131 62.90 20.49 -62.48
C SER Q 131 61.67 19.77 -63.00
N VAL R 3 39.51 31.04 -51.88
CA VAL R 3 39.72 32.19 -51.01
C VAL R 3 38.68 33.26 -51.27
N ARG R 4 37.84 33.51 -50.28
CA ARG R 4 36.78 34.52 -50.42
C ARG R 4 37.31 35.88 -50.01
N PRO R 5 37.33 36.86 -50.90
CA PRO R 5 37.78 38.22 -50.52
C PRO R 5 36.66 39.04 -49.91
N LEU R 6 36.81 39.42 -48.65
CA LEU R 6 35.85 40.26 -47.94
C LEU R 6 36.47 41.64 -47.72
N SER R 7 35.78 42.68 -48.16
CA SER R 7 36.33 44.02 -48.13
C SER R 7 35.20 45.04 -48.12
N VAL R 8 35.58 46.31 -48.23
CA VAL R 8 34.65 47.43 -48.22
C VAL R 8 35.39 48.63 -48.79
N ALA R 9 34.62 49.62 -49.27
CA ALA R 9 35.19 50.74 -50.00
C ALA R 9 36.07 51.61 -49.10
N LEU R 10 36.83 52.50 -49.73
CA LEU R 10 37.74 53.39 -49.01
C LEU R 10 36.95 54.38 -48.16
N GLY R 11 37.56 54.80 -47.05
CA GLY R 11 36.90 55.66 -46.10
C GLY R 11 35.85 54.98 -45.26
N GLU R 12 35.66 53.67 -45.42
CA GLU R 12 34.67 52.90 -44.68
C GLU R 12 35.35 51.65 -44.13
N THR R 13 35.09 51.36 -42.85
CA THR R 13 35.63 50.18 -42.20
C THR R 13 34.52 49.50 -41.40
N ALA R 14 34.59 48.17 -41.35
CA ALA R 14 33.66 47.36 -40.59
C ALA R 14 34.43 46.49 -39.62
N ARG R 15 33.90 46.35 -38.40
CA ARG R 15 34.53 45.52 -37.39
C ARG R 15 34.57 44.08 -37.87
N ILE R 16 35.76 43.58 -38.19
CA ILE R 16 35.93 42.25 -38.78
C ILE R 16 36.28 41.26 -37.67
N SER R 17 35.68 40.09 -37.74
CA SER R 17 35.92 39.03 -36.77
C SER R 17 36.25 37.74 -37.52
N CYS R 18 36.94 36.84 -36.81
CA CYS R 18 37.34 35.58 -37.41
C CYS R 18 36.11 34.75 -37.80
N GLY R 19 36.19 34.12 -38.97
CA GLY R 19 35.08 33.30 -39.43
C GLY R 19 34.81 32.12 -38.52
N ARG R 20 35.87 31.52 -37.99
CA ARG R 20 35.71 30.40 -37.07
C ARG R 20 35.09 30.87 -35.76
N GLN R 21 34.23 30.02 -35.19
CA GLN R 21 33.67 30.30 -33.88
C GLN R 21 34.67 29.94 -32.78
N ALA R 22 34.39 30.39 -31.57
CA ALA R 22 35.27 30.19 -30.43
C ALA R 22 34.81 28.98 -29.64
N LEU R 23 35.70 28.00 -29.48
CA LEU R 23 35.44 26.79 -28.69
C LEU R 23 36.49 26.70 -27.60
N GLY R 24 36.07 26.88 -26.36
CA GLY R 24 36.98 26.86 -25.24
C GLY R 24 37.74 28.17 -25.11
N SER R 25 38.84 28.11 -24.36
CA SER R 25 39.70 29.27 -24.19
C SER R 25 40.29 29.69 -25.53
N ARG R 26 40.41 30.99 -25.74
CA ARG R 26 40.81 31.54 -27.02
C ARG R 26 41.93 32.57 -26.85
N ALA R 27 42.80 32.63 -27.85
CA ALA R 27 43.87 33.62 -27.89
C ALA R 27 44.25 33.79 -29.36
N VAL R 28 43.77 34.86 -29.98
CA VAL R 28 43.87 35.04 -31.43
C VAL R 28 45.11 35.88 -31.75
N GLN R 29 45.83 35.47 -32.79
CA GLN R 29 47.00 36.19 -33.29
C GLN R 29 46.68 36.72 -34.69
N TRP R 30 46.87 38.02 -34.90
CA TRP R 30 46.62 38.63 -36.19
C TRP R 30 47.92 39.17 -36.79
N TYR R 31 48.03 39.05 -38.11
CA TYR R 31 49.24 39.38 -38.84
C TYR R 31 48.90 40.26 -40.03
N GLN R 32 49.94 40.89 -40.59
CA GLN R 32 49.81 41.73 -41.77
C GLN R 32 50.48 41.00 -42.94
N HIS R 33 49.68 40.55 -43.90
CA HIS R 33 50.19 39.76 -45.01
C HIS R 33 51.13 40.57 -45.89
N ARG R 34 52.15 39.89 -46.42
CA ARG R 34 53.11 40.50 -47.33
C ARG R 34 53.38 39.56 -48.50
N PRO R 35 52.83 39.86 -49.69
CA PRO R 35 53.04 38.97 -50.83
C PRO R 35 54.48 38.98 -51.32
N GLY R 36 55.18 37.85 -51.16
CA GLY R 36 56.55 37.73 -51.61
C GLY R 36 57.60 38.17 -50.62
N GLN R 37 57.21 38.75 -49.49
CA GLN R 37 58.16 39.22 -48.50
C GLN R 37 57.77 38.78 -47.10
N ALA R 38 58.47 39.28 -46.09
CA ALA R 38 58.24 38.85 -44.71
C ALA R 38 57.04 39.58 -44.14
N PRO R 39 56.01 38.87 -43.67
CA PRO R 39 54.88 39.52 -43.01
C PRO R 39 55.25 39.94 -41.58
N ILE R 40 54.35 40.73 -40.99
CA ILE R 40 54.51 41.21 -39.62
C ILE R 40 53.18 41.04 -38.89
N LEU R 41 53.23 41.21 -37.58
CA LEU R 41 52.04 41.09 -36.73
C LEU R 41 51.61 42.46 -36.22
N LEU R 42 50.30 42.62 -36.02
CA LEU R 42 49.75 43.84 -35.45
C LEU R 42 49.37 43.64 -33.98
N ILE R 43 48.49 42.69 -33.69
CA ILE R 43 48.03 42.41 -32.33
C ILE R 43 48.01 40.91 -32.13
N TYR R 44 48.49 40.46 -30.97
CA TYR R 44 48.48 39.05 -30.61
C TYR R 44 47.99 38.89 -29.18
N ASN R 45 47.50 37.68 -28.88
CA ASN R 45 46.98 37.28 -27.58
C ASN R 45 45.76 38.08 -27.15
N ASN R 46 45.16 38.83 -28.07
CA ASN R 46 43.82 39.43 -27.92
C ASN R 46 43.84 40.60 -26.94
N GLN R 47 44.97 40.83 -26.25
CA GLN R 47 45.10 42.04 -25.45
C GLN R 47 46.46 42.73 -25.56
N ASP R 48 47.48 42.08 -26.12
CA ASP R 48 48.80 42.69 -26.21
C ASP R 48 48.83 43.71 -27.33
N ARG R 49 49.17 44.95 -27.00
CA ARG R 49 49.26 46.04 -27.96
C ARG R 49 50.71 46.48 -28.08
N PRO R 50 51.50 45.88 -28.96
CA PRO R 50 52.92 46.23 -29.03
C PRO R 50 53.14 47.66 -29.49
N SER R 51 54.33 48.17 -29.19
CA SER R 51 54.68 49.54 -29.53
C SER R 51 54.58 49.77 -31.03
N GLY R 52 53.95 50.90 -31.41
CA GLY R 52 53.72 51.22 -32.79
C GLY R 52 52.32 50.94 -33.29
N ILE R 53 51.44 50.43 -32.42
CA ILE R 53 50.06 50.12 -32.79
C ILE R 53 49.16 51.21 -32.22
N PRO R 54 48.48 52.00 -33.05
CA PRO R 54 47.61 53.06 -32.50
C PRO R 54 46.39 52.52 -31.80
N GLU R 55 45.53 53.43 -31.33
CA GLU R 55 44.34 53.06 -30.56
C GLU R 55 43.20 52.53 -31.43
N ARG R 56 43.31 52.64 -32.76
CA ARG R 56 42.22 52.22 -33.62
C ARG R 56 41.97 50.71 -33.58
N PHE R 57 42.95 49.93 -33.11
CA PHE R 57 42.79 48.48 -32.97
C PHE R 57 42.36 48.18 -31.53
N SER R 58 41.05 47.99 -31.33
CA SER R 58 40.49 47.72 -30.02
C SER R 58 39.72 46.41 -30.06
N GLY R 59 39.93 45.57 -29.05
CA GLY R 59 39.31 44.26 -29.01
C GLY R 59 38.68 43.96 -27.67
N THR R 60 37.73 43.04 -27.69
CA THR R 60 37.02 42.63 -26.48
C THR R 60 37.90 41.68 -25.67
N PRO R 61 38.12 41.95 -24.39
CA PRO R 61 38.91 41.04 -23.56
C PRO R 61 38.22 39.70 -23.37
N ASP R 62 39.03 38.66 -23.13
CA ASP R 62 38.55 37.28 -23.08
C ASP R 62 37.99 36.97 -21.69
N ILE R 63 36.77 37.44 -21.45
CA ILE R 63 36.01 37.13 -20.24
C ILE R 63 34.60 36.75 -20.66
N ASN R 64 34.00 35.83 -19.91
CA ASN R 64 32.64 35.34 -20.17
C ASN R 64 32.55 34.68 -21.55
N PHE R 65 33.26 33.56 -21.66
CA PHE R 65 33.28 32.77 -22.89
C PHE R 65 31.88 32.53 -23.42
N GLY R 66 31.73 32.63 -24.74
CA GLY R 66 30.45 32.49 -25.41
C GLY R 66 30.07 33.64 -26.32
N THR R 67 30.88 34.70 -26.40
CA THR R 67 30.60 35.86 -27.22
C THR R 67 31.68 36.04 -28.27
N ARG R 68 31.27 36.61 -29.42
CA ARG R 68 32.22 36.88 -30.48
C ARG R 68 33.08 38.09 -30.14
N ALA R 69 34.36 38.01 -30.48
CA ALA R 69 35.32 39.08 -30.20
C ALA R 69 35.94 39.55 -31.51
N THR R 70 36.10 40.86 -31.63
CA THR R 70 36.67 41.47 -32.83
C THR R 70 37.64 42.57 -32.44
N LEU R 71 38.69 42.73 -33.25
CA LEU R 71 39.61 43.85 -33.13
C LEU R 71 39.25 44.87 -34.21
N THR R 72 38.93 46.09 -33.78
CA THR R 72 38.52 47.12 -34.73
C THR R 72 39.66 47.46 -35.69
N ILE R 73 39.30 47.76 -36.93
CA ILE R 73 40.27 48.04 -37.98
C ILE R 73 39.98 49.43 -38.54
N SER R 74 41.04 50.22 -38.72
CA SER R 74 40.94 51.55 -39.30
C SER R 74 42.32 51.95 -39.79
N GLY R 75 42.42 53.18 -40.29
CA GLY R 75 43.68 53.66 -40.83
C GLY R 75 44.15 52.88 -42.03
N VAL R 76 43.25 52.56 -42.96
CA VAL R 76 43.60 51.74 -44.10
C VAL R 76 44.60 52.47 -45.00
N GLU R 77 45.46 51.70 -45.65
CA GLU R 77 46.48 52.24 -46.55
C GLU R 77 46.70 51.23 -47.67
N ALA R 78 47.78 51.45 -48.44
CA ALA R 78 48.10 50.54 -49.53
C ALA R 78 48.41 49.14 -49.02
N GLY R 79 49.19 49.03 -47.94
CA GLY R 79 49.56 47.74 -47.42
C GLY R 79 48.46 47.04 -46.64
N ASP R 80 47.41 47.77 -46.27
CA ASP R 80 46.32 47.19 -45.50
C ASP R 80 45.33 46.41 -46.35
N GLU R 81 45.48 46.44 -47.68
CA GLU R 81 44.63 45.61 -48.53
C GLU R 81 44.95 44.13 -48.41
N ALA R 82 46.07 43.79 -47.79
CA ALA R 82 46.49 42.40 -47.66
C ALA R 82 45.60 41.67 -46.65
N ASP R 83 45.93 40.40 -46.43
CA ASP R 83 45.10 39.56 -45.56
C ASP R 83 45.21 40.01 -44.10
N TYR R 84 44.07 40.17 -43.45
CA TYR R 84 44.02 40.37 -42.00
C TYR R 84 43.87 38.99 -41.33
N TYR R 85 45.00 38.28 -41.31
CA TYR R 85 45.00 36.89 -40.86
C TYR R 85 44.54 36.77 -39.42
N CYS R 86 43.88 35.65 -39.12
CA CYS R 86 43.42 35.32 -37.77
C CYS R 86 44.03 33.97 -37.40
N HIS R 87 45.20 34.01 -36.77
CA HIS R 87 45.87 32.80 -36.30
C HIS R 87 45.25 32.40 -34.96
N MET R 88 44.06 31.83 -35.05
CA MET R 88 43.28 31.51 -33.86
C MET R 88 43.85 30.30 -33.13
N TRP R 89 43.87 30.38 -31.80
CA TRP R 89 44.29 29.27 -30.95
C TRP R 89 43.18 29.00 -29.94
N ASP R 90 42.73 27.75 -29.87
CA ASP R 90 41.66 27.36 -28.97
C ASP R 90 41.97 26.00 -28.38
N SER R 91 41.34 25.72 -27.23
CA SER R 91 41.70 24.54 -26.45
C SER R 91 41.17 23.25 -27.07
N ARG R 92 39.85 23.14 -27.20
CA ARG R 92 39.25 21.88 -27.62
C ARG R 92 39.67 21.50 -29.05
N SER R 93 39.66 22.46 -29.97
CA SER R 93 40.05 22.17 -31.35
C SER R 93 41.51 21.75 -31.42
N GLY R 94 42.38 22.44 -30.69
CA GLY R 94 43.77 22.07 -30.65
C GLY R 94 44.65 22.89 -31.57
N PHE R 95 45.65 22.24 -32.16
CA PHE R 95 46.59 22.92 -33.04
C PHE R 95 45.90 23.39 -34.32
N SER R 96 46.37 24.50 -34.86
CA SER R 96 45.87 25.06 -36.11
C SER R 96 47.06 25.16 -37.07
N TRP R 97 47.31 24.06 -37.79
CA TRP R 97 48.47 24.02 -38.69
C TRP R 97 48.32 25.06 -39.81
N SER R 98 47.12 25.18 -40.37
CA SER R 98 46.86 26.24 -41.31
C SER R 98 46.88 27.60 -40.60
N PHE R 99 47.18 28.64 -41.36
CA PHE R 99 47.36 29.98 -40.78
C PHE R 99 46.03 30.70 -40.58
N GLY R 100 44.92 29.97 -40.54
CA GLY R 100 43.63 30.57 -40.30
C GLY R 100 42.98 31.13 -41.56
N GLY R 101 41.73 31.56 -41.38
CA GLY R 101 41.02 32.16 -42.49
C GLY R 101 41.66 33.46 -42.95
N ALA R 102 41.65 33.67 -44.25
CA ALA R 102 42.25 34.85 -44.87
C ALA R 102 41.15 35.81 -45.30
N THR R 103 41.28 37.06 -44.87
CA THR R 103 40.34 38.13 -45.23
C THR R 103 41.10 39.11 -46.14
N ARG R 104 40.95 38.92 -47.44
CA ARG R 104 41.65 39.74 -48.42
C ARG R 104 40.82 41.00 -48.71
N LEU R 105 41.45 42.16 -48.58
CA LEU R 105 40.78 43.44 -48.76
C LEU R 105 41.03 43.93 -50.18
N THR R 106 39.99 43.92 -51.01
CA THR R 106 40.05 44.43 -52.37
C THR R 106 39.16 45.66 -52.45
N VAL R 107 39.73 46.77 -52.92
CA VAL R 107 39.04 48.05 -52.91
C VAL R 107 39.49 48.87 -54.10
N LEU R 108 38.59 49.69 -54.62
CA LEU R 108 38.88 50.59 -55.73
C LEU R 108 38.23 51.95 -55.46
N GLY R 109 38.90 53.01 -55.88
CA GLY R 109 38.40 54.36 -55.69
C GLY R 109 38.21 55.12 -56.97
#